data_6SMP
#
_entry.id   6SMP
#
_cell.length_a   108.300
_cell.length_b   135.940
_cell.length_c   148.600
_cell.angle_alpha   90.000
_cell.angle_beta   97.140
_cell.angle_gamma   90.000
#
_symmetry.space_group_name_H-M   'P 1 21 1'
#
loop_
_entity.id
_entity.type
_entity.pdbx_description
1 polymer 'Acyl carrier protein'
2 polymer 'PKS_KS domain-containing protein'
3 polymer 'Ketoacyl_synth_N domain-containing protein'
4 non-polymer (2~{R})-3,3-dimethyl-2-oxidanyl-~{N}-[3-oxidanylidene-3-[2-[(1~{R},4~{Z},6~{Z},8~{Z})-1,5,7,9-tetrakis(oxidanyl)-3,11-bis(oxidanylidene)dodeca-4,6,8-trienyl]sulfanylethylamino]propyl]-4-[tris(oxidanyl)-$l^{5}-phosphanyl]oxy-butanamide
5 water water
#
loop_
_entity_poly.entity_id
_entity_poly.type
_entity_poly.pdbx_seq_one_letter_code
_entity_poly.pdbx_strand_id
1 'polypeptide(L)'
;GSSHHHHHHSGDPASMNNHPEVKIKTILSLFLNINIDDFNMDANLADAYDMDSTELADLAKEIEKEFGISVTKSQFSHWE
TGRAVLDFVSSSLNDKN
;
A,D,G,J
2 'polypeptide(L)'
;GSSHHHHHHSGDPASMIINNRNESQPRRVVVTGLGVVAPTGVGVNEFWNNIHNGKSGVSKYEWGRERFGFKSGAIGQVYG
SDGNNKEFVLKSERKYLQFALDAAEMAMQDANLRPSDIDGRRFGVAIATAIADAAGMEECLLRITKGGKENIHPDLIKSE
DYDSFDFSSAATSVAKKYGASMSVSNISTGCAAGLDALGIAMEHIRYGRADIMLAGASEAPLCPLSIGSFEALGALSSRE
LENQQAATCPFSLERDGFVIAEGCGILILESYEHAKQRGAHIYAELAGYASVNNAYHMTDLPADGMAMARCIDMALKDAQ
ISPSTVNYISAHGSSTAQNDINESNAIKFVLGESAFGIPINSLKSMTGHALAAANAIESVALCLEIEKQYVHPTINYQTP
DPDCDLDYIPNQGCSYPIKTALKLSSGFSGIHSVIVMRAVDNA
;
B,E,H,K
3 'polypeptide(L)'
;MRKRVVVTGVGAIHPDGNDVTAIKSKVIQKLLGQESKNNTTASSIIRTLSDFDGAKYINNRLRRKIDEFSVYGIVAVEMA
LKASRLDVDKLDPNRVGIYVGNCFGGWQHIEDEVKALHIEGIKGMGPYVATAWFPAALQGQLSLLYGFSAQSKTFSTSDV
AGMQAIGYAAEAISNGVAEVMLCGASEHLSSPLVKNLLEKTSSQKHSEVFGEKQPGDFSEGAAFLVLEERQHALERGASI
LCELTGFVDYFAPDKNTRNNTLEYTAELFNHNENAVFIMDGIYDDEKEITSKAFSNKEIKTSFINLRPYLDNQFSVSGVI
DSVLASSFLSESHGDEEQQSKKINEFSNTNQIIIQRFSNQGHVCALSFSAI
;
C,F,I,L
#
loop_
_chem_comp.id
_chem_comp.type
_chem_comp.name
_chem_comp.formula
LLE non-polymer (2~{R})-3,3-dimethyl-2-oxidanyl-~{N}-[3-oxidanylidene-3-[2-[(1~{R},4~{Z},6~{Z},8~{Z})-1,5,7,9-tetrakis(oxidanyl)-3,11-bis(oxidanylidene)dodeca-4,6,8-trienyl]sulfanylethylamino]propyl]-4-[tris(oxidanyl)-$l^{5}-phosphanyl]oxy-butanamide 'C23 H39 N2 O13 P S'
#
# COMPACT_ATOMS: atom_id res chain seq x y z
N PRO A 20 -60.95 2.04 -46.17
CA PRO A 20 -62.23 2.61 -45.68
C PRO A 20 -62.19 2.91 -44.19
N GLU A 21 -63.24 3.58 -43.70
CA GLU A 21 -63.37 3.92 -42.28
C GLU A 21 -63.72 2.67 -41.47
N VAL A 22 -64.41 1.71 -42.10
CA VAL A 22 -64.81 0.47 -41.46
C VAL A 22 -63.55 -0.32 -41.07
N LYS A 23 -62.51 -0.22 -41.90
CA LYS A 23 -61.23 -0.89 -41.67
C LYS A 23 -60.52 -0.23 -40.49
N ILE A 24 -60.58 1.11 -40.42
CA ILE A 24 -59.90 1.89 -39.40
C ILE A 24 -60.64 1.73 -38.07
N LYS A 25 -61.98 1.75 -38.13
CA LYS A 25 -62.82 1.68 -36.96
C LYS A 25 -62.61 0.35 -36.22
N THR A 26 -62.27 -0.70 -36.98
CA THR A 26 -62.01 -2.02 -36.41
C THR A 26 -60.65 -2.03 -35.69
N ILE A 27 -59.66 -1.33 -36.28
CA ILE A 27 -58.32 -1.29 -35.73
C ILE A 27 -58.33 -0.61 -34.36
N LEU A 28 -58.94 0.59 -34.30
CA LEU A 28 -58.97 1.40 -33.09
C LEU A 28 -59.82 0.71 -32.02
N SER A 29 -60.84 -0.04 -32.44
CA SER A 29 -61.67 -0.82 -31.55
C SER A 29 -60.85 -1.90 -30.83
N LEU A 30 -59.96 -2.57 -31.57
CA LEU A 30 -59.14 -3.64 -31.04
C LEU A 30 -57.94 -3.08 -30.25
N PHE A 31 -57.38 -1.96 -30.72
CA PHE A 31 -56.21 -1.35 -30.10
C PHE A 31 -56.54 -0.78 -28.72
N LEU A 32 -57.66 -0.06 -28.63
CA LEU A 32 -58.05 0.66 -27.42
C LEU A 32 -58.95 -0.20 -26.54
N ASN A 33 -59.32 -1.39 -27.02
CA ASN A 33 -60.15 -2.35 -26.28
C ASN A 33 -61.54 -1.79 -26.03
N ILE A 34 -62.13 -1.20 -27.08
CA ILE A 34 -63.45 -0.59 -27.02
C ILE A 34 -64.40 -1.40 -27.90
N ASN A 35 -65.70 -1.35 -27.59
CA ASN A 35 -66.73 -1.98 -28.40
C ASN A 35 -66.93 -1.15 -29.67
N ILE A 36 -67.00 -1.84 -30.82
CA ILE A 36 -67.05 -1.20 -32.13
C ILE A 36 -68.28 -0.31 -32.26
N ASP A 37 -69.40 -0.76 -31.67
CA ASP A 37 -70.67 -0.04 -31.75
C ASP A 37 -70.61 1.21 -30.89
N ASP A 38 -69.92 1.12 -29.75
CA ASP A 38 -69.83 2.19 -28.78
C ASP A 38 -68.85 3.26 -29.26
N PHE A 39 -67.78 2.82 -29.95
CA PHE A 39 -66.71 3.70 -30.39
C PHE A 39 -67.25 4.70 -31.41
N ASN A 40 -67.20 5.99 -31.05
CA ASN A 40 -67.57 7.08 -31.95
C ASN A 40 -66.31 7.53 -32.71
N MET A 41 -66.48 7.82 -34.00
CA MET A 41 -65.36 8.14 -34.88
C MET A 41 -64.86 9.56 -34.62
N ASP A 42 -65.78 10.47 -34.30
CA ASP A 42 -65.48 11.89 -34.10
C ASP A 42 -65.02 12.18 -32.68
N ALA A 43 -64.92 11.15 -31.82
CA ALA A 43 -64.47 11.32 -30.46
C ALA A 43 -62.96 11.53 -30.43
N ASN A 44 -62.49 12.46 -29.59
CA ASN A 44 -61.08 12.77 -29.42
C ASN A 44 -60.40 11.60 -28.71
N LEU A 45 -59.29 11.12 -29.29
CA LEU A 45 -58.66 9.88 -28.86
C LEU A 45 -58.03 10.04 -27.48
N ALA A 46 -57.42 11.21 -27.23
CA ALA A 46 -56.73 11.49 -25.98
C ALA A 46 -57.74 11.68 -24.85
N ASP A 47 -58.79 12.47 -25.10
CA ASP A 47 -59.73 12.90 -24.08
C ASP A 47 -60.68 11.74 -23.72
N ALA A 48 -61.26 11.11 -24.73
CA ALA A 48 -62.32 10.13 -24.54
C ALA A 48 -61.75 8.78 -24.06
N TYR A 49 -60.72 8.28 -24.75
CA TYR A 49 -60.29 6.90 -24.60
C TYR A 49 -58.91 6.79 -23.92
N ASP A 50 -58.41 7.91 -23.37
CA ASP A 50 -57.17 7.95 -22.59
C ASP A 50 -55.97 7.46 -23.40
N MET A 51 -55.92 7.85 -24.68
CA MET A 51 -54.87 7.39 -25.57
C MET A 51 -53.63 8.30 -25.43
N ASP A 52 -52.46 7.67 -25.49
CA ASP A 52 -51.16 8.36 -25.32
C ASP A 52 -50.39 8.34 -26.64
N SER A 53 -49.24 9.01 -26.67
CA SER A 53 -48.40 9.10 -27.86
C SER A 53 -47.76 7.81 -28.24
N THR A 54 -47.55 6.94 -27.26
CA THR A 54 -46.98 5.59 -27.51
C THR A 54 -47.99 4.76 -28.30
N GLU A 55 -49.27 4.83 -27.93
CA GLU A 55 -50.33 4.05 -28.63
C GLU A 55 -50.55 4.63 -30.01
N LEU A 56 -50.30 5.92 -30.15
CA LEU A 56 -50.49 6.60 -31.42
C LEU A 56 -49.41 6.14 -32.41
N ALA A 57 -48.19 5.92 -31.90
CA ALA A 57 -47.07 5.47 -32.72
C ALA A 57 -47.29 4.02 -33.15
N ASP A 58 -47.83 3.20 -32.25
CA ASP A 58 -48.15 1.81 -32.52
C ASP A 58 -49.29 1.72 -33.54
N LEU A 59 -50.25 2.64 -33.43
CA LEU A 59 -51.38 2.73 -34.35
C LEU A 59 -50.88 3.14 -35.73
N ALA A 60 -49.93 4.09 -35.75
CA ALA A 60 -49.36 4.61 -36.99
C ALA A 60 -48.60 3.52 -37.73
N LYS A 61 -48.01 2.57 -36.98
CA LYS A 61 -47.27 1.45 -37.55
C LYS A 61 -48.24 0.51 -38.28
N GLU A 62 -49.44 0.33 -37.71
CA GLU A 62 -50.44 -0.58 -38.24
C GLU A 62 -51.04 -0.01 -39.53
N ILE A 63 -51.08 1.32 -39.62
CA ILE A 63 -51.58 2.00 -40.82
C ILE A 63 -50.57 1.79 -41.95
N GLU A 64 -49.28 1.84 -41.62
CA GLU A 64 -48.20 1.61 -42.57
C GLU A 64 -48.23 0.15 -43.05
N LYS A 65 -48.58 -0.76 -42.14
CA LYS A 65 -48.59 -2.19 -42.41
C LYS A 65 -49.72 -2.56 -43.36
N GLU A 66 -50.95 -2.15 -43.01
CA GLU A 66 -52.16 -2.63 -43.67
C GLU A 66 -52.38 -1.91 -45.00
N PHE A 67 -52.38 -0.57 -44.97
CA PHE A 67 -52.74 0.24 -46.12
C PHE A 67 -51.56 0.35 -47.09
N GLY A 68 -50.33 0.28 -46.55
CA GLY A 68 -49.13 0.31 -47.36
C GLY A 68 -48.76 1.73 -47.79
N ILE A 69 -48.51 2.59 -46.79
CA ILE A 69 -48.12 3.98 -47.00
C ILE A 69 -47.04 4.35 -45.99
N SER A 70 -46.49 5.56 -46.13
CA SER A 70 -45.49 6.09 -45.21
C SER A 70 -46.10 7.21 -44.36
N VAL A 71 -45.80 7.18 -43.05
CA VAL A 71 -46.34 8.14 -42.10
C VAL A 71 -45.21 8.68 -41.23
N THR A 72 -44.96 10.00 -41.33
CA THR A 72 -43.94 10.69 -40.55
C THR A 72 -44.47 10.97 -39.15
N LYS A 73 -43.56 11.30 -38.22
CA LYS A 73 -43.92 11.64 -36.85
C LYS A 73 -44.72 12.95 -36.83
N SER A 74 -44.38 13.87 -37.74
CA SER A 74 -45.09 15.14 -37.88
C SER A 74 -46.52 14.91 -38.35
N GLN A 75 -46.70 13.85 -39.15
CA GLN A 75 -47.99 13.56 -39.78
C GLN A 75 -48.96 12.93 -38.78
N PHE A 76 -48.51 11.92 -38.03
CA PHE A 76 -49.41 11.20 -37.13
C PHE A 76 -49.62 11.96 -35.81
N SER A 77 -48.81 13.00 -35.58
CA SER A 77 -48.93 13.82 -34.38
C SER A 77 -50.25 14.59 -34.34
N HIS A 78 -50.80 14.88 -35.54
CA HIS A 78 -52.01 15.67 -35.66
C HIS A 78 -53.28 14.80 -35.66
N TRP A 79 -53.13 13.48 -35.49
CA TRP A 79 -54.27 12.58 -35.40
C TRP A 79 -54.91 12.68 -34.02
N GLU A 80 -55.74 13.71 -33.82
CA GLU A 80 -56.43 13.92 -32.56
C GLU A 80 -57.69 13.05 -32.50
N THR A 81 -58.28 12.79 -33.67
CA THR A 81 -59.58 12.18 -33.80
C THR A 81 -59.49 10.95 -34.71
N GLY A 82 -60.50 10.08 -34.64
CA GLY A 82 -60.61 8.92 -35.51
C GLY A 82 -60.82 9.31 -36.97
N ARG A 83 -61.54 10.42 -37.19
CA ARG A 83 -61.83 10.92 -38.53
C ARG A 83 -60.60 11.62 -39.11
N ALA A 84 -59.67 12.04 -38.25
CA ALA A 84 -58.46 12.73 -38.68
C ALA A 84 -57.54 11.78 -39.43
N VAL A 85 -57.42 10.54 -38.95
CA VAL A 85 -56.61 9.51 -39.58
C VAL A 85 -57.29 9.01 -40.85
N LEU A 86 -58.63 9.08 -40.89
CA LEU A 86 -59.40 8.69 -42.07
C LEU A 86 -59.16 9.69 -43.20
N ASP A 87 -59.05 10.98 -42.84
CA ASP A 87 -58.79 12.05 -43.79
C ASP A 87 -57.38 11.93 -44.37
N PHE A 88 -56.44 11.47 -43.53
CA PHE A 88 -55.04 11.33 -43.92
C PHE A 88 -54.88 10.18 -44.91
N VAL A 89 -55.37 9.00 -44.55
CA VAL A 89 -55.15 7.77 -45.29
C VAL A 89 -55.81 7.83 -46.67
N SER A 90 -56.89 8.62 -46.79
CA SER A 90 -57.57 8.83 -48.06
C SER A 90 -56.62 9.41 -49.10
N SER A 91 -55.89 10.46 -48.69
CA SER A 91 -54.89 11.09 -49.54
C SER A 91 -53.60 10.30 -49.47
N ILE B 17 -20.38 -1.72 27.92
CA ILE B 17 -18.95 -1.80 27.50
C ILE B 17 -18.22 -0.56 28.01
N ILE B 18 -17.37 -0.75 29.02
CA ILE B 18 -16.58 0.33 29.59
C ILE B 18 -15.34 0.56 28.73
N ASN B 19 -14.65 -0.53 28.38
CA ASN B 19 -13.32 -0.47 27.79
C ASN B 19 -13.43 -0.47 26.26
N ASN B 20 -13.02 0.65 25.65
CA ASN B 20 -12.90 0.82 24.20
C ASN B 20 -14.21 0.47 23.48
N ARG B 21 -15.28 1.21 23.78
CA ARG B 21 -16.56 0.96 23.14
C ARG B 21 -16.58 1.56 21.73
N ASN B 22 -16.85 0.68 20.74
CA ASN B 22 -17.24 1.06 19.40
C ASN B 22 -18.53 0.32 19.05
N GLU B 23 -19.50 1.02 18.46
CA GLU B 23 -20.86 0.51 18.34
C GLU B 23 -21.14 0.04 16.91
N SER B 24 -22.17 -0.81 16.77
CA SER B 24 -22.76 -1.17 15.49
C SER B 24 -23.86 -0.14 15.21
N GLN B 25 -23.41 1.08 14.90
CA GLN B 25 -24.23 2.26 14.68
C GLN B 25 -24.00 2.72 13.24
N PRO B 26 -24.98 3.38 12.56
CA PRO B 26 -24.78 3.80 11.17
C PRO B 26 -23.44 4.50 10.88
N ARG B 27 -22.68 3.93 9.94
CA ARG B 27 -21.37 4.43 9.54
C ARG B 27 -21.52 5.35 8.34
N ARG B 28 -20.51 6.20 8.11
CA ARG B 28 -20.48 7.11 6.98
C ARG B 28 -19.76 6.45 5.81
N VAL B 29 -20.21 6.78 4.58
CA VAL B 29 -19.66 6.23 3.36
C VAL B 29 -18.95 7.34 2.59
N VAL B 30 -17.75 7.04 2.06
CA VAL B 30 -16.95 8.02 1.36
C VAL B 30 -16.40 7.43 0.06
N VAL B 31 -16.16 8.30 -0.93
CA VAL B 31 -15.65 7.93 -2.24
C VAL B 31 -14.13 8.09 -2.23
N THR B 32 -13.40 6.98 -2.41
CA THR B 32 -11.94 6.98 -2.32
C THR B 32 -11.28 6.81 -3.68
N GLY B 33 -12.03 6.34 -4.69
CA GLY B 33 -11.48 6.10 -6.00
C GLY B 33 -12.52 6.30 -7.11
N LEU B 34 -12.06 6.82 -8.26
CA LEU B 34 -12.92 7.11 -9.39
C LEU B 34 -12.33 6.51 -10.66
N GLY B 35 -13.21 5.91 -11.49
CA GLY B 35 -12.86 5.43 -12.82
C GLY B 35 -13.98 5.74 -13.81
N VAL B 36 -13.61 6.24 -14.99
CA VAL B 36 -14.58 6.71 -15.96
C VAL B 36 -14.11 6.36 -17.38
N VAL B 37 -15.07 5.86 -18.18
CA VAL B 37 -14.94 5.72 -19.62
C VAL B 37 -16.14 6.40 -20.25
N ALA B 38 -15.89 7.44 -21.05
CA ALA B 38 -16.96 8.25 -21.61
C ALA B 38 -16.52 8.94 -22.90
N PRO B 39 -17.47 9.43 -23.73
CA PRO B 39 -17.13 10.23 -24.92
C PRO B 39 -16.35 11.50 -24.61
N THR B 40 -16.64 12.12 -23.47
CA THR B 40 -16.00 13.36 -23.05
C THR B 40 -14.57 13.10 -22.57
N GLY B 41 -14.26 11.84 -22.22
CA GLY B 41 -12.90 11.49 -21.83
C GLY B 41 -12.77 10.07 -21.27
N VAL B 42 -11.56 9.52 -21.42
CA VAL B 42 -11.16 8.25 -20.83
C VAL B 42 -10.17 8.55 -19.71
N GLY B 43 -10.53 8.15 -18.48
CA GLY B 43 -9.74 8.45 -17.30
C GLY B 43 -10.12 9.82 -16.72
N VAL B 44 -9.68 10.07 -15.49
CA VAL B 44 -10.11 11.23 -14.71
C VAL B 44 -9.57 12.52 -15.33
N ASN B 45 -8.30 12.49 -15.77
CA ASN B 45 -7.61 13.69 -16.24
C ASN B 45 -8.25 14.24 -17.51
N GLU B 46 -8.52 13.35 -18.47
CA GLU B 46 -9.10 13.73 -19.75
C GLU B 46 -10.56 14.13 -19.55
N PHE B 47 -11.27 13.35 -18.73
CA PHE B 47 -12.70 13.52 -18.51
C PHE B 47 -12.99 14.89 -17.88
N TRP B 48 -12.19 15.25 -16.87
CA TRP B 48 -12.39 16.51 -16.16
C TRP B 48 -12.08 17.70 -17.05
N ASN B 49 -10.96 17.63 -17.77
CA ASN B 49 -10.43 18.73 -18.56
C ASN B 49 -11.45 19.17 -19.60
N ASN B 50 -12.18 18.21 -20.17
CA ASN B 50 -13.12 18.47 -21.25
C ASN B 50 -14.42 19.06 -20.71
N ILE B 51 -14.88 18.57 -19.54
CA ILE B 51 -16.14 19.04 -18.97
C ILE B 51 -15.93 20.38 -18.26
N HIS B 52 -14.69 20.63 -17.81
CA HIS B 52 -14.31 21.92 -17.25
C HIS B 52 -14.44 23.00 -18.31
N ASN B 53 -13.91 22.71 -19.51
CA ASN B 53 -13.93 23.63 -20.64
C ASN B 53 -15.31 23.67 -21.28
N GLY B 54 -16.01 22.52 -21.24
CA GLY B 54 -17.35 22.40 -21.79
C GLY B 54 -17.34 21.85 -23.22
N LYS B 55 -16.40 20.96 -23.50
CA LYS B 55 -16.27 20.35 -24.82
C LYS B 55 -17.28 19.21 -24.95
N SER B 56 -18.00 19.19 -26.07
CA SER B 56 -18.96 18.14 -26.36
C SER B 56 -18.24 16.86 -26.79
N GLY B 57 -18.81 15.72 -26.41
CA GLY B 57 -18.30 14.41 -26.79
C GLY B 57 -19.21 13.69 -27.78
N VAL B 58 -20.17 14.44 -28.35
CA VAL B 58 -21.16 13.88 -29.26
C VAL B 58 -20.54 13.77 -30.65
N SER B 59 -20.51 12.55 -31.20
CA SER B 59 -19.99 12.29 -32.52
C SER B 59 -21.13 12.27 -33.55
N LYS B 60 -20.84 12.78 -34.75
CA LYS B 60 -21.75 12.69 -35.88
C LYS B 60 -21.56 11.33 -36.54
N TYR B 61 -22.66 10.59 -36.75
CA TYR B 61 -22.59 9.24 -37.29
C TYR B 61 -23.53 9.06 -38.48
N GLU B 62 -23.30 7.98 -39.26
CA GLU B 62 -23.83 7.85 -40.60
C GLU B 62 -24.62 6.54 -40.81
N TRP B 63 -24.16 5.45 -40.22
CA TRP B 63 -24.75 4.10 -40.48
C TRP B 63 -26.19 3.99 -40.04
N GLY B 64 -26.60 4.79 -39.09
CA GLY B 64 -27.98 4.78 -38.63
C GLY B 64 -28.94 5.28 -39.71
N ARG B 65 -28.51 6.32 -40.43
CA ARG B 65 -29.30 6.97 -41.46
C ARG B 65 -29.33 6.11 -42.72
N GLU B 66 -28.16 5.56 -43.10
CA GLU B 66 -27.99 4.89 -44.38
C GLU B 66 -28.63 3.50 -44.36
N ARG B 67 -28.19 2.65 -43.42
CA ARG B 67 -28.51 1.23 -43.41
C ARG B 67 -29.95 1.00 -42.93
N PHE B 68 -30.32 1.60 -41.79
CA PHE B 68 -31.62 1.30 -41.13
C PHE B 68 -32.67 2.40 -41.31
N GLY B 69 -32.25 3.55 -41.81
CA GLY B 69 -33.20 4.62 -42.09
C GLY B 69 -33.67 5.32 -40.82
N PHE B 70 -32.76 5.49 -39.88
CA PHE B 70 -33.04 6.19 -38.62
C PHE B 70 -33.00 7.70 -38.87
N LYS B 71 -33.77 8.46 -38.11
CA LYS B 71 -33.78 9.91 -38.16
C LYS B 71 -32.65 10.47 -37.30
N SER B 72 -32.03 9.62 -36.47
CA SER B 72 -30.94 10.01 -35.60
C SER B 72 -29.65 10.25 -36.39
N GLY B 73 -28.89 11.28 -35.98
CA GLY B 73 -27.65 11.64 -36.63
C GLY B 73 -26.48 11.79 -35.66
N ALA B 74 -26.75 11.59 -34.36
CA ALA B 74 -25.77 11.84 -33.32
C ALA B 74 -25.70 10.67 -32.33
N ILE B 75 -24.48 10.36 -31.89
CA ILE B 75 -24.23 9.37 -30.83
C ILE B 75 -23.04 9.82 -29.99
N GLY B 76 -23.05 9.40 -28.72
CA GLY B 76 -21.92 9.59 -27.82
C GLY B 76 -21.05 8.35 -27.74
N GLN B 77 -20.00 8.31 -28.58
CA GLN B 77 -19.11 7.17 -28.70
C GLN B 77 -17.79 7.48 -27.98
N VAL B 78 -17.18 6.43 -27.40
CA VAL B 78 -15.99 6.58 -26.58
C VAL B 78 -14.73 6.64 -27.44
N TYR B 79 -14.67 5.78 -28.47
CA TYR B 79 -13.51 5.70 -29.35
C TYR B 79 -13.92 6.05 -30.79
N PHE B 88 -21.34 -1.01 -43.37
CA PHE B 88 -21.49 -1.34 -41.93
C PHE B 88 -21.74 -2.83 -41.76
N VAL B 89 -21.10 -3.43 -40.75
CA VAL B 89 -21.22 -4.84 -40.43
C VAL B 89 -21.35 -4.99 -38.91
N LEU B 90 -22.13 -5.97 -38.45
CA LEU B 90 -22.35 -6.28 -37.02
C LEU B 90 -21.11 -6.98 -36.49
N LYS B 91 -20.69 -6.65 -35.27
CA LYS B 91 -19.55 -7.27 -34.59
C LYS B 91 -19.84 -7.38 -33.10
N SER B 92 -19.45 -8.52 -32.51
CA SER B 92 -19.55 -8.74 -31.08
C SER B 92 -18.28 -8.20 -30.41
N GLU B 93 -18.26 -6.89 -30.19
CA GLU B 93 -17.11 -6.19 -29.61
C GLU B 93 -17.06 -6.42 -28.10
N ARG B 94 -18.23 -6.68 -27.49
CA ARG B 94 -18.37 -6.95 -26.07
C ARG B 94 -17.92 -5.73 -25.26
N LYS B 95 -18.50 -4.57 -25.57
CA LYS B 95 -18.09 -3.30 -25.02
C LYS B 95 -18.62 -3.11 -23.60
N TYR B 96 -19.76 -3.74 -23.30
CA TYR B 96 -20.37 -3.70 -21.99
C TYR B 96 -19.36 -4.16 -20.93
N LEU B 97 -18.71 -5.29 -21.20
CA LEU B 97 -17.76 -5.91 -20.28
C LEU B 97 -16.42 -5.18 -20.35
N GLN B 98 -16.08 -4.62 -21.52
CA GLN B 98 -14.81 -3.93 -21.72
C GLN B 98 -14.76 -2.65 -20.88
N PHE B 99 -15.84 -1.85 -20.95
CA PHE B 99 -15.89 -0.55 -20.28
C PHE B 99 -15.87 -0.72 -18.77
N ALA B 100 -16.47 -1.81 -18.28
CA ALA B 100 -16.51 -2.12 -16.86
C ALA B 100 -15.10 -2.43 -16.36
N LEU B 101 -14.36 -3.28 -17.09
CA LEU B 101 -13.02 -3.68 -16.72
C LEU B 101 -12.04 -2.52 -16.88
N ASP B 102 -12.28 -1.66 -17.88
CA ASP B 102 -11.49 -0.46 -18.09
C ASP B 102 -11.64 0.47 -16.89
N ALA B 103 -12.90 0.72 -16.50
CA ALA B 103 -13.23 1.69 -15.46
C ALA B 103 -12.84 1.15 -14.09
N ALA B 104 -13.05 -0.15 -13.87
CA ALA B 104 -12.75 -0.80 -12.60
C ALA B 104 -11.24 -0.79 -12.34
N GLU B 105 -10.45 -0.84 -13.42
CA GLU B 105 -9.00 -0.80 -13.33
C GLU B 105 -8.54 0.60 -12.93
N MET B 106 -9.21 1.63 -13.47
CA MET B 106 -8.87 3.02 -13.21
C MET B 106 -9.21 3.37 -11.76
N ALA B 107 -10.36 2.88 -11.30
CA ALA B 107 -10.89 3.24 -9.98
C ALA B 107 -10.07 2.59 -8.88
N MET B 108 -9.66 1.34 -9.09
CA MET B 108 -8.90 0.59 -8.09
C MET B 108 -7.48 1.14 -7.98
N GLN B 109 -6.93 1.63 -9.10
CA GLN B 109 -5.62 2.26 -9.11
C GLN B 109 -5.70 3.62 -8.41
N ASP B 110 -6.81 4.34 -8.62
CA ASP B 110 -7.03 5.65 -8.01
C ASP B 110 -7.23 5.49 -6.51
N ALA B 111 -7.93 4.43 -6.11
CA ALA B 111 -8.15 4.10 -4.70
C ALA B 111 -6.83 3.75 -4.03
N ASN B 112 -5.97 3.04 -4.76
CA ASN B 112 -4.61 2.70 -4.35
C ASN B 112 -4.64 1.81 -3.11
N LEU B 113 -5.56 0.84 -3.11
CA LEU B 113 -5.64 -0.17 -2.05
C LEU B 113 -4.49 -1.17 -2.23
N ARG B 114 -4.12 -1.81 -1.13
CA ARG B 114 -3.16 -2.90 -1.15
C ARG B 114 -3.75 -4.09 -0.40
N PRO B 115 -3.34 -5.35 -0.72
CA PRO B 115 -3.90 -6.55 -0.11
C PRO B 115 -4.22 -6.49 1.38
N SER B 116 -3.37 -5.78 2.15
CA SER B 116 -3.56 -5.57 3.57
C SER B 116 -4.90 -4.91 3.88
N ASP B 117 -5.27 -3.93 3.05
CA ASP B 117 -6.45 -3.11 3.26
C ASP B 117 -7.71 -3.88 2.84
N ILE B 118 -7.60 -4.65 1.75
CA ILE B 118 -8.74 -5.35 1.18
C ILE B 118 -8.97 -6.66 1.93
N ASP B 119 -10.05 -6.71 2.72
CA ASP B 119 -10.56 -7.95 3.28
C ASP B 119 -11.62 -8.51 2.34
N GLY B 120 -11.34 -9.69 1.77
CA GLY B 120 -12.16 -10.30 0.73
C GLY B 120 -13.63 -10.42 1.11
N ARG B 121 -13.89 -10.79 2.38
CA ARG B 121 -15.24 -11.04 2.87
C ARG B 121 -15.99 -9.73 3.12
N ARG B 122 -15.26 -8.61 3.13
CA ARG B 122 -15.82 -7.30 3.42
C ARG B 122 -15.83 -6.43 2.16
N PHE B 123 -15.39 -7.00 1.02
CA PHE B 123 -15.31 -6.28 -0.24
C PHE B 123 -16.34 -6.83 -1.21
N GLY B 124 -17.28 -5.98 -1.62
CA GLY B 124 -18.36 -6.38 -2.51
C GLY B 124 -18.40 -5.56 -3.80
N VAL B 125 -19.26 -5.99 -4.75
CA VAL B 125 -19.37 -5.37 -6.06
C VAL B 125 -20.84 -5.11 -6.39
N ALA B 126 -21.10 -4.02 -7.12
CA ALA B 126 -22.43 -3.68 -7.58
C ALA B 126 -22.36 -2.86 -8.86
N ILE B 127 -22.29 -3.55 -10.01
CA ILE B 127 -22.27 -2.91 -11.32
C ILE B 127 -23.64 -3.13 -11.98
N ALA B 128 -24.31 -2.02 -12.31
CA ALA B 128 -25.65 -2.04 -12.88
C ALA B 128 -25.60 -1.85 -14.38
N THR B 129 -26.72 -2.14 -15.06
CA THR B 129 -26.88 -1.92 -16.50
C THR B 129 -28.36 -1.97 -16.87
N ALA B 130 -28.70 -1.26 -17.95
CA ALA B 130 -30.09 -1.23 -18.46
C ALA B 130 -30.33 -2.34 -19.48
N ILE B 131 -29.42 -2.53 -20.43
CA ILE B 131 -29.59 -3.55 -21.51
C ILE B 131 -28.45 -4.57 -21.57
N ALA B 132 -27.39 -4.42 -20.78
CA ALA B 132 -26.24 -5.35 -20.76
C ALA B 132 -25.65 -5.55 -22.16
N ASP B 133 -25.38 -6.80 -22.52
CA ASP B 133 -24.80 -7.14 -23.84
C ASP B 133 -25.89 -7.32 -24.88
N ALA B 134 -26.69 -6.30 -25.14
CA ALA B 134 -27.74 -6.37 -26.17
C ALA B 134 -27.08 -6.49 -27.53
N ALA B 135 -25.98 -5.78 -27.73
CA ALA B 135 -25.24 -5.79 -29.01
C ALA B 135 -24.77 -7.20 -29.31
N GLY B 136 -24.43 -7.97 -28.29
CA GLY B 136 -24.01 -9.36 -28.37
C GLY B 136 -25.18 -10.30 -28.64
N MET B 137 -26.33 -10.01 -27.99
CA MET B 137 -27.52 -10.83 -28.12
C MET B 137 -28.16 -10.63 -29.50
N GLU B 138 -28.01 -9.44 -30.06
CA GLU B 138 -28.60 -9.14 -31.38
C GLU B 138 -27.73 -9.70 -32.50
N GLU B 139 -26.41 -9.73 -32.33
CA GLU B 139 -25.50 -10.29 -33.31
C GLU B 139 -25.75 -11.80 -33.43
N CYS B 140 -25.99 -12.45 -32.29
CA CYS B 140 -26.25 -13.89 -32.23
C CYS B 140 -27.51 -14.25 -33.01
N LEU B 141 -28.59 -13.49 -32.78
CA LEU B 141 -29.89 -13.77 -33.37
C LEU B 141 -29.83 -13.67 -34.90
N LEU B 142 -29.13 -12.65 -35.41
CA LEU B 142 -29.12 -12.35 -36.84
C LEU B 142 -28.12 -13.25 -37.57
N ARG B 143 -27.11 -13.75 -36.86
CA ARG B 143 -26.12 -14.66 -37.43
C ARG B 143 -26.76 -16.02 -37.70
N ILE B 144 -27.48 -16.55 -36.71
CA ILE B 144 -28.04 -17.90 -36.76
C ILE B 144 -29.24 -17.94 -37.70
N THR B 145 -29.88 -16.79 -37.95
CA THR B 145 -31.04 -16.71 -38.83
C THR B 145 -30.65 -16.22 -40.22
N LYS B 146 -29.36 -15.92 -40.41
CA LYS B 146 -28.81 -15.47 -41.69
C LYS B 146 -29.47 -14.16 -42.12
N GLY B 147 -29.20 -13.10 -41.35
CA GLY B 147 -29.67 -11.76 -41.68
C GLY B 147 -31.16 -11.58 -41.40
N GLY B 148 -31.72 -12.46 -40.56
CA GLY B 148 -33.12 -12.39 -40.16
C GLY B 148 -34.08 -12.81 -41.28
N LYS B 149 -33.59 -13.65 -42.20
CA LYS B 149 -34.35 -14.10 -43.36
C LYS B 149 -35.10 -15.38 -43.01
N GLU B 150 -34.38 -16.34 -42.44
CA GLU B 150 -34.89 -17.70 -42.22
C GLU B 150 -35.14 -17.91 -40.72
N ASN B 151 -35.53 -19.15 -40.37
CA ASN B 151 -35.67 -19.60 -39.00
C ASN B 151 -34.28 -19.83 -38.40
N ILE B 152 -34.25 -20.06 -37.08
CA ILE B 152 -33.00 -20.27 -36.34
C ILE B 152 -32.40 -21.62 -36.71
N HIS B 153 -31.07 -21.62 -36.87
CA HIS B 153 -30.29 -22.84 -37.06
C HIS B 153 -29.59 -23.19 -35.75
N PRO B 154 -30.00 -24.28 -35.05
CA PRO B 154 -29.34 -24.72 -33.82
C PRO B 154 -27.83 -24.96 -33.92
N ASP B 155 -27.37 -25.39 -35.09
CA ASP B 155 -25.96 -25.72 -35.31
C ASP B 155 -25.09 -24.46 -35.28
N LEU B 156 -25.65 -23.32 -35.71
CA LEU B 156 -24.92 -22.07 -35.82
C LEU B 156 -24.73 -21.41 -34.45
N ILE B 157 -25.52 -21.84 -33.45
CA ILE B 157 -25.40 -21.30 -32.10
C ILE B 157 -24.11 -21.81 -31.46
N LYS B 158 -23.16 -20.89 -31.24
CA LYS B 158 -21.86 -21.23 -30.68
C LYS B 158 -21.96 -21.31 -29.15
N SER B 159 -20.90 -21.83 -28.52
CA SER B 159 -20.80 -21.91 -27.07
C SER B 159 -20.58 -20.55 -26.42
N GLU B 160 -20.01 -19.60 -27.17
CA GLU B 160 -19.67 -18.28 -26.66
C GLU B 160 -20.91 -17.39 -26.58
N ASP B 161 -21.99 -17.77 -27.28
CA ASP B 161 -23.18 -16.94 -27.41
C ASP B 161 -23.93 -16.83 -26.08
N TYR B 162 -23.85 -17.86 -25.24
CA TYR B 162 -24.57 -17.94 -23.98
C TYR B 162 -24.14 -16.83 -23.02
N ASP B 163 -22.87 -16.42 -23.12
CA ASP B 163 -22.27 -15.46 -22.20
C ASP B 163 -22.79 -14.05 -22.48
N SER B 164 -23.34 -13.84 -23.69
CA SER B 164 -23.89 -12.55 -24.07
C SER B 164 -25.25 -12.31 -23.40
N PHE B 165 -25.88 -13.41 -22.94
CA PHE B 165 -27.18 -13.33 -22.28
C PHE B 165 -27.04 -13.18 -20.77
N ASP B 166 -25.78 -13.21 -20.28
CA ASP B 166 -25.48 -12.95 -18.89
C ASP B 166 -25.54 -11.44 -18.64
N PHE B 167 -26.47 -11.02 -17.77
CA PHE B 167 -26.65 -9.61 -17.45
C PHE B 167 -25.56 -9.11 -16.52
N SER B 168 -25.02 -10.00 -15.67
CA SER B 168 -24.05 -9.63 -14.67
C SER B 168 -22.62 -10.07 -15.01
N SER B 169 -22.25 -9.89 -16.29
CA SER B 169 -20.91 -10.22 -16.77
C SER B 169 -19.87 -9.29 -16.16
N ALA B 170 -20.21 -7.99 -16.13
CA ALA B 170 -19.36 -6.94 -15.60
C ALA B 170 -19.13 -7.14 -14.10
N ALA B 171 -20.21 -7.47 -13.37
CA ALA B 171 -20.18 -7.60 -11.92
C ALA B 171 -19.29 -8.76 -11.49
N THR B 172 -19.45 -9.92 -12.14
CA THR B 172 -18.79 -11.15 -11.74
C THR B 172 -17.31 -11.13 -12.15
N SER B 173 -17.02 -10.56 -13.33
CA SER B 173 -15.67 -10.49 -13.84
C SER B 173 -14.79 -9.55 -13.00
N VAL B 174 -15.38 -8.42 -12.59
CA VAL B 174 -14.69 -7.44 -11.76
C VAL B 174 -14.50 -8.01 -10.36
N ALA B 175 -15.50 -8.76 -9.87
CA ALA B 175 -15.45 -9.41 -8.57
C ALA B 175 -14.32 -10.44 -8.52
N LYS B 176 -14.18 -11.23 -9.60
CA LYS B 176 -13.20 -12.29 -9.69
C LYS B 176 -11.77 -11.73 -9.76
N LYS B 177 -11.62 -10.58 -10.43
CA LYS B 177 -10.31 -10.01 -10.70
C LYS B 177 -9.68 -9.47 -9.42
N TYR B 178 -10.50 -8.88 -8.53
CA TYR B 178 -10.00 -8.16 -7.37
C TYR B 178 -10.29 -8.91 -6.06
N GLY B 179 -10.98 -10.05 -6.17
CA GLY B 179 -11.19 -10.94 -5.03
C GLY B 179 -12.27 -10.44 -4.07
N ALA B 180 -13.43 -10.09 -4.62
CA ALA B 180 -14.57 -9.60 -3.85
C ALA B 180 -15.48 -10.77 -3.47
N SER B 181 -15.38 -11.20 -2.20
CA SER B 181 -16.13 -12.35 -1.71
C SER B 181 -17.47 -12.00 -1.06
N MET B 182 -17.73 -10.69 -0.89
CA MET B 182 -18.99 -10.20 -0.34
C MET B 182 -19.97 -9.97 -1.49
N SER B 183 -21.25 -9.71 -1.14
CA SER B 183 -22.32 -9.50 -2.10
C SER B 183 -21.91 -8.93 -3.45
N VAL B 184 -22.13 -9.73 -4.51
CA VAL B 184 -21.97 -9.31 -5.89
C VAL B 184 -23.35 -9.28 -6.53
N SER B 185 -23.72 -8.15 -7.13
CA SER B 185 -25.06 -7.97 -7.66
C SER B 185 -25.11 -7.09 -8.92
N ASN B 186 -26.20 -7.27 -9.68
CA ASN B 186 -26.50 -6.46 -10.86
C ASN B 186 -27.95 -5.99 -10.79
N ILE B 187 -28.14 -4.68 -10.63
CA ILE B 187 -29.45 -4.06 -10.61
C ILE B 187 -29.78 -3.57 -12.03
N SER B 188 -30.96 -3.92 -12.51
CA SER B 188 -31.35 -3.60 -13.86
C SER B 188 -32.56 -2.75 -13.88
N THR B 189 -32.49 -1.57 -13.29
CA THR B 189 -33.64 -0.65 -13.18
C THR B 189 -33.60 0.39 -14.30
N GLY B 190 -32.95 0.07 -15.41
CA GLY B 190 -32.87 0.99 -16.55
C GLY B 190 -32.03 2.20 -16.29
N CYS B 191 -32.57 3.39 -16.52
CA CYS B 191 -31.80 4.63 -16.33
C CYS B 191 -31.52 5.08 -14.95
N ALA B 192 -32.14 4.46 -13.96
CA ALA B 192 -31.90 4.79 -12.55
C ALA B 192 -31.06 3.70 -11.90
N ALA B 193 -30.60 2.73 -12.69
CA ALA B 193 -29.82 1.58 -12.21
C ALA B 193 -28.45 2.01 -11.68
N GLY B 194 -27.87 3.05 -12.24
CA GLY B 194 -26.55 3.52 -11.80
C GLY B 194 -26.56 4.01 -10.36
N LEU B 195 -27.54 4.83 -10.00
CA LEU B 195 -27.71 5.37 -8.65
C LEU B 195 -28.11 4.24 -7.68
N ASP B 196 -28.92 3.30 -8.17
CA ASP B 196 -29.45 2.22 -7.35
C ASP B 196 -28.33 1.26 -6.95
N ALA B 197 -27.32 1.15 -7.81
CA ALA B 197 -26.11 0.39 -7.53
C ALA B 197 -25.30 1.09 -6.44
N LEU B 198 -25.23 2.43 -6.53
CA LEU B 198 -24.54 3.24 -5.53
C LEU B 198 -25.32 3.22 -4.22
N GLY B 199 -26.65 3.13 -4.34
CA GLY B 199 -27.56 3.13 -3.20
C GLY B 199 -27.41 1.87 -2.34
N ILE B 200 -27.42 0.70 -2.99
CA ILE B 200 -27.31 -0.57 -2.30
C ILE B 200 -25.90 -0.74 -1.75
N ALA B 201 -24.91 -0.18 -2.46
CA ALA B 201 -23.52 -0.21 -2.05
C ALA B 201 -23.33 0.62 -0.78
N MET B 202 -24.02 1.76 -0.72
CA MET B 202 -23.96 2.68 0.41
C MET B 202 -24.53 2.00 1.66
N GLU B 203 -25.61 1.23 1.48
CA GLU B 203 -26.29 0.56 2.57
C GLU B 203 -25.41 -0.53 3.17
N HIS B 204 -24.66 -1.24 2.32
CA HIS B 204 -23.77 -2.30 2.75
C HIS B 204 -22.70 -1.77 3.70
N ILE B 205 -22.17 -0.58 3.39
CA ILE B 205 -21.10 0.02 4.17
C ILE B 205 -21.67 0.59 5.48
N ARG B 206 -22.84 1.22 5.40
CA ARG B 206 -23.44 1.92 6.53
C ARG B 206 -23.83 0.95 7.64
N TYR B 207 -24.33 -0.24 7.28
CA TYR B 207 -24.89 -1.18 8.25
C TYR B 207 -23.95 -2.34 8.56
N GLY B 208 -22.64 -2.09 8.48
CA GLY B 208 -21.61 -2.97 9.03
C GLY B 208 -21.45 -4.30 8.30
N ARG B 209 -21.74 -4.31 6.99
CA ARG B 209 -21.64 -5.52 6.19
C ARG B 209 -20.34 -5.50 5.38
N ALA B 210 -19.95 -4.31 4.90
CA ALA B 210 -18.78 -4.16 4.04
C ALA B 210 -17.92 -2.99 4.51
N ASP B 211 -16.63 -3.07 4.19
CA ASP B 211 -15.68 -1.98 4.42
C ASP B 211 -15.41 -1.25 3.11
N ILE B 212 -15.16 -2.03 2.05
CA ILE B 212 -14.96 -1.52 0.71
C ILE B 212 -16.12 -2.00 -0.17
N MET B 213 -16.45 -1.22 -1.21
CA MET B 213 -17.54 -1.57 -2.12
C MET B 213 -17.30 -0.91 -3.49
N LEU B 214 -17.20 -1.75 -4.53
CA LEU B 214 -17.02 -1.30 -5.90
C LEU B 214 -18.39 -1.17 -6.56
N ALA B 215 -18.78 0.09 -6.86
CA ALA B 215 -20.13 0.39 -7.33
C ALA B 215 -20.07 1.26 -8.58
N GLY B 216 -21.07 1.09 -9.46
CA GLY B 216 -21.19 1.87 -10.69
C GLY B 216 -22.14 1.24 -11.70
N ALA B 217 -21.95 1.57 -12.98
CA ALA B 217 -22.78 1.05 -14.06
C ALA B 217 -22.05 1.15 -15.40
N SER B 218 -22.24 0.14 -16.26
CA SER B 218 -21.63 0.07 -17.57
C SER B 218 -22.70 -0.14 -18.65
N GLU B 219 -22.50 0.51 -19.81
CA GLU B 219 -23.50 0.48 -20.88
C GLU B 219 -22.84 0.61 -22.24
N ALA B 220 -23.35 -0.17 -23.21
CA ALA B 220 -22.89 -0.11 -24.59
C ALA B 220 -24.09 -0.31 -25.54
N PRO B 221 -25.01 0.68 -25.62
CA PRO B 221 -26.24 0.53 -26.42
C PRO B 221 -26.19 1.12 -27.84
N LEU B 222 -24.99 1.41 -28.31
CA LEU B 222 -24.90 2.00 -29.66
C LEU B 222 -24.98 0.85 -30.64
N CYS B 223 -26.13 0.19 -30.67
CA CYS B 223 -26.36 -0.92 -31.62
C CYS B 223 -27.76 -0.77 -32.19
N PRO B 224 -28.05 -1.19 -33.44
CA PRO B 224 -29.37 -1.05 -34.03
C PRO B 224 -30.56 -1.51 -33.18
N LEU B 225 -30.42 -2.59 -32.44
CA LEU B 225 -31.56 -3.05 -31.62
C LEU B 225 -31.95 -1.97 -30.64
N SER B 226 -30.96 -1.40 -29.95
CA SER B 226 -31.21 -0.32 -28.95
C SER B 226 -31.55 1.03 -29.56
N ILE B 227 -30.81 1.47 -30.55
CA ILE B 227 -31.11 2.80 -31.12
C ILE B 227 -32.50 2.77 -31.74
N GLY B 228 -32.87 1.69 -32.42
CA GLY B 228 -34.20 1.57 -33.03
C GLY B 228 -35.30 1.55 -32.01
N SER B 229 -35.13 0.80 -30.93
CA SER B 229 -36.17 0.72 -29.87
C SER B 229 -36.53 2.12 -29.37
N PHE B 230 -35.54 2.97 -29.18
CA PHE B 230 -35.74 4.37 -28.73
C PHE B 230 -36.24 5.21 -29.88
N GLU B 231 -35.69 5.00 -31.06
CA GLU B 231 -36.13 5.78 -32.26
C GLU B 231 -37.59 5.46 -32.53
N ALA B 232 -37.96 4.19 -32.44
CA ALA B 232 -39.37 3.80 -32.69
C ALA B 232 -40.27 4.43 -31.64
N LEU B 233 -39.85 4.43 -30.38
CA LEU B 233 -40.60 4.99 -29.22
C LEU B 233 -40.76 6.50 -29.36
N GLY B 234 -39.78 7.18 -29.93
CA GLY B 234 -39.85 8.65 -30.06
C GLY B 234 -39.01 9.33 -29.02
N ALA B 235 -38.30 8.54 -28.22
CA ALA B 235 -37.43 9.02 -27.13
C ALA B 235 -36.22 9.78 -27.68
N LEU B 236 -35.67 9.35 -28.79
CA LEU B 236 -34.43 9.93 -29.36
C LEU B 236 -34.66 11.22 -30.14
N SER B 237 -33.65 12.08 -30.20
CA SER B 237 -33.66 13.34 -30.93
C SER B 237 -33.64 13.06 -32.44
N SER B 238 -34.56 13.70 -33.16
CA SER B 238 -34.75 13.45 -34.58
C SER B 238 -34.81 14.68 -35.49
N ARG B 239 -34.66 15.88 -34.92
CA ARG B 239 -34.74 17.11 -35.69
C ARG B 239 -33.46 17.30 -36.51
N GLU B 240 -33.62 17.86 -37.71
CA GLU B 240 -32.51 18.02 -38.66
C GLU B 240 -31.58 19.15 -38.19
N LEU B 241 -30.27 18.86 -38.18
CA LEU B 241 -29.26 19.80 -37.71
C LEU B 241 -28.00 19.66 -38.56
N GLU B 242 -27.25 20.76 -38.67
CA GLU B 242 -25.93 20.76 -39.28
C GLU B 242 -24.87 20.54 -38.19
N ASN B 243 -24.91 21.39 -37.15
CA ASN B 243 -24.14 21.18 -35.94
C ASN B 243 -24.83 20.11 -35.10
N GLN B 244 -24.37 18.86 -35.23
CA GLN B 244 -25.06 17.70 -34.69
C GLN B 244 -24.80 17.55 -33.20
N GLN B 245 -23.81 18.29 -32.67
CA GLN B 245 -23.49 18.27 -31.26
C GLN B 245 -24.61 18.92 -30.46
N ALA B 246 -25.42 19.77 -31.12
CA ALA B 246 -26.49 20.52 -30.49
C ALA B 246 -27.79 19.71 -30.41
N ALA B 247 -27.73 18.43 -30.82
CA ALA B 247 -28.88 17.54 -30.75
C ALA B 247 -29.32 17.34 -29.31
N THR B 248 -28.35 17.26 -28.41
CA THR B 248 -28.59 17.09 -26.97
C THR B 248 -28.43 18.47 -26.33
N CYS B 249 -29.54 19.13 -26.03
CA CYS B 249 -29.49 20.49 -25.46
C CYS B 249 -30.54 20.61 -24.36
N PRO B 250 -30.30 20.09 -23.15
CA PRO B 250 -31.29 20.16 -22.08
C PRO B 250 -31.76 21.57 -21.69
N PHE B 251 -33.02 21.66 -21.28
CA PHE B 251 -33.68 22.86 -20.77
C PHE B 251 -33.80 23.96 -21.83
N SER B 252 -33.83 23.57 -23.11
CA SER B 252 -33.99 24.51 -24.21
C SER B 252 -35.28 24.20 -24.96
N LEU B 253 -35.82 25.20 -25.68
CA LEU B 253 -37.04 25.02 -26.46
C LEU B 253 -36.82 24.05 -27.62
N GLU B 254 -35.57 23.96 -28.10
CA GLU B 254 -35.26 23.25 -29.33
C GLU B 254 -35.22 21.74 -29.12
N ARG B 255 -35.15 21.32 -27.87
CA ARG B 255 -34.95 19.91 -27.49
C ARG B 255 -36.10 19.01 -27.94
N ASP B 256 -35.78 17.85 -28.51
CA ASP B 256 -36.81 16.89 -28.94
C ASP B 256 -36.48 15.48 -28.48
N GLY B 257 -35.49 15.31 -27.61
CA GLY B 257 -35.22 13.95 -27.15
C GLY B 257 -33.78 13.75 -26.80
N PHE B 258 -33.42 12.54 -26.36
CA PHE B 258 -32.02 12.29 -25.95
C PHE B 258 -31.15 11.80 -27.10
N VAL B 259 -29.87 12.13 -26.97
CA VAL B 259 -28.79 11.67 -27.88
C VAL B 259 -28.22 10.48 -27.12
N ILE B 260 -28.30 9.30 -27.70
CA ILE B 260 -27.87 8.06 -27.07
C ILE B 260 -26.34 8.02 -27.00
N ALA B 261 -25.81 7.41 -25.94
CA ALA B 261 -24.38 7.33 -25.70
C ALA B 261 -24.01 6.00 -25.06
N GLU B 262 -22.70 5.78 -24.87
CA GLU B 262 -22.17 4.62 -24.17
C GLU B 262 -21.13 5.06 -23.16
N GLY B 263 -20.65 4.11 -22.35
CA GLY B 263 -19.58 4.36 -21.40
C GLY B 263 -19.79 3.62 -20.09
N CYS B 264 -18.89 3.87 -19.12
CA CYS B 264 -18.97 3.29 -17.79
C CYS B 264 -18.38 4.26 -16.77
N GLY B 265 -19.01 4.28 -15.58
CA GLY B 265 -18.49 4.98 -14.43
C GLY B 265 -18.41 4.04 -13.22
N ILE B 266 -17.31 4.14 -12.46
CA ILE B 266 -17.07 3.30 -11.29
C ILE B 266 -16.60 4.16 -10.14
N LEU B 267 -17.19 3.95 -8.96
CA LEU B 267 -16.77 4.59 -7.73
C LEU B 267 -16.33 3.52 -6.74
N ILE B 268 -15.17 3.73 -6.12
CA ILE B 268 -14.74 2.89 -5.00
C ILE B 268 -15.28 3.52 -3.71
N LEU B 269 -16.42 2.99 -3.25
CA LEU B 269 -17.01 3.42 -1.99
C LEU B 269 -16.36 2.63 -0.86
N GLU B 270 -16.06 3.31 0.24
CA GLU B 270 -15.63 2.63 1.46
C GLU B 270 -15.97 3.47 2.69
N SER B 271 -15.88 2.83 3.86
CA SER B 271 -16.17 3.45 5.14
C SER B 271 -15.15 4.54 5.46
N TYR B 272 -15.63 5.60 6.13
CA TYR B 272 -14.80 6.70 6.60
C TYR B 272 -13.73 6.17 7.55
N GLU B 273 -14.12 5.21 8.40
CA GLU B 273 -13.25 4.60 9.39
C GLU B 273 -12.11 3.87 8.69
N HIS B 274 -12.44 3.09 7.66
CA HIS B 274 -11.48 2.30 6.91
C HIS B 274 -10.59 3.22 6.07
N ALA B 275 -11.18 4.28 5.53
CA ALA B 275 -10.50 5.18 4.60
C ALA B 275 -9.43 5.98 5.33
N LYS B 276 -9.74 6.44 6.54
CA LYS B 276 -8.86 7.33 7.29
C LYS B 276 -7.66 6.57 7.85
N GLN B 277 -7.84 5.27 8.11
CA GLN B 277 -6.80 4.45 8.71
C GLN B 277 -5.66 4.22 7.71
N ARG B 278 -6.01 3.96 6.45
CA ARG B 278 -5.04 3.56 5.44
C ARG B 278 -4.41 4.77 4.75
N GLY B 279 -4.87 5.97 5.11
CA GLY B 279 -4.39 7.20 4.51
C GLY B 279 -4.91 7.41 3.09
N ALA B 280 -6.20 7.11 2.90
CA ALA B 280 -6.85 7.19 1.61
C ALA B 280 -7.27 8.64 1.33
N HIS B 281 -7.15 9.05 0.06
CA HIS B 281 -7.72 10.31 -0.41
C HIS B 281 -9.24 10.17 -0.51
N ILE B 282 -9.96 11.18 -0.02
CA ILE B 282 -11.41 11.19 -0.05
C ILE B 282 -11.88 12.35 -0.93
N TYR B 283 -12.74 12.03 -1.91
CA TYR B 283 -13.33 13.03 -2.78
C TYR B 283 -14.51 13.71 -2.09
N ALA B 284 -15.49 12.89 -1.68
CA ALA B 284 -16.72 13.38 -1.07
C ALA B 284 -17.44 12.26 -0.33
N GLU B 285 -18.34 12.65 0.58
CA GLU B 285 -19.19 11.72 1.32
C GLU B 285 -20.44 11.42 0.50
N LEU B 286 -20.86 10.15 0.50
CA LEU B 286 -22.12 9.73 -0.05
C LEU B 286 -23.13 9.61 1.10
N ALA B 287 -23.86 10.71 1.34
CA ALA B 287 -24.57 10.94 2.59
C ALA B 287 -25.88 10.15 2.68
N GLY B 288 -26.68 10.18 1.61
CA GLY B 288 -28.00 9.55 1.63
C GLY B 288 -28.44 9.03 0.27
N TYR B 289 -29.50 8.21 0.29
CA TYR B 289 -30.09 7.63 -0.92
C TYR B 289 -31.58 7.36 -0.71
N ALA B 290 -32.38 7.57 -1.76
CA ALA B 290 -33.80 7.29 -1.75
C ALA B 290 -34.28 6.96 -3.16
N SER B 291 -35.40 6.22 -3.26
CA SER B 291 -36.01 5.86 -4.53
C SER B 291 -37.51 5.63 -4.39
N VAL B 292 -38.26 5.97 -5.46
CA VAL B 292 -39.71 5.84 -5.49
C VAL B 292 -40.17 5.45 -6.90
N ASN B 293 -41.46 5.10 -6.99
CA ASN B 293 -42.17 4.94 -8.25
C ASN B 293 -43.24 6.02 -8.34
N ASN B 294 -43.31 6.72 -9.48
CA ASN B 294 -44.31 7.76 -9.70
C ASN B 294 -45.68 7.12 -9.94
N ALA B 295 -45.68 5.88 -10.48
CA ALA B 295 -46.87 5.11 -10.77
C ALA B 295 -47.77 5.86 -11.76
N TYR B 296 -47.14 6.48 -12.77
CA TYR B 296 -47.83 7.35 -13.71
C TYR B 296 -47.88 6.71 -15.09
N HIS B 297 -46.72 6.35 -15.62
CA HIS B 297 -46.59 5.74 -16.96
C HIS B 297 -45.27 5.00 -17.03
N MET B 298 -45.04 4.26 -18.10
CA MET B 298 -43.79 3.48 -18.24
C MET B 298 -42.72 4.34 -18.88
N THR B 299 -43.10 5.29 -19.74
CA THR B 299 -42.07 6.16 -20.33
C THR B 299 -42.39 7.63 -20.08
N ASP B 300 -43.65 7.97 -19.94
CA ASP B 300 -44.06 9.38 -19.75
C ASP B 300 -43.72 9.85 -18.33
N LEU B 301 -43.37 11.13 -18.19
CA LEU B 301 -43.05 11.71 -16.85
C LEU B 301 -44.03 12.86 -16.60
N PRO B 302 -44.71 12.93 -15.44
CA PRO B 302 -45.68 13.99 -15.17
C PRO B 302 -45.13 15.42 -14.98
N ALA B 303 -45.89 16.41 -15.41
CA ALA B 303 -45.44 17.79 -15.31
C ALA B 303 -45.26 18.19 -13.85
N ASP B 304 -46.09 17.62 -12.96
CA ASP B 304 -46.15 18.01 -11.56
C ASP B 304 -44.82 17.78 -10.85
N GLY B 305 -44.23 16.60 -11.08
CA GLY B 305 -42.95 16.22 -10.49
C GLY B 305 -43.05 15.98 -8.98
N MET B 306 -44.15 15.34 -8.55
CA MET B 306 -44.44 15.12 -7.15
C MET B 306 -43.55 14.01 -6.59
N ALA B 307 -43.39 12.94 -7.36
CA ALA B 307 -42.65 11.75 -6.92
C ALA B 307 -41.17 12.07 -6.78
N MET B 308 -40.61 12.80 -7.76
CA MET B 308 -39.23 13.22 -7.73
C MET B 308 -39.00 14.16 -6.54
N ALA B 309 -39.97 15.06 -6.29
CA ALA B 309 -39.93 15.99 -5.19
C ALA B 309 -39.95 15.26 -3.84
N ARG B 310 -40.74 14.19 -3.78
CA ARG B 310 -40.86 13.37 -2.58
C ARG B 310 -39.57 12.59 -2.36
N CYS B 311 -38.97 12.12 -3.47
CA CYS B 311 -37.75 11.33 -3.45
C CYS B 311 -36.57 12.17 -2.94
N ILE B 312 -36.58 13.47 -3.26
CA ILE B 312 -35.56 14.40 -2.81
C ILE B 312 -35.65 14.55 -1.28
N ASP B 313 -36.88 14.63 -0.76
CA ASP B 313 -37.13 14.78 0.66
C ASP B 313 -36.62 13.55 1.43
N MET B 314 -36.85 12.36 0.87
CA MET B 314 -36.51 11.11 1.54
C MET B 314 -35.00 10.92 1.57
N ALA B 315 -34.32 11.34 0.49
CA ALA B 315 -32.87 11.22 0.39
C ALA B 315 -32.20 12.13 1.43
N LEU B 316 -32.79 13.32 1.63
CA LEU B 316 -32.28 14.28 2.59
C LEU B 316 -32.56 13.82 4.02
N LYS B 317 -33.74 13.21 4.23
CA LYS B 317 -34.12 12.67 5.52
C LYS B 317 -33.26 11.45 5.86
N ASP B 318 -32.87 10.70 4.82
CA ASP B 318 -31.98 9.56 4.97
C ASP B 318 -30.57 10.04 5.31
N ALA B 319 -30.18 11.17 4.72
CA ALA B 319 -28.86 11.77 4.94
C ALA B 319 -28.81 12.52 6.26
N GLN B 320 -29.97 12.91 6.80
CA GLN B 320 -30.10 13.70 8.01
C GLN B 320 -29.49 15.09 7.80
N ILE B 321 -29.83 15.70 6.66
CA ILE B 321 -29.36 17.01 6.26
C ILE B 321 -30.58 17.86 5.88
N SER B 322 -30.50 19.17 6.17
CA SER B 322 -31.56 20.11 5.85
C SER B 322 -31.55 20.47 4.37
N PRO B 323 -32.74 20.67 3.74
CA PRO B 323 -32.83 21.20 2.37
C PRO B 323 -32.23 22.59 2.16
N SER B 324 -32.08 23.35 3.26
CA SER B 324 -31.47 24.68 3.22
C SER B 324 -30.02 24.66 2.74
N THR B 325 -29.32 23.55 3.00
CA THR B 325 -27.90 23.43 2.74
C THR B 325 -27.63 23.02 1.29
N VAL B 326 -28.67 22.57 0.58
CA VAL B 326 -28.54 22.13 -0.80
C VAL B 326 -28.05 23.31 -1.64
N ASN B 327 -26.82 23.20 -2.15
CA ASN B 327 -26.11 24.31 -2.78
C ASN B 327 -26.05 24.12 -4.30
N TYR B 328 -26.18 22.87 -4.75
CA TYR B 328 -26.01 22.52 -6.16
C TYR B 328 -26.76 21.22 -6.47
N ILE B 329 -27.33 21.15 -7.69
CA ILE B 329 -28.05 19.96 -8.14
C ILE B 329 -27.48 19.49 -9.48
N SER B 330 -27.25 18.17 -9.58
CA SER B 330 -26.89 17.53 -10.83
C SER B 330 -28.13 16.76 -11.32
N ALA B 331 -28.92 17.38 -12.19
CA ALA B 331 -30.20 16.81 -12.67
C ALA B 331 -30.01 15.69 -13.69
N HIS B 332 -31.07 14.93 -13.95
CA HIS B 332 -31.02 13.85 -14.97
C HIS B 332 -30.87 14.48 -16.36
N GLY B 333 -31.69 15.49 -16.62
CA GLY B 333 -31.70 16.28 -17.86
C GLY B 333 -31.46 15.45 -19.11
N SER B 334 -32.38 14.55 -19.43
CA SER B 334 -32.26 13.63 -20.57
C SER B 334 -32.24 14.37 -21.91
N SER B 335 -32.93 15.51 -22.00
CA SER B 335 -33.17 16.44 -23.12
C SER B 335 -34.48 16.12 -23.84
N THR B 336 -35.25 15.20 -23.27
CA THR B 336 -36.63 14.97 -23.73
C THR B 336 -37.46 16.13 -23.19
N ALA B 337 -38.49 16.57 -23.89
CA ALA B 337 -39.25 17.72 -23.38
C ALA B 337 -39.90 17.41 -22.03
N GLN B 338 -40.43 16.21 -21.87
CA GLN B 338 -41.16 15.86 -20.63
C GLN B 338 -40.29 15.85 -19.38
N ASN B 339 -39.09 15.29 -19.46
CA ASN B 339 -38.20 15.14 -18.28
C ASN B 339 -37.67 16.47 -17.77
N ASP B 340 -37.28 17.38 -18.64
CA ASP B 340 -36.71 18.67 -18.19
C ASP B 340 -37.75 19.53 -17.46
N ILE B 341 -39.02 19.39 -17.80
CA ILE B 341 -40.11 20.07 -17.12
C ILE B 341 -40.35 19.41 -15.76
N ASN B 342 -40.34 18.07 -15.76
CA ASN B 342 -40.59 17.25 -14.58
C ASN B 342 -39.61 17.62 -13.47
N GLU B 343 -38.32 17.72 -13.82
CA GLU B 343 -37.26 17.96 -12.85
C GLU B 343 -37.30 19.40 -12.34
N SER B 344 -37.61 20.34 -13.25
CA SER B 344 -37.69 21.76 -12.91
C SER B 344 -38.80 22.02 -11.90
N ASN B 345 -39.95 21.37 -12.11
CA ASN B 345 -41.11 21.52 -11.25
C ASN B 345 -40.88 20.79 -9.92
N ALA B 346 -40.08 19.71 -9.97
CA ALA B 346 -39.79 18.90 -8.80
C ALA B 346 -38.88 19.65 -7.84
N ILE B 347 -37.88 20.36 -8.38
CA ILE B 347 -36.92 21.10 -7.58
C ILE B 347 -37.61 22.30 -6.95
N LYS B 348 -38.53 22.93 -7.69
CA LYS B 348 -39.30 24.07 -7.21
C LYS B 348 -40.27 23.66 -6.11
N PHE B 349 -40.76 22.42 -6.17
CA PHE B 349 -41.72 21.92 -5.21
C PHE B 349 -41.05 21.75 -3.84
N VAL B 350 -39.87 21.13 -3.83
CA VAL B 350 -39.20 20.78 -2.59
C VAL B 350 -38.46 21.99 -2.00
N LEU B 351 -37.86 22.83 -2.86
CA LEU B 351 -36.98 23.89 -2.38
C LEU B 351 -37.68 25.25 -2.35
N GLY B 352 -38.75 25.42 -3.14
CA GLY B 352 -39.51 26.65 -3.16
C GLY B 352 -38.80 27.75 -3.96
N GLU B 353 -38.72 28.95 -3.39
CA GLU B 353 -38.15 30.12 -4.04
C GLU B 353 -36.63 30.05 -4.07
N SER B 354 -36.06 29.16 -3.23
CA SER B 354 -34.62 28.98 -3.15
C SER B 354 -34.04 28.27 -4.38
N ALA B 355 -34.92 27.65 -5.17
CA ALA B 355 -34.54 26.86 -6.33
C ALA B 355 -33.93 27.75 -7.42
N PHE B 356 -34.34 29.02 -7.45
CA PHE B 356 -33.89 29.97 -8.45
C PHE B 356 -32.44 30.38 -8.21
N GLY B 357 -32.04 30.43 -6.93
CA GLY B 357 -30.69 30.78 -6.54
C GLY B 357 -29.69 29.65 -6.81
N ILE B 358 -30.17 28.41 -6.73
CA ILE B 358 -29.33 27.23 -6.79
C ILE B 358 -28.96 26.91 -8.24
N PRO B 359 -27.65 26.78 -8.56
CA PRO B 359 -27.23 26.30 -9.88
C PRO B 359 -27.52 24.82 -10.12
N ILE B 360 -27.99 24.50 -11.34
CA ILE B 360 -28.30 23.14 -11.78
C ILE B 360 -27.52 22.88 -13.05
N ASN B 361 -27.29 21.60 -13.39
CA ASN B 361 -26.65 21.27 -14.66
C ASN B 361 -26.97 19.85 -15.13
N SER B 362 -26.69 19.60 -16.41
CA SER B 362 -26.82 18.30 -17.05
C SER B 362 -25.55 18.00 -17.85
N LEU B 363 -24.93 16.85 -17.57
CA LEU B 363 -23.72 16.42 -18.26
C LEU B 363 -24.06 15.88 -19.64
N LYS B 364 -25.34 15.51 -19.84
CA LYS B 364 -25.79 14.85 -21.06
C LYS B 364 -25.72 15.81 -22.26
N SER B 365 -25.60 17.11 -21.97
CA SER B 365 -25.33 18.12 -22.99
C SER B 365 -24.02 17.83 -23.71
N MET B 366 -23.04 17.31 -22.96
CA MET B 366 -21.73 16.95 -23.49
C MET B 366 -21.67 15.45 -23.77
N THR B 367 -21.87 14.62 -22.73
CA THR B 367 -21.56 13.20 -22.77
C THR B 367 -22.64 12.39 -23.49
N GLY B 368 -23.87 12.92 -23.54
CA GLY B 368 -25.01 12.20 -24.13
C GLY B 368 -25.69 11.31 -23.11
N HIS B 369 -26.75 10.60 -23.47
CA HIS B 369 -27.42 9.73 -22.47
C HIS B 369 -26.94 8.29 -22.63
N ALA B 370 -26.26 7.76 -21.62
CA ALA B 370 -25.67 6.42 -21.70
C ALA B 370 -26.48 5.44 -20.87
N LEU B 371 -27.76 5.74 -20.68
CA LEU B 371 -28.74 4.91 -19.92
C LEU B 371 -28.32 4.78 -18.46
N ALA B 372 -28.13 3.56 -17.97
CA ALA B 372 -27.72 3.31 -16.58
C ALA B 372 -26.33 3.90 -16.30
N ALA B 373 -25.44 3.90 -17.29
CA ALA B 373 -24.07 4.43 -17.18
C ALA B 373 -24.06 5.95 -16.95
N ALA B 374 -25.09 6.68 -17.37
CA ALA B 374 -25.14 8.13 -17.22
C ALA B 374 -25.10 8.52 -15.74
N ASN B 375 -25.79 7.78 -14.90
CA ASN B 375 -25.85 8.06 -13.45
C ASN B 375 -24.48 7.93 -12.81
N ALA B 376 -23.70 6.93 -13.21
CA ALA B 376 -22.37 6.63 -12.66
C ALA B 376 -21.30 7.54 -13.25
N ILE B 377 -21.43 7.94 -14.51
CA ILE B 377 -20.50 8.89 -15.13
C ILE B 377 -20.66 10.25 -14.46
N GLU B 378 -21.93 10.65 -14.22
CA GLU B 378 -22.24 11.95 -13.62
C GLU B 378 -21.86 11.96 -12.14
N SER B 379 -21.85 10.77 -11.52
CA SER B 379 -21.45 10.63 -10.11
C SER B 379 -19.94 10.82 -9.97
N VAL B 380 -19.18 10.34 -10.98
CA VAL B 380 -17.74 10.54 -11.05
C VAL B 380 -17.47 12.03 -11.25
N ALA B 381 -18.29 12.67 -12.10
CA ALA B 381 -18.19 14.09 -12.38
C ALA B 381 -18.49 14.89 -11.11
N LEU B 382 -19.52 14.45 -10.37
CA LEU B 382 -20.00 15.13 -9.17
C LEU B 382 -18.92 15.13 -8.08
N CYS B 383 -18.18 14.01 -7.97
CA CYS B 383 -17.13 13.87 -6.98
C CYS B 383 -15.96 14.82 -7.30
N LEU B 384 -15.70 15.02 -8.60
CA LEU B 384 -14.63 15.90 -9.05
C LEU B 384 -15.05 17.36 -8.88
N GLU B 385 -16.33 17.63 -9.09
CA GLU B 385 -16.89 18.96 -8.90
C GLU B 385 -16.77 19.40 -7.44
N ILE B 386 -17.07 18.47 -6.51
CA ILE B 386 -17.03 18.74 -5.08
C ILE B 386 -15.58 18.97 -4.64
N GLU B 387 -14.65 18.19 -5.18
CA GLU B 387 -13.25 18.25 -4.79
C GLU B 387 -12.62 19.57 -5.23
N LYS B 388 -12.85 19.95 -6.49
CA LYS B 388 -12.18 21.08 -7.11
C LYS B 388 -12.96 22.39 -6.95
N GLN B 389 -14.18 22.30 -6.36
CA GLN B 389 -15.03 23.46 -6.12
C GLN B 389 -15.32 24.19 -7.44
N TYR B 390 -15.76 23.42 -8.45
CA TYR B 390 -16.08 23.93 -9.78
C TYR B 390 -17.30 23.18 -10.29
N VAL B 391 -18.13 23.86 -11.10
CA VAL B 391 -19.34 23.27 -11.65
C VAL B 391 -19.31 23.41 -13.17
N HIS B 392 -19.49 22.28 -13.87
CA HIS B 392 -19.51 22.26 -15.32
C HIS B 392 -20.82 22.85 -15.84
N PRO B 393 -20.84 23.40 -17.07
CA PRO B 393 -22.04 24.03 -17.62
C PRO B 393 -22.98 23.06 -18.32
N THR B 394 -24.17 23.55 -18.66
CA THR B 394 -25.07 22.87 -19.58
C THR B 394 -24.91 23.53 -20.95
N ILE B 395 -24.17 22.85 -21.85
CA ILE B 395 -23.83 23.43 -23.13
C ILE B 395 -25.02 23.30 -24.10
N ASN B 396 -24.94 24.03 -25.21
CA ASN B 396 -25.93 24.04 -26.28
C ASN B 396 -27.24 24.67 -25.81
N TYR B 397 -27.17 25.54 -24.80
CA TYR B 397 -28.34 26.25 -24.30
C TYR B 397 -28.67 27.40 -25.26
N GLN B 398 -29.78 27.25 -25.99
CA GLN B 398 -30.11 28.15 -27.09
C GLN B 398 -31.16 29.17 -26.67
N THR B 399 -32.43 28.74 -26.68
CA THR B 399 -33.56 29.62 -26.35
C THR B 399 -34.18 29.18 -25.03
N PRO B 400 -34.32 30.10 -24.03
CA PRO B 400 -34.99 29.76 -22.77
C PRO B 400 -36.42 29.24 -22.94
N ASP B 401 -36.72 28.16 -22.21
CA ASP B 401 -38.05 27.57 -22.16
C ASP B 401 -38.82 28.21 -21.01
N PRO B 402 -40.09 28.63 -21.22
CA PRO B 402 -40.93 29.16 -20.15
C PRO B 402 -41.09 28.25 -18.93
N ASP B 403 -41.13 26.94 -19.16
CA ASP B 403 -41.38 25.95 -18.12
C ASP B 403 -40.10 25.61 -17.38
N CYS B 404 -38.98 25.58 -18.11
CA CYS B 404 -37.66 25.35 -17.53
C CYS B 404 -36.93 26.69 -17.39
N ASP B 405 -37.10 27.33 -16.21
CA ASP B 405 -36.64 28.70 -16.01
C ASP B 405 -35.77 28.85 -14.77
N LEU B 406 -35.09 27.75 -14.38
CA LEU B 406 -34.12 27.79 -13.29
C LEU B 406 -32.74 28.11 -13.88
N ASP B 407 -31.74 28.29 -13.00
CA ASP B 407 -30.37 28.53 -13.43
C ASP B 407 -29.71 27.20 -13.79
N TYR B 408 -29.35 27.03 -15.07
CA TYR B 408 -28.81 25.77 -15.56
C TYR B 408 -27.34 25.89 -15.94
N ILE B 409 -26.69 26.99 -15.52
CA ILE B 409 -25.29 27.27 -15.82
C ILE B 409 -25.07 27.15 -17.33
N PRO B 410 -25.60 28.10 -18.14
CA PRO B 410 -25.58 27.96 -19.60
C PRO B 410 -24.19 28.21 -20.19
N ASN B 411 -23.62 27.18 -20.81
CA ASN B 411 -22.48 27.27 -21.72
C ASN B 411 -21.15 27.46 -20.99
N GLN B 412 -21.07 28.47 -20.10
CA GLN B 412 -19.84 28.77 -19.37
C GLN B 412 -19.96 28.27 -17.94
N GLY B 413 -18.98 27.44 -17.52
CA GLY B 413 -18.87 26.99 -16.15
C GLY B 413 -18.10 28.01 -15.29
N CYS B 414 -18.03 27.74 -13.98
CA CYS B 414 -17.38 28.65 -13.05
C CYS B 414 -17.10 27.96 -11.71
N SER B 415 -16.22 28.59 -10.91
CA SER B 415 -15.91 28.17 -9.56
C SER B 415 -17.11 28.46 -8.65
N TYR B 416 -17.43 27.50 -7.79
CA TYR B 416 -18.61 27.59 -6.94
C TYR B 416 -18.40 26.75 -5.68
N PRO B 417 -18.69 27.29 -4.47
CA PRO B 417 -18.50 26.55 -3.22
C PRO B 417 -19.63 25.54 -2.98
N ILE B 418 -19.41 24.29 -3.39
CA ILE B 418 -20.39 23.23 -3.22
C ILE B 418 -20.31 22.73 -1.79
N LYS B 419 -21.48 22.73 -1.11
CA LYS B 419 -21.58 22.28 0.27
C LYS B 419 -22.33 20.95 0.31
N THR B 420 -23.60 20.98 -0.12
CA THR B 420 -24.44 19.78 -0.21
C THR B 420 -25.01 19.70 -1.62
N ALA B 421 -24.81 18.54 -2.27
CA ALA B 421 -25.19 18.37 -3.66
C ALA B 421 -26.17 17.20 -3.81
N LEU B 422 -27.16 17.38 -4.70
CA LEU B 422 -28.13 16.35 -5.04
C LEU B 422 -27.86 15.86 -6.46
N LYS B 423 -27.94 14.53 -6.64
CA LYS B 423 -27.86 13.92 -7.95
C LYS B 423 -29.19 13.22 -8.23
N LEU B 424 -29.96 13.74 -9.19
CA LEU B 424 -31.31 13.23 -9.56
C LEU B 424 -31.23 12.19 -10.68
N SER B 425 -32.13 11.21 -10.66
CA SER B 425 -32.23 10.20 -11.74
C SER B 425 -33.66 9.88 -12.02
N SER B 426 -33.92 9.52 -13.27
CA SER B 426 -35.23 9.14 -13.75
C SER B 426 -35.03 8.05 -14.75
N GLY B 427 -36.14 7.38 -14.99
CA GLY B 427 -36.09 6.30 -15.95
C GLY B 427 -37.42 5.75 -16.38
N PHE B 428 -37.36 4.62 -17.09
CA PHE B 428 -38.58 3.86 -17.46
C PHE B 428 -39.00 3.06 -16.24
N SER B 429 -40.28 2.70 -16.22
CA SER B 429 -41.06 2.02 -15.16
C SER B 429 -41.42 3.03 -14.08
N GLY B 430 -41.33 4.31 -14.42
CA GLY B 430 -41.61 5.45 -13.52
C GLY B 430 -40.72 5.46 -12.31
N ILE B 431 -39.45 5.16 -12.48
CA ILE B 431 -38.54 5.09 -11.31
C ILE B 431 -37.77 6.41 -11.15
N HIS B 432 -37.83 6.97 -9.94
CA HIS B 432 -37.03 8.11 -9.54
C HIS B 432 -36.02 7.70 -8.48
N SER B 433 -34.81 8.23 -8.56
CA SER B 433 -33.74 7.94 -7.60
C SER B 433 -32.86 9.17 -7.34
N VAL B 434 -32.50 9.37 -6.07
CA VAL B 434 -31.73 10.52 -5.62
C VAL B 434 -30.61 10.05 -4.69
N ILE B 435 -29.46 10.73 -4.76
CA ILE B 435 -28.41 10.61 -3.76
C ILE B 435 -27.99 12.00 -3.29
N VAL B 436 -27.63 12.11 -2.00
CA VAL B 436 -27.13 13.33 -1.41
C VAL B 436 -25.62 13.18 -1.25
N MET B 437 -24.87 14.05 -1.96
CA MET B 437 -23.42 14.07 -1.85
C MET B 437 -22.98 15.33 -1.10
N ARG B 438 -21.80 15.27 -0.49
CA ARG B 438 -21.39 16.21 0.54
C ARG B 438 -19.87 16.22 0.65
N ALA B 439 -19.30 17.42 0.81
CA ALA B 439 -17.85 17.59 0.96
C ALA B 439 -17.41 17.08 2.34
N VAL B 440 -16.18 16.53 2.39
CA VAL B 440 -15.61 15.99 3.61
C VAL B 440 -14.56 16.97 4.15
N ASP B 441 -14.39 16.96 5.47
CA ASP B 441 -13.48 17.88 6.16
C ASP B 441 -12.58 17.09 7.11
N ARG C 2 -33.73 -1.90 13.47
CA ARG C 2 -34.15 -3.08 12.65
C ARG C 2 -35.57 -3.48 13.03
N LYS C 3 -36.22 -4.22 12.12
CA LYS C 3 -37.57 -4.73 12.32
C LYS C 3 -37.69 -6.13 11.73
N ARG C 4 -38.73 -6.86 12.15
CA ARG C 4 -38.92 -8.26 11.80
C ARG C 4 -39.85 -8.39 10.61
N VAL C 5 -39.55 -9.34 9.72
CA VAL C 5 -40.25 -9.55 8.46
C VAL C 5 -40.95 -10.90 8.47
N VAL C 6 -42.18 -10.95 7.94
CA VAL C 6 -42.97 -12.17 7.89
C VAL C 6 -43.60 -12.33 6.50
N VAL C 7 -43.89 -13.58 6.13
CA VAL C 7 -44.56 -13.94 4.89
C VAL C 7 -46.05 -14.10 5.18
N THR C 8 -46.88 -13.27 4.53
CA THR C 8 -48.33 -13.29 4.75
C THR C 8 -49.05 -13.96 3.58
N GLY C 9 -48.42 -13.97 2.40
CA GLY C 9 -49.04 -14.53 1.21
C GLY C 9 -48.02 -15.00 0.18
N VAL C 10 -48.41 -16.00 -0.62
CA VAL C 10 -47.57 -16.55 -1.68
C VAL C 10 -48.44 -16.89 -2.89
N GLY C 11 -47.81 -16.92 -4.08
CA GLY C 11 -48.49 -17.29 -5.31
C GLY C 11 -47.47 -17.58 -6.43
N ALA C 12 -47.79 -18.59 -7.25
CA ALA C 12 -46.87 -19.06 -8.29
C ALA C 12 -47.60 -19.81 -9.39
N ILE C 13 -46.96 -19.91 -10.56
CA ILE C 13 -47.43 -20.71 -11.69
C ILE C 13 -46.26 -21.51 -12.27
N HIS C 14 -46.57 -22.73 -12.72
CA HIS C 14 -45.57 -23.73 -13.09
C HIS C 14 -46.19 -24.73 -14.06
N PRO C 15 -45.40 -25.46 -14.89
CA PRO C 15 -45.93 -26.60 -15.64
C PRO C 15 -46.63 -27.69 -14.82
N ASP C 16 -46.25 -27.81 -13.54
CA ASP C 16 -46.89 -28.76 -12.63
C ASP C 16 -48.30 -28.30 -12.28
N GLY C 17 -48.47 -26.99 -12.03
CA GLY C 17 -49.76 -26.43 -11.68
C GLY C 17 -49.79 -24.90 -11.74
N ASN C 18 -51.01 -24.35 -11.86
CA ASN C 18 -51.22 -22.92 -12.03
C ASN C 18 -51.60 -22.25 -10.70
N ASP C 19 -51.29 -22.90 -9.57
CA ASP C 19 -51.48 -22.30 -8.25
C ASP C 19 -50.57 -22.99 -7.23
N VAL C 20 -50.48 -22.41 -6.02
CA VAL C 20 -49.54 -22.85 -4.99
C VAL C 20 -49.91 -24.23 -4.46
N THR C 21 -51.20 -24.54 -4.38
CA THR C 21 -51.68 -25.80 -3.83
C THR C 21 -51.42 -26.95 -4.79
N ALA C 22 -51.64 -26.68 -6.09
CA ALA C 22 -51.50 -27.69 -7.14
C ALA C 22 -50.04 -28.06 -7.35
N ILE C 23 -49.15 -27.06 -7.21
CA ILE C 23 -47.71 -27.28 -7.35
C ILE C 23 -47.22 -28.11 -6.17
N LYS C 24 -47.67 -27.76 -4.96
CA LYS C 24 -47.19 -28.39 -3.74
C LYS C 24 -47.64 -29.85 -3.67
N SER C 25 -48.82 -30.15 -4.23
CA SER C 25 -49.34 -31.51 -4.27
C SER C 25 -48.49 -32.42 -5.15
N LYS C 26 -48.09 -31.91 -6.32
CA LYS C 26 -47.31 -32.67 -7.28
C LYS C 26 -45.86 -32.81 -6.82
N VAL C 27 -45.37 -31.84 -6.04
CA VAL C 27 -44.03 -31.89 -5.47
C VAL C 27 -43.94 -33.02 -4.46
N ILE C 28 -44.99 -33.17 -3.63
CA ILE C 28 -45.04 -34.22 -2.62
C ILE C 28 -45.09 -35.58 -3.30
N GLN C 29 -45.91 -35.70 -4.36
CA GLN C 29 -46.11 -36.93 -5.09
C GLN C 29 -44.80 -37.42 -5.68
N LYS C 30 -44.03 -36.50 -6.28
CA LYS C 30 -42.76 -36.83 -6.91
C LYS C 30 -41.71 -37.13 -5.85
N LEU C 31 -41.80 -36.45 -4.71
CA LEU C 31 -40.87 -36.63 -3.60
C LEU C 31 -41.13 -37.97 -2.92
N LEU C 32 -42.42 -38.35 -2.83
CA LEU C 32 -42.81 -39.61 -2.19
C LEU C 32 -42.51 -40.78 -3.13
N GLY C 33 -43.02 -40.68 -4.37
CA GLY C 33 -42.81 -41.71 -5.37
C GLY C 33 -43.86 -41.64 -6.48
N SER C 43 -30.64 -34.74 -23.92
CA SER C 43 -30.78 -33.30 -24.20
C SER C 43 -31.86 -32.70 -23.29
N SER C 44 -31.69 -31.41 -22.96
CA SER C 44 -32.60 -30.70 -22.09
C SER C 44 -33.76 -30.07 -22.86
N ILE C 45 -34.92 -29.97 -22.20
CA ILE C 45 -36.13 -29.41 -22.78
C ILE C 45 -36.64 -28.26 -21.91
N ILE C 46 -37.57 -27.48 -22.48
CA ILE C 46 -38.16 -26.33 -21.80
C ILE C 46 -39.67 -26.58 -21.66
N ARG C 47 -40.08 -26.90 -20.43
CA ARG C 47 -41.48 -27.19 -20.12
C ARG C 47 -42.27 -25.88 -20.08
N THR C 48 -43.46 -25.90 -20.69
CA THR C 48 -44.34 -24.74 -20.77
C THR C 48 -45.55 -24.94 -19.85
N LEU C 49 -46.34 -23.87 -19.66
CA LEU C 49 -47.50 -23.91 -18.79
C LEU C 49 -48.65 -24.61 -19.49
N SER C 50 -49.35 -25.48 -18.76
CA SER C 50 -50.48 -26.24 -19.28
C SER C 50 -51.79 -25.54 -18.94
N ASP C 51 -52.61 -25.31 -19.97
CA ASP C 51 -53.95 -24.74 -19.88
C ASP C 51 -53.92 -23.31 -19.32
N PHE C 52 -52.90 -22.54 -19.72
CA PHE C 52 -52.76 -21.16 -19.28
C PHE C 52 -53.33 -20.20 -20.32
N ASP C 53 -54.09 -19.20 -19.84
CA ASP C 53 -54.67 -18.16 -20.68
C ASP C 53 -54.59 -16.84 -19.93
N GLY C 54 -53.76 -15.92 -20.46
CA GLY C 54 -53.45 -14.65 -19.80
C GLY C 54 -54.56 -13.61 -19.95
N ALA C 55 -55.51 -13.87 -20.85
CA ALA C 55 -56.69 -13.04 -21.02
C ALA C 55 -57.63 -13.23 -19.82
N LYS C 56 -57.41 -14.33 -19.08
CA LYS C 56 -58.17 -14.67 -17.89
C LYS C 56 -57.81 -13.72 -16.74
N TYR C 57 -56.67 -13.02 -16.86
CA TYR C 57 -56.16 -12.18 -15.79
C TYR C 57 -55.98 -10.74 -16.25
N ILE C 58 -55.20 -10.54 -17.33
CA ILE C 58 -54.75 -9.21 -17.74
C ILE C 58 -55.65 -8.67 -18.86
N ASN C 59 -55.73 -7.33 -18.91
CA ASN C 59 -56.51 -6.57 -19.88
C ASN C 59 -55.90 -6.74 -21.28
N ASN C 60 -56.74 -6.62 -22.31
CA ASN C 60 -56.35 -6.83 -23.70
C ASN C 60 -55.48 -5.68 -24.21
N ARG C 61 -55.79 -4.46 -23.75
CA ARG C 61 -55.07 -3.25 -24.13
C ARG C 61 -53.66 -3.28 -23.55
N LEU C 62 -53.50 -3.83 -22.35
CA LEU C 62 -52.22 -3.90 -21.68
C LEU C 62 -51.38 -5.07 -22.20
N ARG C 63 -52.01 -6.23 -22.39
CA ARG C 63 -51.27 -7.45 -22.74
C ARG C 63 -50.54 -7.28 -24.07
N ARG C 64 -51.14 -6.54 -25.02
CA ARG C 64 -50.57 -6.35 -26.35
C ARG C 64 -49.31 -5.50 -26.28
N LYS C 65 -49.03 -4.90 -25.11
CA LYS C 65 -47.87 -4.04 -24.94
C LYS C 65 -46.72 -4.82 -24.30
N ILE C 66 -47.04 -5.84 -23.50
CA ILE C 66 -46.07 -6.47 -22.61
C ILE C 66 -45.74 -7.91 -23.05
N ASP C 67 -44.68 -8.45 -22.45
CA ASP C 67 -44.16 -9.79 -22.73
C ASP C 67 -44.77 -10.78 -21.74
N GLU C 68 -44.61 -12.08 -22.04
CA GLU C 68 -45.13 -13.19 -21.26
C GLU C 68 -44.52 -13.22 -19.85
N PHE C 69 -43.27 -12.77 -19.69
CA PHE C 69 -42.61 -12.78 -18.39
C PHE C 69 -43.25 -11.74 -17.47
N SER C 70 -43.69 -10.62 -18.06
CA SER C 70 -44.42 -9.60 -17.32
C SER C 70 -45.82 -10.11 -16.97
N VAL C 71 -46.40 -10.94 -17.86
CA VAL C 71 -47.72 -11.52 -17.68
C VAL C 71 -47.67 -12.49 -16.50
N TYR C 72 -46.65 -13.36 -16.48
CA TYR C 72 -46.52 -14.40 -15.47
C TYR C 72 -46.32 -13.77 -14.09
N GLY C 73 -45.64 -12.62 -14.04
CA GLY C 73 -45.39 -11.90 -12.81
C GLY C 73 -46.65 -11.26 -12.23
N ILE C 74 -47.50 -10.72 -13.12
CA ILE C 74 -48.72 -10.04 -12.74
C ILE C 74 -49.72 -11.04 -12.14
N VAL C 75 -49.81 -12.23 -12.75
CA VAL C 75 -50.75 -13.25 -12.31
C VAL C 75 -50.27 -13.89 -11.01
N ALA C 76 -48.95 -13.85 -10.77
CA ALA C 76 -48.35 -14.41 -9.57
C ALA C 76 -48.66 -13.56 -8.34
N VAL C 77 -48.56 -12.22 -8.50
CA VAL C 77 -48.78 -11.29 -7.39
C VAL C 77 -50.26 -11.23 -7.02
N GLU C 78 -51.13 -11.41 -8.02
CA GLU C 78 -52.58 -11.37 -7.83
C GLU C 78 -53.00 -12.48 -6.87
N MET C 79 -52.39 -13.66 -7.03
CA MET C 79 -52.64 -14.81 -6.18
C MET C 79 -52.06 -14.57 -4.78
N ALA C 80 -50.87 -13.96 -4.74
CA ALA C 80 -50.16 -13.71 -3.49
C ALA C 80 -50.89 -12.65 -2.64
N LEU C 81 -51.39 -11.62 -3.31
CA LEU C 81 -52.14 -10.55 -2.64
C LEU C 81 -53.48 -11.08 -2.15
N LYS C 82 -54.09 -11.97 -2.93
CA LYS C 82 -55.39 -12.56 -2.61
C LYS C 82 -55.23 -13.49 -1.40
N ALA C 83 -54.09 -14.18 -1.33
CA ALA C 83 -53.81 -15.13 -0.26
C ALA C 83 -53.58 -14.39 1.06
N SER C 84 -52.97 -13.20 0.97
CA SER C 84 -52.64 -12.41 2.15
C SER C 84 -53.85 -11.68 2.77
N ARG C 85 -54.92 -11.54 1.99
CA ARG C 85 -56.16 -10.89 2.39
C ARG C 85 -55.96 -9.40 2.67
N LEU C 86 -55.05 -8.76 1.91
CA LEU C 86 -54.82 -7.33 2.01
C LEU C 86 -55.95 -6.59 1.29
N ASP C 87 -56.54 -5.59 1.96
CA ASP C 87 -57.40 -4.63 1.30
C ASP C 87 -56.52 -3.55 0.68
N VAL C 88 -56.38 -3.59 -0.65
CA VAL C 88 -55.42 -2.76 -1.38
C VAL C 88 -55.78 -1.28 -1.26
N ASP C 89 -57.07 -0.98 -1.10
CA ASP C 89 -57.57 0.39 -1.00
C ASP C 89 -57.19 1.01 0.34
N LYS C 90 -56.89 0.16 1.34
CA LYS C 90 -56.59 0.62 2.69
C LYS C 90 -55.09 0.76 2.88
N LEU C 91 -54.29 0.13 2.02
CA LEU C 91 -52.84 0.21 2.07
C LEU C 91 -52.38 1.56 1.53
N ASP C 92 -51.41 2.17 2.22
CA ASP C 92 -50.75 3.38 1.76
C ASP C 92 -49.77 3.01 0.65
N PRO C 93 -49.95 3.52 -0.58
CA PRO C 93 -49.03 3.19 -1.69
C PRO C 93 -47.58 3.62 -1.47
N ASN C 94 -47.38 4.61 -0.58
CA ASN C 94 -46.05 5.12 -0.26
C ASN C 94 -45.26 4.09 0.55
N ARG C 95 -45.98 3.15 1.19
CA ARG C 95 -45.37 2.21 2.11
C ARG C 95 -45.37 0.78 1.53
N VAL C 96 -45.48 0.66 0.20
CA VAL C 96 -45.45 -0.63 -0.46
C VAL C 96 -44.51 -0.57 -1.66
N GLY C 97 -43.59 -1.55 -1.76
CA GLY C 97 -42.61 -1.63 -2.83
C GLY C 97 -42.64 -2.97 -3.56
N ILE C 98 -41.89 -3.04 -4.67
CA ILE C 98 -41.88 -4.18 -5.58
C ILE C 98 -40.44 -4.59 -5.89
N TYR C 99 -40.08 -5.84 -5.54
CA TYR C 99 -38.77 -6.39 -5.85
C TYR C 99 -38.91 -7.56 -6.83
N VAL C 100 -38.08 -7.57 -7.87
CA VAL C 100 -38.21 -8.50 -8.98
C VAL C 100 -36.86 -9.10 -9.33
N GLY C 101 -36.86 -10.38 -9.70
CA GLY C 101 -35.70 -11.04 -10.29
C GLY C 101 -36.02 -11.56 -11.69
N ASN C 102 -35.15 -11.21 -12.66
CA ASN C 102 -35.34 -11.61 -14.05
C ASN C 102 -34.02 -11.50 -14.83
N CYS C 103 -33.68 -12.57 -15.55
CA CYS C 103 -32.38 -12.69 -16.20
C CYS C 103 -32.48 -12.48 -17.72
N PHE C 104 -33.44 -13.16 -18.37
CA PHE C 104 -33.46 -13.27 -19.82
C PHE C 104 -34.26 -12.16 -20.49
N GLY C 105 -35.14 -11.47 -19.72
CA GLY C 105 -35.95 -10.41 -20.26
C GLY C 105 -37.17 -10.94 -21.02
N GLY C 106 -37.57 -10.17 -22.02
CA GLY C 106 -38.75 -10.51 -22.81
C GLY C 106 -38.48 -10.54 -24.29
N TRP C 107 -37.82 -11.61 -24.74
CA TRP C 107 -37.44 -11.88 -26.14
C TRP C 107 -38.64 -12.20 -27.03
N GLN C 108 -39.64 -12.88 -26.50
CA GLN C 108 -40.79 -13.32 -27.33
C GLN C 108 -41.46 -12.12 -27.99
N HIS C 109 -41.60 -11.03 -27.28
CA HIS C 109 -42.31 -9.84 -27.79
C HIS C 109 -41.49 -9.07 -28.82
N ILE C 110 -40.17 -9.13 -28.77
CA ILE C 110 -39.39 -8.24 -29.68
C ILE C 110 -38.61 -9.01 -30.75
N GLU C 111 -38.53 -10.33 -30.64
CA GLU C 111 -37.73 -11.16 -31.57
C GLU C 111 -37.98 -10.84 -33.04
N ASP C 112 -39.24 -10.90 -33.51
CA ASP C 112 -39.55 -10.75 -34.92
C ASP C 112 -39.26 -9.33 -35.40
N GLU C 113 -39.36 -8.36 -34.49
CA GLU C 113 -39.11 -6.95 -34.82
C GLU C 113 -37.62 -6.68 -34.93
N VAL C 114 -36.81 -7.44 -34.17
CA VAL C 114 -35.36 -7.31 -34.20
C VAL C 114 -34.84 -7.82 -35.55
N LYS C 115 -35.43 -8.92 -36.02
CA LYS C 115 -35.07 -9.52 -37.31
C LYS C 115 -35.61 -8.62 -38.42
N ALA C 116 -36.80 -8.05 -38.21
CA ALA C 116 -37.46 -7.22 -39.22
C ALA C 116 -36.71 -5.90 -39.43
N LEU C 117 -36.02 -5.44 -38.41
CA LEU C 117 -35.33 -4.13 -38.48
C LEU C 117 -34.17 -4.25 -39.47
N HIS C 118 -33.72 -5.46 -39.75
CA HIS C 118 -32.56 -5.61 -40.66
C HIS C 118 -32.99 -5.72 -42.13
N ILE C 119 -34.13 -6.34 -42.37
CA ILE C 119 -34.67 -6.62 -43.69
C ILE C 119 -35.49 -5.44 -44.20
N GLU C 120 -36.30 -4.83 -43.31
CA GLU C 120 -37.19 -3.74 -43.68
C GLU C 120 -36.51 -2.40 -43.42
N GLY C 121 -36.13 -2.17 -42.16
CA GLY C 121 -35.66 -0.88 -41.68
C GLY C 121 -36.35 -0.50 -40.37
N ILE C 122 -36.45 0.81 -40.10
CA ILE C 122 -37.07 1.33 -38.90
C ILE C 122 -38.54 0.91 -38.84
N LYS C 123 -39.19 0.77 -40.01
CA LYS C 123 -40.63 0.53 -40.10
C LYS C 123 -40.99 -0.84 -39.52
N GLY C 124 -40.02 -1.75 -39.46
CA GLY C 124 -40.22 -3.08 -38.93
C GLY C 124 -40.44 -3.09 -37.42
N MET C 125 -39.88 -2.08 -36.76
CA MET C 125 -39.88 -1.92 -35.28
C MET C 125 -41.05 -1.07 -34.78
N GLY C 126 -41.58 -1.41 -33.62
CA GLY C 126 -42.68 -0.68 -33.00
C GLY C 126 -42.23 0.03 -31.73
N PRO C 127 -43.13 0.78 -31.06
CA PRO C 127 -42.76 1.61 -29.91
C PRO C 127 -42.57 0.85 -28.59
N TYR C 128 -42.95 -0.42 -28.57
CA TYR C 128 -42.91 -1.17 -27.29
C TYR C 128 -41.68 -2.07 -27.19
N VAL C 129 -40.70 -1.92 -28.07
CA VAL C 129 -39.49 -2.78 -27.94
C VAL C 129 -38.75 -2.42 -26.67
N ALA C 130 -38.60 -1.12 -26.42
CA ALA C 130 -37.86 -0.65 -25.24
C ALA C 130 -38.55 -1.04 -23.94
N THR C 131 -39.86 -0.83 -23.86
CA THR C 131 -40.65 -1.16 -22.65
C THR C 131 -40.86 -2.64 -22.38
N ALA C 132 -41.10 -3.44 -23.42
CA ALA C 132 -41.38 -4.88 -23.21
C ALA C 132 -40.17 -5.72 -22.80
N TRP C 133 -39.06 -5.53 -23.50
CA TRP C 133 -37.87 -6.40 -23.32
C TRP C 133 -37.13 -6.25 -21.99
N PHE C 134 -36.89 -5.02 -21.54
CA PHE C 134 -36.00 -4.83 -20.36
C PHE C 134 -36.58 -5.51 -19.13
N PRO C 135 -35.73 -6.09 -18.27
CA PRO C 135 -36.18 -6.85 -17.12
C PRO C 135 -36.97 -6.12 -16.04
N ALA C 136 -36.87 -4.81 -15.99
CA ALA C 136 -37.52 -3.94 -14.98
C ALA C 136 -38.91 -3.57 -15.45
N ALA C 137 -39.39 -4.20 -16.51
CA ALA C 137 -40.71 -3.87 -17.06
C ALA C 137 -41.77 -4.44 -16.12
N LEU C 138 -41.55 -5.62 -15.60
CA LEU C 138 -42.51 -6.22 -14.68
C LEU C 138 -42.71 -5.30 -13.48
N GLN C 139 -41.61 -4.73 -12.98
CA GLN C 139 -41.63 -3.81 -11.84
C GLN C 139 -42.52 -2.61 -12.17
N GLY C 140 -42.41 -2.06 -13.36
CA GLY C 140 -43.23 -0.89 -13.71
C GLY C 140 -44.68 -1.22 -13.98
N GLN C 141 -44.96 -2.35 -14.62
CA GLN C 141 -46.35 -2.70 -14.91
C GLN C 141 -47.10 -2.94 -13.60
N LEU C 142 -46.42 -3.52 -12.61
CA LEU C 142 -47.00 -3.79 -11.30
C LEU C 142 -47.26 -2.48 -10.56
N SER C 143 -46.43 -1.48 -10.81
CA SER C 143 -46.57 -0.17 -10.14
C SER C 143 -47.70 0.63 -10.78
N LEU C 144 -48.01 0.41 -12.04
CA LEU C 144 -49.11 1.08 -12.72
C LEU C 144 -50.45 0.46 -12.29
N LEU C 145 -50.50 -0.87 -12.21
CA LEU C 145 -51.73 -1.60 -11.92
C LEU C 145 -52.18 -1.35 -10.48
N TYR C 146 -51.24 -1.48 -9.53
CA TYR C 146 -51.56 -1.44 -8.11
C TYR C 146 -51.27 -0.08 -7.48
N GLY C 147 -50.40 0.72 -8.13
CA GLY C 147 -50.12 2.07 -7.69
C GLY C 147 -49.08 2.15 -6.57
N PHE C 148 -48.27 1.09 -6.41
CA PHE C 148 -47.29 1.02 -5.33
C PHE C 148 -46.11 1.96 -5.62
N SER C 149 -45.76 2.78 -4.62
CA SER C 149 -44.86 3.90 -4.80
C SER C 149 -43.52 3.87 -4.05
N ALA C 150 -43.31 2.86 -3.19
CA ALA C 150 -42.09 2.77 -2.41
C ALA C 150 -40.95 2.22 -3.25
N GLN C 151 -39.74 2.24 -2.68
CA GLN C 151 -38.50 1.77 -3.29
C GLN C 151 -38.72 0.39 -3.93
N SER C 152 -38.55 0.33 -5.25
CA SER C 152 -38.78 -0.89 -6.02
C SER C 152 -37.62 -1.18 -6.96
N LYS C 153 -36.95 -2.32 -6.74
CA LYS C 153 -35.74 -2.67 -7.47
C LYS C 153 -35.97 -3.91 -8.33
N THR C 154 -35.11 -4.07 -9.35
CA THR C 154 -35.07 -5.27 -10.19
C THR C 154 -33.63 -5.75 -10.29
N PHE C 155 -33.41 -7.04 -9.97
CA PHE C 155 -32.11 -7.66 -10.08
C PHE C 155 -32.09 -8.59 -11.28
N SER C 156 -30.92 -8.70 -11.92
CA SER C 156 -30.73 -9.57 -13.07
C SER C 156 -29.40 -10.33 -12.97
N THR C 157 -29.00 -10.67 -11.74
CA THR C 157 -27.82 -11.47 -11.50
C THR C 157 -28.10 -12.91 -11.94
N SER C 158 -27.12 -13.53 -12.63
CA SER C 158 -27.28 -14.88 -13.15
C SER C 158 -27.67 -15.86 -12.04
N ASP C 159 -28.87 -16.45 -12.18
CA ASP C 159 -29.38 -17.53 -11.34
C ASP C 159 -29.95 -17.03 -10.01
N VAL C 160 -29.35 -15.97 -9.45
CA VAL C 160 -29.60 -15.60 -8.05
C VAL C 160 -30.53 -14.39 -7.96
N ALA C 161 -30.92 -13.83 -9.12
CA ALA C 161 -31.66 -12.58 -9.21
C ALA C 161 -32.85 -12.54 -8.26
N GLY C 162 -33.65 -13.62 -8.27
CA GLY C 162 -34.86 -13.69 -7.47
C GLY C 162 -34.58 -13.87 -5.98
N MET C 163 -33.44 -14.50 -5.67
CA MET C 163 -33.02 -14.74 -4.29
C MET C 163 -32.61 -13.42 -3.64
N GLN C 164 -31.92 -12.57 -4.41
CA GLN C 164 -31.52 -11.25 -3.98
C GLN C 164 -32.74 -10.36 -3.81
N ALA C 165 -33.74 -10.54 -4.68
CA ALA C 165 -34.97 -9.76 -4.67
C ALA C 165 -35.72 -9.92 -3.35
N ILE C 166 -35.78 -11.16 -2.83
CA ILE C 166 -36.44 -11.45 -1.57
C ILE C 166 -35.62 -10.88 -0.41
N GLY C 167 -34.31 -11.16 -0.43
CA GLY C 167 -33.40 -10.80 0.64
C GLY C 167 -33.38 -9.30 0.91
N TYR C 168 -33.20 -8.51 -0.16
CA TYR C 168 -33.07 -7.07 -0.06
C TYR C 168 -34.42 -6.39 0.14
N ALA C 169 -35.50 -7.12 -0.15
CA ALA C 169 -36.85 -6.64 0.16
C ALA C 169 -37.09 -6.73 1.66
N ALA C 170 -36.53 -7.78 2.29
CA ALA C 170 -36.62 -7.97 3.73
C ALA C 170 -35.80 -6.91 4.46
N GLU C 171 -34.63 -6.57 3.90
CA GLU C 171 -33.75 -5.55 4.45
C GLU C 171 -34.42 -4.18 4.41
N ALA C 172 -35.22 -3.94 3.36
CA ALA C 172 -35.92 -2.68 3.17
C ALA C 172 -37.02 -2.53 4.22
N ILE C 173 -37.75 -3.63 4.50
CA ILE C 173 -38.79 -3.63 5.50
C ILE C 173 -38.17 -3.46 6.89
N SER C 174 -37.01 -4.13 7.10
CA SER C 174 -36.31 -4.09 8.38
C SER C 174 -35.87 -2.68 8.77
N ASN C 175 -35.36 -1.92 7.79
CA ASN C 175 -34.84 -0.58 8.02
C ASN C 175 -35.95 0.48 7.97
N GLY C 176 -37.17 0.05 7.62
CA GLY C 176 -38.33 0.92 7.67
C GLY C 176 -38.55 1.73 6.38
N VAL C 177 -38.21 1.13 5.24
CA VAL C 177 -38.43 1.75 3.94
C VAL C 177 -39.89 1.55 3.52
N ALA C 178 -40.42 0.36 3.83
CA ALA C 178 -41.81 0.03 3.52
C ALA C 178 -42.39 -0.93 4.57
N GLU C 179 -43.73 -1.00 4.62
CA GLU C 179 -44.44 -1.90 5.52
C GLU C 179 -44.75 -3.22 4.82
N VAL C 180 -44.94 -3.18 3.49
CA VAL C 180 -45.23 -4.36 2.70
C VAL C 180 -44.29 -4.38 1.50
N MET C 181 -43.95 -5.59 1.02
CA MET C 181 -43.10 -5.77 -0.16
C MET C 181 -43.59 -6.94 -0.99
N LEU C 182 -43.71 -6.71 -2.31
CA LEU C 182 -43.95 -7.76 -3.29
C LEU C 182 -42.61 -8.17 -3.90
N CYS C 183 -42.02 -9.24 -3.36
CA CYS C 183 -40.75 -9.75 -3.87
C CYS C 183 -40.98 -11.11 -4.54
N GLY C 184 -40.22 -11.37 -5.61
CA GLY C 184 -40.33 -12.62 -6.34
C GLY C 184 -39.51 -12.60 -7.63
N ALA C 185 -39.92 -13.44 -8.59
CA ALA C 185 -39.22 -13.57 -9.87
C ALA C 185 -40.14 -14.17 -10.93
N SER C 186 -39.78 -13.91 -12.20
CA SER C 186 -40.51 -14.44 -13.35
C SER C 186 -39.57 -14.63 -14.54
N GLU C 187 -39.84 -15.67 -15.34
CA GLU C 187 -39.03 -16.00 -16.51
C GLU C 187 -39.92 -16.53 -17.64
N HIS C 188 -39.48 -16.29 -18.89
CA HIS C 188 -40.09 -16.85 -20.08
C HIS C 188 -39.01 -17.37 -21.02
N LEU C 189 -39.01 -18.69 -21.26
CA LEU C 189 -37.91 -19.35 -21.95
C LEU C 189 -38.36 -20.06 -23.23
N SER C 190 -39.60 -19.77 -23.68
CA SER C 190 -40.18 -20.51 -24.80
C SER C 190 -39.88 -19.96 -26.19
N SER C 191 -39.49 -18.68 -26.26
CA SER C 191 -39.25 -18.00 -27.53
C SER C 191 -38.06 -18.59 -28.28
N PRO C 192 -38.11 -18.65 -29.63
CA PRO C 192 -37.09 -19.34 -30.44
C PRO C 192 -35.62 -19.09 -30.09
N LEU C 193 -35.27 -17.85 -29.75
CA LEU C 193 -33.88 -17.46 -29.51
C LEU C 193 -33.38 -18.10 -28.21
N VAL C 194 -34.12 -17.91 -27.11
CA VAL C 194 -33.73 -18.43 -25.81
C VAL C 194 -34.02 -19.93 -25.74
N LYS C 195 -34.93 -20.42 -26.61
CA LYS C 195 -35.28 -21.83 -26.63
C LYS C 195 -34.12 -22.65 -27.18
N ASN C 196 -33.64 -22.28 -28.37
CA ASN C 196 -32.58 -23.00 -29.06
C ASN C 196 -31.23 -22.81 -28.35
N LEU C 197 -31.10 -21.71 -27.59
CA LEU C 197 -29.90 -21.44 -26.82
C LEU C 197 -29.81 -22.42 -25.65
N LEU C 198 -30.91 -22.54 -24.88
CA LEU C 198 -30.94 -23.34 -23.68
C LEU C 198 -30.91 -24.83 -24.02
N GLU C 199 -31.49 -25.19 -25.17
CA GLU C 199 -31.53 -26.58 -25.62
C GLU C 199 -30.13 -27.06 -25.97
N LYS C 200 -29.31 -26.15 -26.52
CA LYS C 200 -27.96 -26.50 -26.93
C LYS C 200 -26.96 -26.18 -25.82
N THR C 201 -26.72 -24.88 -25.58
CA THR C 201 -25.54 -24.40 -24.87
C THR C 201 -25.60 -24.70 -23.37
N SER C 202 -26.74 -24.37 -22.74
CA SER C 202 -26.87 -24.37 -21.29
C SER C 202 -26.59 -25.71 -20.59
N SER C 203 -26.83 -26.81 -21.30
CA SER C 203 -26.65 -28.15 -20.76
C SER C 203 -25.17 -28.49 -20.59
N GLN C 204 -24.36 -28.15 -21.59
CA GLN C 204 -22.97 -28.58 -21.67
C GLN C 204 -22.06 -27.67 -20.85
N LYS C 205 -22.56 -26.50 -20.43
CA LYS C 205 -21.76 -25.53 -19.68
C LYS C 205 -21.41 -26.07 -18.30
N HIS C 206 -20.24 -25.65 -17.78
CA HIS C 206 -19.77 -26.07 -16.47
C HIS C 206 -19.29 -24.85 -15.68
N SER C 207 -19.30 -24.98 -14.35
CA SER C 207 -18.83 -23.93 -13.45
C SER C 207 -17.39 -24.21 -13.03
N GLU C 208 -16.59 -23.14 -12.92
CA GLU C 208 -15.20 -23.24 -12.50
C GLU C 208 -15.13 -23.49 -10.99
N VAL C 209 -16.12 -22.97 -10.25
CA VAL C 209 -16.16 -23.05 -8.80
C VAL C 209 -16.84 -24.35 -8.37
N PHE C 210 -18.01 -24.64 -8.94
CA PHE C 210 -18.89 -25.69 -8.45
C PHE C 210 -18.74 -26.99 -9.26
N GLY C 211 -18.20 -26.90 -10.49
CA GLY C 211 -17.94 -28.09 -11.28
C GLY C 211 -19.00 -28.32 -12.38
N GLU C 212 -19.27 -29.60 -12.66
CA GLU C 212 -20.15 -30.00 -13.75
C GLU C 212 -21.60 -29.94 -13.30
N LYS C 213 -22.51 -29.74 -14.27
CA LYS C 213 -23.94 -29.67 -14.05
C LYS C 213 -24.54 -31.06 -14.08
N GLN C 214 -25.58 -31.28 -13.26
CA GLN C 214 -26.38 -32.49 -13.29
C GLN C 214 -27.31 -32.45 -14.51
N PRO C 215 -27.72 -33.61 -15.08
CA PRO C 215 -28.75 -33.62 -16.12
C PRO C 215 -30.09 -33.10 -15.60
N GLY C 216 -30.77 -32.30 -16.43
CA GLY C 216 -32.06 -31.74 -16.04
C GLY C 216 -32.68 -30.87 -17.13
N ASP C 217 -33.98 -30.62 -17.00
CA ASP C 217 -34.75 -29.80 -17.93
C ASP C 217 -34.79 -28.36 -17.41
N PHE C 218 -35.39 -27.48 -18.22
CA PHE C 218 -35.68 -26.10 -17.82
C PHE C 218 -37.19 -25.91 -17.74
N SER C 219 -37.61 -24.88 -16.99
CA SER C 219 -39.01 -24.55 -16.86
C SER C 219 -39.20 -23.03 -16.78
N GLU C 220 -40.41 -22.59 -17.10
CA GLU C 220 -40.76 -21.17 -17.08
C GLU C 220 -41.97 -20.94 -16.17
N GLY C 221 -42.23 -19.67 -15.87
CA GLY C 221 -43.32 -19.27 -14.98
C GLY C 221 -42.90 -18.14 -14.06
N ALA C 222 -43.46 -18.13 -12.84
CA ALA C 222 -43.19 -17.09 -11.86
C ALA C 222 -43.54 -17.57 -10.46
N ALA C 223 -42.99 -16.86 -9.46
CA ALA C 223 -43.28 -17.08 -8.05
C ALA C 223 -43.06 -15.78 -7.28
N PHE C 224 -43.98 -15.47 -6.36
CA PHE C 224 -43.93 -14.22 -5.60
C PHE C 224 -44.40 -14.44 -4.16
N LEU C 225 -43.84 -13.62 -3.26
CA LEU C 225 -44.23 -13.60 -1.85
C LEU C 225 -44.76 -12.22 -1.49
N VAL C 226 -45.55 -12.15 -0.42
CA VAL C 226 -45.96 -10.90 0.20
C VAL C 226 -45.26 -10.80 1.55
N LEU C 227 -44.06 -10.20 1.53
CA LEU C 227 -43.33 -9.90 2.76
C LEU C 227 -43.92 -8.64 3.38
N GLU C 228 -44.01 -8.61 4.72
CA GLU C 228 -44.45 -7.42 5.42
C GLU C 228 -43.91 -7.39 6.85
N GLU C 229 -43.99 -6.21 7.47
CA GLU C 229 -43.53 -5.97 8.84
C GLU C 229 -44.43 -6.73 9.81
N ARG C 230 -43.81 -7.23 10.89
CA ARG C 230 -44.45 -8.18 11.80
C ARG C 230 -45.63 -7.53 12.54
N GLN C 231 -45.42 -6.31 13.03
CA GLN C 231 -46.44 -5.60 13.80
C GLN C 231 -47.61 -5.22 12.90
N HIS C 232 -47.31 -4.89 11.62
CA HIS C 232 -48.32 -4.54 10.64
C HIS C 232 -49.23 -5.74 10.35
N ALA C 233 -48.64 -6.94 10.37
CA ALA C 233 -49.37 -8.18 10.13
C ALA C 233 -50.25 -8.53 11.33
N LEU C 234 -49.70 -8.41 12.54
CA LEU C 234 -50.38 -8.80 13.77
C LEU C 234 -51.55 -7.84 14.05
N GLU C 235 -51.37 -6.56 13.70
CA GLU C 235 -52.37 -5.52 13.97
C GLU C 235 -53.63 -5.78 13.15
N ARG C 236 -53.46 -6.19 11.88
CA ARG C 236 -54.58 -6.36 10.96
C ARG C 236 -55.18 -7.76 11.07
N GLY C 237 -54.57 -8.63 11.89
CA GLY C 237 -55.07 -9.97 12.11
C GLY C 237 -54.83 -10.90 10.92
N ALA C 238 -53.61 -10.83 10.37
CA ALA C 238 -53.24 -11.59 9.19
C ALA C 238 -52.80 -13.00 9.61
N SER C 239 -53.00 -13.96 8.70
CA SER C 239 -52.54 -15.32 8.89
C SER C 239 -51.10 -15.41 8.39
N ILE C 240 -50.15 -15.38 9.32
CA ILE C 240 -48.73 -15.42 9.00
C ILE C 240 -48.33 -16.86 8.69
N LEU C 241 -47.68 -17.05 7.54
CA LEU C 241 -47.20 -18.35 7.11
C LEU C 241 -45.92 -18.69 7.88
N CYS C 242 -44.93 -17.79 7.81
CA CYS C 242 -43.64 -17.98 8.46
C CYS C 242 -42.91 -16.64 8.57
N GLU C 243 -41.83 -16.62 9.36
CA GLU C 243 -41.00 -15.45 9.58
C GLU C 243 -39.68 -15.60 8.81
N LEU C 244 -39.30 -14.55 8.06
CA LEU C 244 -38.03 -14.53 7.36
C LEU C 244 -36.93 -14.15 8.36
N THR C 245 -36.14 -15.14 8.78
CA THR C 245 -35.23 -14.99 9.90
C THR C 245 -33.83 -14.58 9.46
N GLY C 246 -33.48 -14.80 8.18
CA GLY C 246 -32.12 -14.50 7.75
C GLY C 246 -31.91 -14.57 6.24
N PHE C 247 -30.83 -13.92 5.78
CA PHE C 247 -30.44 -13.88 4.37
C PHE C 247 -28.92 -13.88 4.27
N VAL C 248 -28.40 -14.61 3.27
CA VAL C 248 -26.98 -14.70 2.99
C VAL C 248 -26.74 -14.28 1.54
N ASP C 249 -25.72 -13.43 1.32
CA ASP C 249 -25.32 -13.01 -0.01
C ASP C 249 -23.79 -12.91 -0.06
N TYR C 250 -23.15 -13.93 -0.63
CA TYR C 250 -21.70 -13.98 -0.75
C TYR C 250 -21.29 -14.41 -2.15
N PHE C 251 -19.98 -14.35 -2.41
CA PHE C 251 -19.40 -14.70 -3.70
C PHE C 251 -18.13 -15.51 -3.48
N ALA C 252 -17.84 -16.42 -4.42
CA ALA C 252 -16.66 -17.26 -4.35
C ALA C 252 -15.86 -17.11 -5.64
N PRO C 253 -14.78 -16.28 -5.65
CA PRO C 253 -13.94 -16.14 -6.84
C PRO C 253 -13.15 -17.39 -7.22
N ASP C 254 -12.89 -18.26 -6.22
CA ASP C 254 -12.12 -19.48 -6.42
C ASP C 254 -12.58 -20.56 -5.43
N LYS C 255 -11.99 -21.75 -5.56
CA LYS C 255 -12.39 -22.94 -4.80
C LYS C 255 -11.95 -22.85 -3.34
N ASN C 256 -10.94 -22.01 -3.06
CA ASN C 256 -10.45 -21.84 -1.70
C ASN C 256 -11.51 -21.16 -0.84
N THR C 257 -12.12 -20.10 -1.40
CA THR C 257 -13.12 -19.32 -0.70
C THR C 257 -14.45 -20.07 -0.63
N ARG C 258 -14.67 -21.00 -1.57
CA ARG C 258 -15.93 -21.72 -1.73
C ARG C 258 -16.32 -22.41 -0.42
N ASN C 259 -15.34 -23.08 0.21
CA ASN C 259 -15.57 -23.86 1.42
C ASN C 259 -15.85 -22.93 2.60
N ASN C 260 -15.12 -21.82 2.66
CA ASN C 260 -15.26 -20.85 3.74
C ASN C 260 -16.58 -20.10 3.61
N THR C 261 -17.05 -19.92 2.37
CA THR C 261 -18.29 -19.23 2.09
C THR C 261 -19.49 -20.08 2.54
N LEU C 262 -19.39 -21.39 2.33
CA LEU C 262 -20.46 -22.32 2.69
C LEU C 262 -20.61 -22.41 4.22
N GLU C 263 -19.55 -22.08 4.95
CA GLU C 263 -19.54 -22.13 6.41
C GLU C 263 -20.32 -20.94 6.99
N TYR C 264 -20.55 -19.90 6.18
CA TYR C 264 -21.37 -18.78 6.60
C TYR C 264 -22.85 -19.11 6.44
N THR C 265 -23.16 -19.97 5.47
CA THR C 265 -24.52 -20.49 5.29
C THR C 265 -24.86 -21.40 6.47
N ALA C 266 -23.82 -22.02 7.06
CA ALA C 266 -23.98 -22.89 8.21
C ALA C 266 -24.41 -22.09 9.43
N GLU C 267 -23.91 -20.87 9.56
CA GLU C 267 -24.19 -20.01 10.71
C GLU C 267 -25.64 -19.55 10.71
N LEU C 268 -26.33 -19.69 9.56
CA LEU C 268 -27.71 -19.29 9.40
C LEU C 268 -28.65 -20.24 10.17
N PHE C 269 -28.13 -21.41 10.56
CA PHE C 269 -28.91 -22.45 11.23
C PHE C 269 -29.19 -22.08 12.69
N ASN C 270 -28.19 -21.48 13.35
CA ASN C 270 -28.22 -21.19 14.78
C ASN C 270 -28.25 -22.48 15.59
N HIS C 271 -27.49 -23.49 15.13
CA HIS C 271 -27.32 -24.76 15.80
C HIS C 271 -28.64 -25.49 15.99
N ASN C 272 -29.54 -25.40 15.00
CA ASN C 272 -30.86 -25.98 15.08
C ASN C 272 -30.88 -27.36 14.43
N GLU C 273 -31.15 -28.39 15.24
CA GLU C 273 -31.15 -29.77 14.77
C GLU C 273 -32.43 -30.08 13.98
N ASN C 274 -33.54 -29.42 14.34
CA ASN C 274 -34.83 -29.64 13.71
C ASN C 274 -34.99 -28.72 12.51
N ALA C 275 -34.19 -28.95 11.45
CA ALA C 275 -34.18 -28.10 10.28
C ALA C 275 -34.05 -28.93 9.00
N VAL C 276 -34.60 -28.40 7.90
CA VAL C 276 -34.51 -29.00 6.58
C VAL C 276 -33.75 -28.05 5.66
N PHE C 277 -32.86 -28.61 4.84
CA PHE C 277 -32.02 -27.83 3.94
C PHE C 277 -32.40 -28.14 2.49
N ILE C 278 -33.05 -27.17 1.83
CA ILE C 278 -33.35 -27.28 0.41
C ILE C 278 -32.12 -26.81 -0.38
N MET C 279 -31.59 -27.69 -1.23
CA MET C 279 -30.34 -27.43 -1.94
C MET C 279 -30.61 -26.95 -3.37
N ASP C 280 -29.56 -26.40 -3.99
CA ASP C 280 -29.59 -25.80 -5.31
C ASP C 280 -29.94 -26.86 -6.37
N GLY C 281 -29.15 -27.94 -6.41
CA GLY C 281 -29.44 -29.10 -7.23
C GLY C 281 -29.09 -28.94 -8.70
N ILE C 282 -28.23 -27.95 -9.01
CA ILE C 282 -27.78 -27.72 -10.39
C ILE C 282 -26.52 -28.55 -10.64
N TYR C 283 -25.60 -28.56 -9.67
CA TYR C 283 -24.27 -29.14 -9.85
C TYR C 283 -24.14 -30.43 -9.05
N ASP C 284 -23.22 -31.30 -9.50
CA ASP C 284 -23.05 -32.64 -8.98
C ASP C 284 -22.42 -32.60 -7.58
N ASP C 285 -21.40 -31.75 -7.40
CA ASP C 285 -20.50 -31.80 -6.26
C ASP C 285 -21.08 -31.14 -5.02
N GLU C 286 -22.31 -30.61 -5.11
CA GLU C 286 -22.93 -29.83 -4.05
C GLU C 286 -23.03 -30.63 -2.75
N LYS C 287 -23.47 -31.89 -2.84
CA LYS C 287 -23.72 -32.74 -1.68
C LYS C 287 -22.46 -32.89 -0.84
N GLU C 288 -21.32 -33.13 -1.52
CA GLU C 288 -20.05 -33.40 -0.88
C GLU C 288 -19.51 -32.14 -0.20
N ILE C 289 -19.53 -31.01 -0.92
CA ILE C 289 -18.90 -29.78 -0.48
C ILE C 289 -19.70 -29.13 0.65
N THR C 290 -21.04 -29.21 0.56
CA THR C 290 -21.93 -28.60 1.53
C THR C 290 -21.88 -29.39 2.84
N SER C 291 -21.85 -30.73 2.73
CA SER C 291 -21.81 -31.61 3.88
C SER C 291 -20.49 -31.45 4.65
N LYS C 292 -19.40 -31.27 3.89
CA LYS C 292 -18.06 -31.13 4.46
C LYS C 292 -17.96 -29.81 5.23
N ALA C 293 -18.61 -28.77 4.71
CA ALA C 293 -18.62 -27.45 5.33
C ALA C 293 -19.53 -27.46 6.56
N PHE C 294 -20.66 -28.16 6.44
CA PHE C 294 -21.67 -28.22 7.50
C PHE C 294 -21.20 -29.11 8.64
N SER C 295 -20.36 -30.10 8.32
CA SER C 295 -19.78 -30.99 9.31
C SER C 295 -18.80 -30.27 10.23
N ASN C 296 -18.12 -29.25 9.67
CA ASN C 296 -17.16 -28.45 10.39
C ASN C 296 -17.86 -27.58 11.44
N LYS C 297 -19.13 -27.25 11.18
CA LYS C 297 -19.90 -26.36 12.04
C LYS C 297 -20.91 -27.13 12.90
N GLU C 298 -20.73 -28.46 13.03
CA GLU C 298 -21.46 -29.30 13.98
C GLU C 298 -22.95 -29.38 13.64
N ILE C 299 -23.32 -29.29 12.36
CA ILE C 299 -24.71 -29.23 11.95
C ILE C 299 -25.23 -30.65 11.64
N LYS C 300 -26.50 -30.88 11.99
CA LYS C 300 -27.22 -32.11 11.69
C LYS C 300 -28.58 -31.75 11.09
N THR C 301 -28.71 -31.88 9.76
CA THR C 301 -29.90 -31.46 9.05
C THR C 301 -30.17 -32.39 7.86
N SER C 302 -31.44 -32.40 7.42
CA SER C 302 -31.88 -33.20 6.29
C SER C 302 -31.75 -32.41 4.99
N PHE C 303 -31.36 -33.12 3.92
CA PHE C 303 -31.18 -32.53 2.60
C PHE C 303 -32.33 -32.92 1.69
N ILE C 304 -32.90 -31.93 0.98
CA ILE C 304 -33.97 -32.16 0.02
C ILE C 304 -33.63 -31.42 -1.28
N ASN C 305 -33.87 -32.10 -2.41
CA ASN C 305 -33.59 -31.58 -3.73
C ASN C 305 -34.88 -31.54 -4.55
N LEU C 306 -35.39 -30.31 -4.78
CA LEU C 306 -36.61 -30.11 -5.54
C LEU C 306 -36.29 -29.84 -7.01
N ARG C 307 -35.00 -29.71 -7.34
CA ARG C 307 -34.57 -29.23 -8.64
C ARG C 307 -34.90 -30.22 -9.77
N PRO C 308 -34.80 -31.55 -9.58
CA PRO C 308 -35.25 -32.50 -10.61
C PRO C 308 -36.75 -32.44 -10.91
N TYR C 309 -37.54 -31.97 -9.93
CA TYR C 309 -38.99 -31.93 -10.05
C TYR C 309 -39.44 -30.57 -10.58
N LEU C 310 -38.80 -29.50 -10.12
CA LEU C 310 -39.22 -28.13 -10.44
C LEU C 310 -38.39 -27.57 -11.60
N ASP C 311 -37.23 -28.18 -11.89
CA ASP C 311 -36.39 -27.84 -13.05
C ASP C 311 -35.65 -26.53 -12.82
N ASN C 312 -34.71 -26.22 -13.74
CA ASN C 312 -33.92 -25.01 -13.70
C ASN C 312 -34.73 -23.84 -14.26
N GLN C 313 -35.11 -22.91 -13.38
CA GLN C 313 -35.91 -21.76 -13.75
C GLN C 313 -35.14 -20.46 -13.56
N PHE C 314 -33.82 -20.57 -13.35
CA PHE C 314 -32.92 -19.42 -13.22
C PHE C 314 -33.28 -18.59 -12.00
N SER C 315 -33.84 -17.39 -12.21
CA SER C 315 -34.17 -16.47 -11.13
C SER C 315 -35.31 -16.97 -10.25
N VAL C 316 -36.20 -17.79 -10.83
CA VAL C 316 -37.38 -18.29 -10.15
C VAL C 316 -37.01 -19.44 -9.22
N SER C 317 -35.97 -20.20 -9.60
CA SER C 317 -35.56 -21.41 -8.90
C SER C 317 -35.32 -21.24 -7.40
N GLY C 318 -34.82 -20.06 -7.02
CA GLY C 318 -34.65 -19.70 -5.62
C GLY C 318 -35.98 -19.36 -4.95
N VAL C 319 -36.86 -18.68 -5.70
CA VAL C 319 -38.11 -18.14 -5.17
C VAL C 319 -39.14 -19.25 -5.04
N ILE C 320 -39.18 -20.18 -6.02
CA ILE C 320 -40.17 -21.24 -6.06
C ILE C 320 -40.01 -22.15 -4.84
N ASP C 321 -38.78 -22.25 -4.32
CA ASP C 321 -38.49 -23.02 -3.12
C ASP C 321 -39.05 -22.28 -1.90
N SER C 322 -38.91 -20.95 -1.90
CA SER C 322 -39.35 -20.10 -0.79
C SER C 322 -40.86 -20.10 -0.60
N VAL C 323 -41.62 -20.10 -1.71
CA VAL C 323 -43.07 -20.10 -1.67
C VAL C 323 -43.57 -21.45 -1.13
N LEU C 324 -42.90 -22.54 -1.55
CA LEU C 324 -43.26 -23.88 -1.10
C LEU C 324 -42.85 -24.07 0.36
N ALA C 325 -41.66 -23.56 0.71
CA ALA C 325 -41.14 -23.61 2.07
C ALA C 325 -42.08 -22.88 3.02
N SER C 326 -42.65 -21.76 2.55
CA SER C 326 -43.59 -20.96 3.33
C SER C 326 -44.90 -21.70 3.56
N SER C 327 -45.30 -22.54 2.60
CA SER C 327 -46.54 -23.29 2.66
C SER C 327 -46.47 -24.43 3.68
N PHE C 328 -45.29 -25.05 3.80
CA PHE C 328 -45.10 -26.18 4.70
C PHE C 328 -45.04 -25.70 6.15
N LEU C 329 -44.41 -24.54 6.37
CA LEU C 329 -44.21 -24.01 7.70
C LEU C 329 -45.52 -23.48 8.29
N SER C 330 -46.47 -23.11 7.42
CA SER C 330 -47.77 -22.60 7.84
C SER C 330 -48.67 -23.68 8.45
N GLU C 331 -48.36 -24.96 8.14
CA GLU C 331 -49.09 -26.08 8.70
C GLU C 331 -48.70 -26.26 10.17
N ASN C 344 -44.25 -34.22 3.07
CA ASN C 344 -44.00 -35.50 3.79
C ASN C 344 -42.85 -35.31 4.77
N GLU C 345 -41.69 -34.88 4.25
CA GLU C 345 -40.47 -34.76 5.03
C GLU C 345 -40.42 -33.43 5.76
N PHE C 346 -41.25 -32.45 5.34
CA PHE C 346 -41.18 -31.10 5.86
C PHE C 346 -41.87 -31.00 7.23
N SER C 347 -42.69 -32.00 7.58
CA SER C 347 -43.39 -32.01 8.85
C SER C 347 -42.42 -32.20 10.01
N ASN C 348 -42.77 -31.61 11.16
CA ASN C 348 -41.96 -31.61 12.37
C ASN C 348 -40.64 -30.87 12.11
N THR C 349 -40.75 -29.68 11.50
CA THR C 349 -39.61 -28.83 11.18
C THR C 349 -40.01 -27.37 11.38
N ASN C 350 -39.20 -26.62 12.14
CA ASN C 350 -39.52 -25.25 12.50
C ASN C 350 -38.59 -24.25 11.80
N GLN C 351 -37.84 -24.73 10.79
CA GLN C 351 -36.94 -23.89 10.02
C GLN C 351 -36.59 -24.57 8.70
N ILE C 352 -36.85 -23.88 7.59
CA ILE C 352 -36.44 -24.33 6.27
C ILE C 352 -35.45 -23.33 5.69
N ILE C 353 -34.21 -23.79 5.50
CA ILE C 353 -33.17 -22.99 4.87
C ILE C 353 -33.01 -23.45 3.41
N ILE C 354 -32.92 -22.46 2.51
CA ILE C 354 -32.79 -22.69 1.07
C ILE C 354 -31.46 -22.11 0.61
N GLN C 355 -30.81 -22.77 -0.35
CA GLN C 355 -29.56 -22.30 -0.92
C GLN C 355 -29.68 -22.18 -2.44
N ARG C 356 -28.88 -21.27 -3.02
CA ARG C 356 -28.85 -21.02 -4.46
C ARG C 356 -27.44 -20.61 -4.87
N PHE C 357 -26.93 -21.22 -5.96
CA PHE C 357 -25.61 -20.90 -6.49
C PHE C 357 -25.76 -20.23 -7.86
N SER C 358 -24.62 -19.78 -8.40
CA SER C 358 -24.51 -19.33 -9.78
C SER C 358 -23.31 -20.01 -10.45
N ASN C 359 -23.18 -19.82 -11.76
CA ASN C 359 -22.10 -20.36 -12.56
C ASN C 359 -20.78 -19.67 -12.21
N GLN C 360 -20.86 -18.35 -11.96
CA GLN C 360 -19.68 -17.52 -11.75
C GLN C 360 -19.19 -17.62 -10.29
N GLY C 361 -20.05 -18.13 -9.39
CA GLY C 361 -19.62 -18.49 -8.05
C GLY C 361 -20.35 -17.77 -6.92
N HIS C 362 -21.62 -17.40 -7.13
CA HIS C 362 -22.43 -16.84 -6.07
C HIS C 362 -22.81 -17.91 -5.05
N VAL C 363 -22.90 -17.52 -3.78
CA VAL C 363 -23.44 -18.35 -2.72
C VAL C 363 -24.48 -17.52 -1.97
N CYS C 364 -25.75 -17.93 -2.10
CA CYS C 364 -26.85 -17.19 -1.48
C CYS C 364 -27.82 -18.15 -0.82
N ALA C 365 -28.47 -17.69 0.26
CA ALA C 365 -29.36 -18.52 1.06
C ALA C 365 -30.35 -17.68 1.86
N LEU C 366 -31.59 -18.18 1.98
CA LEU C 366 -32.63 -17.58 2.78
C LEU C 366 -33.01 -18.53 3.92
N SER C 367 -33.55 -17.96 5.00
CA SER C 367 -33.98 -18.72 6.16
C SER C 367 -35.38 -18.30 6.59
N PHE C 368 -36.34 -19.23 6.47
CA PHE C 368 -37.69 -19.04 6.93
C PHE C 368 -37.95 -19.94 8.14
N SER C 369 -38.57 -19.38 9.18
CA SER C 369 -38.84 -20.10 10.41
C SER C 369 -40.31 -19.97 10.82
N ALA C 370 -40.83 -21.02 11.46
CA ALA C 370 -42.23 -21.08 11.85
C ALA C 370 -42.46 -20.32 13.14
N ILE C 371 -43.74 -20.10 13.47
CA ILE C 371 -44.16 -19.45 14.70
C ILE C 371 -44.75 -20.51 15.64
N PRO D 20 10.72 -70.16 -33.13
CA PRO D 20 10.56 -68.74 -32.79
C PRO D 20 11.87 -67.98 -32.58
N GLU D 21 13.00 -68.68 -32.66
CA GLU D 21 14.33 -68.08 -32.53
C GLU D 21 14.58 -67.10 -33.68
N VAL D 22 14.11 -67.46 -34.89
CA VAL D 22 14.31 -66.66 -36.09
C VAL D 22 13.54 -65.34 -35.98
N LYS D 23 12.43 -65.37 -35.23
CA LYS D 23 11.59 -64.20 -35.03
C LYS D 23 12.32 -63.18 -34.16
N ILE D 24 13.07 -63.65 -33.15
CA ILE D 24 13.72 -62.79 -32.17
C ILE D 24 14.91 -62.08 -32.82
N LYS D 25 15.61 -62.77 -33.72
CA LYS D 25 16.76 -62.21 -34.42
C LYS D 25 16.33 -61.00 -35.25
N THR D 26 15.10 -61.06 -35.80
CA THR D 26 14.58 -60.00 -36.66
C THR D 26 14.14 -58.79 -35.84
N ILE D 27 13.58 -59.02 -34.64
CA ILE D 27 13.07 -57.93 -33.82
C ILE D 27 14.23 -57.04 -33.36
N LEU D 28 15.29 -57.67 -32.84
CA LEU D 28 16.45 -56.95 -32.32
C LEU D 28 17.27 -56.32 -33.45
N SER D 29 17.19 -56.92 -34.65
CA SER D 29 17.88 -56.39 -35.81
C SER D 29 17.27 -55.07 -36.30
N LEU D 30 15.93 -55.00 -36.26
CA LEU D 30 15.19 -53.83 -36.69
C LEU D 30 15.26 -52.74 -35.62
N PHE D 31 15.19 -53.14 -34.34
CA PHE D 31 15.16 -52.21 -33.21
C PHE D 31 16.51 -51.50 -33.06
N LEU D 32 17.60 -52.28 -33.11
CA LEU D 32 18.94 -51.77 -32.86
C LEU D 32 19.54 -51.19 -34.15
N ASN D 33 18.91 -51.46 -35.30
CA ASN D 33 19.34 -50.97 -36.60
C ASN D 33 20.67 -51.63 -37.00
N ILE D 34 20.75 -52.95 -36.78
CA ILE D 34 21.91 -53.76 -37.14
C ILE D 34 21.52 -54.63 -38.33
N ASN D 35 22.53 -55.06 -39.10
CA ASN D 35 22.33 -56.01 -40.19
C ASN D 35 22.01 -57.38 -39.60
N ILE D 36 21.01 -58.06 -40.19
CA ILE D 36 20.52 -59.34 -39.69
C ILE D 36 21.62 -60.40 -39.75
N ASP D 37 22.47 -60.32 -40.79
CA ASP D 37 23.56 -61.27 -41.01
C ASP D 37 24.67 -61.01 -39.99
N ASP D 38 24.93 -59.73 -39.71
CA ASP D 38 26.03 -59.32 -38.85
C ASP D 38 25.66 -59.46 -37.37
N PHE D 39 24.36 -59.46 -37.06
CA PHE D 39 23.88 -59.55 -35.70
C PHE D 39 24.21 -60.93 -35.12
N ASN D 40 24.86 -60.95 -33.96
CA ASN D 40 25.18 -62.17 -33.23
C ASN D 40 24.18 -62.34 -32.09
N MET D 41 23.69 -63.58 -31.91
CA MET D 41 22.66 -63.89 -30.94
C MET D 41 23.24 -63.90 -29.52
N ASP D 42 24.49 -64.37 -29.38
CA ASP D 42 25.12 -64.57 -28.09
C ASP D 42 25.85 -63.32 -27.60
N ALA D 43 25.83 -62.24 -28.39
CA ALA D 43 26.49 -60.99 -28.02
C ALA D 43 25.67 -60.24 -26.97
N ASN D 44 26.38 -59.60 -26.02
CA ASN D 44 25.74 -58.81 -24.97
C ASN D 44 25.15 -57.55 -25.57
N LEU D 45 23.93 -57.19 -25.14
CA LEU D 45 23.15 -56.15 -25.79
C LEU D 45 23.65 -54.77 -25.38
N ALA D 46 24.08 -54.64 -24.12
CA ALA D 46 24.53 -53.36 -23.57
C ALA D 46 25.93 -53.01 -24.08
N ASP D 47 26.82 -53.99 -24.07
CA ASP D 47 28.23 -53.78 -24.38
C ASP D 47 28.45 -53.60 -25.88
N ALA D 48 27.90 -54.53 -26.67
CA ALA D 48 28.18 -54.61 -28.10
C ALA D 48 27.40 -53.55 -28.87
N TYR D 49 26.07 -53.52 -28.69
CA TYR D 49 25.18 -52.77 -29.56
C TYR D 49 24.71 -51.47 -28.90
N ASP D 50 25.18 -51.19 -27.68
CA ASP D 50 24.92 -49.94 -26.99
C ASP D 50 23.43 -49.77 -26.71
N MET D 51 22.78 -50.85 -26.24
CA MET D 51 21.36 -50.82 -25.93
C MET D 51 21.16 -50.33 -24.49
N ASP D 52 20.25 -49.36 -24.38
CA ASP D 52 19.86 -48.70 -23.11
C ASP D 52 18.68 -49.45 -22.49
N SER D 53 18.33 -49.13 -21.25
CA SER D 53 17.24 -49.77 -20.52
C SER D 53 15.89 -49.43 -21.07
N THR D 54 15.77 -48.27 -21.70
CA THR D 54 14.52 -47.86 -22.37
C THR D 54 14.27 -48.74 -23.60
N GLU D 55 15.32 -49.00 -24.38
CA GLU D 55 15.19 -49.86 -25.57
C GLU D 55 14.87 -51.26 -25.08
N LEU D 56 15.41 -51.60 -23.94
CA LEU D 56 15.17 -52.92 -23.35
C LEU D 56 13.68 -53.05 -23.01
N ALA D 57 13.10 -51.97 -22.49
CA ALA D 57 11.68 -51.92 -22.13
C ALA D 57 10.81 -51.89 -23.39
N ASP D 58 11.30 -51.17 -24.42
CA ASP D 58 10.59 -51.05 -25.69
C ASP D 58 10.62 -52.39 -26.43
N LEU D 59 11.73 -53.12 -26.30
CA LEU D 59 11.87 -54.45 -26.87
C LEU D 59 10.90 -55.42 -26.19
N ALA D 60 10.80 -55.29 -24.85
CA ALA D 60 9.95 -56.15 -24.03
C ALA D 60 8.47 -55.98 -24.40
N LYS D 61 8.10 -54.76 -24.83
CA LYS D 61 6.74 -54.47 -25.24
C LYS D 61 6.43 -55.16 -26.56
N GLU D 62 7.44 -55.28 -27.43
CA GLU D 62 7.28 -55.90 -28.74
C GLU D 62 7.13 -57.41 -28.59
N ILE D 63 7.71 -57.96 -27.52
CA ILE D 63 7.58 -59.37 -27.19
C ILE D 63 6.15 -59.64 -26.73
N GLU D 64 5.59 -58.72 -25.93
CA GLU D 64 4.24 -58.83 -25.42
C GLU D 64 3.23 -58.76 -26.57
N LYS D 65 3.58 -58.00 -27.61
CA LYS D 65 2.73 -57.80 -28.77
C LYS D 65 2.65 -59.08 -29.61
N GLU D 66 3.81 -59.66 -29.92
CA GLU D 66 3.92 -60.77 -30.85
C GLU D 66 3.64 -62.10 -30.14
N PHE D 67 4.45 -62.42 -29.13
CA PHE D 67 4.42 -63.72 -28.48
C PHE D 67 3.20 -63.87 -27.58
N GLY D 68 2.76 -62.77 -26.97
CA GLY D 68 1.53 -62.73 -26.21
C GLY D 68 1.65 -63.35 -24.82
N ILE D 69 2.69 -62.93 -24.08
CA ILE D 69 2.91 -63.33 -22.69
C ILE D 69 3.33 -62.10 -21.88
N SER D 70 2.89 -62.05 -20.62
CA SER D 70 3.17 -60.93 -19.73
C SER D 70 4.63 -60.96 -19.26
N VAL D 71 5.29 -59.79 -19.30
CA VAL D 71 6.69 -59.66 -18.94
C VAL D 71 6.83 -58.55 -17.88
N THR D 72 7.24 -58.95 -16.67
CA THR D 72 7.47 -58.02 -15.57
C THR D 72 8.82 -57.34 -15.76
N LYS D 73 9.03 -56.21 -15.08
CA LYS D 73 10.27 -55.45 -15.15
C LYS D 73 11.42 -56.28 -14.59
N SER D 74 11.13 -57.09 -13.56
CA SER D 74 12.12 -57.95 -12.93
C SER D 74 12.62 -59.03 -13.89
N GLN D 75 11.74 -59.45 -14.81
CA GLN D 75 12.03 -60.51 -15.77
C GLN D 75 12.95 -60.00 -16.87
N PHE D 76 12.58 -58.89 -17.52
CA PHE D 76 13.31 -58.42 -18.69
C PHE D 76 14.56 -57.63 -18.32
N SER D 77 14.77 -57.40 -17.01
CA SER D 77 15.99 -56.75 -16.54
C SER D 77 17.21 -57.67 -16.71
N HIS D 78 16.97 -58.99 -16.65
CA HIS D 78 18.03 -59.99 -16.73
C HIS D 78 18.34 -60.36 -18.18
N TRP D 79 17.64 -59.76 -19.14
CA TRP D 79 17.89 -59.99 -20.56
C TRP D 79 19.20 -59.32 -20.96
N GLU D 80 20.33 -59.99 -20.65
CA GLU D 80 21.65 -59.49 -20.98
C GLU D 80 21.95 -59.79 -22.45
N THR D 81 21.53 -60.97 -22.90
CA THR D 81 21.85 -61.50 -24.22
C THR D 81 20.57 -61.71 -25.01
N GLY D 82 20.70 -61.85 -26.33
CA GLY D 82 19.59 -62.18 -27.20
C GLY D 82 19.05 -63.59 -26.94
N ARG D 83 19.94 -64.48 -26.48
CA ARG D 83 19.62 -65.85 -26.13
C ARG D 83 18.76 -65.88 -24.86
N ALA D 84 19.00 -64.92 -23.95
CA ALA D 84 18.27 -64.81 -22.71
C ALA D 84 16.81 -64.48 -22.98
N VAL D 85 16.55 -63.81 -24.11
CA VAL D 85 15.20 -63.51 -24.57
C VAL D 85 14.55 -64.80 -25.09
N LEU D 86 15.33 -65.60 -25.82
CA LEU D 86 14.83 -66.83 -26.44
C LEU D 86 14.51 -67.87 -25.37
N ASP D 87 15.36 -67.96 -24.35
CA ASP D 87 15.20 -68.94 -23.27
C ASP D 87 13.99 -68.61 -22.42
N PHE D 88 13.63 -67.31 -22.36
CA PHE D 88 12.49 -66.86 -21.59
C PHE D 88 11.18 -67.24 -22.29
N VAL D 89 11.08 -66.93 -23.59
CA VAL D 89 9.85 -67.06 -24.35
C VAL D 89 9.51 -68.51 -24.65
N SER D 90 10.47 -69.42 -24.45
CA SER D 90 10.26 -70.85 -24.61
C SER D 90 9.18 -71.34 -23.64
N SER D 91 9.16 -70.77 -22.43
CA SER D 91 8.16 -71.07 -21.42
C SER D 91 6.87 -70.36 -21.76
N ILE E 17 28.38 12.82 -15.89
CA ILE E 17 27.18 13.07 -15.04
C ILE E 17 27.64 13.39 -13.62
N ILE E 18 27.53 14.68 -13.25
CA ILE E 18 28.08 15.19 -12.00
C ILE E 18 27.07 15.01 -10.87
N ASN E 19 25.78 15.23 -11.16
CA ASN E 19 24.76 15.46 -10.15
C ASN E 19 23.81 14.26 -10.08
N ASN E 20 23.71 13.64 -8.89
CA ASN E 20 22.83 12.52 -8.60
C ASN E 20 23.02 11.40 -9.63
N ARG E 21 24.13 10.68 -9.52
CA ARG E 21 24.51 9.66 -10.50
C ARG E 21 24.04 8.28 -10.04
N ASN E 22 23.39 7.56 -10.96
CA ASN E 22 23.04 6.16 -10.80
C ASN E 22 23.09 5.48 -12.16
N GLU E 23 23.80 4.34 -12.24
CA GLU E 23 24.25 3.79 -13.51
C GLU E 23 23.23 2.82 -14.10
N SER E 24 23.48 2.43 -15.36
CA SER E 24 22.85 1.30 -16.00
C SER E 24 23.77 0.11 -15.78
N GLN E 25 23.86 -0.30 -14.51
CA GLN E 25 24.79 -1.32 -14.03
C GLN E 25 23.97 -2.49 -13.50
N PRO E 26 24.47 -3.76 -13.58
CA PRO E 26 23.77 -4.91 -13.00
C PRO E 26 23.18 -4.67 -11.60
N ARG E 27 21.86 -4.90 -11.48
CA ARG E 27 21.10 -4.68 -10.26
C ARG E 27 20.91 -6.01 -9.53
N ARG E 28 20.71 -5.94 -8.22
CA ARG E 28 20.45 -7.12 -7.40
C ARG E 28 18.96 -7.46 -7.44
N VAL E 29 18.66 -8.76 -7.37
CA VAL E 29 17.30 -9.29 -7.42
C VAL E 29 16.97 -9.92 -6.06
N VAL E 30 15.76 -9.65 -5.55
CA VAL E 30 15.36 -10.13 -4.24
C VAL E 30 13.94 -10.71 -4.29
N VAL E 31 13.67 -11.68 -3.40
CA VAL E 31 12.37 -12.34 -3.28
C VAL E 31 11.55 -11.61 -2.23
N THR E 32 10.40 -11.05 -2.64
CA THR E 32 9.58 -10.22 -1.76
C THR E 32 8.25 -10.89 -1.42
N GLY E 33 7.81 -11.86 -2.23
CA GLY E 33 6.52 -12.50 -2.02
C GLY E 33 6.56 -13.99 -2.40
N LEU E 34 5.87 -14.81 -1.59
CA LEU E 34 5.84 -16.25 -1.78
C LEU E 34 4.41 -16.76 -1.78
N GLY E 35 4.11 -17.64 -2.75
CA GLY E 35 2.85 -18.37 -2.81
C GLY E 35 3.10 -19.83 -3.17
N VAL E 36 2.38 -20.74 -2.49
CA VAL E 36 2.65 -22.17 -2.64
C VAL E 36 1.34 -22.95 -2.56
N VAL E 37 1.20 -23.94 -3.45
CA VAL E 37 0.17 -24.96 -3.40
C VAL E 37 0.85 -26.31 -3.61
N ALA E 38 0.89 -27.12 -2.56
CA ALA E 38 1.62 -28.39 -2.60
C ALA E 38 0.94 -29.42 -1.70
N PRO E 39 1.24 -30.73 -1.85
CA PRO E 39 0.71 -31.77 -0.97
C PRO E 39 1.01 -31.57 0.52
N THR E 40 2.16 -30.95 0.82
CA THR E 40 2.59 -30.72 2.18
C THR E 40 1.87 -29.50 2.78
N GLY E 41 1.22 -28.69 1.93
CA GLY E 41 0.40 -27.59 2.44
C GLY E 41 0.00 -26.58 1.36
N VAL E 42 -1.14 -25.93 1.61
CA VAL E 42 -1.64 -24.82 0.82
C VAL E 42 -1.48 -23.53 1.65
N GLY E 43 -0.67 -22.60 1.13
CA GLY E 43 -0.30 -21.41 1.86
C GLY E 43 0.97 -21.64 2.68
N VAL E 44 1.67 -20.54 3.01
CA VAL E 44 2.98 -20.59 3.64
C VAL E 44 2.88 -21.21 5.03
N ASN E 45 1.80 -20.90 5.77
CA ASN E 45 1.64 -21.30 7.16
C ASN E 45 1.57 -22.83 7.27
N GLU E 46 0.69 -23.45 6.47
CA GLU E 46 0.49 -24.89 6.49
C GLU E 46 1.71 -25.59 5.90
N PHE E 47 2.20 -25.06 4.76
CA PHE E 47 3.31 -25.63 4.01
C PHE E 47 4.56 -25.75 4.88
N TRP E 48 4.90 -24.65 5.56
CA TRP E 48 6.12 -24.59 6.36
C TRP E 48 6.06 -25.56 7.54
N ASN E 49 4.93 -25.52 8.27
CA ASN E 49 4.77 -26.25 9.52
C ASN E 49 4.96 -27.74 9.28
N ASN E 50 4.46 -28.23 8.14
CA ASN E 50 4.50 -29.65 7.81
C ASN E 50 5.92 -30.08 7.47
N ILE E 51 6.64 -29.22 6.72
CA ILE E 51 7.99 -29.57 6.28
C ILE E 51 8.99 -29.33 7.41
N HIS E 52 8.63 -28.43 8.35
CA HIS E 52 9.41 -28.22 9.56
C HIS E 52 9.42 -29.49 10.40
N ASN E 53 8.22 -30.07 10.58
CA ASN E 53 8.04 -31.25 11.41
C ASN E 53 8.51 -32.50 10.67
N GLY E 54 8.48 -32.44 9.33
CA GLY E 54 8.89 -33.55 8.50
C GLY E 54 7.74 -34.51 8.21
N LYS E 55 6.57 -33.94 7.91
CA LYS E 55 5.37 -34.70 7.64
C LYS E 55 5.23 -34.90 6.13
N SER E 56 5.01 -36.16 5.72
CA SER E 56 4.88 -36.53 4.32
C SER E 56 3.54 -36.05 3.77
N GLY E 57 3.59 -35.49 2.56
CA GLY E 57 2.38 -35.09 1.83
C GLY E 57 1.93 -36.15 0.84
N VAL E 58 2.62 -37.30 0.83
CA VAL E 58 2.32 -38.39 -0.10
C VAL E 58 1.05 -39.10 0.38
N SER E 59 0.16 -39.39 -0.57
CA SER E 59 -1.06 -40.12 -0.31
C SER E 59 -1.01 -41.49 -0.99
N LYS E 60 -1.88 -42.40 -0.55
CA LYS E 60 -2.07 -43.69 -1.17
C LYS E 60 -3.27 -43.62 -2.11
N TYR E 61 -3.11 -44.13 -3.34
CA TYR E 61 -4.17 -44.07 -4.34
C TYR E 61 -4.41 -45.44 -4.98
N GLU E 62 -5.65 -45.65 -5.47
CA GLU E 62 -6.15 -46.96 -5.82
C GLU E 62 -6.42 -47.10 -7.33
N TRP E 63 -6.91 -46.03 -7.96
CA TRP E 63 -7.35 -46.06 -9.37
C TRP E 63 -6.23 -46.38 -10.36
N GLY E 64 -5.01 -46.15 -9.97
CA GLY E 64 -3.86 -46.52 -10.78
C GLY E 64 -3.72 -48.04 -10.89
N ARG E 65 -3.94 -48.73 -9.76
CA ARG E 65 -3.80 -50.17 -9.66
C ARG E 65 -5.00 -50.85 -10.32
N GLU E 66 -6.21 -50.39 -9.97
CA GLU E 66 -7.44 -51.08 -10.31
C GLU E 66 -7.77 -50.91 -11.80
N ARG E 67 -7.80 -49.65 -12.27
CA ARG E 67 -8.31 -49.31 -13.59
C ARG E 67 -7.26 -49.63 -14.66
N PHE E 68 -6.11 -48.94 -14.60
CA PHE E 68 -5.07 -49.02 -15.66
C PHE E 68 -3.98 -50.06 -15.42
N GLY E 69 -3.93 -50.65 -14.24
CA GLY E 69 -2.98 -51.71 -13.96
C GLY E 69 -1.55 -51.18 -13.79
N PHE E 70 -1.44 -50.02 -13.13
CA PHE E 70 -0.12 -49.43 -12.83
C PHE E 70 0.41 -50.10 -11.56
N LYS E 71 1.73 -50.23 -11.46
CA LYS E 71 2.41 -50.75 -10.28
C LYS E 71 2.52 -49.66 -9.22
N SER E 72 2.33 -48.41 -9.63
CA SER E 72 2.43 -47.25 -8.75
C SER E 72 1.28 -47.23 -7.75
N GLY E 73 1.63 -46.98 -6.47
CA GLY E 73 0.67 -47.05 -5.38
C GLY E 73 0.46 -45.71 -4.68
N ALA E 74 1.29 -44.70 -5.01
CA ALA E 74 1.29 -43.44 -4.29
C ALA E 74 1.38 -42.25 -5.23
N ILE E 75 0.83 -41.10 -4.80
CA ILE E 75 0.89 -39.83 -5.50
C ILE E 75 0.96 -38.69 -4.50
N GLY E 76 1.42 -37.53 -4.97
CA GLY E 76 1.43 -36.30 -4.19
C GLY E 76 0.29 -35.38 -4.59
N GLN E 77 -0.84 -35.51 -3.89
CA GLN E 77 -2.07 -34.80 -4.20
C GLN E 77 -2.32 -33.71 -3.17
N VAL E 78 -2.86 -32.57 -3.61
CA VAL E 78 -3.05 -31.41 -2.74
C VAL E 78 -4.36 -31.51 -1.98
N TYR E 79 -5.45 -31.89 -2.68
CA TYR E 79 -6.76 -32.04 -2.07
C TYR E 79 -7.16 -33.52 -2.05
N PHE E 88 -14.43 -44.82 -11.36
CA PHE E 88 -13.38 -43.87 -11.83
C PHE E 88 -13.91 -43.15 -13.06
N VAL E 89 -13.78 -41.82 -13.08
CA VAL E 89 -14.22 -41.01 -14.22
C VAL E 89 -13.10 -40.03 -14.59
N LEU E 90 -12.93 -39.80 -15.90
CA LEU E 90 -11.98 -38.83 -16.41
C LEU E 90 -12.66 -37.46 -16.48
N LYS E 91 -12.05 -36.47 -15.82
CA LYS E 91 -12.65 -35.14 -15.72
C LYS E 91 -11.68 -34.07 -16.25
N SER E 92 -12.25 -32.92 -16.65
CA SER E 92 -11.48 -31.76 -17.06
C SER E 92 -11.51 -30.73 -15.93
N GLU E 93 -10.69 -30.97 -14.91
CA GLU E 93 -10.66 -30.16 -13.70
C GLU E 93 -9.88 -28.86 -13.94
N ARG E 94 -8.87 -28.93 -14.81
CA ARG E 94 -8.06 -27.79 -15.23
C ARG E 94 -7.28 -27.23 -14.05
N LYS E 95 -6.48 -28.09 -13.41
CA LYS E 95 -5.78 -27.77 -12.18
C LYS E 95 -4.50 -26.99 -12.46
N TYR E 96 -3.97 -27.12 -13.69
CA TYR E 96 -2.77 -26.41 -14.11
C TYR E 96 -2.98 -24.90 -13.91
N LEU E 97 -4.13 -24.39 -14.42
CA LEU E 97 -4.47 -22.99 -14.36
C LEU E 97 -4.92 -22.63 -12.94
N GLN E 98 -5.57 -23.57 -12.25
CA GLN E 98 -6.13 -23.34 -10.93
C GLN E 98 -5.02 -23.07 -9.91
N PHE E 99 -3.97 -23.91 -9.92
CA PHE E 99 -2.89 -23.82 -8.95
C PHE E 99 -2.07 -22.56 -9.18
N ALA E 100 -1.95 -22.14 -10.45
CA ALA E 100 -1.23 -20.94 -10.81
C ALA E 100 -1.93 -19.70 -10.26
N LEU E 101 -3.26 -19.64 -10.43
CA LEU E 101 -4.07 -18.52 -9.96
C LEU E 101 -4.09 -18.48 -8.44
N ASP E 102 -4.17 -19.64 -7.79
CA ASP E 102 -4.21 -19.75 -6.34
C ASP E 102 -2.88 -19.26 -5.75
N ALA E 103 -1.77 -19.72 -6.32
CA ALA E 103 -0.43 -19.41 -5.83
C ALA E 103 -0.08 -17.95 -6.10
N ALA E 104 -0.50 -17.45 -7.26
CA ALA E 104 -0.22 -16.07 -7.67
C ALA E 104 -0.98 -15.09 -6.78
N GLU E 105 -2.12 -15.53 -6.25
CA GLU E 105 -2.92 -14.73 -5.34
C GLU E 105 -2.20 -14.58 -4.00
N MET E 106 -1.63 -15.70 -3.53
CA MET E 106 -0.93 -15.73 -2.25
C MET E 106 0.33 -14.86 -2.32
N ALA E 107 1.04 -14.97 -3.45
CA ALA E 107 2.33 -14.33 -3.63
C ALA E 107 2.17 -12.81 -3.72
N MET E 108 1.13 -12.35 -4.43
CA MET E 108 0.87 -10.94 -4.61
C MET E 108 0.34 -10.33 -3.32
N GLN E 109 -0.40 -11.13 -2.54
CA GLN E 109 -0.87 -10.71 -1.22
C GLN E 109 0.30 -10.61 -0.25
N ASP E 110 1.24 -11.58 -0.36
CA ASP E 110 2.41 -11.64 0.51
C ASP E 110 3.37 -10.50 0.18
N ALA E 111 3.54 -10.22 -1.13
CA ALA E 111 4.37 -9.13 -1.60
C ALA E 111 3.80 -7.78 -1.16
N ASN E 112 2.45 -7.70 -1.15
CA ASN E 112 1.73 -6.54 -0.62
C ASN E 112 2.04 -5.29 -1.44
N LEU E 113 2.15 -5.44 -2.75
CA LEU E 113 2.32 -4.31 -3.66
C LEU E 113 1.01 -3.54 -3.76
N ARG E 114 1.10 -2.29 -4.21
CA ARG E 114 -0.07 -1.47 -4.49
C ARG E 114 0.10 -0.79 -5.85
N PRO E 115 -1.02 -0.38 -6.50
CA PRO E 115 -0.98 0.23 -7.84
C PRO E 115 0.13 1.25 -8.10
N SER E 116 0.48 2.04 -7.06
CA SER E 116 1.54 3.03 -7.16
C SER E 116 2.88 2.38 -7.47
N ASP E 117 3.14 1.22 -6.85
CA ASP E 117 4.41 0.53 -6.96
C ASP E 117 4.47 -0.27 -8.26
N ILE E 118 3.34 -0.87 -8.66
CA ILE E 118 3.27 -1.70 -9.84
C ILE E 118 3.17 -0.82 -11.08
N ASP E 119 4.29 -0.69 -11.80
CA ASP E 119 4.31 -0.10 -13.13
C ASP E 119 4.16 -1.24 -14.14
N GLY E 120 3.06 -1.20 -14.91
CA GLY E 120 2.68 -2.28 -15.82
C GLY E 120 3.77 -2.63 -16.83
N ARG E 121 4.47 -1.61 -17.33
CA ARG E 121 5.47 -1.77 -18.38
C ARG E 121 6.77 -2.31 -17.79
N ARG E 122 6.88 -2.29 -16.45
CA ARG E 122 8.06 -2.77 -15.75
C ARG E 122 7.71 -3.99 -14.90
N PHE E 123 6.61 -4.68 -15.25
CA PHE E 123 6.11 -5.80 -14.49
C PHE E 123 5.75 -6.95 -15.44
N GLY E 124 6.51 -8.05 -15.35
CA GLY E 124 6.35 -9.18 -16.25
C GLY E 124 6.02 -10.48 -15.50
N VAL E 125 5.82 -11.57 -16.26
CA VAL E 125 5.44 -12.87 -15.72
C VAL E 125 6.23 -13.97 -16.42
N ALA E 126 6.60 -15.00 -15.65
CA ALA E 126 7.28 -16.17 -16.19
C ALA E 126 6.88 -17.42 -15.41
N ILE E 127 5.74 -18.01 -15.81
CA ILE E 127 5.27 -19.27 -15.23
C ILE E 127 5.62 -20.39 -16.21
N ALA E 128 6.38 -21.38 -15.71
CA ALA E 128 6.85 -22.50 -16.52
C ALA E 128 6.06 -23.76 -16.20
N THR E 129 6.22 -24.80 -17.01
CA THR E 129 5.50 -26.08 -16.82
C THR E 129 6.10 -27.18 -17.70
N ALA E 130 5.89 -28.44 -17.33
CA ALA E 130 6.42 -29.54 -18.17
C ALA E 130 5.33 -30.05 -19.11
N ILE E 131 4.11 -30.32 -18.63
CA ILE E 131 3.06 -30.88 -19.51
C ILE E 131 1.87 -29.93 -19.72
N ALA E 132 1.69 -28.91 -18.89
CA ALA E 132 0.68 -27.86 -19.15
C ALA E 132 -0.73 -28.33 -19.50
N ASP E 133 -1.48 -28.88 -18.55
CA ASP E 133 -2.89 -29.33 -18.78
C ASP E 133 -3.02 -30.47 -19.78
N ALA E 134 -2.16 -31.47 -19.62
CA ALA E 134 -2.19 -32.75 -20.37
C ALA E 134 -3.47 -33.52 -20.05
N ALA E 135 -3.95 -33.42 -18.82
CA ALA E 135 -5.18 -34.10 -18.34
C ALA E 135 -6.40 -33.60 -19.11
N GLY E 136 -6.41 -32.31 -19.38
CA GLY E 136 -7.41 -31.62 -20.19
C GLY E 136 -7.37 -32.05 -21.65
N MET E 137 -6.16 -32.21 -22.19
CA MET E 137 -5.96 -32.60 -23.57
C MET E 137 -6.30 -34.08 -23.75
N GLU E 138 -6.14 -34.86 -22.69
CA GLU E 138 -6.43 -36.31 -22.73
C GLU E 138 -7.92 -36.54 -22.56
N GLU E 139 -8.62 -35.68 -21.81
CA GLU E 139 -10.06 -35.77 -21.66
C GLU E 139 -10.75 -35.48 -22.99
N CYS E 140 -10.21 -34.50 -23.72
CA CYS E 140 -10.72 -34.12 -25.03
C CYS E 140 -10.65 -35.30 -26.00
N LEU E 141 -9.48 -35.97 -26.04
CA LEU E 141 -9.20 -37.03 -27.00
C LEU E 141 -10.14 -38.23 -26.79
N LEU E 142 -10.32 -38.64 -25.53
CA LEU E 142 -11.07 -39.85 -25.20
C LEU E 142 -12.57 -39.61 -25.29
N ARG E 143 -13.01 -38.36 -25.08
CA ARG E 143 -14.41 -38.01 -25.17
C ARG E 143 -14.88 -38.04 -26.63
N ILE E 144 -14.08 -37.44 -27.52
CA ILE E 144 -14.45 -37.29 -28.93
C ILE E 144 -14.33 -38.62 -29.66
N THR E 145 -13.55 -39.57 -29.11
CA THR E 145 -13.34 -40.87 -29.73
C THR E 145 -14.17 -41.95 -29.05
N LYS E 146 -15.04 -41.54 -28.11
CA LYS E 146 -15.94 -42.43 -27.39
C LYS E 146 -15.16 -43.54 -26.68
N GLY E 147 -14.23 -43.12 -25.81
CA GLY E 147 -13.50 -44.03 -24.94
C GLY E 147 -12.29 -44.67 -25.63
N GLY E 148 -11.78 -44.02 -26.68
CA GLY E 148 -10.60 -44.45 -27.40
C GLY E 148 -10.85 -45.73 -28.22
N LYS E 149 -12.10 -45.92 -28.66
CA LYS E 149 -12.51 -47.13 -29.35
C LYS E 149 -12.70 -46.87 -30.84
N GLU E 150 -13.00 -45.61 -31.21
CA GLU E 150 -13.35 -45.24 -32.57
C GLU E 150 -12.45 -44.11 -33.05
N ASN E 151 -12.71 -43.64 -34.28
CA ASN E 151 -12.08 -42.45 -34.83
C ASN E 151 -12.70 -41.20 -34.19
N ILE E 152 -12.09 -40.04 -34.43
CA ILE E 152 -12.51 -38.78 -33.83
C ILE E 152 -13.79 -38.29 -34.50
N HIS E 153 -14.69 -37.74 -33.67
CA HIS E 153 -15.93 -37.11 -34.10
C HIS E 153 -15.79 -35.59 -34.03
N PRO E 154 -15.69 -34.89 -35.19
CA PRO E 154 -15.58 -33.43 -35.19
C PRO E 154 -16.68 -32.67 -34.46
N ASP E 155 -17.90 -33.23 -34.43
CA ASP E 155 -19.04 -32.58 -33.81
C ASP E 155 -18.88 -32.49 -32.29
N LEU E 156 -18.16 -33.45 -31.70
CA LEU E 156 -18.01 -33.54 -30.25
C LEU E 156 -16.94 -32.58 -29.74
N ILE E 157 -16.11 -32.04 -30.63
CA ILE E 157 -15.07 -31.09 -30.25
C ILE E 157 -15.72 -29.75 -29.92
N LYS E 158 -15.60 -29.33 -28.66
CA LYS E 158 -16.17 -28.08 -28.19
C LYS E 158 -15.14 -26.95 -28.35
N SER E 159 -15.60 -25.71 -28.13
CA SER E 159 -14.75 -24.53 -28.19
C SER E 159 -13.82 -24.42 -26.97
N GLU E 160 -14.21 -25.09 -25.87
CA GLU E 160 -13.44 -25.10 -24.63
C GLU E 160 -12.16 -25.92 -24.78
N ASP E 161 -12.17 -26.89 -25.70
CA ASP E 161 -11.12 -27.88 -25.83
C ASP E 161 -9.79 -27.26 -26.28
N TYR E 162 -9.86 -26.18 -27.08
CA TYR E 162 -8.69 -25.56 -27.69
C TYR E 162 -7.81 -24.90 -26.63
N ASP E 163 -8.43 -24.43 -25.53
CA ASP E 163 -7.74 -23.71 -24.48
C ASP E 163 -6.89 -24.67 -23.63
N SER E 164 -7.18 -25.98 -23.74
CA SER E 164 -6.42 -27.00 -23.04
C SER E 164 -5.05 -27.19 -23.70
N PHE E 165 -4.96 -26.86 -25.01
CA PHE E 165 -3.74 -27.03 -25.77
C PHE E 165 -2.84 -25.79 -25.65
N ASP E 166 -3.38 -24.72 -25.05
CA ASP E 166 -2.60 -23.54 -24.71
C ASP E 166 -1.65 -23.89 -23.57
N PHE E 167 -0.34 -23.87 -23.86
CA PHE E 167 0.69 -24.19 -22.88
C PHE E 167 0.86 -23.06 -21.87
N SER E 168 0.70 -21.81 -22.34
CA SER E 168 0.89 -20.63 -21.52
C SER E 168 -0.44 -20.04 -21.05
N SER E 169 -1.30 -20.91 -20.50
CA SER E 169 -2.59 -20.50 -19.95
C SER E 169 -2.38 -19.78 -18.62
N ALA E 170 -1.50 -20.35 -17.79
CA ALA E 170 -1.19 -19.83 -16.47
C ALA E 170 -0.50 -18.48 -16.58
N ALA E 171 0.42 -18.36 -17.56
CA ALA E 171 1.25 -17.18 -17.74
C ALA E 171 0.39 -15.97 -18.11
N THR E 172 -0.52 -16.14 -19.08
CA THR E 172 -1.30 -15.06 -19.65
C THR E 172 -2.42 -14.63 -18.70
N SER E 173 -3.03 -15.61 -18.03
CA SER E 173 -4.15 -15.36 -17.13
C SER E 173 -3.74 -14.57 -15.89
N VAL E 174 -2.56 -14.91 -15.35
CA VAL E 174 -1.99 -14.23 -14.21
C VAL E 174 -1.54 -12.83 -14.62
N ALA E 175 -1.01 -12.72 -15.84
CA ALA E 175 -0.57 -11.45 -16.39
C ALA E 175 -1.73 -10.48 -16.58
N LYS E 176 -2.88 -11.00 -17.04
CA LYS E 176 -4.06 -10.20 -17.29
C LYS E 176 -4.70 -9.74 -15.98
N LYS E 177 -4.65 -10.60 -14.96
CA LYS E 177 -5.30 -10.33 -13.68
C LYS E 177 -4.64 -9.18 -12.94
N TYR E 178 -3.30 -9.07 -13.05
CA TYR E 178 -2.52 -8.15 -12.23
C TYR E 178 -1.89 -7.02 -13.05
N GLY E 179 -2.19 -7.00 -14.37
CA GLY E 179 -1.79 -5.90 -15.24
C GLY E 179 -0.29 -5.91 -15.56
N ALA E 180 0.24 -7.10 -15.90
CA ALA E 180 1.61 -7.26 -16.32
C ALA E 180 1.70 -7.03 -17.83
N SER E 181 2.51 -6.03 -18.23
CA SER E 181 2.61 -5.64 -19.63
C SER E 181 4.04 -5.68 -20.19
N MET E 182 4.95 -6.33 -19.46
CA MET E 182 6.37 -6.26 -19.76
C MET E 182 6.82 -7.47 -20.57
N SER E 183 6.55 -8.68 -20.07
CA SER E 183 6.99 -9.91 -20.73
C SER E 183 6.29 -11.11 -20.11
N VAL E 184 5.51 -11.81 -20.93
CA VAL E 184 4.81 -13.02 -20.51
C VAL E 184 5.39 -14.19 -21.30
N SER E 185 5.93 -15.18 -20.57
CA SER E 185 6.64 -16.28 -21.18
C SER E 185 6.38 -17.61 -20.46
N ASN E 186 6.51 -18.71 -21.20
CA ASN E 186 6.36 -20.05 -20.68
C ASN E 186 7.51 -20.93 -21.19
N ILE E 187 8.45 -21.25 -20.30
CA ILE E 187 9.61 -22.13 -20.59
C ILE E 187 9.18 -23.57 -20.35
N SER E 188 9.46 -24.50 -21.27
CA SER E 188 8.97 -25.90 -21.15
C SER E 188 10.09 -26.92 -21.02
N THR E 189 11.21 -26.57 -20.42
CA THR E 189 12.34 -27.53 -20.40
C THR E 189 12.19 -28.63 -19.34
N GLY E 190 11.03 -29.29 -19.30
CA GLY E 190 10.77 -30.42 -18.39
C GLY E 190 10.81 -30.07 -16.93
N CYS E 191 11.58 -30.82 -16.16
CA CYS E 191 11.73 -30.62 -14.71
C CYS E 191 12.68 -29.54 -14.31
N ALA E 192 13.32 -28.89 -15.27
CA ALA E 192 14.23 -27.76 -15.01
C ALA E 192 13.53 -26.46 -15.40
N ALA E 193 12.27 -26.54 -15.79
CA ALA E 193 11.51 -25.38 -16.28
C ALA E 193 11.33 -24.33 -15.19
N GLY E 194 11.09 -24.76 -13.95
CA GLY E 194 10.85 -23.84 -12.84
C GLY E 194 11.99 -22.90 -12.57
N LEU E 195 13.22 -23.43 -12.48
CA LEU E 195 14.42 -22.64 -12.24
C LEU E 195 14.71 -21.75 -13.45
N ASP E 196 14.49 -22.29 -14.65
CA ASP E 196 14.73 -21.56 -15.90
C ASP E 196 13.83 -20.33 -15.97
N ALA E 197 12.65 -20.43 -15.36
CA ALA E 197 11.69 -19.32 -15.29
C ALA E 197 12.18 -18.27 -14.29
N LEU E 198 12.79 -18.73 -13.19
CA LEU E 198 13.34 -17.83 -12.19
C LEU E 198 14.61 -17.18 -12.74
N GLY E 199 15.34 -17.94 -13.57
CA GLY E 199 16.59 -17.49 -14.18
C GLY E 199 16.37 -16.35 -15.17
N ILE E 200 15.38 -16.51 -16.05
CA ILE E 200 15.04 -15.51 -17.05
C ILE E 200 14.40 -14.30 -16.37
N ALA E 201 13.67 -14.55 -15.27
CA ALA E 201 13.03 -13.50 -14.50
C ALA E 201 14.07 -12.65 -13.77
N MET E 202 15.12 -13.30 -13.27
CA MET E 202 16.23 -12.63 -12.59
C MET E 202 16.95 -11.71 -13.57
N GLU E 203 17.11 -12.17 -14.82
CA GLU E 203 17.84 -11.44 -15.84
C GLU E 203 17.07 -10.20 -16.28
N HIS E 204 15.74 -10.28 -16.31
CA HIS E 204 14.90 -9.15 -16.67
C HIS E 204 15.06 -8.02 -15.66
N ILE E 205 15.18 -8.39 -14.38
CA ILE E 205 15.32 -7.42 -13.30
C ILE E 205 16.74 -6.86 -13.28
N ARG E 206 17.73 -7.75 -13.47
CA ARG E 206 19.13 -7.40 -13.31
C ARG E 206 19.59 -6.39 -14.37
N TYR E 207 19.09 -6.54 -15.61
CA TYR E 207 19.57 -5.74 -16.73
C TYR E 207 18.62 -4.61 -17.09
N GLY E 208 17.76 -4.22 -16.13
CA GLY E 208 17.01 -2.96 -16.20
C GLY E 208 15.86 -2.97 -17.21
N ARG E 209 15.14 -4.11 -17.30
CA ARG E 209 14.00 -4.24 -18.18
C ARG E 209 12.70 -4.24 -17.36
N ALA E 210 12.79 -4.76 -16.13
CA ALA E 210 11.64 -4.83 -15.24
C ALA E 210 12.06 -4.50 -13.81
N ASP E 211 11.08 -4.05 -13.01
CA ASP E 211 11.27 -3.75 -11.60
C ASP E 211 10.68 -4.88 -10.76
N ILE E 212 9.50 -5.38 -11.16
CA ILE E 212 8.84 -6.51 -10.52
C ILE E 212 8.74 -7.64 -11.54
N MET E 213 8.70 -8.89 -11.05
CA MET E 213 8.61 -10.06 -11.91
C MET E 213 8.00 -11.24 -11.15
N LEU E 214 6.84 -11.71 -11.62
CA LEU E 214 6.13 -12.86 -11.05
C LEU E 214 6.59 -14.12 -11.76
N ALA E 215 7.49 -14.88 -11.11
CA ALA E 215 8.09 -16.07 -11.70
C ALA E 215 7.74 -17.31 -10.87
N GLY E 216 7.76 -18.48 -11.53
CA GLY E 216 7.48 -19.74 -10.88
C GLY E 216 7.13 -20.84 -11.87
N ALA E 217 6.38 -21.85 -11.41
CA ALA E 217 5.95 -22.98 -12.22
C ALA E 217 4.74 -23.67 -11.61
N SER E 218 3.86 -24.20 -12.48
CA SER E 218 2.65 -24.90 -12.08
C SER E 218 2.53 -26.24 -12.82
N GLU E 219 1.99 -27.25 -12.13
CA GLU E 219 1.93 -28.61 -12.67
C GLU E 219 0.74 -29.37 -12.10
N ALA E 220 0.06 -30.12 -12.98
CA ALA E 220 -1.04 -30.99 -12.59
C ALA E 220 -0.98 -32.29 -13.40
N PRO E 221 0.02 -33.16 -13.15
CA PRO E 221 0.20 -34.39 -13.93
C PRO E 221 -0.32 -35.68 -13.28
N LEU E 222 -1.28 -35.53 -12.38
CA LEU E 222 -1.86 -36.71 -11.71
C LEU E 222 -3.01 -37.24 -12.56
N CYS E 223 -2.69 -37.59 -13.79
CA CYS E 223 -3.67 -38.14 -14.75
C CYS E 223 -3.06 -39.39 -15.40
N PRO E 224 -3.84 -40.30 -16.00
CA PRO E 224 -3.29 -41.53 -16.56
C PRO E 224 -2.31 -41.32 -17.72
N LEU E 225 -2.54 -40.32 -18.54
CA LEU E 225 -1.63 -40.10 -19.67
C LEU E 225 -0.23 -39.80 -19.14
N SER E 226 -0.13 -38.94 -18.14
CA SER E 226 1.15 -38.54 -17.49
C SER E 226 1.73 -39.62 -16.59
N ILE E 227 0.92 -40.23 -15.74
CA ILE E 227 1.42 -41.30 -14.84
C ILE E 227 1.83 -42.52 -15.68
N GLY E 228 1.09 -42.79 -16.76
CA GLY E 228 1.38 -43.93 -17.64
C GLY E 228 2.72 -43.79 -18.32
N SER E 229 3.03 -42.61 -18.84
CA SER E 229 4.28 -42.44 -19.51
C SER E 229 5.43 -42.71 -18.62
N PHE E 230 5.37 -42.23 -17.38
CA PHE E 230 6.45 -42.49 -16.40
C PHE E 230 6.48 -43.96 -15.97
N GLU E 231 5.31 -44.56 -15.78
CA GLU E 231 5.27 -46.00 -15.38
C GLU E 231 5.83 -46.85 -16.51
N ALA E 232 5.53 -46.49 -17.76
CA ALA E 232 6.08 -47.20 -18.93
C ALA E 232 7.59 -47.04 -19.00
N LEU E 233 8.09 -45.83 -18.77
CA LEU E 233 9.52 -45.46 -18.82
C LEU E 233 10.34 -46.18 -17.76
N GLY E 234 9.76 -46.37 -16.58
CA GLY E 234 10.48 -47.01 -15.46
C GLY E 234 10.97 -45.99 -14.46
N ALA E 235 10.65 -44.72 -14.69
CA ALA E 235 11.02 -43.59 -13.81
C ALA E 235 10.32 -43.66 -12.46
N LEU E 236 9.07 -44.11 -12.45
CA LEU E 236 8.23 -44.14 -11.23
C LEU E 236 8.61 -45.28 -10.29
N SER E 237 8.26 -45.13 -9.02
CA SER E 237 8.45 -46.13 -7.98
C SER E 237 7.40 -47.24 -8.10
N SER E 238 7.87 -48.49 -8.07
CA SER E 238 7.01 -49.65 -8.30
C SER E 238 7.14 -50.81 -7.31
N ARG E 239 7.97 -50.67 -6.27
CA ARG E 239 8.22 -51.75 -5.33
C ARG E 239 7.06 -51.90 -4.35
N GLU E 240 6.94 -53.10 -3.75
CA GLU E 240 5.85 -53.46 -2.86
C GLU E 240 6.07 -52.81 -1.49
N LEU E 241 5.06 -52.09 -1.01
CA LEU E 241 5.13 -51.36 0.26
C LEU E 241 3.75 -51.31 0.92
N GLU E 242 3.73 -51.48 2.25
CA GLU E 242 2.54 -51.23 3.05
C GLU E 242 2.50 -49.75 3.42
N ASN E 243 3.61 -49.24 3.95
CA ASN E 243 3.82 -47.82 4.15
C ASN E 243 4.13 -47.19 2.79
N GLN E 244 3.09 -46.68 2.13
CA GLN E 244 3.17 -46.20 0.76
C GLN E 244 3.78 -44.79 0.73
N GLN E 245 3.80 -44.12 1.88
CA GLN E 245 4.38 -42.79 2.01
C GLN E 245 5.90 -42.84 1.81
N ALA E 246 6.50 -44.00 2.08
CA ALA E 246 7.95 -44.16 2.07
C ALA E 246 8.45 -44.68 0.72
N ALA E 247 7.66 -44.45 -0.32
CA ALA E 247 8.03 -44.86 -1.69
C ALA E 247 9.06 -43.88 -2.22
N THR E 248 8.92 -42.60 -1.84
CA THR E 248 9.91 -41.58 -2.24
C THR E 248 10.87 -41.44 -1.08
N CYS E 249 12.08 -41.93 -1.27
CA CYS E 249 13.07 -41.92 -0.19
C CYS E 249 14.43 -41.59 -0.77
N PRO E 250 14.71 -40.33 -1.15
CA PRO E 250 15.99 -39.98 -1.74
C PRO E 250 17.24 -40.39 -0.95
N PHE E 251 18.30 -40.76 -1.69
CA PHE E 251 19.63 -41.09 -1.18
C PHE E 251 19.62 -42.36 -0.32
N SER E 252 18.70 -43.28 -0.59
CA SER E 252 18.63 -44.55 0.12
C SER E 252 18.77 -45.71 -0.86
N LEU E 253 19.18 -46.88 -0.36
CA LEU E 253 19.33 -48.07 -1.20
C LEU E 253 17.97 -48.56 -1.68
N GLU E 254 16.92 -48.26 -0.92
CA GLU E 254 15.59 -48.81 -1.15
C GLU E 254 14.89 -48.14 -2.33
N ARG E 255 15.40 -46.98 -2.71
CA ARG E 255 14.82 -46.10 -3.74
C ARG E 255 14.83 -46.75 -5.11
N ASP E 256 13.65 -46.79 -5.73
CA ASP E 256 13.47 -47.38 -7.08
C ASP E 256 12.76 -46.39 -8.01
N GLY E 257 12.62 -45.14 -7.64
CA GLY E 257 11.97 -44.22 -8.59
C GLY E 257 11.26 -43.10 -7.90
N PHE E 258 10.72 -42.17 -8.68
CA PHE E 258 10.07 -40.97 -8.13
C PHE E 258 8.56 -41.08 -7.96
N VAL E 259 8.06 -40.60 -6.82
CA VAL E 259 6.63 -40.51 -6.63
C VAL E 259 6.15 -39.21 -7.27
N ILE E 260 5.21 -39.32 -8.21
CA ILE E 260 4.72 -38.17 -8.97
C ILE E 260 3.77 -37.35 -8.09
N ALA E 261 3.74 -36.03 -8.35
CA ALA E 261 2.96 -35.10 -7.55
C ALA E 261 2.45 -33.95 -8.43
N GLU E 262 1.58 -33.11 -7.84
CA GLU E 262 1.09 -31.90 -8.48
C GLU E 262 1.33 -30.71 -7.56
N GLY E 263 1.12 -29.49 -8.10
CA GLY E 263 1.20 -28.29 -7.30
C GLY E 263 1.74 -27.09 -8.08
N CYS E 264 2.01 -25.99 -7.35
CA CYS E 264 2.50 -24.76 -7.93
C CYS E 264 3.28 -23.96 -6.89
N GLY E 265 4.36 -23.31 -7.36
CA GLY E 265 5.11 -22.34 -6.58
C GLY E 265 5.30 -21.05 -7.36
N ILE E 266 5.15 -19.91 -6.66
CA ILE E 266 5.28 -18.59 -7.27
C ILE E 266 6.15 -17.71 -6.36
N LEU E 267 7.15 -17.07 -6.96
CA LEU E 267 7.99 -16.09 -6.28
C LEU E 267 7.77 -14.72 -6.91
N ILE E 268 7.54 -13.71 -6.08
CA ILE E 268 7.57 -12.32 -6.52
C ILE E 268 9.00 -11.83 -6.42
N LEU E 269 9.67 -11.71 -7.56
CA LEU E 269 11.01 -11.13 -7.62
C LEU E 269 10.88 -9.65 -7.92
N GLU E 270 11.79 -8.85 -7.33
CA GLU E 270 11.90 -7.44 -7.68
C GLU E 270 13.30 -6.91 -7.38
N SER E 271 13.59 -5.72 -7.91
CA SER E 271 14.87 -5.05 -7.72
C SER E 271 15.03 -4.68 -6.24
N TYR E 272 16.26 -4.83 -5.74
CA TYR E 272 16.61 -4.49 -4.37
C TYR E 272 16.25 -3.04 -4.08
N GLU E 273 16.53 -2.16 -5.05
CA GLU E 273 16.29 -0.74 -4.93
C GLU E 273 14.79 -0.45 -4.86
N HIS E 274 14.01 -1.19 -5.66
CA HIS E 274 12.56 -1.04 -5.69
C HIS E 274 11.94 -1.58 -4.39
N ALA E 275 12.55 -2.64 -3.85
CA ALA E 275 12.05 -3.32 -2.66
C ALA E 275 12.24 -2.44 -1.42
N LYS E 276 13.40 -1.76 -1.34
CA LYS E 276 13.77 -1.01 -0.16
C LYS E 276 12.98 0.30 -0.08
N GLN E 277 12.60 0.84 -1.25
CA GLN E 277 11.90 2.12 -1.33
C GLN E 277 10.50 2.00 -0.72
N ARG E 278 9.80 0.91 -1.05
CA ARG E 278 8.40 0.75 -0.69
C ARG E 278 8.24 0.09 0.68
N GLY E 279 9.37 -0.24 1.32
CA GLY E 279 9.36 -0.86 2.64
C GLY E 279 8.86 -2.31 2.59
N ALA E 280 9.34 -3.05 1.58
CA ALA E 280 8.92 -4.42 1.35
C ALA E 280 9.78 -5.38 2.17
N HIS E 281 9.15 -6.47 2.65
CA HIS E 281 9.87 -7.55 3.30
C HIS E 281 10.65 -8.34 2.25
N ILE E 282 11.90 -8.67 2.58
CA ILE E 282 12.77 -9.41 1.69
C ILE E 282 13.14 -10.74 2.35
N TYR E 283 12.83 -11.84 1.66
CA TYR E 283 13.14 -13.18 2.15
C TYR E 283 14.61 -13.49 1.92
N ALA E 284 15.08 -13.28 0.67
CA ALA E 284 16.44 -13.59 0.28
C ALA E 284 16.79 -12.89 -1.04
N GLU E 285 18.07 -12.98 -1.42
CA GLU E 285 18.58 -12.47 -2.69
C GLU E 285 18.80 -13.65 -3.63
N LEU E 286 18.22 -13.55 -4.84
CA LEU E 286 18.51 -14.50 -5.91
C LEU E 286 19.78 -14.05 -6.60
N ALA E 287 20.91 -14.64 -6.21
CA ALA E 287 22.23 -14.09 -6.48
C ALA E 287 22.71 -14.39 -7.90
N GLY E 288 22.53 -15.64 -8.37
CA GLY E 288 23.02 -16.04 -9.68
C GLY E 288 22.23 -17.19 -10.29
N TYR E 289 22.49 -17.45 -11.57
CA TYR E 289 21.80 -18.49 -12.34
C TYR E 289 22.71 -19.05 -13.43
N ALA E 290 22.57 -20.35 -13.70
CA ALA E 290 23.28 -21.02 -14.79
C ALA E 290 22.53 -22.28 -15.21
N SER E 291 22.72 -22.67 -16.48
CA SER E 291 22.14 -23.89 -17.04
C SER E 291 23.05 -24.49 -18.12
N VAL E 292 23.04 -25.83 -18.22
CA VAL E 292 23.86 -26.56 -19.19
C VAL E 292 23.10 -27.78 -19.69
N ASN E 293 23.68 -28.41 -20.71
CA ASN E 293 23.19 -29.69 -21.26
C ASN E 293 24.32 -30.66 -21.04
N ASN E 294 24.03 -31.84 -20.53
CA ASN E 294 25.04 -32.88 -20.31
C ASN E 294 25.39 -33.57 -21.61
N ALA E 295 24.43 -33.58 -22.56
CA ALA E 295 24.56 -34.17 -23.88
C ALA E 295 24.89 -35.67 -23.79
N TYR E 296 24.25 -36.35 -22.83
CA TYR E 296 24.55 -37.73 -22.49
C TYR E 296 23.42 -38.64 -22.96
N HIS E 297 22.22 -38.38 -22.45
CA HIS E 297 21.01 -39.16 -22.75
C HIS E 297 19.81 -38.23 -22.67
N MET E 298 18.59 -38.76 -22.77
CA MET E 298 17.40 -37.89 -22.71
C MET E 298 16.79 -38.08 -21.35
N THR E 299 16.90 -39.28 -20.78
CA THR E 299 16.36 -39.46 -19.42
C THR E 299 17.46 -39.95 -18.48
N ASP E 300 18.50 -40.57 -19.02
CA ASP E 300 19.63 -41.11 -18.20
C ASP E 300 20.51 -39.97 -17.69
N LEU E 301 21.16 -40.19 -16.54
CA LEU E 301 22.06 -39.18 -15.92
C LEU E 301 23.38 -39.86 -15.60
N PRO E 302 24.55 -39.33 -16.02
CA PRO E 302 25.85 -39.96 -15.75
C PRO E 302 26.31 -39.97 -14.29
N ALA E 303 27.02 -41.02 -13.88
CA ALA E 303 27.48 -41.13 -12.50
C ALA E 303 28.53 -40.07 -12.19
N ASP E 304 29.22 -39.58 -13.24
CA ASP E 304 30.31 -38.63 -13.08
C ASP E 304 29.82 -37.30 -12.52
N GLY E 305 28.72 -36.80 -13.09
CA GLY E 305 28.13 -35.52 -12.68
C GLY E 305 28.99 -34.32 -13.06
N MET E 306 29.57 -34.36 -14.26
CA MET E 306 30.49 -33.34 -14.74
C MET E 306 29.72 -32.08 -15.12
N ALA E 307 28.57 -32.25 -15.78
CA ALA E 307 27.78 -31.15 -16.30
C ALA E 307 27.17 -30.35 -15.16
N MET E 308 26.59 -31.07 -14.18
CA MET E 308 25.98 -30.45 -13.01
C MET E 308 27.05 -29.70 -12.20
N ALA E 309 28.24 -30.30 -12.10
CA ALA E 309 29.37 -29.71 -11.40
C ALA E 309 29.81 -28.42 -12.11
N ARG E 310 29.81 -28.45 -13.44
CA ARG E 310 30.18 -27.29 -14.26
C ARG E 310 29.11 -26.21 -14.12
N CYS E 311 27.85 -26.64 -13.99
CA CYS E 311 26.70 -25.74 -13.86
C CYS E 311 26.76 -24.99 -12.53
N ILE E 312 27.26 -25.67 -11.49
CA ILE E 312 27.39 -25.08 -10.16
C ILE E 312 28.45 -23.97 -10.20
N ASP E 313 29.53 -24.22 -10.93
CA ASP E 313 30.63 -23.26 -11.08
C ASP E 313 30.12 -21.97 -11.74
N MET E 314 29.34 -22.13 -12.82
CA MET E 314 28.90 -21.00 -13.62
C MET E 314 27.89 -20.16 -12.85
N ALA E 315 27.07 -20.81 -12.01
CA ALA E 315 26.07 -20.12 -11.20
C ALA E 315 26.76 -19.26 -10.14
N LEU E 316 27.84 -19.80 -9.55
CA LEU E 316 28.61 -19.08 -8.54
C LEU E 316 29.43 -17.97 -9.20
N LYS E 317 29.91 -18.21 -10.41
CA LYS E 317 30.62 -17.20 -11.19
C LYS E 317 29.65 -16.08 -11.58
N ASP E 318 28.40 -16.45 -11.89
CA ASP E 318 27.36 -15.51 -12.27
C ASP E 318 26.97 -14.64 -11.08
N ALA E 319 26.92 -15.27 -9.89
CA ALA E 319 26.58 -14.59 -8.65
C ALA E 319 27.76 -13.77 -8.14
N GLN E 320 28.98 -14.11 -8.57
CA GLN E 320 30.22 -13.47 -8.15
C GLN E 320 30.46 -13.77 -6.67
N ILE E 321 30.35 -15.06 -6.32
CA ILE E 321 30.53 -15.56 -4.96
C ILE E 321 31.48 -16.76 -5.02
N SER E 322 32.28 -16.94 -3.96
CA SER E 322 33.19 -18.06 -3.84
C SER E 322 32.46 -19.34 -3.44
N PRO E 323 32.86 -20.52 -3.97
CA PRO E 323 32.35 -21.81 -3.50
C PRO E 323 32.51 -22.09 -2.00
N SER E 324 33.48 -21.43 -1.37
CA SER E 324 33.74 -21.57 0.06
C SER E 324 32.54 -21.23 0.94
N THR E 325 31.75 -20.24 0.51
CA THR E 325 30.68 -19.68 1.32
C THR E 325 29.44 -20.57 1.32
N VAL E 326 29.37 -21.52 0.37
CA VAL E 326 28.22 -22.42 0.27
C VAL E 326 28.19 -23.32 1.51
N ASN E 327 27.06 -23.29 2.23
CA ASN E 327 26.90 -24.08 3.45
C ASN E 327 25.53 -24.76 3.48
N TYR E 328 24.83 -24.79 2.35
CA TYR E 328 23.56 -25.50 2.22
C TYR E 328 23.22 -25.72 0.75
N ILE E 329 22.75 -26.93 0.44
CA ILE E 329 22.33 -27.28 -0.91
C ILE E 329 20.94 -27.91 -0.86
N SER E 330 19.98 -27.27 -1.53
CA SER E 330 18.67 -27.86 -1.75
C SER E 330 18.78 -28.68 -3.05
N ALA E 331 19.03 -29.98 -2.93
CA ALA E 331 19.25 -30.87 -4.09
C ALA E 331 17.95 -31.25 -4.80
N HIS E 332 18.05 -31.77 -6.02
CA HIS E 332 16.87 -32.21 -6.80
C HIS E 332 16.23 -33.44 -6.14
N GLY E 333 17.04 -34.46 -5.86
CA GLY E 333 16.62 -35.69 -5.19
C GLY E 333 15.31 -36.25 -5.69
N SER E 334 15.28 -36.69 -6.94
CA SER E 334 14.04 -37.27 -7.54
C SER E 334 13.63 -38.56 -6.84
N SER E 335 14.59 -39.36 -6.40
CA SER E 335 14.54 -40.69 -5.74
C SER E 335 14.79 -41.84 -6.74
N THR E 336 15.22 -41.48 -7.94
CA THR E 336 15.67 -42.47 -8.93
C THR E 336 17.11 -42.83 -8.60
N ALA E 337 17.54 -44.04 -8.88
CA ALA E 337 18.93 -44.45 -8.55
C ALA E 337 19.96 -43.61 -9.31
N GLN E 338 19.70 -43.27 -10.55
CA GLN E 338 20.70 -42.50 -11.31
C GLN E 338 20.87 -41.06 -10.85
N ASN E 339 19.79 -40.33 -10.59
CA ASN E 339 19.88 -38.89 -10.24
C ASN E 339 20.56 -38.66 -8.91
N ASP E 340 20.25 -39.46 -7.90
CA ASP E 340 20.82 -39.26 -6.55
C ASP E 340 22.35 -39.41 -6.53
N ILE E 341 22.90 -40.36 -7.28
CA ILE E 341 24.33 -40.59 -7.43
C ILE E 341 24.95 -39.41 -8.18
N ASN E 342 24.30 -39.02 -9.28
CA ASN E 342 24.73 -37.94 -10.15
C ASN E 342 24.99 -36.67 -9.34
N GLU E 343 24.05 -36.33 -8.44
CA GLU E 343 24.11 -35.11 -7.65
C GLU E 343 25.19 -35.22 -6.58
N SER E 344 25.29 -36.41 -5.97
CA SER E 344 26.25 -36.66 -4.90
C SER E 344 27.68 -36.48 -5.39
N ASN E 345 27.96 -37.00 -6.60
CA ASN E 345 29.28 -36.94 -7.20
C ASN E 345 29.56 -35.53 -7.73
N ALA E 346 28.51 -34.85 -8.19
CA ALA E 346 28.63 -33.51 -8.76
C ALA E 346 28.99 -32.50 -7.66
N ILE E 347 28.41 -32.68 -6.47
CA ILE E 347 28.67 -31.80 -5.33
C ILE E 347 30.11 -32.01 -4.85
N LYS E 348 30.57 -33.27 -4.89
CA LYS E 348 31.93 -33.61 -4.50
C LYS E 348 32.93 -33.02 -5.48
N PHE E 349 32.57 -33.01 -6.77
CA PHE E 349 33.47 -32.59 -7.84
C PHE E 349 33.79 -31.09 -7.71
N VAL E 350 32.78 -30.30 -7.34
CA VAL E 350 32.89 -28.86 -7.33
C VAL E 350 33.39 -28.34 -5.97
N LEU E 351 33.02 -29.03 -4.88
CA LEU E 351 33.32 -28.53 -3.54
C LEU E 351 34.48 -29.30 -2.89
N GLY E 352 34.73 -30.53 -3.36
CA GLY E 352 35.82 -31.34 -2.81
C GLY E 352 35.44 -31.99 -1.48
N GLU E 353 36.35 -31.90 -0.50
CA GLU E 353 36.18 -32.53 0.80
C GLU E 353 35.21 -31.74 1.67
N SER E 354 34.96 -30.47 1.31
CA SER E 354 34.07 -29.61 2.07
C SER E 354 32.60 -30.00 1.94
N ALA E 355 32.30 -30.89 0.98
CA ALA E 355 30.94 -31.33 0.69
C ALA E 355 30.37 -32.15 1.84
N PHE E 356 31.26 -32.82 2.59
CA PHE E 356 30.86 -33.70 3.68
C PHE E 356 30.36 -32.89 4.87
N GLY E 357 30.91 -31.68 5.04
CA GLY E 357 30.50 -30.78 6.11
C GLY E 357 29.14 -30.13 5.83
N ILE E 358 28.81 -29.96 4.54
CA ILE E 358 27.64 -29.20 4.12
C ILE E 358 26.39 -30.06 4.23
N PRO E 359 25.31 -29.57 4.90
CA PRO E 359 24.02 -30.25 4.88
C PRO E 359 23.29 -30.11 3.54
N ILE E 360 22.74 -31.24 3.07
CA ILE E 360 21.97 -31.32 1.83
C ILE E 360 20.58 -31.86 2.17
N ASN E 361 19.58 -31.59 1.32
CA ASN E 361 18.25 -32.17 1.54
C ASN E 361 17.44 -32.25 0.24
N SER E 362 16.37 -33.05 0.30
CA SER E 362 15.41 -33.21 -0.79
C SER E 362 14.00 -33.08 -0.22
N LEU E 363 13.22 -32.14 -0.77
CA LEU E 363 11.85 -31.89 -0.34
C LEU E 363 10.93 -32.96 -0.93
N LYS E 364 11.41 -33.66 -1.96
CA LYS E 364 10.60 -34.65 -2.68
C LYS E 364 10.33 -35.87 -1.80
N SER E 365 11.10 -36.00 -0.70
CA SER E 365 10.85 -37.02 0.30
C SER E 365 9.47 -36.84 0.94
N MET E 366 9.01 -35.58 1.02
CA MET E 366 7.71 -35.24 1.58
C MET E 366 6.73 -34.92 0.46
N THR E 367 7.09 -33.96 -0.41
CA THR E 367 6.15 -33.33 -1.32
C THR E 367 5.92 -34.15 -2.59
N GLY E 368 6.87 -35.03 -2.91
CA GLY E 368 6.81 -35.84 -4.14
C GLY E 368 7.42 -35.08 -5.31
N HIS E 369 7.33 -35.63 -6.51
CA HIS E 369 7.94 -34.94 -7.67
C HIS E 369 6.85 -34.33 -8.56
N ALA E 370 6.86 -33.02 -8.71
CA ALA E 370 5.82 -32.29 -9.46
C ALA E 370 6.37 -31.72 -10.75
N LEU E 371 7.41 -32.34 -11.29
CA LEU E 371 8.05 -31.93 -12.55
C LEU E 371 8.55 -30.49 -12.46
N ALA E 372 8.12 -29.59 -13.32
CA ALA E 372 8.60 -28.18 -13.27
C ALA E 372 8.20 -27.49 -11.97
N ALA E 373 7.04 -27.82 -11.40
CA ALA E 373 6.55 -27.22 -10.15
C ALA E 373 7.45 -27.55 -8.96
N ALA E 374 8.16 -28.66 -8.97
CA ALA E 374 9.02 -29.08 -7.86
C ALA E 374 10.11 -28.04 -7.63
N ASN E 375 10.68 -27.50 -8.68
CA ASN E 375 11.74 -26.49 -8.55
C ASN E 375 11.21 -25.24 -7.88
N ALA E 376 9.99 -24.86 -8.21
CA ALA E 376 9.35 -23.62 -7.70
C ALA E 376 8.85 -23.80 -6.27
N ILE E 377 8.33 -24.98 -5.93
CA ILE E 377 7.88 -25.30 -4.59
C ILE E 377 9.08 -25.36 -3.65
N GLU E 378 10.20 -25.91 -4.13
CA GLU E 378 11.43 -26.01 -3.38
C GLU E 378 12.08 -24.63 -3.22
N SER E 379 11.89 -23.77 -4.22
CA SER E 379 12.41 -22.41 -4.20
C SER E 379 11.70 -21.56 -3.15
N VAL E 380 10.39 -21.82 -2.97
CA VAL E 380 9.59 -21.16 -1.94
C VAL E 380 10.07 -21.63 -0.57
N ALA E 381 10.30 -22.94 -0.45
CA ALA E 381 10.77 -23.56 0.78
C ALA E 381 12.16 -23.04 1.12
N LEU E 382 12.99 -22.87 0.09
CA LEU E 382 14.37 -22.40 0.22
C LEU E 382 14.39 -21.01 0.84
N CYS E 383 13.44 -20.16 0.44
CA CYS E 383 13.34 -18.80 0.94
C CYS E 383 12.92 -18.80 2.41
N LEU E 384 12.02 -19.72 2.78
CA LEU E 384 11.55 -19.84 4.14
C LEU E 384 12.65 -20.40 5.05
N GLU E 385 13.48 -21.27 4.48
CA GLU E 385 14.61 -21.86 5.19
C GLU E 385 15.64 -20.78 5.52
N ILE E 386 15.96 -19.94 4.52
CA ILE E 386 16.95 -18.87 4.67
C ILE E 386 16.44 -17.83 5.68
N GLU E 387 15.14 -17.53 5.62
CA GLU E 387 14.51 -16.54 6.47
C GLU E 387 14.55 -16.99 7.94
N LYS E 388 14.21 -18.26 8.18
CA LYS E 388 13.97 -18.77 9.52
C LYS E 388 15.19 -19.49 10.10
N GLN E 389 16.28 -19.58 9.32
CA GLN E 389 17.52 -20.21 9.73
C GLN E 389 17.26 -21.65 10.20
N TYR E 390 16.52 -22.40 9.38
CA TYR E 390 16.16 -23.78 9.65
C TYR E 390 16.22 -24.57 8.34
N VAL E 391 16.60 -25.85 8.44
CA VAL E 391 16.70 -26.72 7.26
C VAL E 391 15.83 -27.94 7.48
N HIS E 392 14.91 -28.19 6.54
CA HIS E 392 14.00 -29.33 6.61
C HIS E 392 14.76 -30.62 6.36
N PRO E 393 14.29 -31.78 6.88
CA PRO E 393 15.00 -33.05 6.70
C PRO E 393 14.66 -33.74 5.39
N THR E 394 15.44 -34.79 5.09
CA THR E 394 15.11 -35.75 4.04
C THR E 394 14.50 -36.97 4.71
N ILE E 395 13.16 -37.08 4.65
CA ILE E 395 12.45 -38.10 5.40
C ILE E 395 12.54 -39.44 4.67
N ASN E 396 12.14 -40.51 5.37
CA ASN E 396 12.08 -41.87 4.87
C ASN E 396 13.49 -42.42 4.58
N TYR E 397 14.50 -41.89 5.28
CA TYR E 397 15.86 -42.34 5.11
C TYR E 397 16.06 -43.68 5.82
N GLN E 398 16.35 -44.73 5.04
CA GLN E 398 16.39 -46.09 5.54
C GLN E 398 17.84 -46.57 5.67
N THR E 399 18.37 -47.15 4.59
CA THR E 399 19.71 -47.71 4.57
C THR E 399 20.64 -46.78 3.78
N PRO E 400 21.84 -46.43 4.32
CA PRO E 400 22.82 -45.66 3.55
C PRO E 400 23.28 -46.36 2.28
N ASP E 401 23.31 -45.60 1.17
CA ASP E 401 23.89 -46.04 -0.08
C ASP E 401 25.37 -45.70 -0.07
N PRO E 402 26.27 -46.68 -0.35
CA PRO E 402 27.71 -46.42 -0.47
C PRO E 402 28.12 -45.25 -1.37
N ASP E 403 27.34 -45.01 -2.44
CA ASP E 403 27.64 -43.98 -3.41
C ASP E 403 27.15 -42.62 -2.93
N CYS E 404 25.93 -42.59 -2.37
CA CYS E 404 25.37 -41.38 -1.79
C CYS E 404 25.77 -41.30 -0.31
N ASP E 405 26.92 -40.66 -0.04
CA ASP E 405 27.54 -40.73 1.27
C ASP E 405 27.79 -39.33 1.87
N LEU E 406 26.94 -38.36 1.52
CA LEU E 406 27.01 -37.03 2.07
C LEU E 406 25.97 -36.90 3.19
N ASP E 407 25.96 -35.76 3.89
CA ASP E 407 25.02 -35.52 4.98
C ASP E 407 23.71 -35.00 4.39
N TYR E 408 22.65 -35.82 4.47
CA TYR E 408 21.38 -35.51 3.82
C TYR E 408 20.30 -35.09 4.82
N ILE E 409 20.68 -34.87 6.08
CA ILE E 409 19.77 -34.48 7.15
C ILE E 409 18.64 -35.50 7.25
N PRO E 410 18.91 -36.73 7.75
CA PRO E 410 17.91 -37.79 7.75
C PRO E 410 16.86 -37.59 8.84
N ASN E 411 15.58 -37.54 8.43
CA ASN E 411 14.42 -37.71 9.29
C ASN E 411 14.16 -36.46 10.15
N GLN E 412 15.11 -36.10 11.02
CA GLN E 412 14.98 -34.94 11.88
C GLN E 412 15.73 -33.76 11.26
N GLY E 413 15.04 -32.60 11.18
CA GLY E 413 15.65 -31.35 10.75
C GLY E 413 16.31 -30.63 11.93
N CYS E 414 16.89 -29.44 11.67
CA CYS E 414 17.58 -28.70 12.70
C CYS E 414 17.78 -27.23 12.31
N SER E 415 18.10 -26.41 13.31
CA SER E 415 18.48 -25.01 13.11
C SER E 415 19.89 -24.96 12.53
N TYR E 416 20.07 -24.07 11.54
CA TYR E 416 21.33 -23.96 10.82
C TYR E 416 21.46 -22.56 10.22
N PRO E 417 22.61 -21.88 10.41
CA PRO E 417 22.81 -20.53 9.86
C PRO E 417 23.14 -20.56 8.36
N ILE E 418 22.10 -20.44 7.53
CA ILE E 418 22.25 -20.50 6.08
C ILE E 418 22.77 -19.15 5.58
N LYS E 419 23.93 -19.19 4.92
CA LYS E 419 24.59 -17.99 4.43
C LYS E 419 24.40 -17.88 2.91
N THR E 420 24.94 -18.87 2.18
CA THR E 420 24.80 -18.97 0.74
C THR E 420 24.27 -20.36 0.39
N ALA E 421 23.11 -20.40 -0.26
CA ALA E 421 22.45 -21.66 -0.58
C ALA E 421 22.46 -21.91 -2.09
N LEU E 422 22.55 -23.19 -2.46
CA LEU E 422 22.43 -23.64 -3.84
C LEU E 422 21.12 -24.41 -3.99
N LYS E 423 20.50 -24.28 -5.17
CA LYS E 423 19.33 -25.07 -5.52
C LYS E 423 19.58 -25.73 -6.88
N LEU E 424 19.75 -27.04 -6.85
CA LEU E 424 20.08 -27.86 -8.03
C LEU E 424 18.82 -28.42 -8.70
N SER E 425 18.80 -28.47 -10.02
CA SER E 425 17.71 -29.08 -10.81
C SER E 425 18.27 -29.86 -11.96
N SER E 426 17.63 -30.97 -12.28
CA SER E 426 17.98 -31.82 -13.41
C SER E 426 16.68 -32.17 -14.06
N GLY E 427 16.78 -32.30 -15.37
CA GLY E 427 15.59 -32.59 -16.16
C GLY E 427 15.82 -33.64 -17.22
N PHE E 428 14.77 -33.88 -18.01
CA PHE E 428 14.88 -34.68 -19.25
C PHE E 428 15.47 -33.73 -20.31
N SER E 429 16.05 -34.31 -21.35
CA SER E 429 16.82 -33.67 -22.44
C SER E 429 18.19 -33.28 -21.91
N GLY E 430 18.65 -33.98 -20.87
CA GLY E 430 19.95 -33.75 -20.24
C GLY E 430 20.13 -32.33 -19.77
N ILE E 431 19.09 -31.74 -19.17
CA ILE E 431 19.19 -30.32 -18.74
C ILE E 431 19.51 -30.21 -17.26
N HIS E 432 20.61 -29.53 -16.96
CA HIS E 432 20.93 -29.17 -15.59
C HIS E 432 20.76 -27.66 -15.41
N SER E 433 20.26 -27.25 -14.23
CA SER E 433 20.05 -25.85 -13.92
C SER E 433 20.25 -25.59 -12.44
N VAL E 434 20.90 -24.46 -12.12
CA VAL E 434 21.27 -24.10 -10.75
C VAL E 434 20.96 -22.63 -10.50
N ILE E 435 20.57 -22.31 -9.25
CA ILE E 435 20.48 -20.94 -8.77
C ILE E 435 21.22 -20.82 -7.44
N VAL E 436 21.75 -19.62 -7.18
CA VAL E 436 22.42 -19.31 -5.92
C VAL E 436 21.53 -18.35 -5.12
N MET E 437 21.06 -18.81 -3.96
CA MET E 437 20.28 -17.97 -3.06
C MET E 437 21.15 -17.55 -1.88
N ARG E 438 20.81 -16.41 -1.28
CA ARG E 438 21.70 -15.67 -0.39
C ARG E 438 20.88 -14.79 0.54
N ALA E 439 21.28 -14.76 1.82
CA ALA E 439 20.58 -13.98 2.84
C ALA E 439 20.91 -12.50 2.70
N VAL E 440 19.89 -11.64 2.89
CA VAL E 440 20.05 -10.20 2.80
C VAL E 440 20.33 -9.64 4.19
N ASP E 441 21.05 -8.51 4.22
CA ASP E 441 21.45 -7.85 5.47
C ASP E 441 20.22 -7.19 6.11
N ARG F 2 27.96 -5.76 -23.25
CA ARG F 2 27.10 -6.38 -24.30
C ARG F 2 27.95 -6.68 -25.54
N LYS F 3 27.39 -7.53 -26.42
CA LYS F 3 28.04 -7.92 -27.66
C LYS F 3 27.00 -8.05 -28.78
N ARG F 4 27.44 -7.80 -30.02
CA ARG F 4 26.57 -7.75 -31.18
C ARG F 4 26.37 -9.14 -31.77
N VAL F 5 25.13 -9.43 -32.20
CA VAL F 5 24.73 -10.73 -32.73
C VAL F 5 24.48 -10.60 -34.23
N VAL F 6 24.86 -11.65 -34.99
CA VAL F 6 24.69 -11.68 -36.43
C VAL F 6 24.17 -13.06 -36.86
N VAL F 7 23.50 -13.10 -38.03
CA VAL F 7 22.99 -14.32 -38.63
C VAL F 7 23.99 -14.80 -39.68
N THR F 8 24.50 -16.02 -39.49
CA THR F 8 25.51 -16.59 -40.38
C THR F 8 24.91 -17.67 -41.29
N GLY F 9 23.79 -18.28 -40.86
CA GLY F 9 23.17 -19.34 -41.63
C GLY F 9 21.69 -19.53 -41.29
N VAL F 10 20.91 -20.00 -42.27
CA VAL F 10 19.48 -20.24 -42.10
C VAL F 10 19.07 -21.51 -42.85
N GLY F 11 17.99 -22.14 -42.37
CA GLY F 11 17.43 -23.33 -42.99
C GLY F 11 16.00 -23.60 -42.52
N ALA F 12 15.17 -24.16 -43.41
CA ALA F 12 13.76 -24.38 -43.13
C ALA F 12 13.13 -25.38 -44.10
N ILE F 13 11.94 -25.89 -43.74
CA ILE F 13 11.11 -26.72 -44.59
C ILE F 13 9.65 -26.28 -44.49
N HIS F 14 8.89 -26.49 -45.58
CA HIS F 14 7.55 -25.96 -45.74
C HIS F 14 6.85 -26.69 -46.88
N PRO F 15 5.49 -26.73 -46.95
CA PRO F 15 4.81 -27.23 -48.14
C PRO F 15 5.17 -26.54 -49.47
N ASP F 16 5.60 -25.28 -49.40
CA ASP F 16 6.02 -24.52 -50.58
C ASP F 16 7.36 -25.05 -51.09
N GLY F 17 8.27 -25.38 -50.17
CA GLY F 17 9.58 -25.90 -50.52
C GLY F 17 10.34 -26.49 -49.33
N ASN F 18 11.29 -27.39 -49.63
CA ASN F 18 12.03 -28.14 -48.62
C ASN F 18 13.42 -27.52 -48.40
N ASP F 19 13.61 -26.26 -48.79
CA ASP F 19 14.84 -25.53 -48.55
C ASP F 19 14.58 -24.02 -48.63
N VAL F 20 15.57 -23.22 -48.18
CA VAL F 20 15.43 -21.78 -48.04
C VAL F 20 15.22 -21.10 -49.39
N THR F 21 15.86 -21.62 -50.45
CA THR F 21 15.79 -21.02 -51.78
C THR F 21 14.43 -21.31 -52.43
N ALA F 22 13.96 -22.56 -52.29
CA ALA F 22 12.72 -23.02 -52.91
C ALA F 22 11.51 -22.29 -52.32
N ILE F 23 11.56 -21.99 -51.02
CA ILE F 23 10.48 -21.29 -50.33
C ILE F 23 10.48 -19.83 -50.75
N LYS F 24 11.67 -19.21 -50.81
CA LYS F 24 11.81 -17.78 -51.06
C LYS F 24 11.31 -17.43 -52.45
N SER F 25 11.55 -18.32 -53.42
CA SER F 25 11.14 -18.11 -54.81
C SER F 25 9.62 -18.08 -54.97
N LYS F 26 8.94 -18.94 -54.20
CA LYS F 26 7.48 -19.05 -54.25
C LYS F 26 6.83 -17.86 -53.56
N VAL F 27 7.48 -17.36 -52.49
CA VAL F 27 7.00 -16.19 -51.77
C VAL F 27 7.09 -14.97 -52.68
N ILE F 28 8.15 -14.92 -53.52
CA ILE F 28 8.34 -13.82 -54.46
C ILE F 28 7.27 -13.90 -55.56
N GLN F 29 6.92 -15.12 -55.97
CA GLN F 29 5.93 -15.35 -57.01
C GLN F 29 4.56 -14.86 -56.54
N LYS F 30 4.12 -15.33 -55.38
CA LYS F 30 2.76 -15.13 -54.90
C LYS F 30 2.54 -13.68 -54.45
N LEU F 31 3.62 -13.00 -54.07
CA LEU F 31 3.56 -11.58 -53.71
C LEU F 31 3.25 -10.75 -54.96
N LEU F 32 3.77 -11.20 -56.11
CA LEU F 32 3.42 -10.62 -57.40
C LEU F 32 2.23 -11.40 -57.98
N SER F 43 -13.67 -23.79 -45.24
CA SER F 43 -13.01 -24.16 -43.98
C SER F 43 -11.49 -24.11 -44.15
N SER F 44 -10.77 -24.09 -43.02
CA SER F 44 -9.32 -24.08 -42.99
C SER F 44 -8.77 -25.49 -43.19
N ILE F 45 -7.53 -25.57 -43.68
CA ILE F 45 -6.86 -26.85 -43.94
C ILE F 45 -5.42 -26.79 -43.40
N ILE F 46 -4.80 -27.97 -43.30
CA ILE F 46 -3.44 -28.12 -42.81
C ILE F 46 -2.58 -28.74 -43.91
N ARG F 47 -1.74 -27.91 -44.54
CA ARG F 47 -0.90 -28.32 -45.65
C ARG F 47 0.30 -29.10 -45.12
N THR F 48 0.55 -30.27 -45.71
CA THR F 48 1.63 -31.16 -45.31
C THR F 48 2.84 -30.96 -46.23
N LEU F 49 3.97 -31.56 -45.84
CA LEU F 49 5.20 -31.51 -46.62
C LEU F 49 5.07 -32.41 -47.84
N SER F 50 5.60 -31.93 -48.98
CA SER F 50 5.61 -32.69 -50.22
C SER F 50 7.03 -33.19 -50.50
N ASP F 51 7.13 -34.48 -50.84
CA ASP F 51 8.36 -35.13 -51.25
C ASP F 51 9.38 -35.11 -50.10
N PHE F 52 8.98 -35.66 -48.96
CA PHE F 52 9.80 -35.69 -47.76
C PHE F 52 9.74 -37.09 -47.14
N ASP F 53 10.91 -37.65 -46.80
CA ASP F 53 11.02 -39.01 -46.29
C ASP F 53 11.24 -38.98 -44.78
N GLY F 54 12.37 -38.39 -44.36
CA GLY F 54 12.79 -38.43 -42.96
C GLY F 54 14.04 -39.28 -42.78
N ALA F 55 14.04 -40.46 -43.42
CA ALA F 55 15.19 -41.37 -43.44
C ALA F 55 16.33 -40.75 -44.24
N LYS F 56 16.00 -39.75 -45.06
CA LYS F 56 16.95 -39.01 -45.88
C LYS F 56 17.97 -38.28 -45.01
N TYR F 57 17.60 -38.02 -43.75
CA TYR F 57 18.43 -37.25 -42.85
C TYR F 57 18.72 -38.04 -41.56
N ILE F 58 17.66 -38.45 -40.86
CA ILE F 58 17.77 -39.00 -39.52
C ILE F 58 17.93 -40.51 -39.56
N ASN F 59 18.67 -41.04 -38.57
CA ASN F 59 18.96 -42.46 -38.38
C ASN F 59 17.67 -43.19 -37.95
N ASN F 60 17.52 -44.44 -38.39
CA ASN F 60 16.30 -45.22 -38.20
C ASN F 60 16.11 -45.62 -36.74
N ARG F 61 17.22 -45.85 -36.01
CA ARG F 61 17.16 -46.23 -34.61
C ARG F 61 16.65 -45.05 -33.77
N LEU F 62 17.02 -43.82 -34.18
CA LEU F 62 16.59 -42.60 -33.52
C LEU F 62 15.17 -42.23 -33.97
N ARG F 63 14.87 -42.46 -35.25
CA ARG F 63 13.62 -42.01 -35.87
C ARG F 63 12.41 -42.69 -35.21
N ARG F 64 12.57 -43.95 -34.81
CA ARG F 64 11.49 -44.74 -34.24
C ARG F 64 11.16 -44.26 -32.82
N LYS F 65 12.06 -43.45 -32.23
CA LYS F 65 11.91 -42.96 -30.87
C LYS F 65 11.17 -41.63 -30.87
N ILE F 66 11.45 -40.76 -31.86
CA ILE F 66 11.07 -39.36 -31.82
C ILE F 66 9.85 -39.08 -32.69
N ASP F 67 9.25 -37.89 -32.48
CA ASP F 67 8.07 -37.41 -33.18
C ASP F 67 8.49 -36.59 -34.39
N GLU F 68 7.53 -36.36 -35.30
CA GLU F 68 7.75 -35.65 -36.55
C GLU F 68 8.19 -34.20 -36.32
N PHE F 69 7.79 -33.59 -35.20
CA PHE F 69 8.17 -32.21 -34.92
C PHE F 69 9.65 -32.13 -34.56
N SER F 70 10.16 -33.19 -33.91
CA SER F 70 11.59 -33.31 -33.61
C SER F 70 12.37 -33.56 -34.89
N VAL F 71 11.75 -34.28 -35.84
CA VAL F 71 12.36 -34.61 -37.10
C VAL F 71 12.57 -33.34 -37.93
N TYR F 72 11.56 -32.47 -37.95
CA TYR F 72 11.58 -31.27 -38.77
C TYR F 72 12.63 -30.29 -38.25
N GLY F 73 12.82 -30.24 -36.92
CA GLY F 73 13.80 -29.39 -36.29
C GLY F 73 15.23 -29.82 -36.62
N ILE F 74 15.46 -31.14 -36.68
CA ILE F 74 16.77 -31.71 -36.91
C ILE F 74 17.22 -31.41 -38.34
N VAL F 75 16.30 -31.54 -39.31
CA VAL F 75 16.61 -31.32 -40.72
C VAL F 75 16.81 -29.83 -40.99
N ALA F 76 16.15 -28.98 -40.18
CA ALA F 76 16.23 -27.54 -40.32
C ALA F 76 17.61 -27.03 -39.92
N VAL F 77 18.13 -27.53 -38.78
CA VAL F 77 19.42 -27.11 -38.27
C VAL F 77 20.54 -27.71 -39.14
N GLU F 78 20.30 -28.88 -39.72
CA GLU F 78 21.27 -29.54 -40.58
C GLU F 78 21.54 -28.69 -41.81
N MET F 79 20.48 -28.04 -42.32
CA MET F 79 20.58 -27.14 -43.45
C MET F 79 21.20 -25.82 -43.00
N ALA F 80 20.83 -25.38 -41.80
CA ALA F 80 21.26 -24.09 -41.25
C ALA F 80 22.76 -24.10 -40.96
N LEU F 81 23.25 -25.22 -40.39
CA LEU F 81 24.66 -25.36 -40.06
C LEU F 81 25.50 -25.48 -41.32
N LYS F 82 24.92 -26.08 -42.37
CA LYS F 82 25.60 -26.27 -43.64
C LYS F 82 25.75 -24.93 -44.35
N ALA F 83 24.75 -24.05 -44.16
CA ALA F 83 24.74 -22.74 -44.79
C ALA F 83 25.78 -21.82 -44.14
N SER F 84 25.98 -21.99 -42.83
CA SER F 84 26.91 -21.17 -42.06
C SER F 84 28.38 -21.53 -42.28
N ARG F 85 28.63 -22.76 -42.72
CA ARG F 85 29.96 -23.33 -42.95
C ARG F 85 30.76 -23.36 -41.65
N LEU F 86 30.11 -23.81 -40.56
CA LEU F 86 30.78 -24.06 -39.29
C LEU F 86 31.38 -25.46 -39.32
N ASP F 87 32.69 -25.56 -39.05
CA ASP F 87 33.31 -26.83 -38.77
C ASP F 87 32.95 -27.24 -37.34
N VAL F 88 32.00 -28.18 -37.22
CA VAL F 88 31.40 -28.54 -35.95
C VAL F 88 32.42 -29.15 -35.00
N ASP F 89 33.46 -29.81 -35.56
CA ASP F 89 34.50 -30.46 -34.78
C ASP F 89 35.41 -29.43 -34.12
N LYS F 90 35.44 -28.20 -34.66
CA LYS F 90 36.33 -27.16 -34.19
C LYS F 90 35.63 -26.24 -33.19
N LEU F 91 34.28 -26.27 -33.16
CA LEU F 91 33.51 -25.47 -32.22
C LEU F 91 33.54 -26.12 -30.84
N ASP F 92 33.72 -25.28 -29.81
CA ASP F 92 33.65 -25.72 -28.42
C ASP F 92 32.19 -25.96 -28.06
N PRO F 93 31.81 -27.16 -27.57
CA PRO F 93 30.41 -27.45 -27.25
C PRO F 93 29.84 -26.63 -26.09
N ASN F 94 30.73 -26.15 -25.22
CA ASN F 94 30.34 -25.36 -24.06
C ASN F 94 29.90 -23.95 -24.48
N ARG F 95 30.28 -23.56 -25.71
CA ARG F 95 30.02 -22.22 -26.19
C ARG F 95 28.94 -22.22 -27.27
N VAL F 96 28.14 -23.30 -27.35
CA VAL F 96 27.07 -23.42 -28.31
C VAL F 96 25.80 -23.91 -27.62
N GLY F 97 24.69 -23.19 -27.82
CA GLY F 97 23.40 -23.51 -27.22
C GLY F 97 22.29 -23.70 -28.26
N ILE F 98 21.11 -24.11 -27.79
CA ILE F 98 19.96 -24.43 -28.64
C ILE F 98 18.69 -23.82 -28.04
N TYR F 99 18.05 -22.91 -28.79
CA TYR F 99 16.80 -22.30 -28.38
C TYR F 99 15.68 -22.73 -29.32
N VAL F 100 14.55 -23.17 -28.73
CA VAL F 100 13.48 -23.81 -29.49
C VAL F 100 12.14 -23.16 -29.14
N GLY F 101 11.24 -23.13 -30.13
CA GLY F 101 9.85 -22.74 -29.93
C GLY F 101 8.90 -23.82 -30.44
N ASN F 102 8.00 -24.28 -29.58
CA ASN F 102 7.07 -25.36 -29.92
C ASN F 102 5.86 -25.32 -28.98
N CYS F 103 4.66 -25.26 -29.56
CA CYS F 103 3.43 -25.07 -28.81
C CYS F 103 2.68 -26.39 -28.61
N PHE F 104 2.45 -27.12 -29.72
CA PHE F 104 1.50 -28.22 -29.73
C PHE F 104 2.12 -29.56 -29.34
N GLY F 105 3.45 -29.62 -29.25
CA GLY F 105 4.14 -30.85 -28.88
C GLY F 105 4.17 -31.86 -30.03
N GLY F 106 4.13 -33.15 -29.67
CA GLY F 106 4.21 -34.22 -30.64
C GLY F 106 3.18 -35.32 -30.37
N TRP F 107 1.95 -35.10 -30.85
CA TRP F 107 0.82 -35.98 -30.60
C TRP F 107 0.89 -37.25 -31.46
N GLN F 108 1.34 -37.09 -32.71
CA GLN F 108 1.36 -38.16 -33.71
C GLN F 108 1.93 -39.45 -33.13
N HIS F 109 2.98 -39.32 -32.35
CA HIS F 109 3.71 -40.48 -31.79
C HIS F 109 2.97 -41.10 -30.61
N ILE F 110 2.11 -40.35 -29.93
CA ILE F 110 1.54 -40.91 -28.68
C ILE F 110 0.03 -41.13 -28.72
N GLU F 111 -0.69 -40.50 -29.65
CA GLU F 111 -2.17 -40.61 -29.73
C GLU F 111 -2.71 -42.04 -29.59
N ASP F 112 -2.20 -42.99 -30.36
CA ASP F 112 -2.74 -44.34 -30.33
C ASP F 112 -2.42 -45.04 -29.01
N GLU F 113 -1.31 -44.64 -28.38
CA GLU F 113 -0.88 -45.21 -27.11
C GLU F 113 -1.69 -44.61 -25.96
N VAL F 114 -2.14 -43.36 -26.12
CA VAL F 114 -2.98 -42.68 -25.14
C VAL F 114 -4.36 -43.35 -25.13
N LYS F 115 -4.86 -43.69 -26.33
CA LYS F 115 -6.17 -44.31 -26.49
C LYS F 115 -6.11 -45.76 -26.04
N ALA F 116 -4.98 -46.43 -26.31
CA ALA F 116 -4.80 -47.83 -25.98
C ALA F 116 -4.70 -48.03 -24.46
N LEU F 117 -4.24 -47.02 -23.76
CA LEU F 117 -4.03 -47.13 -22.30
C LEU F 117 -5.38 -47.30 -21.59
N HIS F 118 -6.47 -46.82 -22.20
CA HIS F 118 -7.80 -46.89 -21.55
C HIS F 118 -8.58 -48.17 -21.88
N ILE F 119 -8.30 -48.80 -23.02
CA ILE F 119 -8.97 -50.03 -23.44
C ILE F 119 -8.16 -51.25 -22.97
N GLU F 120 -6.82 -51.18 -23.09
CA GLU F 120 -5.96 -52.31 -22.76
C GLU F 120 -5.48 -52.18 -21.32
N GLY F 121 -4.76 -51.08 -21.04
CA GLY F 121 -4.06 -50.88 -19.78
C GLY F 121 -2.66 -50.32 -20.01
N ILE F 122 -1.73 -50.62 -19.10
CA ILE F 122 -0.35 -50.16 -19.18
C ILE F 122 0.35 -50.73 -20.41
N LYS F 123 -0.09 -51.93 -20.84
CA LYS F 123 0.54 -52.65 -21.95
C LYS F 123 0.40 -51.86 -23.26
N GLY F 124 -0.58 -50.95 -23.31
CA GLY F 124 -0.83 -50.13 -24.49
C GLY F 124 0.26 -49.07 -24.72
N MET F 125 0.90 -48.62 -23.63
CA MET F 125 1.88 -47.55 -23.69
C MET F 125 3.29 -48.14 -23.77
N GLY F 126 4.15 -47.47 -24.57
CA GLY F 126 5.55 -47.78 -24.66
C GLY F 126 6.39 -46.82 -23.82
N PRO F 127 7.73 -47.01 -23.75
CA PRO F 127 8.59 -46.16 -22.91
C PRO F 127 8.86 -44.75 -23.43
N TYR F 128 8.49 -44.46 -24.68
CA TYR F 128 8.85 -43.15 -25.27
C TYR F 128 7.70 -42.16 -25.24
N VAL F 129 6.64 -42.43 -24.52
CA VAL F 129 5.51 -41.46 -24.46
C VAL F 129 6.01 -40.20 -23.75
N ALA F 130 6.76 -40.40 -22.67
CA ALA F 130 7.27 -39.27 -21.88
C ALA F 130 8.26 -38.44 -22.70
N THR F 131 9.22 -39.13 -23.30
CA THR F 131 10.32 -38.53 -24.07
C THR F 131 9.91 -37.89 -25.39
N ALA F 132 9.04 -38.52 -26.16
CA ALA F 132 8.64 -37.99 -27.50
C ALA F 132 7.71 -36.78 -27.50
N TRP F 133 6.67 -36.81 -26.69
CA TRP F 133 5.64 -35.74 -26.70
C TRP F 133 6.10 -34.37 -26.24
N PHE F 134 6.88 -34.29 -25.16
CA PHE F 134 7.19 -32.96 -24.58
C PHE F 134 7.89 -32.05 -25.58
N PRO F 135 7.56 -30.75 -25.59
CA PRO F 135 8.10 -29.80 -26.54
C PRO F 135 9.62 -29.67 -26.51
N ALA F 136 10.21 -29.86 -25.35
CA ALA F 136 11.67 -29.72 -25.15
C ALA F 136 12.40 -30.98 -25.59
N ALA F 137 11.72 -31.83 -26.34
CA ALA F 137 12.33 -33.08 -26.84
C ALA F 137 13.29 -32.73 -27.97
N LEU F 138 12.89 -31.79 -28.81
CA LEU F 138 13.74 -31.35 -29.90
C LEU F 138 15.06 -30.81 -29.38
N GLN F 139 15.00 -30.01 -28.31
CA GLN F 139 16.16 -29.44 -27.65
C GLN F 139 17.11 -30.55 -27.20
N GLY F 140 16.59 -31.64 -26.70
CA GLY F 140 17.52 -32.68 -26.22
C GLY F 140 18.07 -33.53 -27.32
N GLN F 141 17.25 -33.84 -28.31
CA GLN F 141 17.75 -34.66 -29.40
C GLN F 141 18.87 -33.94 -30.13
N LEU F 142 18.77 -32.60 -30.22
CA LEU F 142 19.76 -31.78 -30.89
C LEU F 142 21.05 -31.73 -30.06
N SER F 143 20.90 -31.84 -28.75
CA SER F 143 22.08 -31.78 -27.86
C SER F 143 22.81 -33.12 -27.86
N LEU F 144 22.15 -34.21 -28.21
CA LEU F 144 22.78 -35.52 -28.30
C LEU F 144 23.53 -35.68 -29.62
N LEU F 145 22.93 -35.21 -30.71
CA LEU F 145 23.50 -35.38 -32.05
C LEU F 145 24.77 -34.54 -32.20
N TYR F 146 24.75 -33.29 -31.71
CA TYR F 146 25.82 -32.33 -31.94
C TYR F 146 26.69 -32.13 -30.69
N GLY F 147 26.18 -32.53 -29.52
CA GLY F 147 26.94 -32.46 -28.28
C GLY F 147 26.99 -31.06 -27.67
N PHE F 148 26.08 -30.18 -28.07
CA PHE F 148 26.07 -28.78 -27.64
C PHE F 148 25.65 -28.70 -26.17
N SER F 149 26.47 -27.99 -25.38
CA SER F 149 26.37 -28.02 -23.92
C SER F 149 26.08 -26.70 -23.21
N ALA F 150 26.00 -25.59 -23.95
CA ALA F 150 25.65 -24.30 -23.38
C ALA F 150 24.16 -24.29 -23.04
N GLN F 151 23.71 -23.22 -22.35
CA GLN F 151 22.33 -23.15 -21.87
C GLN F 151 21.37 -23.18 -23.06
N SER F 152 20.35 -24.05 -22.95
CA SER F 152 19.42 -24.31 -24.03
C SER F 152 17.99 -24.37 -23.49
N LYS F 153 17.09 -23.61 -24.11
CA LYS F 153 15.73 -23.46 -23.62
C LYS F 153 14.71 -23.86 -24.70
N THR F 154 13.48 -24.10 -24.24
CA THR F 154 12.33 -24.34 -25.10
C THR F 154 11.16 -23.52 -24.60
N PHE F 155 10.61 -22.68 -25.48
CA PHE F 155 9.43 -21.88 -25.17
C PHE F 155 8.21 -22.53 -25.80
N SER F 156 7.06 -22.37 -25.13
CA SER F 156 5.79 -22.88 -25.62
C SER F 156 4.68 -21.85 -25.42
N THR F 157 5.06 -20.56 -25.43
CA THR F 157 4.12 -19.46 -25.35
C THR F 157 3.28 -19.46 -26.62
N SER F 158 1.95 -19.39 -26.46
CA SER F 158 1.02 -19.45 -27.58
C SER F 158 1.39 -18.43 -28.66
N ASP F 159 1.73 -18.95 -29.85
CA ASP F 159 1.92 -18.17 -31.08
C ASP F 159 3.30 -17.54 -31.17
N VAL F 160 3.92 -17.22 -30.02
CA VAL F 160 5.11 -16.37 -30.01
C VAL F 160 6.30 -17.11 -29.41
N ALA F 161 6.25 -18.45 -29.43
CA ALA F 161 7.28 -19.28 -28.81
C ALA F 161 8.60 -19.16 -29.56
N GLY F 162 8.53 -19.27 -30.90
CA GLY F 162 9.71 -19.22 -31.74
C GLY F 162 10.32 -17.82 -31.81
N MET F 163 9.46 -16.80 -31.70
CA MET F 163 9.88 -15.41 -31.75
C MET F 163 10.74 -15.09 -30.52
N GLN F 164 10.29 -15.55 -29.35
CA GLN F 164 10.99 -15.35 -28.09
C GLN F 164 12.29 -16.16 -28.08
N ALA F 165 12.27 -17.33 -28.71
CA ALA F 165 13.42 -18.23 -28.77
C ALA F 165 14.61 -17.54 -29.44
N ILE F 166 14.34 -16.80 -30.52
CA ILE F 166 15.37 -16.06 -31.26
C ILE F 166 15.84 -14.89 -30.38
N GLY F 167 14.88 -14.18 -29.79
CA GLY F 167 15.14 -12.97 -29.03
C GLY F 167 16.06 -13.20 -27.84
N TYR F 168 15.76 -14.25 -27.04
CA TYR F 168 16.49 -14.54 -25.82
C TYR F 168 17.79 -15.31 -26.10
N ALA F 169 17.89 -15.90 -27.31
CA ALA F 169 19.12 -16.52 -27.75
C ALA F 169 20.15 -15.44 -28.09
N ALA F 170 19.65 -14.30 -28.59
CA ALA F 170 20.48 -13.14 -28.92
C ALA F 170 21.02 -12.52 -27.62
N GLU F 171 20.18 -12.49 -26.59
CA GLU F 171 20.54 -11.93 -25.29
C GLU F 171 21.60 -12.80 -24.61
N ALA F 172 21.54 -14.11 -24.88
CA ALA F 172 22.51 -15.06 -24.34
C ALA F 172 23.90 -14.79 -24.94
N ILE F 173 23.94 -14.56 -26.26
CA ILE F 173 25.18 -14.28 -26.97
C ILE F 173 25.75 -12.94 -26.51
N SER F 174 24.85 -11.96 -26.30
CA SER F 174 25.25 -10.60 -25.91
C SER F 174 25.92 -10.55 -24.54
N ASN F 175 25.44 -11.39 -23.60
CA ASN F 175 25.91 -11.41 -22.23
C ASN F 175 27.06 -12.42 -22.05
N GLY F 176 27.51 -13.02 -23.15
CA GLY F 176 28.67 -13.90 -23.15
C GLY F 176 28.39 -15.29 -22.56
N VAL F 177 27.16 -15.78 -22.80
CA VAL F 177 26.76 -17.11 -22.37
C VAL F 177 27.26 -18.13 -23.39
N ALA F 178 27.20 -17.78 -24.68
CA ALA F 178 27.66 -18.64 -25.76
C ALA F 178 28.15 -17.81 -26.94
N GLU F 179 28.93 -18.45 -27.82
CA GLU F 179 29.45 -17.83 -29.03
C GLU F 179 28.49 -18.06 -30.19
N VAL F 180 27.81 -19.23 -30.20
CA VAL F 180 26.87 -19.58 -31.26
C VAL F 180 25.56 -20.06 -30.61
N MET F 181 24.44 -19.84 -31.32
CA MET F 181 23.12 -20.28 -30.86
C MET F 181 22.28 -20.74 -32.05
N LEU F 182 21.75 -21.96 -31.96
CA LEU F 182 20.79 -22.49 -32.92
C LEU F 182 19.38 -22.17 -32.42
N CYS F 183 18.85 -21.01 -32.82
CA CYS F 183 17.52 -20.58 -32.42
C CYS F 183 16.54 -20.80 -33.56
N GLY F 184 15.33 -21.27 -33.23
CA GLY F 184 14.31 -21.51 -34.23
C GLY F 184 13.04 -22.13 -33.64
N ALA F 185 12.25 -22.79 -34.51
CA ALA F 185 10.97 -23.36 -34.13
C ALA F 185 10.59 -24.52 -35.06
N SER F 186 9.62 -25.33 -34.61
CA SER F 186 9.10 -26.48 -35.35
C SER F 186 7.71 -26.88 -34.85
N GLU F 187 6.87 -27.38 -35.77
CA GLU F 187 5.51 -27.80 -35.47
C GLU F 187 5.09 -28.98 -36.34
N HIS F 188 4.23 -29.85 -35.78
CA HIS F 188 3.58 -30.93 -36.50
C HIS F 188 2.08 -30.94 -36.18
N LEU F 189 1.26 -30.58 -37.18
CA LEU F 189 -0.17 -30.35 -36.97
C LEU F 189 -1.02 -31.33 -37.76
N SER F 190 -0.43 -32.46 -38.20
CA SER F 190 -1.12 -33.39 -39.08
C SER F 190 -1.90 -34.51 -38.38
N SER F 191 -1.53 -34.81 -37.13
CA SER F 191 -2.12 -35.92 -36.38
C SER F 191 -3.61 -35.72 -36.10
N PRO F 192 -4.40 -36.81 -36.00
CA PRO F 192 -5.87 -36.72 -35.91
C PRO F 192 -6.45 -35.72 -34.91
N LEU F 193 -5.82 -35.61 -33.72
CA LEU F 193 -6.34 -34.80 -32.63
C LEU F 193 -6.19 -33.31 -32.97
N VAL F 194 -4.97 -32.89 -33.30
CA VAL F 194 -4.68 -31.49 -33.58
C VAL F 194 -5.27 -31.09 -34.93
N LYS F 195 -5.43 -32.06 -35.84
CA LYS F 195 -5.98 -31.78 -37.16
C LYS F 195 -7.45 -31.42 -37.04
N ASN F 196 -8.21 -32.25 -36.29
CA ASN F 196 -9.64 -32.06 -36.13
C ASN F 196 -9.92 -30.89 -35.19
N LEU F 197 -8.98 -30.59 -34.30
CA LEU F 197 -9.09 -29.45 -33.40
C LEU F 197 -9.01 -28.15 -34.19
N LEU F 198 -7.97 -28.03 -35.03
CA LEU F 198 -7.68 -26.80 -35.74
C LEU F 198 -8.68 -26.56 -36.89
N GLU F 199 -9.18 -27.66 -37.47
CA GLU F 199 -10.16 -27.58 -38.55
C GLU F 199 -11.45 -26.92 -38.06
N LYS F 200 -11.81 -27.20 -36.80
CA LYS F 200 -13.06 -26.71 -36.24
C LYS F 200 -12.83 -25.40 -35.46
N THR F 201 -12.04 -25.49 -34.38
CA THR F 201 -12.04 -24.47 -33.33
C THR F 201 -11.23 -23.23 -33.73
N SER F 202 -9.96 -23.44 -34.08
CA SER F 202 -8.98 -22.36 -34.20
C SER F 202 -9.31 -21.28 -35.22
N SER F 203 -10.10 -21.64 -36.25
CA SER F 203 -10.48 -20.70 -37.29
C SER F 203 -11.53 -19.71 -36.80
N GLN F 204 -12.40 -20.16 -35.88
CA GLN F 204 -13.61 -19.43 -35.51
C GLN F 204 -13.37 -18.53 -34.30
N LYS F 205 -12.21 -18.65 -33.66
CA LYS F 205 -11.93 -17.92 -32.41
C LYS F 205 -11.61 -16.46 -32.71
N HIS F 206 -11.71 -15.62 -31.67
CA HIS F 206 -11.39 -14.21 -31.75
C HIS F 206 -10.49 -13.81 -30.58
N SER F 207 -9.69 -12.76 -30.79
CA SER F 207 -8.87 -12.18 -29.74
C SER F 207 -9.60 -11.00 -29.13
N GLU F 208 -9.56 -10.90 -27.80
CA GLU F 208 -10.20 -9.81 -27.08
C GLU F 208 -9.42 -8.52 -27.27
N VAL F 209 -8.10 -8.65 -27.53
CA VAL F 209 -7.21 -7.51 -27.72
C VAL F 209 -7.21 -7.08 -29.18
N PHE F 210 -7.05 -8.06 -30.10
CA PHE F 210 -6.77 -7.78 -31.50
C PHE F 210 -8.01 -7.92 -32.40
N GLY F 211 -9.05 -8.59 -31.90
CA GLY F 211 -10.29 -8.72 -32.65
C GLY F 211 -10.38 -10.05 -33.41
N GLU F 212 -11.11 -10.03 -34.53
CA GLU F 212 -11.42 -11.23 -35.31
C GLU F 212 -10.23 -11.63 -36.17
N LYS F 213 -10.12 -12.93 -36.43
CA LYS F 213 -9.07 -13.49 -37.28
C LYS F 213 -9.48 -13.37 -38.76
N GLN F 214 -8.48 -13.29 -39.63
CA GLN F 214 -8.70 -13.36 -41.07
C GLN F 214 -8.90 -14.82 -41.48
N PRO F 215 -9.68 -15.10 -42.55
CA PRO F 215 -9.72 -16.46 -43.12
C PRO F 215 -8.35 -16.89 -43.63
N GLY F 216 -7.96 -18.13 -43.31
CA GLY F 216 -6.66 -18.64 -43.72
C GLY F 216 -6.47 -20.11 -43.35
N ASP F 217 -5.46 -20.73 -43.98
CA ASP F 217 -5.11 -22.12 -43.74
C ASP F 217 -4.03 -22.20 -42.66
N PHE F 218 -3.68 -23.44 -42.28
CA PHE F 218 -2.55 -23.72 -41.41
C PHE F 218 -1.49 -24.48 -42.20
N SER F 219 -0.26 -24.46 -41.69
CA SER F 219 0.84 -25.22 -42.29
C SER F 219 1.81 -25.69 -41.21
N GLU F 220 2.51 -26.78 -41.51
CA GLU F 220 3.48 -27.36 -40.59
C GLU F 220 4.88 -27.32 -41.22
N GLY F 221 5.89 -27.36 -40.35
CA GLY F 221 7.28 -27.34 -40.78
C GLY F 221 8.21 -26.93 -39.65
N ALA F 222 9.38 -26.37 -40.03
CA ALA F 222 10.37 -25.91 -39.08
C ALA F 222 11.27 -24.87 -39.74
N ALA F 223 11.86 -23.99 -38.92
CA ALA F 223 12.77 -22.97 -39.38
C ALA F 223 13.78 -22.64 -38.27
N PHE F 224 15.06 -22.55 -38.63
CA PHE F 224 16.13 -22.30 -37.68
C PHE F 224 17.16 -21.34 -38.26
N LEU F 225 17.78 -20.55 -37.36
CA LEU F 225 18.86 -19.63 -37.70
C LEU F 225 20.12 -20.07 -36.96
N VAL F 226 21.28 -19.65 -37.49
CA VAL F 226 22.55 -19.77 -36.80
C VAL F 226 22.98 -18.37 -36.36
N LEU F 227 22.55 -17.97 -35.17
CA LEU F 227 23.01 -16.74 -34.55
C LEU F 227 24.38 -16.99 -33.93
N GLU F 228 25.27 -16.00 -34.05
CA GLU F 228 26.57 -16.06 -33.38
C GLU F 228 27.13 -14.65 -33.17
N GLU F 229 28.16 -14.57 -32.31
CA GLU F 229 28.80 -13.32 -31.94
C GLU F 229 29.57 -12.76 -33.15
N ARG F 230 29.62 -11.43 -33.25
CA ARG F 230 30.08 -10.74 -34.45
C ARG F 230 31.57 -10.98 -34.69
N GLN F 231 32.38 -10.88 -33.62
CA GLN F 231 33.82 -11.05 -33.71
C GLN F 231 34.16 -12.50 -34.08
N HIS F 232 33.35 -13.44 -33.57
CA HIS F 232 33.53 -14.86 -33.86
C HIS F 232 33.29 -15.14 -35.34
N ALA F 233 32.33 -14.43 -35.93
CA ALA F 233 31.96 -14.59 -37.32
C ALA F 233 33.03 -13.99 -38.24
N LEU F 234 33.53 -12.80 -37.87
CA LEU F 234 34.48 -12.06 -38.68
C LEU F 234 35.86 -12.76 -38.69
N GLU F 235 36.23 -13.34 -37.55
CA GLU F 235 37.54 -13.96 -37.38
C GLU F 235 37.65 -15.23 -38.23
N ARG F 236 36.56 -16.00 -38.30
CA ARG F 236 36.56 -17.29 -39.00
C ARG F 236 36.31 -17.10 -40.50
N GLY F 237 35.95 -15.88 -40.91
CA GLY F 237 35.73 -15.56 -42.31
C GLY F 237 34.39 -16.09 -42.82
N ALA F 238 33.32 -15.73 -42.11
CA ALA F 238 31.97 -16.20 -42.41
C ALA F 238 31.24 -15.15 -43.25
N SER F 239 30.32 -15.64 -44.10
CA SER F 239 29.46 -14.77 -44.89
C SER F 239 28.25 -14.39 -44.04
N ILE F 240 28.26 -13.16 -43.51
CA ILE F 240 27.21 -12.67 -42.64
C ILE F 240 26.01 -12.24 -43.49
N LEU F 241 24.82 -12.75 -43.14
CA LEU F 241 23.59 -12.44 -43.85
C LEU F 241 23.06 -11.08 -43.39
N CYS F 242 22.85 -10.94 -42.07
CA CYS F 242 22.31 -9.73 -41.48
C CYS F 242 22.60 -9.70 -39.98
N GLU F 243 22.53 -8.49 -39.39
CA GLU F 243 22.78 -8.27 -37.98
C GLU F 243 21.43 -8.17 -37.25
N LEU F 244 21.28 -8.96 -36.17
CA LEU F 244 20.13 -8.85 -35.30
C LEU F 244 20.35 -7.66 -34.36
N THR F 245 19.59 -6.58 -34.61
CA THR F 245 19.85 -5.30 -33.97
C THR F 245 18.99 -5.09 -32.73
N GLY F 246 17.78 -5.68 -32.73
CA GLY F 246 16.84 -5.45 -31.63
C GLY F 246 15.78 -6.54 -31.50
N PHE F 247 15.18 -6.60 -30.30
CA PHE F 247 14.11 -7.54 -29.99
C PHE F 247 13.12 -6.90 -29.02
N VAL F 248 11.84 -6.85 -29.42
CA VAL F 248 10.76 -6.34 -28.60
C VAL F 248 10.00 -7.54 -28.03
N ASP F 249 9.63 -7.42 -26.74
CA ASP F 249 8.82 -8.42 -26.06
C ASP F 249 7.92 -7.72 -25.05
N TYR F 250 6.61 -7.72 -25.32
CA TYR F 250 5.64 -7.03 -24.47
C TYR F 250 4.31 -7.79 -24.45
N PHE F 251 3.41 -7.34 -23.55
CA PHE F 251 2.09 -7.93 -23.39
C PHE F 251 1.04 -6.83 -23.25
N ALA F 252 -0.17 -7.12 -23.73
CA ALA F 252 -1.28 -6.18 -23.69
C ALA F 252 -2.48 -6.85 -23.02
N PRO F 253 -2.75 -6.55 -21.72
CA PRO F 253 -3.93 -7.11 -21.04
C PRO F 253 -5.26 -6.56 -21.57
N ASP F 254 -5.24 -5.33 -22.12
CA ASP F 254 -6.43 -4.68 -22.64
C ASP F 254 -6.06 -3.79 -23.83
N LYS F 255 -7.08 -3.20 -24.47
CA LYS F 255 -6.93 -2.44 -25.70
C LYS F 255 -6.30 -1.08 -25.44
N ASN F 256 -6.38 -0.59 -24.20
CA ASN F 256 -5.79 0.69 -23.83
C ASN F 256 -4.26 0.60 -23.93
N THR F 257 -3.72 -0.50 -23.42
CA THR F 257 -2.29 -0.75 -23.41
C THR F 257 -1.79 -1.11 -24.81
N ARG F 258 -2.67 -1.72 -25.61
CA ARG F 258 -2.36 -2.26 -26.92
C ARG F 258 -1.69 -1.20 -27.80
N ASN F 259 -2.29 0.00 -27.85
CA ASN F 259 -1.83 1.08 -28.71
C ASN F 259 -0.48 1.60 -28.23
N ASN F 260 -0.32 1.68 -26.90
CA ASN F 260 0.92 2.15 -26.27
C ASN F 260 2.01 1.10 -26.44
N THR F 261 1.62 -0.18 -26.50
CA THR F 261 2.56 -1.28 -26.67
C THR F 261 3.16 -1.26 -28.08
N LEU F 262 2.33 -0.93 -29.08
CA LEU F 262 2.75 -0.91 -30.47
C LEU F 262 3.74 0.24 -30.72
N GLU F 263 3.67 1.29 -29.88
CA GLU F 263 4.52 2.47 -30.02
C GLU F 263 5.95 2.16 -29.58
N TYR F 264 6.14 1.05 -28.84
CA TYR F 264 7.47 0.62 -28.46
C TYR F 264 8.12 -0.15 -29.61
N THR F 265 7.29 -0.83 -30.42
CA THR F 265 7.73 -1.51 -31.62
C THR F 265 8.15 -0.47 -32.66
N ALA F 266 7.56 0.74 -32.56
CA ALA F 266 7.88 1.85 -33.43
C ALA F 266 9.30 2.34 -33.18
N GLU F 267 9.74 2.30 -31.91
CA GLU F 267 11.06 2.77 -31.51
C GLU F 267 12.16 1.87 -32.04
N LEU F 268 11.79 0.65 -32.48
CA LEU F 268 12.73 -0.33 -32.99
C LEU F 268 13.28 0.10 -34.36
N PHE F 269 12.59 1.02 -35.04
CA PHE F 269 12.96 1.46 -36.38
C PHE F 269 14.20 2.36 -36.35
N ASN F 270 14.32 3.19 -35.30
CA ASN F 270 15.38 4.17 -35.15
C ASN F 270 15.28 5.25 -36.23
N HIS F 271 14.03 5.62 -36.58
CA HIS F 271 13.73 6.67 -37.55
C HIS F 271 14.32 6.37 -38.92
N ASN F 272 14.26 5.08 -39.33
CA ASN F 272 14.79 4.64 -40.60
C ASN F 272 13.68 4.60 -41.64
N GLU F 273 13.78 5.47 -42.65
CA GLU F 273 12.75 5.61 -43.68
C GLU F 273 12.85 4.47 -44.71
N ASN F 274 14.04 3.86 -44.82
CA ASN F 274 14.30 2.83 -45.82
C ASN F 274 14.14 1.45 -45.21
N ALA F 275 13.01 1.22 -44.52
CA ALA F 275 12.76 -0.03 -43.80
C ALA F 275 11.50 -0.71 -44.32
N VAL F 276 11.38 -2.02 -44.06
CA VAL F 276 10.24 -2.82 -44.45
C VAL F 276 9.69 -3.53 -43.21
N PHE F 277 8.35 -3.59 -43.11
CA PHE F 277 7.67 -4.14 -41.95
C PHE F 277 6.87 -5.38 -42.37
N ILE F 278 7.33 -6.57 -41.94
CA ILE F 278 6.60 -7.80 -42.19
C ILE F 278 5.59 -8.00 -41.04
N MET F 279 4.32 -7.68 -41.33
CA MET F 279 3.27 -7.70 -40.32
C MET F 279 2.90 -9.14 -39.95
N ASP F 280 2.20 -9.27 -38.81
CA ASP F 280 1.78 -10.56 -38.25
C ASP F 280 0.84 -11.28 -39.21
N GLY F 281 -0.25 -10.61 -39.60
CA GLY F 281 -1.11 -11.05 -40.69
C GLY F 281 -2.23 -12.01 -40.26
N ILE F 282 -2.44 -12.17 -38.95
CA ILE F 282 -3.47 -13.06 -38.44
C ILE F 282 -4.81 -12.34 -38.37
N TYR F 283 -4.82 -11.16 -37.73
CA TYR F 283 -6.04 -10.46 -37.38
C TYR F 283 -6.32 -9.33 -38.38
N ASP F 284 -7.59 -8.93 -38.48
CA ASP F 284 -8.07 -8.01 -39.49
C ASP F 284 -7.65 -6.57 -39.17
N ASP F 285 -7.65 -6.23 -37.87
CA ASP F 285 -7.55 -4.84 -37.42
C ASP F 285 -6.09 -4.38 -37.33
N GLU F 286 -5.14 -5.25 -37.69
CA GLU F 286 -3.71 -4.97 -37.53
C GLU F 286 -3.29 -3.76 -38.35
N LYS F 287 -3.78 -3.67 -39.59
CA LYS F 287 -3.40 -2.61 -40.52
C LYS F 287 -3.78 -1.24 -39.94
N GLU F 288 -4.95 -1.18 -39.28
CA GLU F 288 -5.49 0.04 -38.73
C GLU F 288 -4.68 0.48 -37.49
N ILE F 289 -4.50 -0.46 -36.54
CA ILE F 289 -3.98 -0.14 -35.22
C ILE F 289 -2.47 0.11 -35.28
N THR F 290 -1.76 -0.66 -36.11
CA THR F 290 -0.31 -0.56 -36.23
C THR F 290 0.07 0.76 -36.89
N SER F 291 -0.65 1.10 -37.97
CA SER F 291 -0.42 2.33 -38.71
C SER F 291 -0.74 3.57 -37.87
N LYS F 292 -1.72 3.44 -36.96
CA LYS F 292 -2.12 4.53 -36.09
C LYS F 292 -1.02 4.82 -35.07
N ALA F 293 -0.41 3.75 -34.55
CA ALA F 293 0.66 3.86 -33.56
C ALA F 293 1.95 4.32 -34.22
N PHE F 294 2.20 3.84 -35.45
CA PHE F 294 3.42 4.12 -36.19
C PHE F 294 3.42 5.57 -36.69
N SER F 295 2.22 6.08 -37.02
CA SER F 295 2.06 7.44 -37.49
C SER F 295 2.34 8.47 -36.40
N ASN F 296 2.11 8.07 -35.14
CA ASN F 296 2.33 8.92 -33.97
C ASN F 296 3.82 9.15 -33.76
N LYS F 297 4.66 8.20 -34.22
CA LYS F 297 6.10 8.26 -34.02
C LYS F 297 6.81 8.74 -35.29
N GLU F 298 6.05 9.21 -36.29
CA GLU F 298 6.57 9.79 -37.53
C GLU F 298 7.41 8.77 -38.30
N ILE F 299 6.84 7.58 -38.53
CA ILE F 299 7.52 6.51 -39.26
C ILE F 299 6.89 6.38 -40.65
N LYS F 300 7.75 6.11 -41.65
CA LYS F 300 7.34 5.93 -43.03
C LYS F 300 7.96 4.66 -43.58
N THR F 301 7.15 3.59 -43.65
CA THR F 301 7.61 2.27 -44.04
C THR F 301 6.52 1.53 -44.82
N SER F 302 6.95 0.46 -45.51
CA SER F 302 6.06 -0.38 -46.30
C SER F 302 5.66 -1.63 -45.52
N PHE F 303 4.37 -1.99 -45.60
CA PHE F 303 3.81 -3.16 -44.93
C PHE F 303 3.74 -4.32 -45.90
N ILE F 304 4.16 -5.51 -45.45
CA ILE F 304 4.12 -6.73 -46.24
C ILE F 304 3.53 -7.87 -45.39
N ASN F 305 2.64 -8.65 -46.01
CA ASN F 305 1.94 -9.75 -45.36
C ASN F 305 2.31 -11.06 -46.05
N LEU F 306 2.84 -12.02 -45.27
CA LEU F 306 3.29 -13.30 -45.82
C LEU F 306 2.40 -14.45 -45.34
N ARG F 307 1.36 -14.14 -44.56
CA ARG F 307 0.51 -15.16 -43.96
C ARG F 307 -0.34 -15.89 -44.99
N PRO F 308 -0.96 -15.21 -45.99
CA PRO F 308 -1.72 -15.92 -47.02
C PRO F 308 -0.90 -16.94 -47.81
N TYR F 309 0.42 -16.73 -47.85
CA TYR F 309 1.33 -17.59 -48.62
C TYR F 309 1.95 -18.65 -47.72
N LEU F 310 2.31 -18.27 -46.49
CA LEU F 310 3.06 -19.14 -45.59
C LEU F 310 2.14 -19.82 -44.57
N ASP F 311 0.97 -19.21 -44.32
CA ASP F 311 -0.08 -19.76 -43.45
C ASP F 311 0.30 -19.60 -41.98
N ASN F 312 -0.68 -19.87 -41.09
CA ASN F 312 -0.49 -19.79 -39.65
C ASN F 312 0.22 -21.06 -39.16
N GLN F 313 1.45 -20.90 -38.66
CA GLN F 313 2.28 -22.01 -38.25
C GLN F 313 2.60 -21.96 -36.76
N PHE F 314 1.89 -21.10 -36.01
CA PHE F 314 2.04 -20.96 -34.56
C PHE F 314 3.43 -20.44 -34.20
N SER F 315 4.26 -21.30 -33.60
CA SER F 315 5.59 -20.91 -33.16
C SER F 315 6.53 -20.57 -34.33
N VAL F 316 6.29 -21.21 -35.48
CA VAL F 316 7.16 -21.10 -36.64
C VAL F 316 6.89 -19.79 -37.38
N SER F 317 5.67 -19.26 -37.27
CA SER F 317 5.22 -18.12 -38.06
C SER F 317 6.06 -16.86 -37.94
N GLY F 318 6.61 -16.62 -36.73
CA GLY F 318 7.54 -15.52 -36.52
C GLY F 318 8.92 -15.82 -37.07
N VAL F 319 9.31 -17.10 -37.00
CA VAL F 319 10.66 -17.55 -37.33
C VAL F 319 10.82 -17.66 -38.84
N ILE F 320 9.80 -18.18 -39.52
CA ILE F 320 9.83 -18.42 -40.96
C ILE F 320 10.02 -17.10 -41.70
N ASP F 321 9.53 -16.01 -41.11
CA ASP F 321 9.66 -14.67 -41.67
C ASP F 321 11.12 -14.21 -41.56
N SER F 322 11.76 -14.54 -40.43
CA SER F 322 13.13 -14.13 -40.14
C SER F 322 14.17 -14.79 -41.04
N VAL F 323 13.98 -16.08 -41.33
CA VAL F 323 14.89 -16.83 -42.19
C VAL F 323 14.81 -16.30 -43.63
N LEU F 324 13.61 -15.90 -44.05
CA LEU F 324 13.41 -15.32 -45.37
C LEU F 324 13.97 -13.90 -45.41
N ALA F 325 13.72 -13.14 -44.33
CA ALA F 325 14.16 -11.76 -44.20
C ALA F 325 15.69 -11.68 -44.25
N SER F 326 16.35 -12.70 -43.66
CA SER F 326 17.79 -12.77 -43.63
C SER F 326 18.39 -13.03 -45.01
N SER F 327 17.64 -13.79 -45.84
CA SER F 327 18.05 -14.13 -47.19
C SER F 327 17.94 -12.95 -48.14
N PHE F 328 16.97 -12.05 -47.88
CA PHE F 328 16.78 -10.86 -48.69
C PHE F 328 17.88 -9.85 -48.40
N LEU F 329 18.26 -9.71 -47.13
CA LEU F 329 19.25 -8.74 -46.71
C LEU F 329 20.66 -9.19 -47.10
N SER F 330 20.83 -10.50 -47.30
CA SER F 330 22.12 -11.06 -47.69
C SER F 330 22.51 -10.69 -49.13
N GLU F 331 21.51 -10.37 -49.96
CA GLU F 331 21.72 -9.94 -51.33
C GLU F 331 22.31 -8.52 -51.31
N ASN F 344 8.90 -8.46 -55.90
CA ASN F 344 10.04 -8.32 -54.97
C ASN F 344 10.05 -6.90 -54.39
N GLU F 345 9.50 -6.77 -53.18
CA GLU F 345 9.42 -5.48 -52.49
C GLU F 345 10.58 -5.34 -51.49
N PHE F 346 11.47 -6.34 -51.45
CA PHE F 346 12.60 -6.34 -50.53
C PHE F 346 13.89 -5.97 -51.26
N SER F 347 13.78 -5.06 -52.24
CA SER F 347 14.91 -4.73 -53.11
C SER F 347 15.93 -3.81 -52.46
N ASN F 348 15.47 -2.60 -52.09
CA ASN F 348 16.35 -1.53 -51.63
C ASN F 348 16.35 -1.40 -50.11
N THR F 349 15.68 -2.33 -49.40
CA THR F 349 15.58 -2.29 -47.95
C THR F 349 16.92 -2.65 -47.31
N ASN F 350 17.27 -1.96 -46.22
CA ASN F 350 18.47 -2.25 -45.45
C ASN F 350 18.10 -2.62 -44.00
N GLN F 351 16.80 -2.75 -43.73
CA GLN F 351 16.29 -3.16 -42.42
C GLN F 351 14.91 -3.79 -42.58
N ILE F 352 14.75 -5.00 -42.02
CA ILE F 352 13.48 -5.71 -42.08
C ILE F 352 13.04 -6.06 -40.66
N ILE F 353 12.01 -5.34 -40.18
CA ILE F 353 11.40 -5.60 -38.88
C ILE F 353 10.20 -6.52 -39.07
N ILE F 354 10.08 -7.51 -38.19
CA ILE F 354 8.98 -8.48 -38.21
C ILE F 354 8.22 -8.36 -36.90
N GLN F 355 6.89 -8.51 -36.95
CA GLN F 355 6.05 -8.48 -35.76
C GLN F 355 5.25 -9.77 -35.66
N ARG F 356 4.87 -10.13 -34.42
CA ARG F 356 4.09 -11.32 -34.12
C ARG F 356 3.22 -11.06 -32.89
N PHE F 357 1.95 -11.52 -32.95
CA PHE F 357 1.01 -11.38 -31.86
C PHE F 357 0.59 -12.76 -31.34
N SER F 358 -0.19 -12.74 -30.24
CA SER F 358 -0.89 -13.92 -29.76
C SER F 358 -2.36 -13.56 -29.54
N ASN F 359 -3.17 -14.59 -29.25
CA ASN F 359 -4.59 -14.43 -28.98
C ASN F 359 -4.79 -13.70 -27.64
N GLN F 360 -3.89 -13.98 -26.68
CA GLN F 360 -4.03 -13.48 -25.32
C GLN F 360 -3.51 -12.04 -25.20
N GLY F 361 -2.68 -11.60 -26.15
CA GLY F 361 -2.30 -10.19 -26.24
C GLY F 361 -0.80 -9.94 -26.21
N HIS F 362 0.02 -10.89 -26.68
CA HIS F 362 1.45 -10.69 -26.80
C HIS F 362 1.76 -9.71 -27.92
N VAL F 363 2.82 -8.91 -27.74
CA VAL F 363 3.32 -8.01 -28.76
C VAL F 363 4.84 -8.17 -28.82
N CYS F 364 5.30 -8.95 -29.81
CA CYS F 364 6.72 -9.22 -29.98
C CYS F 364 7.17 -8.86 -31.39
N ALA F 365 8.45 -8.52 -31.52
CA ALA F 365 9.02 -8.09 -32.80
C ALA F 365 10.54 -8.26 -32.80
N LEU F 366 11.09 -8.56 -33.99
CA LEU F 366 12.52 -8.70 -34.21
C LEU F 366 12.96 -7.74 -35.32
N SER F 367 14.21 -7.26 -35.19
CA SER F 367 14.80 -6.37 -36.18
C SER F 367 16.09 -6.98 -36.75
N PHE F 368 16.20 -6.96 -38.08
CA PHE F 368 17.37 -7.46 -38.79
C PHE F 368 17.87 -6.41 -39.76
N SER F 369 19.10 -5.91 -39.55
CA SER F 369 19.70 -4.91 -40.40
C SER F 369 20.79 -5.52 -41.28
N ALA F 370 21.07 -4.85 -42.41
CA ALA F 370 21.98 -5.36 -43.44
C ALA F 370 23.44 -5.24 -42.99
N ILE F 371 24.32 -5.91 -43.75
CA ILE F 371 25.77 -5.95 -43.53
C ILE F 371 26.07 -6.68 -42.21
N PRO G 20 26.94 -2.22 77.56
CA PRO G 20 26.41 -2.45 76.21
C PRO G 20 25.01 -3.07 76.20
N GLU G 21 24.58 -3.61 77.35
CA GLU G 21 23.27 -4.23 77.50
C GLU G 21 22.17 -3.18 77.38
N VAL G 22 22.42 -2.00 77.95
CA VAL G 22 21.47 -0.89 77.91
C VAL G 22 21.38 -0.35 76.48
N LYS G 23 22.50 -0.41 75.75
CA LYS G 23 22.60 0.08 74.40
C LYS G 23 21.81 -0.81 73.44
N ILE G 24 21.84 -2.13 73.67
CA ILE G 24 21.17 -3.09 72.81
C ILE G 24 19.67 -3.02 73.02
N LYS G 25 19.26 -2.81 74.28
CA LYS G 25 17.84 -2.76 74.65
C LYS G 25 17.16 -1.57 73.98
N THR G 26 17.92 -0.48 73.77
CA THR G 26 17.41 0.72 73.14
C THR G 26 17.19 0.50 71.65
N ILE G 27 18.05 -0.34 71.03
CA ILE G 27 17.92 -0.66 69.61
C ILE G 27 16.62 -1.44 69.40
N LEU G 28 16.49 -2.58 70.11
CA LEU G 28 15.39 -3.51 69.92
C LEU G 28 14.05 -2.89 70.31
N SER G 29 14.07 -1.87 71.19
CA SER G 29 12.88 -1.13 71.57
C SER G 29 12.35 -0.32 70.39
N LEU G 30 13.25 0.45 69.75
CA LEU G 30 12.92 1.30 68.62
C LEU G 30 12.70 0.45 67.36
N PHE G 31 13.40 -0.69 67.29
CA PHE G 31 13.36 -1.55 66.11
C PHE G 31 12.00 -2.24 66.00
N LEU G 32 11.54 -2.84 67.11
CA LEU G 32 10.31 -3.60 67.16
C LEU G 32 9.10 -2.70 67.44
N ASN G 33 9.36 -1.43 67.80
CA ASN G 33 8.34 -0.46 68.14
C ASN G 33 7.62 -0.88 69.43
N ILE G 34 8.41 -1.29 70.42
CA ILE G 34 7.93 -1.67 71.75
C ILE G 34 8.50 -0.67 72.75
N ASN G 35 7.81 -0.50 73.88
CA ASN G 35 8.27 0.38 74.96
C ASN G 35 9.50 -0.25 75.61
N ILE G 36 10.52 0.57 75.88
CA ILE G 36 11.81 0.12 76.41
C ILE G 36 11.64 -0.51 77.79
N ASP G 37 10.69 0.02 78.58
CA ASP G 37 10.40 -0.49 79.91
C ASP G 37 9.68 -1.83 79.80
N ASP G 38 8.72 -1.92 78.87
CA ASP G 38 7.85 -3.08 78.71
C ASP G 38 8.61 -4.25 78.08
N PHE G 39 9.61 -3.94 77.25
CA PHE G 39 10.39 -4.95 76.54
C PHE G 39 11.17 -5.81 77.53
N ASN G 40 11.24 -7.11 77.24
CA ASN G 40 11.95 -8.09 78.05
C ASN G 40 13.10 -8.67 77.23
N MET G 41 14.26 -8.85 77.86
CA MET G 41 15.49 -9.26 77.19
C MET G 41 15.46 -10.76 76.90
N ASP G 42 14.91 -11.54 77.82
CA ASP G 42 14.89 -13.00 77.72
C ASP G 42 13.72 -13.48 76.86
N ALA G 43 12.85 -12.57 76.41
CA ALA G 43 11.67 -12.92 75.64
C ALA G 43 12.05 -13.41 74.24
N ASN G 44 11.26 -14.36 73.72
CA ASN G 44 11.45 -14.91 72.39
C ASN G 44 10.96 -13.90 71.36
N LEU G 45 11.83 -13.54 70.41
CA LEU G 45 11.57 -12.44 69.48
C LEU G 45 10.50 -12.84 68.46
N ALA G 46 10.47 -14.12 68.07
CA ALA G 46 9.55 -14.62 67.08
C ALA G 46 8.14 -14.75 67.67
N ASP G 47 8.04 -15.35 68.86
CA ASP G 47 6.76 -15.68 69.47
C ASP G 47 6.10 -14.44 70.07
N ALA G 48 6.88 -13.67 70.86
CA ALA G 48 6.33 -12.58 71.65
C ALA G 48 6.04 -11.36 70.79
N TYR G 49 7.02 -10.93 69.98
CA TYR G 49 6.96 -9.63 69.33
C TYR G 49 6.73 -9.75 67.83
N ASP G 50 6.57 -11.00 67.36
CA ASP G 50 6.30 -11.34 65.94
C ASP G 50 7.41 -10.84 65.04
N MET G 51 8.66 -11.17 65.35
CA MET G 51 9.79 -10.70 64.52
C MET G 51 10.02 -11.72 63.39
N ASP G 52 10.05 -11.21 62.16
CA ASP G 52 10.24 -12.07 60.97
C ASP G 52 11.74 -12.15 60.66
N SER G 53 12.11 -13.05 59.76
CA SER G 53 13.51 -13.25 59.38
C SER G 53 14.12 -12.06 58.68
N THR G 54 13.30 -11.29 57.98
CA THR G 54 13.75 -10.05 57.33
C THR G 54 14.14 -9.04 58.40
N GLU G 55 13.34 -8.94 59.45
CA GLU G 55 13.56 -7.95 60.53
C GLU G 55 14.80 -8.38 61.31
N LEU G 56 14.98 -9.69 61.46
CA LEU G 56 16.16 -10.20 62.17
C LEU G 56 17.42 -9.77 61.41
N ALA G 57 17.41 -9.88 60.09
CA ALA G 57 18.54 -9.46 59.25
C ALA G 57 18.71 -7.94 59.27
N ASP G 58 17.63 -7.20 59.25
CA ASP G 58 17.76 -5.71 59.27
C ASP G 58 18.37 -5.34 60.60
N LEU G 59 18.10 -6.16 61.61
CA LEU G 59 18.62 -5.95 62.95
C LEU G 59 20.11 -6.30 62.99
N ALA G 60 20.46 -7.41 62.34
CA ALA G 60 21.82 -7.91 62.30
C ALA G 60 22.75 -6.92 61.58
N LYS G 61 22.20 -6.18 60.60
CA LYS G 61 22.95 -5.18 59.87
C LYS G 61 23.25 -3.99 60.78
N GLU G 62 22.32 -3.66 61.68
CA GLU G 62 22.46 -2.54 62.60
C GLU G 62 23.50 -2.86 63.67
N ILE G 63 23.68 -4.15 63.98
CA ILE G 63 24.67 -4.61 64.93
C ILE G 63 26.07 -4.45 64.32
N GLU G 64 26.17 -4.69 63.01
CA GLU G 64 27.42 -4.56 62.28
C GLU G 64 27.86 -3.10 62.23
N LYS G 65 26.88 -2.19 62.15
CA LYS G 65 27.11 -0.77 61.97
C LYS G 65 27.68 -0.16 63.25
N GLU G 66 26.97 -0.35 64.36
CA GLU G 66 27.22 0.39 65.60
C GLU G 66 28.43 -0.16 66.34
N PHE G 67 28.46 -1.49 66.50
CA PHE G 67 29.49 -2.16 67.29
C PHE G 67 30.77 -2.35 66.47
N GLY G 68 30.62 -2.48 65.15
CA GLY G 68 31.75 -2.62 64.24
C GLY G 68 32.31 -4.04 64.23
N ILE G 69 31.46 -5.01 63.88
CA ILE G 69 31.82 -6.41 63.78
C ILE G 69 31.12 -7.02 62.55
N SER G 70 31.47 -8.27 62.23
CA SER G 70 30.87 -9.01 61.14
C SER G 70 29.89 -10.06 61.68
N VAL G 71 28.78 -10.26 60.98
CA VAL G 71 27.76 -11.22 61.36
C VAL G 71 27.33 -12.01 60.12
N THR G 72 27.56 -13.33 60.16
CA THR G 72 27.16 -14.25 59.10
C THR G 72 25.67 -14.57 59.25
N LYS G 73 25.08 -15.13 58.19
CA LYS G 73 23.67 -15.52 58.22
C LYS G 73 23.44 -16.64 59.22
N SER G 74 24.42 -17.56 59.33
CA SER G 74 24.35 -18.68 60.24
C SER G 74 24.36 -18.22 61.70
N GLN G 75 25.03 -17.08 61.94
CA GLN G 75 25.23 -16.56 63.29
C GLN G 75 23.95 -15.92 63.83
N PHE G 76 23.34 -15.00 63.05
CA PHE G 76 22.19 -14.26 63.54
C PHE G 76 20.92 -15.10 63.48
N SER G 77 20.96 -16.24 62.78
CA SER G 77 19.83 -17.14 62.68
C SER G 77 19.43 -17.74 64.03
N HIS G 78 20.42 -17.86 64.94
CA HIS G 78 20.21 -18.50 66.23
C HIS G 78 19.87 -17.47 67.32
N TRP G 79 19.68 -16.19 66.93
CA TRP G 79 19.24 -15.17 67.87
C TRP G 79 17.76 -15.35 68.18
N GLU G 80 17.46 -16.20 69.16
CA GLU G 80 16.09 -16.47 69.57
C GLU G 80 15.58 -15.36 70.46
N THR G 81 16.46 -14.83 71.33
CA THR G 81 16.10 -13.83 72.32
C THR G 81 17.02 -12.61 72.19
N GLY G 82 16.71 -11.56 72.97
CA GLY G 82 17.51 -10.35 73.03
C GLY G 82 18.82 -10.57 73.76
N ARG G 83 18.83 -11.50 74.73
CA ARG G 83 20.03 -11.83 75.50
C ARG G 83 21.03 -12.58 74.62
N ALA G 84 20.51 -13.30 73.60
CA ALA G 84 21.34 -14.04 72.67
C ALA G 84 22.17 -13.07 71.82
N VAL G 85 21.62 -11.88 71.58
CA VAL G 85 22.30 -10.83 70.84
C VAL G 85 23.44 -10.27 71.70
N LEU G 86 23.20 -10.14 73.00
CA LEU G 86 24.16 -9.60 73.95
C LEU G 86 25.34 -10.55 74.12
N ASP G 87 25.05 -11.87 74.09
CA ASP G 87 26.06 -12.90 74.27
C ASP G 87 27.01 -12.94 73.07
N PHE G 88 26.50 -12.59 71.89
CA PHE G 88 27.26 -12.67 70.65
C PHE G 88 28.32 -11.57 70.59
N VAL G 89 27.92 -10.33 70.92
CA VAL G 89 28.75 -9.15 70.71
C VAL G 89 29.93 -9.11 71.70
N SER G 90 29.81 -9.86 72.81
CA SER G 90 30.89 -9.99 73.78
C SER G 90 32.08 -10.70 73.12
N SER G 91 31.79 -11.81 72.45
CA SER G 91 32.79 -12.56 71.70
C SER G 91 32.98 -11.96 70.33
N ILE H 17 -30.80 -8.16 12.59
CA ILE H 17 -29.92 -8.23 11.39
C ILE H 17 -30.34 -9.42 10.54
N ILE H 18 -30.98 -9.13 9.40
CA ILE H 18 -31.41 -10.15 8.46
C ILE H 18 -30.23 -10.53 7.57
N ASN H 19 -29.50 -9.51 7.11
CA ASN H 19 -28.52 -9.63 6.04
C ASN H 19 -27.13 -9.88 6.64
N ASN H 20 -26.61 -11.09 6.44
CA ASN H 20 -25.25 -11.48 6.80
C ASN H 20 -24.95 -11.17 8.26
N ARG H 21 -25.73 -11.78 9.17
CA ARG H 21 -25.57 -11.62 10.61
C ARG H 21 -24.33 -12.37 11.08
N ASN H 22 -23.63 -11.81 12.08
CA ASN H 22 -22.31 -12.29 12.48
C ASN H 22 -22.21 -12.34 14.01
N GLU H 23 -21.04 -12.80 14.50
CA GLU H 23 -20.79 -13.08 15.90
C GLU H 23 -20.46 -11.78 16.66
N SER H 24 -20.78 -11.77 17.97
CA SER H 24 -20.43 -10.71 18.90
C SER H 24 -20.42 -11.25 20.32
N GLN H 25 -19.69 -12.36 20.53
CA GLN H 25 -19.76 -13.18 21.72
C GLN H 25 -18.36 -13.32 22.33
N PRO H 26 -18.22 -13.70 23.63
CA PRO H 26 -16.91 -14.10 24.18
C PRO H 26 -16.18 -15.17 23.38
N ARG H 27 -14.92 -14.84 23.00
CA ARG H 27 -14.14 -15.62 22.05
C ARG H 27 -13.11 -16.48 22.78
N ARG H 28 -12.46 -17.39 22.03
CA ARG H 28 -11.41 -18.26 22.55
C ARG H 28 -10.05 -17.73 22.08
N VAL H 29 -9.06 -17.79 22.98
CA VAL H 29 -7.72 -17.26 22.73
C VAL H 29 -6.77 -18.42 22.47
N VAL H 30 -5.95 -18.31 21.41
CA VAL H 30 -4.99 -19.34 21.03
C VAL H 30 -3.59 -18.75 20.93
N VAL H 31 -2.58 -19.61 21.07
CA VAL H 31 -1.17 -19.25 20.90
C VAL H 31 -0.74 -19.66 19.49
N THR H 32 -0.29 -18.68 18.70
CA THR H 32 0.04 -18.91 17.30
C THR H 32 1.54 -18.71 17.03
N GLY H 33 2.26 -18.11 17.99
CA GLY H 33 3.68 -17.84 17.81
C GLY H 33 4.43 -17.78 19.14
N LEU H 34 5.64 -18.34 19.15
CA LEU H 34 6.47 -18.39 20.35
C LEU H 34 7.84 -17.78 20.05
N GLY H 35 8.31 -16.94 20.97
CA GLY H 35 9.66 -16.40 20.94
C GLY H 35 10.27 -16.44 22.34
N VAL H 36 11.56 -16.77 22.43
CA VAL H 36 12.21 -16.96 23.72
C VAL H 36 13.69 -16.61 23.63
N VAL H 37 14.16 -15.88 24.65
CA VAL H 37 15.58 -15.68 24.93
C VAL H 37 15.82 -16.18 26.36
N ALA H 38 16.71 -17.17 26.51
CA ALA H 38 16.91 -17.81 27.80
C ALA H 38 18.27 -18.51 27.88
N PRO H 39 18.77 -18.79 29.10
CA PRO H 39 20.01 -19.58 29.29
C PRO H 39 19.98 -20.98 28.66
N THR H 40 18.79 -21.60 28.65
CA THR H 40 18.62 -22.92 28.09
C THR H 40 18.67 -22.87 26.56
N GLY H 41 18.26 -21.73 25.97
CA GLY H 41 18.35 -21.58 24.53
C GLY H 41 17.80 -20.24 24.03
N VAL H 42 18.42 -19.75 22.94
CA VAL H 42 17.95 -18.60 22.19
C VAL H 42 17.23 -19.12 20.96
N GLY H 43 15.96 -18.74 20.80
CA GLY H 43 15.10 -19.27 19.76
C GLY H 43 14.37 -20.53 20.23
N VAL H 44 13.35 -20.95 19.48
CA VAL H 44 12.43 -22.00 19.89
C VAL H 44 13.14 -23.36 19.88
N ASN H 45 13.91 -23.64 18.80
CA ASN H 45 14.46 -24.95 18.53
C ASN H 45 15.58 -25.31 19.52
N GLU H 46 16.44 -24.33 19.82
CA GLU H 46 17.55 -24.53 20.75
C GLU H 46 17.01 -24.65 22.18
N PHE H 47 15.96 -23.87 22.47
CA PHE H 47 15.33 -23.84 23.78
C PHE H 47 14.73 -25.21 24.11
N TRP H 48 13.96 -25.76 23.16
CA TRP H 48 13.28 -27.03 23.36
C TRP H 48 14.28 -28.18 23.51
N ASN H 49 15.33 -28.16 22.68
CA ASN H 49 16.30 -29.25 22.57
C ASN H 49 17.00 -29.48 23.91
N ASN H 50 17.32 -28.39 24.61
CA ASN H 50 18.09 -28.45 25.85
C ASN H 50 17.19 -28.90 27.01
N ILE H 51 15.94 -28.42 27.04
CA ILE H 51 15.04 -28.71 28.14
C ILE H 51 14.47 -30.14 28.00
N HIS H 52 14.37 -30.61 26.75
CA HIS H 52 13.97 -31.97 26.45
C HIS H 52 14.95 -32.95 27.08
N ASN H 53 16.25 -32.71 26.84
CA ASN H 53 17.33 -33.56 27.30
C ASN H 53 17.55 -33.37 28.80
N GLY H 54 17.33 -32.13 29.28
CA GLY H 54 17.48 -31.79 30.68
C GLY H 54 18.85 -31.18 30.97
N LYS H 55 19.31 -30.31 30.05
CA LYS H 55 20.58 -29.63 30.18
C LYS H 55 20.39 -28.34 30.97
N SER H 56 21.25 -28.13 31.97
CA SER H 56 21.19 -26.95 32.82
C SER H 56 21.79 -25.75 32.10
N GLY H 57 21.10 -24.60 32.21
CA GLY H 57 21.55 -23.37 31.59
C GLY H 57 22.29 -22.44 32.56
N VAL H 58 22.47 -22.92 33.80
CA VAL H 58 23.12 -22.12 34.84
C VAL H 58 24.62 -22.07 34.59
N SER H 59 25.18 -20.86 34.70
CA SER H 59 26.62 -20.64 34.56
C SER H 59 27.25 -20.46 35.93
N LYS H 60 28.59 -20.37 35.95
CA LYS H 60 29.37 -20.06 37.13
C LYS H 60 30.02 -18.69 36.96
N TYR H 61 29.93 -17.84 37.99
CA TYR H 61 30.40 -16.46 37.89
C TYR H 61 31.20 -16.06 39.13
N GLU H 62 32.16 -15.13 38.93
CA GLU H 62 33.16 -14.80 39.93
C GLU H 62 32.98 -13.39 40.49
N TRP H 63 32.54 -12.46 39.63
CA TRP H 63 32.44 -11.03 39.96
C TRP H 63 31.57 -10.76 41.18
N GLY H 64 30.57 -11.58 41.41
CA GLY H 64 29.71 -11.43 42.56
C GLY H 64 30.44 -11.76 43.86
N ARG H 65 31.25 -12.83 43.82
CA ARG H 65 32.01 -13.31 44.96
C ARG H 65 33.17 -12.35 45.26
N GLU H 66 33.88 -11.93 44.21
CA GLU H 66 35.14 -11.23 44.35
C GLU H 66 34.93 -9.75 44.66
N ARG H 67 34.15 -9.07 43.82
CA ARG H 67 34.08 -7.61 43.83
C ARG H 67 33.17 -7.11 44.95
N PHE H 68 32.00 -7.72 45.13
CA PHE H 68 30.98 -7.23 46.11
C PHE H 68 30.87 -8.11 47.35
N GLY H 69 31.44 -9.29 47.30
CA GLY H 69 31.45 -10.16 48.47
C GLY H 69 30.11 -10.85 48.71
N PHE H 70 29.55 -11.38 47.63
CA PHE H 70 28.26 -12.10 47.69
C PHE H 70 28.56 -13.56 48.02
N LYS H 71 27.62 -14.23 48.66
CA LYS H 71 27.71 -15.65 48.99
C LYS H 71 27.32 -16.49 47.77
N SER H 72 26.52 -15.91 46.88
CA SER H 72 26.04 -16.60 45.68
C SER H 72 27.15 -16.74 44.65
N GLY H 73 27.06 -17.81 43.85
CA GLY H 73 28.07 -18.10 42.85
C GLY H 73 27.51 -18.66 41.54
N ALA H 74 26.19 -18.52 41.34
CA ALA H 74 25.52 -19.07 40.17
C ALA H 74 24.57 -18.03 39.56
N ILE H 75 24.56 -17.97 38.22
CA ILE H 75 23.63 -17.11 37.47
C ILE H 75 23.20 -17.83 36.19
N GLY H 76 21.94 -17.58 35.80
CA GLY H 76 21.44 -18.02 34.50
C GLY H 76 21.63 -16.94 33.45
N GLN H 77 22.77 -17.01 32.75
CA GLN H 77 23.18 -16.01 31.77
C GLN H 77 22.96 -16.56 30.36
N VAL H 78 22.51 -15.70 29.44
CA VAL H 78 22.08 -16.13 28.11
C VAL H 78 23.29 -16.33 27.21
N TYR H 79 24.25 -15.39 27.26
CA TYR H 79 25.45 -15.45 26.45
C TYR H 79 26.67 -15.72 27.35
N GLU H 93 24.53 -1.95 28.61
CA GLU H 93 24.27 -2.95 27.53
C GLU H 93 22.83 -2.85 27.07
N ARG H 94 21.93 -2.55 28.03
CA ARG H 94 20.50 -2.38 27.80
C ARG H 94 19.89 -3.68 27.29
N LYS H 95 20.04 -4.75 28.08
CA LYS H 95 19.59 -6.09 27.71
C LYS H 95 18.08 -6.19 27.82
N TYR H 96 17.49 -5.47 28.79
CA TYR H 96 16.06 -5.51 29.05
C TYR H 96 15.27 -5.23 27.77
N LEU H 97 15.64 -4.15 27.08
CA LEU H 97 14.97 -3.74 25.85
C LEU H 97 15.37 -4.67 24.71
N GLN H 98 16.64 -5.08 24.67
CA GLN H 98 17.19 -5.84 23.56
C GLN H 98 16.59 -7.25 23.51
N PHE H 99 16.34 -7.85 24.68
CA PHE H 99 15.76 -9.18 24.77
C PHE H 99 14.33 -9.18 24.22
N ALA H 100 13.58 -8.12 24.51
CA ALA H 100 12.19 -8.00 24.11
C ALA H 100 12.07 -7.89 22.59
N LEU H 101 13.01 -7.14 21.97
CA LEU H 101 13.03 -6.95 20.53
C LEU H 101 13.43 -8.23 19.82
N ASP H 102 14.39 -8.97 20.41
CA ASP H 102 14.87 -10.22 19.87
C ASP H 102 13.78 -11.30 19.96
N ALA H 103 13.07 -11.32 21.10
CA ALA H 103 12.04 -12.30 21.35
C ALA H 103 10.78 -12.00 20.52
N ALA H 104 10.51 -10.71 20.29
CA ALA H 104 9.35 -10.27 19.55
C ALA H 104 9.43 -10.72 18.10
N GLU H 105 10.62 -10.54 17.49
CA GLU H 105 10.82 -10.85 16.09
C GLU H 105 10.76 -12.36 15.84
N MET H 106 11.15 -13.13 16.85
CA MET H 106 11.12 -14.59 16.77
C MET H 106 9.67 -15.06 16.75
N ALA H 107 8.85 -14.49 17.65
CA ALA H 107 7.47 -14.90 17.83
C ALA H 107 6.62 -14.47 16.63
N MET H 108 6.88 -13.26 16.12
CA MET H 108 6.14 -12.71 15.00
C MET H 108 6.48 -13.48 13.72
N GLN H 109 7.75 -13.89 13.58
CA GLN H 109 8.20 -14.67 12.44
C GLN H 109 7.71 -16.10 12.55
N ASP H 110 7.57 -16.59 13.80
CA ASP H 110 7.06 -17.93 14.07
C ASP H 110 5.57 -18.00 13.73
N ALA H 111 4.86 -16.89 13.91
CA ALA H 111 3.43 -16.82 13.65
C ALA H 111 3.14 -16.47 12.19
N ASN H 112 4.18 -16.08 11.44
CA ASN H 112 4.07 -15.63 10.06
C ASN H 112 3.20 -14.36 9.99
N LEU H 113 3.58 -13.37 10.80
CA LEU H 113 2.88 -12.10 10.88
C LEU H 113 3.88 -10.95 10.78
N ARG H 114 3.43 -9.83 10.19
CA ARG H 114 4.21 -8.61 10.06
C ARG H 114 3.24 -7.44 9.86
N PRO H 115 3.69 -6.17 10.08
CA PRO H 115 2.78 -5.01 10.10
C PRO H 115 1.68 -4.99 9.04
N SER H 116 2.02 -5.46 7.83
CA SER H 116 1.10 -5.52 6.71
C SER H 116 -0.12 -6.41 6.97
N ASP H 117 0.12 -7.56 7.61
CA ASP H 117 -0.89 -8.61 7.75
C ASP H 117 -1.92 -8.26 8.84
N ILE H 118 -1.57 -7.34 9.74
CA ILE H 118 -2.36 -7.09 10.94
C ILE H 118 -3.09 -5.75 10.82
N ASP H 119 -4.29 -5.68 11.42
CA ASP H 119 -5.04 -4.45 11.59
C ASP H 119 -4.55 -3.73 12.83
N GLY H 120 -4.27 -2.42 12.70
CA GLY H 120 -3.69 -1.62 13.76
C GLY H 120 -4.60 -1.50 14.98
N ARG H 121 -5.91 -1.31 14.72
CA ARG H 121 -6.92 -1.13 15.75
C ARG H 121 -7.02 -2.38 16.63
N ARG H 122 -6.77 -3.55 16.06
CA ARG H 122 -7.04 -4.82 16.71
C ARG H 122 -5.75 -5.50 17.15
N PHE H 123 -4.70 -4.70 17.41
CA PHE H 123 -3.39 -5.22 17.80
C PHE H 123 -2.83 -4.38 18.94
N GLY H 124 -2.63 -5.03 20.10
CA GLY H 124 -2.03 -4.39 21.26
C GLY H 124 -0.78 -5.13 21.73
N VAL H 125 -0.08 -4.53 22.71
CA VAL H 125 1.13 -5.10 23.29
C VAL H 125 0.97 -5.11 24.82
N ALA H 126 1.52 -6.15 25.46
CA ALA H 126 1.50 -6.26 26.90
C ALA H 126 2.74 -7.02 27.38
N ILE H 127 3.86 -6.31 27.48
CA ILE H 127 5.12 -6.88 27.95
C ILE H 127 5.36 -6.39 29.38
N ALA H 128 5.53 -7.35 30.30
CA ALA H 128 5.68 -7.06 31.71
C ALA H 128 7.14 -7.14 32.13
N THR H 129 7.44 -6.73 33.36
CA THR H 129 8.83 -6.72 33.87
C THR H 129 8.82 -6.39 35.35
N ALA H 130 9.81 -6.87 36.10
CA ALA H 130 9.88 -6.58 37.55
C ALA H 130 10.73 -5.34 37.82
N ILE H 131 11.94 -5.27 37.26
CA ILE H 131 12.82 -4.11 37.56
C ILE H 131 13.06 -3.24 36.33
N ALA H 132 12.85 -3.76 35.12
CA ALA H 132 12.88 -2.93 33.90
C ALA H 132 14.13 -2.07 33.76
N ASP H 133 15.30 -2.67 33.51
CA ASP H 133 16.58 -1.93 33.32
C ASP H 133 17.02 -1.16 34.55
N ALA H 134 17.07 -1.85 35.69
CA ALA H 134 17.66 -1.31 36.93
C ALA H 134 19.16 -1.12 36.71
N ALA H 135 19.78 -2.06 35.99
CA ALA H 135 21.20 -2.06 35.64
C ALA H 135 21.62 -0.73 35.02
N GLY H 136 20.83 -0.24 34.09
CA GLY H 136 20.97 1.05 33.42
C GLY H 136 20.79 2.22 34.39
N MET H 137 19.83 2.08 35.31
CA MET H 137 19.55 3.09 36.31
C MET H 137 20.67 3.12 37.36
N GLU H 138 21.28 1.97 37.62
CA GLU H 138 22.35 1.87 38.62
C GLU H 138 23.67 2.37 38.02
N GLU H 139 23.88 2.15 36.72
CA GLU H 139 25.07 2.63 36.04
C GLU H 139 25.04 4.16 35.97
N CYS H 140 23.84 4.72 35.79
CA CYS H 140 23.63 6.17 35.76
C CYS H 140 24.00 6.79 37.10
N LEU H 141 23.54 6.18 38.20
CA LEU H 141 23.72 6.71 39.55
C LEU H 141 25.20 6.76 39.93
N LEU H 142 25.93 5.68 39.62
CA LEU H 142 27.31 5.54 40.06
C LEU H 142 28.24 6.42 39.22
N ARG H 143 27.89 6.64 37.94
CA ARG H 143 28.68 7.44 37.03
C ARG H 143 28.67 8.90 37.48
N ILE H 144 27.47 9.42 37.80
CA ILE H 144 27.28 10.82 38.15
C ILE H 144 27.77 11.11 39.56
N THR H 145 28.00 10.05 40.36
CA THR H 145 28.49 10.21 41.73
C THR H 145 29.94 9.74 41.85
N LYS H 146 30.51 9.27 40.73
CA LYS H 146 31.89 8.80 40.65
C LYS H 146 32.12 7.62 41.60
N GLY H 147 31.43 6.51 41.33
CA GLY H 147 31.59 5.27 42.08
C GLY H 147 30.93 5.34 43.46
N GLY H 148 29.92 6.20 43.61
CA GLY H 148 29.19 6.37 44.84
C GLY H 148 30.03 6.99 45.96
N LYS H 149 31.02 7.81 45.58
CA LYS H 149 31.93 8.44 46.52
C LYS H 149 31.40 9.83 46.88
N GLU H 150 31.22 10.66 45.86
CA GLU H 150 30.80 12.05 46.00
C GLU H 150 29.29 12.16 45.81
N ASN H 151 28.79 13.40 45.87
CA ASN H 151 27.39 13.72 45.57
C ASN H 151 27.19 13.68 44.06
N ILE H 152 25.93 13.81 43.62
CA ILE H 152 25.54 13.73 42.23
C ILE H 152 26.05 14.96 41.47
N HIS H 153 26.54 14.72 40.25
CA HIS H 153 27.01 15.77 39.34
C HIS H 153 26.00 15.92 38.20
N PRO H 154 25.18 17.01 38.20
CA PRO H 154 24.21 17.25 37.12
C PRO H 154 24.75 17.29 35.69
N ASP H 155 26.02 17.70 35.53
CA ASP H 155 26.63 17.85 34.22
C ASP H 155 26.85 16.49 33.55
N LEU H 156 27.02 15.43 34.36
CA LEU H 156 27.34 14.11 33.84
C LEU H 156 26.08 13.36 33.41
N ILE H 157 24.90 13.90 33.75
CA ILE H 157 23.63 13.29 33.36
C ILE H 157 23.41 13.52 31.87
N LYS H 158 23.40 12.42 31.10
CA LYS H 158 23.19 12.48 29.66
C LYS H 158 21.70 12.29 29.36
N SER H 159 21.31 12.59 28.10
CA SER H 159 19.94 12.44 27.65
C SER H 159 19.52 10.98 27.45
N GLU H 160 20.51 10.09 27.28
CA GLU H 160 20.27 8.68 27.07
C GLU H 160 19.84 8.00 28.37
N ASP H 161 20.20 8.59 29.52
CA ASP H 161 19.97 8.01 30.83
C ASP H 161 18.48 7.94 31.16
N TYR H 162 17.69 8.89 30.64
CA TYR H 162 16.27 9.01 30.96
C TYR H 162 15.51 7.79 30.46
N ASP H 163 16.00 7.17 29.38
CA ASP H 163 15.34 6.04 28.75
C ASP H 163 15.47 4.78 29.60
N SER H 164 16.48 4.77 30.49
CA SER H 164 16.70 3.66 31.40
C SER H 164 15.65 3.64 32.52
N PHE H 165 15.12 4.82 32.86
CA PHE H 165 14.12 4.95 33.91
C PHE H 165 12.71 4.65 33.39
N ASP H 166 12.59 4.56 32.06
CA ASP H 166 11.35 4.16 31.41
C ASP H 166 11.09 2.68 31.69
N PHE H 167 9.99 2.38 32.39
CA PHE H 167 9.62 1.01 32.72
C PHE H 167 9.06 0.29 31.51
N SER H 168 8.36 1.03 30.63
CA SER H 168 7.70 0.46 29.46
C SER H 168 8.48 0.76 28.18
N SER H 169 9.78 0.45 28.20
CA SER H 169 10.63 0.60 27.03
C SER H 169 10.32 -0.51 26.04
N ALA H 170 10.22 -1.74 26.56
CA ALA H 170 10.03 -2.95 25.77
C ALA H 170 8.67 -2.94 25.08
N ALA H 171 7.63 -2.50 25.81
CA ALA H 171 6.26 -2.53 25.33
C ALA H 171 6.05 -1.52 24.20
N THR H 172 6.59 -0.30 24.38
CA THR H 172 6.39 0.79 23.45
C THR H 172 7.22 0.60 22.19
N SER H 173 8.46 0.07 22.36
CA SER H 173 9.36 -0.15 21.25
C SER H 173 8.86 -1.26 20.33
N VAL H 174 8.33 -2.34 20.93
CA VAL H 174 7.74 -3.44 20.19
C VAL H 174 6.49 -2.97 19.48
N ALA H 175 5.71 -2.11 20.14
CA ALA H 175 4.48 -1.54 19.58
C ALA H 175 4.80 -0.63 18.39
N LYS H 176 5.88 0.16 18.52
CA LYS H 176 6.33 1.09 17.50
C LYS H 176 6.70 0.34 16.22
N LYS H 177 7.49 -0.73 16.37
CA LYS H 177 8.05 -1.47 15.25
C LYS H 177 6.94 -2.14 14.43
N TYR H 178 6.01 -2.82 15.13
CA TYR H 178 5.01 -3.66 14.49
C TYR H 178 3.67 -2.93 14.32
N GLY H 179 3.61 -1.67 14.78
CA GLY H 179 2.49 -0.78 14.50
C GLY H 179 1.22 -1.13 15.26
N ALA H 180 1.38 -1.44 16.56
CA ALA H 180 0.25 -1.71 17.43
C ALA H 180 -0.43 -0.41 17.84
N SER H 181 -1.72 -0.28 17.51
CA SER H 181 -2.49 0.92 17.80
C SER H 181 -3.64 0.67 18.78
N MET H 182 -3.49 -0.35 19.62
CA MET H 182 -4.43 -0.65 20.69
C MET H 182 -3.67 -0.58 22.01
N SER H 183 -4.25 -1.16 23.08
CA SER H 183 -3.66 -1.11 24.41
C SER H 183 -2.21 -1.59 24.49
N VAL H 184 -1.29 -0.65 24.71
CA VAL H 184 0.10 -0.93 25.00
C VAL H 184 0.29 -0.73 26.51
N SER H 185 0.61 -1.81 27.22
CA SER H 185 0.71 -1.77 28.67
C SER H 185 1.97 -2.43 29.22
N ASN H 186 2.27 -2.13 30.49
CA ASN H 186 3.43 -2.65 31.19
C ASN H 186 3.08 -2.90 32.64
N ILE H 187 2.68 -4.14 32.94
CA ILE H 187 2.31 -4.55 34.31
C ILE H 187 3.60 -4.97 34.98
N SER H 188 3.84 -4.52 36.21
CA SER H 188 5.11 -4.84 36.90
C SER H 188 4.82 -5.31 38.32
N THR H 189 4.10 -6.40 38.46
CA THR H 189 3.72 -6.97 39.77
C THR H 189 4.73 -8.04 40.19
N GLY H 190 6.02 -7.72 40.13
CA GLY H 190 7.09 -8.65 40.54
C GLY H 190 7.22 -9.88 39.68
N CYS H 191 7.28 -11.05 40.31
CA CYS H 191 7.45 -12.32 39.61
C CYS H 191 6.20 -12.92 39.06
N ALA H 192 5.07 -12.29 39.29
CA ALA H 192 3.79 -12.78 38.75
C ALA H 192 3.39 -11.92 37.55
N ALA H 193 4.25 -10.99 37.18
CA ALA H 193 3.98 -9.98 36.13
C ALA H 193 3.76 -10.64 34.76
N GLY H 194 4.50 -11.69 34.45
CA GLY H 194 4.38 -12.40 33.16
C GLY H 194 3.00 -12.97 32.90
N LEU H 195 2.40 -13.67 33.87
CA LEU H 195 1.08 -14.23 33.75
C LEU H 195 0.03 -13.14 33.73
N ASP H 196 0.28 -12.04 34.47
CA ASP H 196 -0.63 -10.90 34.51
C ASP H 196 -0.68 -10.23 33.15
N ALA H 197 0.44 -10.27 32.43
CA ALA H 197 0.55 -9.71 31.09
C ALA H 197 -0.24 -10.57 30.09
N LEU H 198 -0.19 -11.90 30.28
CA LEU H 198 -0.92 -12.84 29.45
C LEU H 198 -2.41 -12.76 29.79
N GLY H 199 -2.71 -12.52 31.08
CA GLY H 199 -4.06 -12.46 31.59
C GLY H 199 -4.85 -11.30 30.97
N ILE H 200 -4.26 -10.10 30.99
CA ILE H 200 -4.88 -8.91 30.45
C ILE H 200 -4.98 -9.03 28.92
N ALA H 201 -4.00 -9.72 28.31
CA ALA H 201 -3.96 -9.93 26.88
C ALA H 201 -5.07 -10.88 26.44
N MET H 202 -5.30 -11.92 27.25
CA MET H 202 -6.34 -12.90 27.02
C MET H 202 -7.72 -12.22 27.07
N GLU H 203 -7.88 -11.29 28.01
CA GLU H 203 -9.13 -10.58 28.21
C GLU H 203 -9.42 -9.64 27.03
N HIS H 204 -8.36 -9.08 26.43
CA HIS H 204 -8.50 -8.19 25.29
C HIS H 204 -9.03 -8.96 24.07
N ILE H 205 -8.50 -10.17 23.86
CA ILE H 205 -8.89 -10.99 22.72
C ILE H 205 -10.30 -11.54 22.94
N ARG H 206 -10.58 -12.00 24.16
CA ARG H 206 -11.83 -12.69 24.48
C ARG H 206 -13.02 -11.75 24.34
N TYR H 207 -12.91 -10.54 24.90
CA TYR H 207 -14.04 -9.62 25.01
C TYR H 207 -14.12 -8.65 23.82
N GLY H 208 -13.54 -9.04 22.67
CA GLY H 208 -13.79 -8.37 21.40
C GLY H 208 -13.04 -7.05 21.21
N ARG H 209 -11.96 -6.85 21.98
CA ARG H 209 -11.17 -5.63 21.91
C ARG H 209 -9.96 -5.80 20.99
N ALA H 210 -9.57 -7.05 20.73
CA ALA H 210 -8.40 -7.33 19.91
C ALA H 210 -8.56 -8.63 19.13
N ASP H 211 -7.83 -8.72 18.01
CA ASP H 211 -7.73 -9.93 17.20
C ASP H 211 -6.40 -10.61 17.48
N ILE H 212 -5.31 -9.82 17.43
CA ILE H 212 -3.97 -10.28 17.79
C ILE H 212 -3.51 -9.50 19.03
N MET H 213 -2.64 -10.12 19.82
CA MET H 213 -2.10 -9.51 21.02
C MET H 213 -0.73 -10.13 21.33
N LEU H 214 0.33 -9.31 21.24
CA LEU H 214 1.68 -9.73 21.62
C LEU H 214 1.84 -9.54 23.12
N ALA H 215 2.12 -10.63 23.84
CA ALA H 215 2.20 -10.60 25.28
C ALA H 215 3.37 -11.44 25.79
N GLY H 216 3.86 -11.10 26.99
CA GLY H 216 4.95 -11.81 27.63
C GLY H 216 5.64 -10.97 28.70
N ALA H 217 6.95 -11.20 28.90
CA ALA H 217 7.74 -10.47 29.87
C ALA H 217 9.23 -10.57 29.54
N SER H 218 9.97 -9.49 29.83
CA SER H 218 11.41 -9.42 29.63
C SER H 218 12.10 -8.98 30.92
N GLU H 219 13.31 -9.49 31.15
CA GLU H 219 14.05 -9.19 32.37
C GLU H 219 15.56 -9.30 32.13
N ALA H 220 16.31 -8.39 32.78
CA ALA H 220 17.76 -8.40 32.77
C ALA H 220 18.31 -7.97 34.13
N PRO H 221 18.16 -8.81 35.18
CA PRO H 221 18.55 -8.43 36.54
C PRO H 221 19.94 -8.89 36.98
N LEU H 222 20.74 -9.39 36.05
CA LEU H 222 22.09 -9.88 36.43
C LEU H 222 23.02 -8.68 36.54
N CYS H 223 22.83 -7.92 37.60
CA CYS H 223 23.67 -6.73 37.92
C CYS H 223 23.86 -6.65 39.44
N PRO H 224 24.78 -5.82 39.94
CA PRO H 224 25.05 -5.77 41.37
C PRO H 224 23.85 -5.27 42.18
N LEU H 225 23.16 -4.25 41.67
CA LEU H 225 22.02 -3.70 42.45
C LEU H 225 20.96 -4.75 42.66
N SER H 226 20.58 -5.45 41.60
CA SER H 226 19.52 -6.48 41.69
C SER H 226 19.98 -7.73 42.43
N ILE H 227 21.17 -8.22 42.15
CA ILE H 227 21.64 -9.45 42.84
C ILE H 227 21.80 -9.18 44.34
N GLY H 228 22.29 -7.99 44.70
CA GLY H 228 22.50 -7.63 46.10
C GLY H 228 21.22 -7.57 46.89
N SER H 229 20.14 -7.06 46.31
CA SER H 229 18.88 -6.95 47.05
C SER H 229 18.37 -8.28 47.49
N PHE H 230 18.44 -9.27 46.63
CA PHE H 230 18.00 -10.65 46.97
C PHE H 230 18.94 -11.28 47.99
N GLU H 231 20.23 -11.06 47.82
CA GLU H 231 21.22 -11.60 48.77
C GLU H 231 21.01 -10.93 50.13
N ALA H 232 20.75 -9.63 50.12
CA ALA H 232 20.47 -8.90 51.36
C ALA H 232 19.20 -9.46 52.00
N LEU H 233 18.19 -9.72 51.18
CA LEU H 233 16.87 -10.28 51.58
C LEU H 233 17.02 -11.72 52.08
N GLY H 234 17.89 -12.51 51.48
CA GLY H 234 18.05 -13.91 51.91
C GLY H 234 17.29 -14.86 51.01
N ALA H 235 16.80 -14.36 49.89
CA ALA H 235 16.04 -15.15 48.91
C ALA H 235 16.95 -15.83 47.90
N LEU H 236 18.26 -15.55 47.93
CA LEU H 236 19.17 -16.17 46.93
C LEU H 236 19.87 -17.39 47.53
N SER H 237 20.37 -18.27 46.67
CA SER H 237 21.09 -19.45 47.10
C SER H 237 22.51 -19.08 47.56
N SER H 238 22.91 -19.60 48.73
CA SER H 238 24.17 -19.23 49.35
C SER H 238 25.07 -20.36 49.86
N ARG H 239 24.62 -21.61 49.75
CA ARG H 239 25.35 -22.75 50.30
C ARG H 239 26.56 -23.09 49.43
N GLU H 240 27.53 -23.79 50.03
CA GLU H 240 28.81 -24.11 49.38
C GLU H 240 28.63 -25.32 48.46
N LEU H 241 29.06 -25.16 47.19
CA LEU H 241 28.94 -26.21 46.18
C LEU H 241 30.14 -26.15 45.23
N GLU H 242 30.43 -27.31 44.61
CA GLU H 242 31.41 -27.39 43.53
C GLU H 242 30.68 -27.40 42.19
N ASN H 243 29.76 -28.35 42.02
CA ASN H 243 28.84 -28.37 40.90
C ASN H 243 27.80 -27.28 41.11
N GLN H 244 28.06 -26.11 40.50
CA GLN H 244 27.29 -24.90 40.79
C GLN H 244 25.95 -24.91 40.05
N GLN H 245 25.79 -25.83 39.08
CA GLN H 245 24.56 -25.96 38.33
C GLN H 245 23.45 -26.49 39.22
N ALA H 246 23.82 -27.18 40.31
CA ALA H 246 22.88 -27.84 41.20
C ALA H 246 22.45 -26.93 42.34
N ALA H 247 22.78 -25.64 42.24
CA ALA H 247 22.36 -24.65 43.24
C ALA H 247 20.84 -24.52 43.24
N THR H 248 20.25 -24.39 42.05
CA THR H 248 18.81 -24.45 41.88
C THR H 248 18.36 -25.91 41.84
N CYS H 249 17.57 -26.30 42.83
CA CYS H 249 17.08 -27.67 42.95
C CYS H 249 15.71 -27.68 43.61
N PRO H 250 14.63 -27.31 42.87
CA PRO H 250 13.27 -27.30 43.42
C PRO H 250 12.82 -28.64 44.02
N PHE H 251 12.08 -28.56 45.13
CA PHE H 251 11.41 -29.67 45.79
C PHE H 251 12.40 -30.64 46.45
N SER H 252 13.61 -30.16 46.77
CA SER H 252 14.62 -30.98 47.41
C SER H 252 15.02 -30.38 48.75
N LEU H 253 15.59 -31.21 49.65
CA LEU H 253 15.94 -30.79 50.99
C LEU H 253 17.13 -29.82 50.97
N GLU H 254 17.95 -29.89 49.91
CA GLU H 254 19.21 -29.16 49.84
C GLU H 254 18.99 -27.69 49.46
N ARG H 255 17.78 -27.34 49.00
CA ARG H 255 17.49 -26.01 48.47
C ARG H 255 17.58 -24.96 49.57
N ASP H 256 18.03 -23.75 49.19
CA ASP H 256 18.28 -22.67 50.14
C ASP H 256 18.12 -21.29 49.49
N GLY H 257 17.27 -21.21 48.46
CA GLY H 257 17.07 -19.98 47.70
C GLY H 257 17.17 -20.20 46.20
N PHE H 258 16.75 -19.20 45.42
CA PHE H 258 16.69 -19.31 43.97
C PHE H 258 17.98 -18.79 43.33
N VAL H 259 18.35 -19.40 42.19
CA VAL H 259 19.42 -18.92 41.34
C VAL H 259 18.81 -17.90 40.38
N ILE H 260 19.30 -16.66 40.44
CA ILE H 260 18.76 -15.58 39.61
C ILE H 260 19.24 -15.76 38.17
N ALA H 261 18.39 -15.35 37.22
CA ALA H 261 18.66 -15.48 35.80
C ALA H 261 18.10 -14.28 35.05
N GLU H 262 18.34 -14.24 33.74
CA GLU H 262 17.77 -13.24 32.84
C GLU H 262 17.12 -13.94 31.65
N GLY H 263 16.45 -13.16 30.80
CA GLY H 263 15.84 -13.68 29.58
C GLY H 263 14.54 -12.96 29.23
N CYS H 264 13.79 -13.57 28.31
CA CYS H 264 12.53 -13.02 27.84
C CYS H 264 11.71 -14.10 27.14
N GLY H 265 10.39 -14.00 27.26
CA GLY H 265 9.44 -14.84 26.54
C GLY H 265 8.31 -14.00 25.95
N ILE H 266 7.97 -14.26 24.69
CA ILE H 266 6.92 -13.55 23.99
C ILE H 266 6.00 -14.57 23.31
N LEU H 267 4.69 -14.45 23.58
CA LEU H 267 3.68 -15.28 22.97
C LEU H 267 2.78 -14.41 22.09
N ILE H 268 2.59 -14.81 20.83
CA ILE H 268 1.59 -14.19 19.97
C ILE H 268 0.24 -14.83 20.28
N LEU H 269 -0.57 -14.12 21.08
CA LEU H 269 -1.94 -14.55 21.35
C LEU H 269 -2.86 -13.95 20.29
N GLU H 270 -3.79 -14.77 19.78
CA GLU H 270 -4.83 -14.28 18.89
C GLU H 270 -6.09 -15.11 19.06
N SER H 271 -7.18 -14.66 18.42
CA SER H 271 -8.47 -15.33 18.47
C SER H 271 -8.43 -16.61 17.65
N TYR H 272 -9.29 -17.58 18.05
CA TYR H 272 -9.43 -18.84 17.35
C TYR H 272 -9.98 -18.62 15.95
N GLU H 273 -10.88 -17.63 15.81
CA GLU H 273 -11.53 -17.32 14.55
C GLU H 273 -10.54 -16.70 13.58
N HIS H 274 -9.76 -15.72 14.07
CA HIS H 274 -8.78 -15.01 13.28
C HIS H 274 -7.66 -15.96 12.83
N ALA H 275 -7.31 -16.91 13.71
CA ALA H 275 -6.22 -17.84 13.46
C ALA H 275 -6.61 -18.84 12.37
N LYS H 276 -7.85 -19.33 12.43
CA LYS H 276 -8.33 -20.36 11.52
C LYS H 276 -8.60 -19.77 10.13
N GLN H 277 -8.85 -18.45 10.08
CA GLN H 277 -9.13 -17.74 8.85
C GLN H 277 -7.88 -17.71 7.97
N ARG H 278 -6.73 -17.41 8.58
CA ARG H 278 -5.49 -17.20 7.84
C ARG H 278 -4.67 -18.49 7.76
N GLY H 279 -5.19 -19.56 8.37
CA GLY H 279 -4.58 -20.88 8.32
C GLY H 279 -3.33 -20.99 9.20
N ALA H 280 -3.39 -20.34 10.37
CA ALA H 280 -2.26 -20.27 11.28
C ALA H 280 -2.16 -21.56 12.09
N HIS H 281 -0.91 -21.97 12.39
CA HIS H 281 -0.64 -23.10 13.27
C HIS H 281 -0.88 -22.68 14.71
N ILE H 282 -1.70 -23.47 15.42
CA ILE H 282 -2.02 -23.21 16.82
C ILE H 282 -1.26 -24.19 17.70
N TYR H 283 -0.56 -23.65 18.71
CA TYR H 283 0.16 -24.45 19.68
C TYR H 283 -0.79 -24.95 20.77
N ALA H 284 -1.48 -23.99 21.41
CA ALA H 284 -2.38 -24.28 22.52
C ALA H 284 -3.42 -23.17 22.68
N GLU H 285 -4.34 -23.36 23.64
CA GLU H 285 -5.40 -22.41 23.94
C GLU H 285 -5.24 -21.89 25.37
N LEU H 286 -5.32 -20.57 25.54
CA LEU H 286 -5.40 -19.96 26.85
C LEU H 286 -6.87 -19.95 27.29
N ALA H 287 -7.24 -20.91 28.13
CA ALA H 287 -8.63 -21.15 28.47
C ALA H 287 -9.13 -20.15 29.52
N GLY H 288 -8.33 -19.95 30.57
CA GLY H 288 -8.73 -19.09 31.68
C GLY H 288 -7.56 -18.48 32.43
N TYR H 289 -7.87 -17.51 33.31
CA TYR H 289 -6.87 -16.80 34.09
C TYR H 289 -7.49 -16.28 35.39
N ALA H 290 -6.71 -16.33 36.48
CA ALA H 290 -7.11 -15.80 37.78
C ALA H 290 -5.88 -15.31 38.54
N SER H 291 -6.10 -14.34 39.44
CA SER H 291 -5.06 -13.81 40.30
C SER H 291 -5.63 -13.31 41.63
N VAL H 292 -4.86 -13.50 42.71
CA VAL H 292 -5.30 -13.14 44.06
C VAL H 292 -4.11 -12.61 44.86
N ASN H 293 -4.43 -12.16 46.06
CA ASN H 293 -3.48 -11.67 47.07
C ASN H 293 -3.61 -12.60 48.27
N ASN H 294 -2.51 -13.14 48.76
CA ASN H 294 -2.56 -14.02 49.93
C ASN H 294 -2.78 -13.20 51.20
N ALA H 295 -2.33 -11.94 51.17
CA ALA H 295 -2.44 -10.99 52.28
C ALA H 295 -1.72 -11.51 53.52
N TYR H 296 -0.58 -12.19 53.30
CA TYR H 296 0.17 -12.85 54.35
C TYR H 296 1.40 -12.03 54.72
N HIS H 297 2.27 -11.83 53.74
CA HIS H 297 3.54 -11.12 53.91
C HIS H 297 4.00 -10.59 52.54
N MET H 298 5.04 -9.77 52.49
CA MET H 298 5.52 -9.20 51.21
C MET H 298 6.48 -10.19 50.56
N THR H 299 7.20 -10.97 51.35
CA THR H 299 8.12 -11.95 50.73
C THR H 299 7.94 -13.36 51.29
N ASP H 300 7.11 -13.56 52.30
CA ASP H 300 6.95 -14.91 52.91
C ASP H 300 5.72 -15.58 52.35
N LEU H 301 5.77 -16.89 52.19
CA LEU H 301 4.65 -17.67 51.61
C LEU H 301 4.11 -18.66 52.63
N PRO H 302 2.79 -18.62 52.93
CA PRO H 302 2.19 -19.52 53.90
C PRO H 302 2.22 -21.01 53.52
N ALA H 303 2.49 -21.87 54.49
CA ALA H 303 2.61 -23.30 54.20
C ALA H 303 1.27 -23.86 53.73
N ASP H 304 0.15 -23.29 54.22
CA ASP H 304 -1.19 -23.78 53.97
C ASP H 304 -1.50 -23.82 52.48
N GLY H 305 -1.10 -22.76 51.77
CA GLY H 305 -1.32 -22.64 50.33
C GLY H 305 -2.79 -22.41 49.96
N MET H 306 -3.50 -21.65 50.81
CA MET H 306 -4.93 -21.42 50.66
C MET H 306 -5.22 -20.53 49.47
N ALA H 307 -4.47 -19.42 49.36
CA ALA H 307 -4.70 -18.41 48.33
C ALA H 307 -4.40 -18.97 46.95
N MET H 308 -3.29 -19.71 46.82
CA MET H 308 -2.88 -20.32 45.56
C MET H 308 -3.91 -21.38 45.14
N ALA H 309 -4.41 -22.14 46.12
CA ALA H 309 -5.43 -23.15 45.89
C ALA H 309 -6.75 -22.50 45.45
N ARG H 310 -7.07 -21.34 46.06
CA ARG H 310 -8.25 -20.57 45.73
C ARG H 310 -8.12 -19.99 44.32
N CYS H 311 -6.89 -19.58 43.98
CA CYS H 311 -6.58 -18.98 42.69
C CYS H 311 -6.71 -20.00 41.57
N ILE H 312 -6.41 -21.28 41.89
CA ILE H 312 -6.50 -22.37 40.92
C ILE H 312 -7.97 -22.65 40.60
N ASP H 313 -8.83 -22.54 41.62
CA ASP H 313 -10.26 -22.79 41.48
C ASP H 313 -10.90 -21.73 40.58
N MET H 314 -10.49 -20.47 40.75
CA MET H 314 -11.06 -19.36 40.01
C MET H 314 -10.63 -19.43 38.55
N ALA H 315 -9.39 -19.88 38.31
CA ALA H 315 -8.84 -20.01 36.96
C ALA H 315 -9.61 -21.08 36.19
N LEU H 316 -9.92 -22.20 36.87
CA LEU H 316 -10.69 -23.28 36.29
C LEU H 316 -12.14 -22.86 36.09
N LYS H 317 -12.68 -22.09 37.04
CA LYS H 317 -14.03 -21.54 36.93
C LYS H 317 -14.12 -20.56 35.78
N ASP H 318 -13.03 -19.80 35.56
CA ASP H 318 -12.94 -18.83 34.48
C ASP H 318 -12.83 -19.55 33.14
N ALA H 319 -12.12 -20.68 33.14
CA ALA H 319 -11.89 -21.47 31.94
C ALA H 319 -13.13 -22.31 31.61
N GLN H 320 -13.98 -22.56 32.61
CA GLN H 320 -15.18 -23.39 32.49
C GLN H 320 -14.77 -24.84 32.23
N ILE H 321 -13.82 -25.33 33.05
CA ILE H 321 -13.28 -26.68 32.95
C ILE H 321 -13.21 -27.28 34.36
N SER H 322 -13.43 -28.60 34.45
CA SER H 322 -13.40 -29.31 35.72
C SER H 322 -11.97 -29.54 36.20
N PRO H 323 -11.72 -29.55 37.53
CA PRO H 323 -10.41 -29.93 38.08
C PRO H 323 -9.92 -31.34 37.74
N SER H 324 -10.87 -32.26 37.51
CA SER H 324 -10.54 -33.64 37.18
C SER H 324 -9.75 -33.82 35.88
N THR H 325 -9.93 -32.87 34.95
CA THR H 325 -9.30 -32.93 33.64
C THR H 325 -7.84 -32.47 33.70
N VAL H 326 -7.44 -31.79 34.78
CA VAL H 326 -6.09 -31.27 34.92
C VAL H 326 -5.11 -32.43 34.86
N ASN H 327 -4.29 -32.45 33.79
CA ASN H 327 -3.43 -33.58 33.48
C ASN H 327 -1.98 -33.30 33.86
N TYR H 328 -1.62 -32.01 33.94
CA TYR H 328 -0.23 -31.60 34.15
C TYR H 328 -0.18 -30.19 34.74
N ILE H 329 0.78 -29.97 35.65
CA ILE H 329 0.98 -28.68 36.30
C ILE H 329 2.42 -28.21 36.08
N SER H 330 2.56 -26.95 35.63
CA SER H 330 3.85 -26.30 35.54
C SER H 330 3.94 -25.32 36.70
N ALA H 331 4.58 -25.76 37.80
CA ALA H 331 4.70 -25.00 39.06
C ALA H 331 5.69 -23.85 38.97
N HIS H 332 5.62 -22.89 39.88
CA HIS H 332 6.59 -21.77 39.90
C HIS H 332 7.95 -22.37 40.22
N GLY H 333 8.03 -23.20 41.25
CA GLY H 333 9.27 -23.91 41.65
C GLY H 333 10.47 -23.01 41.86
N SER H 334 10.33 -22.01 42.71
CA SER H 334 11.36 -20.97 42.97
C SER H 334 12.69 -21.50 43.51
N SER H 335 12.65 -22.62 44.23
CA SER H 335 13.78 -23.33 44.90
C SER H 335 14.03 -22.75 46.29
N THR H 336 13.19 -21.84 46.72
CA THR H 336 13.24 -21.32 48.11
C THR H 336 12.59 -22.37 49.01
N ALA H 337 12.96 -22.43 50.28
CA ALA H 337 12.34 -23.47 51.12
C ALA H 337 10.83 -23.29 51.20
N GLN H 338 10.40 -22.05 51.36
CA GLN H 338 8.96 -21.70 51.50
C GLN H 338 8.10 -21.87 50.24
N ASN H 339 8.58 -21.46 49.08
CA ASN H 339 7.76 -21.52 47.84
C ASN H 339 7.38 -22.94 47.43
N ASP H 340 8.28 -23.89 47.57
CA ASP H 340 8.00 -25.28 47.15
C ASP H 340 6.92 -25.95 48.01
N ILE H 341 6.89 -25.69 49.31
CA ILE H 341 5.92 -26.24 50.24
C ILE H 341 4.56 -25.61 49.97
N ASN H 342 4.57 -24.29 49.72
CA ASN H 342 3.38 -23.50 49.46
C ASN H 342 2.61 -24.07 48.28
N GLU H 343 3.33 -24.46 47.22
CA GLU H 343 2.72 -24.94 45.99
C GLU H 343 2.25 -26.39 46.16
N SER H 344 3.08 -27.21 46.82
CA SER H 344 2.79 -28.61 47.04
C SER H 344 1.48 -28.77 47.82
N ASN H 345 1.28 -27.91 48.82
CA ASN H 345 0.09 -27.94 49.67
C ASN H 345 -1.11 -27.38 48.92
N ALA H 346 -0.86 -26.42 48.03
CA ALA H 346 -1.90 -25.78 47.24
C ALA H 346 -2.51 -26.77 46.25
N ILE H 347 -1.65 -27.63 45.66
CA ILE H 347 -2.09 -28.60 44.66
C ILE H 347 -2.86 -29.72 45.35
N LYS H 348 -2.42 -30.10 46.57
CA LYS H 348 -3.11 -31.12 47.36
C LYS H 348 -4.45 -30.60 47.84
N PHE H 349 -4.54 -29.30 48.16
CA PHE H 349 -5.74 -28.72 48.72
C PHE H 349 -6.86 -28.67 47.66
N VAL H 350 -6.48 -28.33 46.42
CA VAL H 350 -7.45 -28.11 45.36
C VAL H 350 -7.86 -29.43 44.70
N LEU H 351 -6.94 -30.41 44.63
CA LEU H 351 -7.17 -31.63 43.86
C LEU H 351 -7.33 -32.86 44.75
N GLY H 352 -6.85 -32.79 46.01
CA GLY H 352 -7.01 -33.90 46.94
C GLY H 352 -6.03 -35.04 46.66
N GLU H 353 -6.56 -36.25 46.53
CA GLU H 353 -5.78 -37.47 46.37
C GLU H 353 -5.26 -37.57 44.92
N SER H 354 -5.93 -36.89 43.99
CA SER H 354 -5.54 -36.89 42.59
C SER H 354 -4.23 -36.15 42.33
N ALA H 355 -3.79 -35.35 43.31
CA ALA H 355 -2.61 -34.51 43.18
C ALA H 355 -1.35 -35.36 43.04
N PHE H 356 -1.36 -36.56 43.64
CA PHE H 356 -0.20 -37.44 43.65
C PHE H 356 0.00 -38.10 42.29
N GLY H 357 -1.11 -38.32 41.58
CA GLY H 357 -1.07 -38.94 40.26
C GLY H 357 -0.57 -37.98 39.17
N ILE H 358 -0.90 -36.69 39.33
CA ILE H 358 -0.60 -35.68 38.33
C ILE H 358 0.89 -35.32 38.39
N PRO H 359 1.61 -35.37 37.24
CA PRO H 359 3.00 -34.91 37.20
C PRO H 359 3.15 -33.38 37.26
N ILE H 360 4.15 -32.92 38.00
CA ILE H 360 4.46 -31.50 38.20
C ILE H 360 5.92 -31.27 37.78
N ASN H 361 6.28 -30.02 37.47
CA ASN H 361 7.67 -29.72 37.16
C ASN H 361 8.01 -28.24 37.38
N SER H 362 9.32 -27.96 37.42
CA SER H 362 9.86 -26.61 37.50
C SER H 362 10.99 -26.47 36.48
N LEU H 363 10.85 -25.46 35.59
CA LEU H 363 11.84 -25.17 34.57
C LEU H 363 13.03 -24.45 35.20
N LYS H 364 12.83 -23.90 36.40
CA LYS H 364 13.83 -23.08 37.08
C LYS H 364 15.02 -23.93 37.53
N SER H 365 14.84 -25.25 37.54
CA SER H 365 15.92 -26.19 37.79
C SER H 365 17.00 -26.06 36.72
N MET H 366 16.57 -25.79 35.48
CA MET H 366 17.47 -25.60 34.35
C MET H 366 17.72 -24.12 34.12
N THR H 367 16.65 -23.37 33.84
CA THR H 367 16.74 -22.02 33.28
C THR H 367 17.04 -20.97 34.34
N GLY H 368 16.74 -21.28 35.60
CA GLY H 368 16.94 -20.32 36.71
C GLY H 368 15.71 -19.45 36.90
N HIS H 369 15.74 -18.53 37.87
CA HIS H 369 14.55 -17.67 38.10
C HIS H 369 14.84 -16.30 37.52
N ALA H 370 14.06 -15.86 36.54
CA ALA H 370 14.31 -14.59 35.84
C ALA H 370 13.24 -13.56 36.16
N LEU H 371 12.66 -13.65 37.33
CA LEU H 371 11.61 -12.73 37.83
C LEU H 371 10.38 -12.82 36.94
N ALA H 372 9.86 -11.72 36.42
CA ALA H 372 8.65 -11.72 35.57
C ALA H 372 8.84 -12.55 34.29
N ALA H 373 10.06 -12.60 33.78
CA ALA H 373 10.40 -13.30 32.54
C ALA H 373 10.23 -14.81 32.72
N ALA H 374 10.36 -15.31 33.94
CA ALA H 374 10.28 -16.75 34.20
C ALA H 374 8.90 -17.27 33.84
N ASN H 375 7.86 -16.51 34.16
CA ASN H 375 6.50 -16.95 33.82
C ASN H 375 6.34 -17.00 32.33
N ALA H 376 6.84 -15.99 31.63
CA ALA H 376 6.77 -15.89 30.15
C ALA H 376 7.56 -17.01 29.49
N ILE H 377 8.77 -17.31 29.95
CA ILE H 377 9.63 -18.38 29.39
C ILE H 377 9.00 -19.74 29.63
N GLU H 378 8.39 -19.95 30.79
CA GLU H 378 7.74 -21.20 31.14
C GLU H 378 6.44 -21.37 30.39
N SER H 379 5.81 -20.26 29.99
CA SER H 379 4.60 -20.29 29.18
C SER H 379 4.91 -20.73 27.76
N VAL H 380 6.09 -20.35 27.25
CA VAL H 380 6.57 -20.78 25.95
C VAL H 380 6.85 -22.28 26.02
N ALA H 381 7.47 -22.72 27.12
CA ALA H 381 7.80 -24.11 27.35
C ALA H 381 6.52 -24.95 27.45
N LEU H 382 5.48 -24.38 28.06
CA LEU H 382 4.21 -25.05 28.26
C LEU H 382 3.54 -25.31 26.91
N CYS H 383 3.67 -24.36 25.98
CA CYS H 383 3.09 -24.50 24.65
C CYS H 383 3.85 -25.55 23.83
N LEU H 384 5.17 -25.63 24.05
CA LEU H 384 6.02 -26.61 23.38
C LEU H 384 5.75 -28.01 23.93
N GLU H 385 5.47 -28.09 25.24
CA GLU H 385 5.17 -29.35 25.91
C GLU H 385 3.85 -29.92 25.39
N ILE H 386 2.86 -29.03 25.19
CA ILE H 386 1.52 -29.43 24.75
C ILE H 386 1.56 -29.91 23.30
N GLU H 387 2.31 -29.19 22.44
CA GLU H 387 2.31 -29.47 21.02
C GLU H 387 3.03 -30.79 20.72
N LYS H 388 4.17 -31.02 21.39
CA LYS H 388 5.02 -32.16 21.12
C LYS H 388 4.65 -33.36 22.01
N GLN H 389 3.75 -33.15 22.97
CA GLN H 389 3.26 -34.19 23.87
C GLN H 389 4.42 -34.81 24.68
N TYR H 390 5.26 -33.93 25.25
CA TYR H 390 6.38 -34.32 26.08
C TYR H 390 6.45 -33.39 27.28
N VAL H 391 7.00 -33.88 28.39
CA VAL H 391 7.11 -33.11 29.62
C VAL H 391 8.56 -33.09 30.09
N HIS H 392 9.13 -31.89 30.25
CA HIS H 392 10.50 -31.73 30.70
C HIS H 392 10.60 -32.05 32.19
N PRO H 393 11.76 -32.54 32.68
CA PRO H 393 11.91 -32.92 34.08
C PRO H 393 12.27 -31.74 35.00
N THR H 394 12.27 -32.02 36.30
CA THR H 394 12.86 -31.14 37.31
C THR H 394 14.25 -31.70 37.63
N ILE H 395 15.30 -31.05 37.09
CA ILE H 395 16.66 -31.56 37.23
C ILE H 395 17.20 -31.22 38.60
N ASN H 396 18.35 -31.84 38.94
CA ASN H 396 19.09 -31.61 40.18
C ASN H 396 18.27 -32.06 41.39
N TYR H 397 17.42 -33.07 41.21
CA TYR H 397 16.62 -33.62 42.29
C TYR H 397 17.47 -34.61 43.08
N GLN H 398 17.77 -34.26 44.33
CA GLN H 398 18.75 -35.00 45.12
C GLN H 398 18.05 -35.83 46.20
N THR H 399 17.53 -35.15 47.24
CA THR H 399 16.92 -35.80 48.38
C THR H 399 15.43 -35.45 48.43
N PRO H 400 14.52 -36.44 48.56
CA PRO H 400 13.09 -36.15 48.74
C PRO H 400 12.80 -35.38 50.02
N ASP H 401 11.98 -34.33 49.88
CA ASP H 401 11.53 -33.51 51.00
C ASP H 401 10.25 -34.12 51.57
N PRO H 402 10.17 -34.37 52.90
CA PRO H 402 8.94 -34.85 53.54
C PRO H 402 7.67 -34.08 53.20
N ASP H 403 7.78 -32.75 53.09
CA ASP H 403 6.64 -31.88 52.83
C ASP H 403 6.27 -31.94 51.35
N CYS H 404 7.27 -31.78 50.48
CA CYS H 404 7.09 -31.83 49.04
C CYS H 404 7.18 -33.29 48.56
N ASP H 405 6.03 -33.97 48.49
CA ASP H 405 6.00 -35.41 48.24
C ASP H 405 5.12 -35.76 47.04
N LEU H 406 4.99 -34.84 46.08
CA LEU H 406 4.23 -35.08 44.86
C LEU H 406 5.19 -35.58 43.76
N ASP H 407 4.63 -35.93 42.60
CA ASP H 407 5.42 -36.39 41.47
C ASP H 407 5.99 -35.17 40.73
N TYR H 408 7.33 -35.03 40.76
CA TYR H 408 7.99 -33.83 40.25
C TYR H 408 8.80 -34.10 38.98
N ILE H 409 8.69 -35.32 38.44
CA ILE H 409 9.43 -35.73 37.24
C ILE H 409 10.91 -35.49 37.47
N PRO H 410 11.57 -36.25 38.37
CA PRO H 410 12.96 -35.99 38.73
C PRO H 410 13.95 -36.45 37.66
N ASN H 411 14.67 -35.48 37.07
CA ASN H 411 15.90 -35.68 36.31
C ASN H 411 15.64 -36.13 34.87
N GLN H 412 14.75 -37.12 34.67
CA GLN H 412 14.47 -37.65 33.35
C GLN H 412 13.04 -37.31 32.94
N GLY H 413 12.89 -36.73 31.74
CA GLY H 413 11.59 -36.43 31.17
C GLY H 413 10.97 -37.63 30.47
N CYS H 414 9.75 -37.47 29.95
CA CYS H 414 9.04 -38.55 29.29
C CYS H 414 7.86 -38.01 28.46
N SER H 415 7.38 -38.84 27.53
CA SER H 415 6.21 -38.55 26.72
C SER H 415 4.96 -38.70 27.57
N TYR H 416 4.01 -37.76 27.40
CA TYR H 416 2.80 -37.70 28.20
C TYR H 416 1.73 -36.91 27.46
N PRO H 417 0.48 -37.43 27.35
CA PRO H 417 -0.60 -36.71 26.67
C PRO H 417 -1.22 -35.63 27.57
N ILE H 418 -0.80 -34.37 27.34
CA ILE H 418 -1.31 -33.24 28.10
C ILE H 418 -2.65 -32.81 27.49
N LYS H 419 -3.72 -32.94 28.29
CA LYS H 419 -5.05 -32.54 27.88
C LYS H 419 -5.32 -31.11 28.35
N THR H 420 -5.30 -30.92 29.68
CA THR H 420 -5.50 -29.62 30.30
C THR H 420 -4.37 -29.37 31.30
N ALA H 421 -3.74 -28.19 31.21
CA ALA H 421 -2.57 -27.88 32.02
C ALA H 421 -2.78 -26.61 32.84
N LEU H 422 -2.08 -26.55 33.98
CA LEU H 422 -2.06 -25.39 34.86
C LEU H 422 -0.64 -24.82 34.89
N LYS H 423 -0.55 -23.48 34.87
CA LYS H 423 0.71 -22.79 35.06
C LYS H 423 0.58 -21.87 36.27
N LEU H 424 1.28 -22.19 37.35
CA LEU H 424 1.24 -21.45 38.63
C LEU H 424 2.36 -20.40 38.71
N SER H 425 2.09 -19.23 39.28
CA SER H 425 3.10 -18.17 39.50
C SER H 425 2.85 -17.53 40.82
N SER H 426 3.92 -17.23 41.56
CA SER H 426 3.84 -16.57 42.87
C SER H 426 4.83 -15.45 42.82
N GLY H 427 4.48 -14.36 43.50
CA GLY H 427 5.37 -13.21 43.45
C GLY H 427 5.43 -12.43 44.76
N PHE H 428 6.24 -11.38 44.78
CA PHE H 428 6.30 -10.47 45.95
C PHE H 428 5.01 -9.64 45.93
N SER H 429 4.57 -9.21 47.12
CA SER H 429 3.33 -8.49 47.49
C SER H 429 2.25 -9.54 47.72
N GLY H 430 2.66 -10.79 47.85
CA GLY H 430 1.73 -11.91 48.04
C GLY H 430 0.84 -12.11 46.84
N ILE H 431 1.42 -11.99 45.65
CA ILE H 431 0.61 -12.14 44.42
C ILE H 431 0.70 -13.58 43.91
N HIS H 432 -0.45 -14.23 43.82
CA HIS H 432 -0.55 -15.51 43.14
C HIS H 432 -1.29 -15.32 41.82
N SER H 433 -0.84 -16.02 40.78
CA SER H 433 -1.47 -15.97 39.46
C SER H 433 -1.39 -17.32 38.77
N VAL H 434 -2.46 -17.68 38.05
CA VAL H 434 -2.59 -18.97 37.39
C VAL H 434 -3.23 -18.77 36.01
N ILE H 435 -2.77 -19.57 35.03
CA ILE H 435 -3.42 -19.68 33.73
C ILE H 435 -3.71 -21.15 33.42
N VAL H 436 -4.88 -21.39 32.81
CA VAL H 436 -5.27 -22.72 32.37
C VAL H 436 -5.02 -22.83 30.86
N MET H 437 -4.03 -23.65 30.49
CA MET H 437 -3.77 -23.94 29.09
C MET H 437 -4.42 -25.28 28.72
N ARG H 438 -4.58 -25.50 27.41
CA ARG H 438 -5.42 -26.58 26.90
C ARG H 438 -4.95 -26.96 25.50
N ALA H 439 -4.90 -28.27 25.23
CA ALA H 439 -4.53 -28.78 23.92
C ALA H 439 -5.66 -28.53 22.93
N VAL H 440 -5.32 -27.90 21.79
CA VAL H 440 -6.30 -27.57 20.76
C VAL H 440 -6.73 -28.85 20.05
N ASP H 441 -8.00 -28.87 19.59
CA ASP H 441 -8.63 -30.07 19.07
C ASP H 441 -8.69 -30.06 17.54
N ASN H 442 -7.66 -29.48 16.91
CA ASN H 442 -7.55 -29.47 15.45
C ASN H 442 -7.06 -30.85 14.98
N ARG I 2 -22.38 -7.64 32.01
CA ARG I 2 -21.69 -6.37 32.36
C ARG I 2 -22.46 -5.64 33.46
N LYS I 3 -21.72 -4.96 34.34
CA LYS I 3 -22.29 -4.24 35.47
C LYS I 3 -21.68 -2.83 35.53
N ARG I 4 -22.42 -1.87 36.08
CA ARG I 4 -22.01 -0.48 36.13
C ARG I 4 -21.00 -0.24 37.25
N VAL I 5 -20.15 0.79 37.06
CA VAL I 5 -19.13 1.19 38.01
C VAL I 5 -19.41 2.63 38.44
N VAL I 6 -19.23 2.92 39.74
CA VAL I 6 -19.47 4.24 40.29
C VAL I 6 -18.35 4.61 41.27
N VAL I 7 -18.09 5.93 41.40
CA VAL I 7 -17.15 6.46 42.38
C VAL I 7 -17.92 6.83 43.63
N THR I 8 -17.53 6.22 44.77
CA THR I 8 -18.20 6.46 46.04
C THR I 8 -17.31 7.30 46.97
N GLY I 9 -15.99 7.27 46.75
CA GLY I 9 -15.06 8.00 47.60
C GLY I 9 -13.77 8.36 46.86
N VAL I 10 -13.14 9.47 47.27
CA VAL I 10 -11.91 9.97 46.65
C VAL I 10 -10.96 10.49 47.74
N GLY I 11 -9.67 10.51 47.41
CA GLY I 11 -8.65 11.03 48.32
C GLY I 11 -7.32 11.27 47.61
N ALA I 12 -6.58 12.29 48.04
CA ALA I 12 -5.33 12.69 47.40
C ALA I 12 -4.49 13.60 48.31
N ILE I 13 -3.20 13.73 47.98
CA ILE I 13 -2.28 14.66 48.60
C ILE I 13 -1.43 15.34 47.52
N HIS I 14 -1.12 16.62 47.73
CA HIS I 14 -0.51 17.48 46.73
C HIS I 14 0.20 18.66 47.38
N PRO I 15 1.23 19.28 46.75
CA PRO I 15 1.78 20.55 47.24
C PRO I 15 0.79 21.70 47.46
N ASP I 16 -0.32 21.69 46.72
CA ASP I 16 -1.37 22.69 46.87
C ASP I 16 -2.16 22.43 48.16
N GLY I 17 -2.38 21.15 48.48
CA GLY I 17 -3.12 20.78 49.68
C GLY I 17 -3.06 19.28 49.98
N ASN I 18 -3.28 18.93 51.25
CA ASN I 18 -3.14 17.55 51.73
C ASN I 18 -4.50 16.85 51.81
N ASP I 19 -5.51 17.37 51.09
CA ASP I 19 -6.80 16.71 50.97
C ASP I 19 -7.53 17.18 49.71
N VAL I 20 -8.61 16.47 49.35
CA VAL I 20 -9.34 16.70 48.11
C VAL I 20 -9.97 18.09 48.07
N THR I 21 -10.49 18.56 49.21
CA THR I 21 -11.19 19.84 49.28
C THR I 21 -10.20 21.00 49.25
N ALA I 22 -9.02 20.80 49.88
CA ALA I 22 -7.98 21.82 49.95
C ALA I 22 -7.32 22.02 48.58
N ILE I 23 -7.20 20.93 47.80
CA ILE I 23 -6.64 20.98 46.46
C ILE I 23 -7.65 21.67 45.53
N LYS I 24 -8.91 21.24 45.60
CA LYS I 24 -9.97 21.70 44.72
C LYS I 24 -10.18 23.21 44.86
N SER I 25 -10.08 23.71 46.08
CA SER I 25 -10.26 25.14 46.37
C SER I 25 -9.12 25.97 45.79
N LYS I 26 -7.91 25.39 45.79
CA LYS I 26 -6.72 26.06 45.27
C LYS I 26 -6.74 26.05 43.74
N VAL I 27 -7.29 24.98 43.16
CA VAL I 27 -7.38 24.82 41.72
C VAL I 27 -8.32 25.89 41.14
N ILE I 28 -9.43 26.16 41.84
CA ILE I 28 -10.40 27.15 41.40
C ILE I 28 -9.79 28.55 41.48
N GLN I 29 -8.95 28.78 42.51
CA GLN I 29 -8.33 30.07 42.75
C GLN I 29 -7.42 30.47 41.59
N LYS I 30 -6.61 29.52 41.12
CA LYS I 30 -5.65 29.77 40.05
C LYS I 30 -6.36 29.80 38.69
N LEU I 31 -7.39 28.97 38.54
CA LEU I 31 -8.13 28.85 37.29
C LEU I 31 -8.95 30.11 37.03
N LEU I 32 -9.54 30.67 38.10
CA LEU I 32 -10.31 31.90 37.99
C LEU I 32 -9.37 33.09 37.79
N GLY I 33 -8.35 33.20 38.66
CA GLY I 33 -7.35 34.24 38.56
C GLY I 33 -6.21 33.84 37.65
N SER I 44 12.44 24.43 35.48
CA SER I 44 11.62 23.31 35.97
C SER I 44 12.14 22.82 37.32
N ILE I 45 11.22 22.57 38.24
CA ILE I 45 11.53 22.11 39.59
C ILE I 45 10.53 21.04 40.02
N ILE I 46 10.79 20.43 41.19
CA ILE I 46 9.94 19.42 41.77
C ILE I 46 9.39 19.94 43.11
N ARG I 47 8.08 20.21 43.13
CA ARG I 47 7.40 20.73 44.30
C ARG I 47 7.13 19.59 45.29
N THR I 48 7.36 19.86 46.58
CA THR I 48 7.21 18.89 47.65
C THR I 48 5.92 19.15 48.43
N LEU I 49 5.55 18.21 49.29
CA LEU I 49 4.38 18.35 50.16
C LEU I 49 4.71 19.24 51.34
N SER I 50 3.77 20.12 51.70
CA SER I 50 3.95 21.06 52.79
C SER I 50 3.27 20.57 54.08
N ASP I 51 4.05 20.50 55.16
CA ASP I 51 3.56 20.19 56.51
C ASP I 51 2.96 18.78 56.55
N PHE I 52 3.75 17.79 56.10
CA PHE I 52 3.31 16.40 56.04
C PHE I 52 4.37 15.50 56.65
N ASP I 53 3.91 14.42 57.32
CA ASP I 53 4.80 13.41 57.89
C ASP I 53 4.07 12.06 57.98
N GLY I 54 4.83 10.99 57.73
CA GLY I 54 4.30 9.63 57.68
C GLY I 54 3.97 9.06 59.07
N ALA I 55 4.57 9.63 60.12
CA ALA I 55 4.31 9.22 61.49
C ALA I 55 2.86 9.48 61.87
N LYS I 56 2.25 10.48 61.20
CA LYS I 56 0.89 10.91 61.50
C LYS I 56 -0.13 9.86 61.07
N TYR I 57 0.26 8.99 60.12
CA TYR I 57 -0.66 8.03 59.53
C TYR I 57 -0.18 6.59 59.74
N ILE I 58 1.13 6.35 59.56
CA ILE I 58 1.69 5.01 59.47
C ILE I 58 2.53 4.70 60.70
N ASN I 59 2.58 3.41 61.07
CA ASN I 59 3.33 2.90 62.21
C ASN I 59 4.83 3.01 61.93
N ASN I 60 5.62 3.20 63.00
CA ASN I 60 7.06 3.43 62.90
C ASN I 60 7.80 2.16 62.49
N ARG I 61 7.25 1.00 62.87
CA ARG I 61 7.83 -0.29 62.51
C ARG I 61 7.63 -0.55 61.02
N LEU I 62 6.51 -0.09 60.48
CA LEU I 62 6.18 -0.25 59.06
C LEU I 62 6.93 0.78 58.22
N ARG I 63 7.02 2.03 58.71
CA ARG I 63 7.53 3.16 57.94
C ARG I 63 9.01 2.98 57.59
N ARG I 64 9.76 2.27 58.46
CA ARG I 64 11.19 2.07 58.27
C ARG I 64 11.45 1.05 57.17
N LYS I 65 10.38 0.35 56.73
CA LYS I 65 10.49 -0.72 55.74
C LYS I 65 10.19 -0.18 54.34
N ILE I 66 9.43 0.93 54.25
CA ILE I 66 8.83 1.35 52.99
C ILE I 66 9.34 2.72 52.55
N ASP I 67 9.13 3.02 51.25
CA ASP I 67 9.50 4.28 50.63
C ASP I 67 8.34 5.26 50.73
N GLU I 68 8.61 6.54 50.44
CA GLU I 68 7.65 7.62 50.52
C GLU I 68 6.48 7.42 49.55
N PHE I 69 6.71 6.76 48.41
CA PHE I 69 5.66 6.56 47.42
C PHE I 69 4.62 5.56 47.92
N SER I 70 5.07 4.61 48.75
CA SER I 70 4.17 3.65 49.39
C SER I 70 3.41 4.36 50.51
N VAL I 71 4.08 5.31 51.19
CA VAL I 71 3.49 6.08 52.27
C VAL I 71 2.39 6.97 51.70
N TYR I 72 2.68 7.65 50.59
CA TYR I 72 1.75 8.58 49.96
C TYR I 72 0.50 7.85 49.48
N GLY I 73 0.67 6.60 49.05
CA GLY I 73 -0.43 5.77 48.58
C GLY I 73 -1.33 5.31 49.72
N ILE I 74 -0.74 4.99 50.87
CA ILE I 74 -1.46 4.49 52.03
C ILE I 74 -2.36 5.60 52.60
N VAL I 75 -1.84 6.83 52.68
CA VAL I 75 -2.57 7.95 53.24
C VAL I 75 -3.69 8.37 52.30
N ALA I 76 -3.49 8.16 50.99
CA ALA I 76 -4.45 8.55 49.97
C ALA I 76 -5.70 7.65 50.02
N VAL I 77 -5.49 6.35 50.18
CA VAL I 77 -6.59 5.39 50.23
C VAL I 77 -7.39 5.54 51.53
N GLU I 78 -6.70 5.93 52.61
CA GLU I 78 -7.31 6.07 53.92
C GLU I 78 -8.37 7.18 53.90
N MET I 79 -8.08 8.24 53.16
CA MET I 79 -9.01 9.35 52.98
C MET I 79 -10.16 8.90 52.07
N ALA I 80 -9.82 8.10 51.04
CA ALA I 80 -10.77 7.65 50.06
C ALA I 80 -11.77 6.67 50.67
N LEU I 81 -11.29 5.81 51.57
CA LEU I 81 -12.14 4.82 52.23
C LEU I 81 -13.03 5.51 53.27
N LYS I 82 -12.49 6.54 53.93
CA LYS I 82 -13.22 7.28 54.94
C LYS I 82 -14.33 8.10 54.29
N ALA I 83 -14.06 8.62 53.09
CA ALA I 83 -15.01 9.43 52.33
C ALA I 83 -16.17 8.56 51.84
N SER I 84 -15.85 7.33 51.41
CA SER I 84 -16.84 6.39 50.91
C SER I 84 -17.77 5.84 51.99
N ARG I 85 -17.27 5.80 53.24
CA ARG I 85 -17.99 5.34 54.42
C ARG I 85 -18.27 3.84 54.34
N LEU I 86 -17.31 3.08 53.79
CA LEU I 86 -17.38 1.62 53.76
C LEU I 86 -16.95 1.07 55.13
N ASP I 87 -17.75 0.14 55.66
CA ASP I 87 -17.40 -0.60 56.86
C ASP I 87 -16.47 -1.74 56.46
N VAL I 88 -15.19 -1.64 56.83
CA VAL I 88 -14.15 -2.56 56.38
C VAL I 88 -14.36 -3.96 56.97
N ASP I 89 -14.93 -4.02 58.18
CA ASP I 89 -15.16 -5.29 58.87
C ASP I 89 -16.27 -6.09 58.21
N LYS I 90 -17.18 -5.41 57.52
CA LYS I 90 -18.34 -6.04 56.89
C LYS I 90 -18.05 -6.36 55.42
N LEU I 91 -16.86 -5.98 54.94
CA LEU I 91 -16.51 -6.11 53.53
C LEU I 91 -15.71 -7.39 53.31
N ASP I 92 -16.19 -8.23 52.38
CA ASP I 92 -15.57 -9.51 52.04
C ASP I 92 -14.25 -9.24 51.31
N PRO I 93 -13.09 -9.62 51.88
CA PRO I 93 -11.79 -9.31 51.27
C PRO I 93 -11.55 -9.95 49.90
N ASN I 94 -12.27 -11.04 49.61
CA ASN I 94 -12.17 -11.73 48.33
C ASN I 94 -12.82 -10.89 47.23
N ARG I 95 -13.69 -9.96 47.63
CA ARG I 95 -14.45 -9.15 46.69
C ARG I 95 -13.93 -7.71 46.67
N VAL I 96 -12.66 -7.51 47.09
CA VAL I 96 -12.03 -6.20 47.05
C VAL I 96 -10.60 -6.33 46.51
N GLY I 97 -10.28 -5.54 45.48
CA GLY I 97 -8.96 -5.55 44.86
C GLY I 97 -8.30 -4.18 44.88
N ILE I 98 -7.03 -4.13 44.47
CA ILE I 98 -6.26 -2.87 44.46
C ILE I 98 -5.52 -2.72 43.14
N TYR I 99 -5.73 -1.64 42.43
CA TYR I 99 -5.02 -1.30 41.20
C TYR I 99 -4.18 -0.05 41.43
N VAL I 100 -2.90 -0.12 41.07
CA VAL I 100 -1.96 1.00 41.37
C VAL I 100 -1.15 1.38 40.12
N GLY I 101 -0.88 2.66 39.94
CA GLY I 101 0.00 3.20 38.89
C GLY I 101 1.24 3.85 39.50
N ASN I 102 2.42 3.48 38.97
CA ASN I 102 3.68 3.99 39.49
C ASN I 102 4.82 3.73 38.49
N CYS I 103 5.52 4.80 38.10
CA CYS I 103 6.49 4.77 37.02
C CYS I 103 7.93 4.69 37.54
N PHE I 104 8.25 5.42 38.61
CA PHE I 104 9.64 5.64 39.00
C PHE I 104 10.08 4.77 40.18
N GLY I 105 9.12 4.09 40.82
CA GLY I 105 9.44 3.25 41.98
C GLY I 105 9.66 4.07 43.24
N GLY I 106 10.66 3.69 44.04
CA GLY I 106 10.97 4.36 45.28
C GLY I 106 12.47 4.43 45.56
N TRP I 107 13.12 5.44 44.99
CA TRP I 107 14.58 5.57 45.01
C TRP I 107 15.08 6.15 46.34
N GLN I 108 14.23 6.94 47.02
CA GLN I 108 14.61 7.66 48.24
C GLN I 108 15.11 6.69 49.31
N HIS I 109 14.59 5.47 49.29
CA HIS I 109 14.93 4.50 50.34
C HIS I 109 16.16 3.69 49.94
N ILE I 110 16.45 3.57 48.66
CA ILE I 110 17.54 2.64 48.28
C ILE I 110 18.81 3.32 47.80
N GLU I 111 18.75 4.58 47.37
CA GLU I 111 19.93 5.32 46.83
C GLU I 111 21.21 5.16 47.66
N ASP I 112 21.17 5.44 48.96
CA ASP I 112 22.38 5.42 49.77
C ASP I 112 22.95 4.01 49.85
N GLU I 113 22.07 3.00 49.78
CA GLU I 113 22.47 1.60 49.87
C GLU I 113 23.07 1.12 48.55
N VAL I 114 22.60 1.70 47.43
CA VAL I 114 23.09 1.37 46.10
C VAL I 114 24.53 1.87 45.97
N LYS I 115 24.77 3.09 46.46
CA LYS I 115 26.09 3.69 46.41
C LYS I 115 27.01 3.00 47.42
N ALA I 116 26.44 2.55 48.54
CA ALA I 116 27.18 1.89 49.60
C ALA I 116 27.64 0.50 49.15
N LEU I 117 26.98 -0.06 48.15
CA LEU I 117 27.30 -1.44 47.73
C LEU I 117 28.57 -1.46 46.88
N HIS I 118 28.91 -0.33 46.27
CA HIS I 118 30.10 -0.31 45.39
C HIS I 118 31.36 0.08 46.17
N ILE I 119 31.19 0.73 47.32
CA ILE I 119 32.30 1.21 48.13
C ILE I 119 32.64 0.18 49.21
N GLU I 120 31.61 -0.42 49.83
CA GLU I 120 31.79 -1.34 50.94
C GLU I 120 31.72 -2.79 50.43
N GLY I 121 30.56 -3.15 49.86
CA GLY I 121 30.21 -4.52 49.54
C GLY I 121 28.76 -4.81 49.92
N ILE I 122 28.48 -6.07 50.28
CA ILE I 122 27.12 -6.49 50.62
C ILE I 122 26.66 -5.83 51.92
N LYS I 123 27.62 -5.51 52.81
CA LYS I 123 27.33 -4.99 54.13
C LYS I 123 26.61 -3.65 54.06
N GLY I 124 26.79 -2.93 52.95
CA GLY I 124 26.15 -1.65 52.73
C GLY I 124 24.64 -1.78 52.54
N MET I 125 24.23 -2.86 51.86
CA MET I 125 22.83 -3.10 51.55
C MET I 125 22.11 -3.76 52.72
N GLY I 126 20.80 -3.51 52.81
CA GLY I 126 19.93 -4.12 53.79
C GLY I 126 18.84 -4.97 53.12
N PRO I 127 18.01 -5.70 53.91
CA PRO I 127 17.00 -6.61 53.35
C PRO I 127 15.87 -5.96 52.55
N TYR I 128 15.56 -4.71 52.85
CA TYR I 128 14.37 -4.05 52.26
C TYR I 128 14.64 -3.44 50.89
N VAL I 129 15.82 -3.63 50.34
CA VAL I 129 16.09 -3.02 49.01
C VAL I 129 15.13 -3.62 47.99
N ALA I 130 14.94 -4.93 48.05
CA ALA I 130 14.05 -5.59 47.08
C ALA I 130 12.60 -5.14 47.24
N THR I 131 12.07 -5.20 48.46
CA THR I 131 10.67 -4.84 48.75
C THR I 131 10.36 -3.34 48.66
N ALA I 132 11.24 -2.46 49.13
CA ALA I 132 10.88 -1.03 49.14
C ALA I 132 10.80 -0.38 47.76
N TRP I 133 11.81 -0.64 46.92
CA TRP I 133 11.94 0.00 45.61
C TRP I 133 10.90 -0.38 44.56
N PHE I 134 10.59 -1.66 44.40
CA PHE I 134 9.72 -2.05 43.25
C PHE I 134 8.36 -1.39 43.35
N PRO I 135 7.78 -0.99 42.21
CA PRO I 135 6.50 -0.30 42.15
C PRO I 135 5.28 -1.06 42.68
N ALA I 136 5.37 -2.37 42.70
CA ALA I 136 4.32 -3.27 43.18
C ALA I 136 4.37 -3.31 44.70
N ALA I 137 5.22 -2.45 45.29
CA ALA I 137 5.34 -2.38 46.76
C ALA I 137 4.09 -1.77 47.36
N LEU I 138 3.56 -0.70 46.78
CA LEU I 138 2.38 -0.03 47.36
C LEU I 138 1.18 -0.95 47.34
N GLN I 139 1.03 -1.73 46.30
CA GLN I 139 -0.10 -2.67 46.15
C GLN I 139 -0.02 -3.70 47.27
N GLY I 140 1.15 -4.23 47.57
CA GLY I 140 1.35 -5.22 48.64
C GLY I 140 1.19 -4.70 50.03
N GLN I 141 1.66 -3.48 50.28
CA GLN I 141 1.58 -2.87 51.62
C GLN I 141 0.12 -2.65 51.98
N LEU I 142 -0.69 -2.23 51.02
CA LEU I 142 -2.13 -2.01 51.22
C LEU I 142 -2.85 -3.33 51.51
N SER I 143 -2.48 -4.40 50.85
CA SER I 143 -3.20 -5.68 51.06
C SER I 143 -2.95 -6.21 52.48
N LEU I 144 -1.79 -5.93 53.06
CA LEU I 144 -1.45 -6.35 54.41
C LEU I 144 -2.25 -5.55 55.44
N LEU I 145 -2.41 -4.25 55.19
CA LEU I 145 -3.12 -3.36 56.11
C LEU I 145 -4.59 -3.72 56.17
N TYR I 146 -5.20 -4.02 55.00
CA TYR I 146 -6.64 -4.13 54.86
C TYR I 146 -7.11 -5.56 54.63
N GLY I 147 -6.21 -6.42 54.13
CA GLY I 147 -6.50 -7.82 53.90
C GLY I 147 -7.20 -8.08 52.56
N PHE I 148 -7.18 -7.09 51.65
CA PHE I 148 -7.87 -7.18 50.38
C PHE I 148 -7.19 -8.21 49.47
N SER I 149 -7.98 -9.18 48.99
CA SER I 149 -7.44 -10.37 48.35
C SER I 149 -7.90 -10.68 46.92
N ALA I 150 -8.69 -9.76 46.32
CA ALA I 150 -9.14 -9.93 44.94
C ALA I 150 -8.01 -9.58 43.97
N GLN I 151 -8.31 -9.65 42.69
CA GLN I 151 -7.29 -9.43 41.64
C GLN I 151 -6.72 -8.04 41.85
N SER I 152 -5.40 -7.96 42.00
CA SER I 152 -4.73 -6.67 42.25
C SER I 152 -3.54 -6.50 41.33
N LYS I 153 -3.42 -5.39 40.63
CA LYS I 153 -2.31 -5.22 39.66
C LYS I 153 -1.64 -3.86 39.77
N THR I 154 -0.40 -3.76 39.28
CA THR I 154 0.37 -2.49 39.23
C THR I 154 0.80 -2.24 37.79
N PHE I 155 0.59 -1.03 37.29
CA PHE I 155 1.02 -0.63 35.93
C PHE I 155 2.09 0.46 36.00
N SER I 156 3.21 0.24 35.33
CA SER I 156 4.29 1.25 35.31
C SER I 156 4.43 1.86 33.91
N THR I 157 3.38 1.83 33.11
CA THR I 157 3.49 2.41 31.75
C THR I 157 3.83 3.90 31.91
N SER I 158 4.82 4.38 31.16
CA SER I 158 5.28 5.75 31.22
C SER I 158 4.13 6.74 30.98
N ASP I 159 3.85 7.57 31.99
CA ASP I 159 2.86 8.64 31.93
C ASP I 159 1.44 8.13 32.21
N VAL I 160 1.00 7.09 31.48
CA VAL I 160 -0.41 6.70 31.48
C VAL I 160 -0.70 5.59 32.49
N ALA I 161 0.25 5.31 33.39
CA ALA I 161 0.16 4.19 34.30
C ALA I 161 -1.13 4.24 35.12
N GLY I 162 -1.33 5.35 35.84
CA GLY I 162 -2.47 5.52 36.73
C GLY I 162 -3.79 5.59 35.97
N MET I 163 -3.74 6.07 34.72
CA MET I 163 -4.90 6.16 33.86
C MET I 163 -5.39 4.75 33.50
N GLN I 164 -4.43 3.84 33.25
CA GLN I 164 -4.72 2.45 32.95
C GLN I 164 -5.19 1.73 34.21
N ALA I 165 -4.63 2.11 35.37
CA ALA I 165 -4.94 1.50 36.65
C ALA I 165 -6.43 1.67 36.99
N ILE I 166 -6.98 2.86 36.72
CA ILE I 166 -8.39 3.14 36.95
C ILE I 166 -9.22 2.37 35.92
N GLY I 167 -8.78 2.42 34.66
CA GLY I 167 -9.51 1.86 33.53
C GLY I 167 -9.74 0.35 33.65
N TYR I 168 -8.69 -0.37 34.03
CA TYR I 168 -8.75 -1.83 34.12
C TYR I 168 -9.34 -2.29 35.44
N ALA I 169 -9.36 -1.38 36.44
CA ALA I 169 -10.05 -1.64 37.69
C ALA I 169 -11.57 -1.61 37.47
N ALA I 170 -12.00 -0.77 36.53
CA ALA I 170 -13.41 -0.65 36.15
C ALA I 170 -13.86 -1.91 35.42
N GLU I 171 -12.99 -2.46 34.57
CA GLU I 171 -13.26 -3.68 33.81
C GLU I 171 -13.41 -4.86 34.77
N ALA I 172 -12.61 -4.87 35.84
CA ALA I 172 -12.66 -5.91 36.85
C ALA I 172 -14.03 -5.91 37.55
N ILE I 173 -14.56 -4.71 37.82
CA ILE I 173 -15.87 -4.56 38.44
C ILE I 173 -16.96 -4.90 37.44
N SER I 174 -16.75 -4.52 36.17
CA SER I 174 -17.72 -4.74 35.12
C SER I 174 -18.01 -6.22 34.87
N ASN I 175 -16.94 -7.03 34.87
CA ASN I 175 -17.02 -8.46 34.58
C ASN I 175 -17.24 -9.28 35.85
N GLY I 176 -17.30 -8.60 37.00
CA GLY I 176 -17.64 -9.25 38.27
C GLY I 176 -16.47 -9.98 38.92
N VAL I 177 -15.29 -9.35 38.88
CA VAL I 177 -14.11 -9.87 39.55
C VAL I 177 -14.13 -9.41 41.01
N ALA I 178 -14.64 -8.19 41.25
CA ALA I 178 -14.77 -7.65 42.59
C ALA I 178 -15.87 -6.60 42.65
N GLU I 179 -16.49 -6.44 43.83
CA GLU I 179 -17.54 -5.46 44.05
C GLU I 179 -16.95 -4.08 44.38
N VAL I 180 -15.70 -4.05 44.88
CA VAL I 180 -15.02 -2.81 45.23
C VAL I 180 -13.59 -2.87 44.69
N MET I 181 -13.03 -1.69 44.32
CA MET I 181 -11.65 -1.57 43.87
C MET I 181 -11.04 -0.28 44.40
N LEU I 182 -9.77 -0.37 44.84
CA LEU I 182 -8.97 0.79 45.22
C LEU I 182 -7.97 1.09 44.11
N CYS I 183 -8.41 1.84 43.10
CA CYS I 183 -7.57 2.25 42.00
C CYS I 183 -6.97 3.62 42.28
N GLY I 184 -5.76 3.86 41.78
CA GLY I 184 -5.09 5.15 41.93
C GLY I 184 -3.62 5.09 41.55
N ALA I 185 -2.87 6.12 41.99
CA ALA I 185 -1.45 6.26 41.66
C ALA I 185 -0.73 7.06 42.74
N SER I 186 0.60 6.90 42.77
CA SER I 186 1.48 7.59 43.72
C SER I 186 2.89 7.69 43.15
N GLU I 187 3.55 8.83 43.41
CA GLU I 187 4.90 9.09 42.93
C GLU I 187 5.71 9.85 43.99
N HIS I 188 7.01 9.53 44.06
CA HIS I 188 7.97 10.29 44.85
C HIS I 188 9.14 10.69 43.96
N LEU I 189 9.34 12.01 43.78
CA LEU I 189 10.29 12.51 42.80
C LEU I 189 11.40 13.34 43.45
N SER I 190 11.39 13.46 44.78
CA SER I 190 12.31 14.36 45.47
C SER I 190 13.70 13.80 45.73
N SER I 191 13.89 12.49 45.52
CA SER I 191 15.17 11.84 45.76
C SER I 191 16.24 12.30 44.78
N PRO I 192 17.48 12.54 45.24
CA PRO I 192 18.54 13.13 44.41
C PRO I 192 18.70 12.63 42.98
N LEU I 193 18.51 11.32 42.76
CA LEU I 193 18.75 10.69 41.47
C LEU I 193 17.68 11.11 40.47
N VAL I 194 16.41 10.91 40.84
CA VAL I 194 15.30 11.23 39.95
C VAL I 194 15.06 12.74 39.92
N LYS I 195 15.52 13.43 40.98
CA LYS I 195 15.37 14.88 41.08
C LYS I 195 16.21 15.56 39.98
N ASN I 196 17.49 15.18 39.93
CA ASN I 196 18.45 15.78 39.01
C ASN I 196 18.19 15.31 37.58
N LEU I 197 17.59 14.12 37.44
CA LEU I 197 17.23 13.58 36.14
C LEU I 197 16.11 14.42 35.53
N LEU I 198 15.06 14.67 36.31
CA LEU I 198 13.88 15.39 35.86
C LEU I 198 14.19 16.88 35.68
N GLU I 199 15.17 17.38 36.45
CA GLU I 199 15.56 18.79 36.39
C GLU I 199 16.23 19.09 35.05
N LYS I 200 17.09 18.17 34.59
CA LYS I 200 17.86 18.38 33.37
C LYS I 200 17.14 17.84 32.15
N THR I 201 16.96 16.51 32.10
CA THR I 201 16.63 15.81 30.86
C THR I 201 15.19 16.04 30.42
N SER I 202 14.26 16.00 31.39
CA SER I 202 12.83 16.05 31.11
C SER I 202 12.38 17.40 30.54
N SER I 203 13.15 18.46 30.83
CA SER I 203 12.88 19.78 30.30
C SER I 203 13.21 19.84 28.81
N GLN I 204 14.32 19.21 28.42
CA GLN I 204 14.81 19.20 27.05
C GLN I 204 14.08 18.14 26.21
N LYS I 205 13.38 17.22 26.88
CA LYS I 205 12.72 16.08 26.23
C LYS I 205 11.55 16.55 25.36
N HIS I 206 11.17 15.68 24.40
CA HIS I 206 10.06 15.92 23.48
C HIS I 206 9.43 14.60 23.07
N SER I 207 8.32 14.67 22.33
CA SER I 207 7.63 13.51 21.80
C SER I 207 7.65 13.55 20.27
N GLU I 208 7.88 12.37 19.66
CA GLU I 208 7.90 12.22 18.22
C GLU I 208 6.49 12.35 17.65
N VAL I 209 5.49 11.98 18.47
CA VAL I 209 4.09 11.99 18.05
C VAL I 209 3.47 13.36 18.34
N PHE I 210 3.63 13.84 19.58
CA PHE I 210 2.87 14.97 20.10
C PHE I 210 3.64 16.28 20.02
N GLY I 211 4.97 16.22 19.91
CA GLY I 211 5.77 17.41 19.69
C GLY I 211 6.48 17.91 20.96
N GLU I 212 6.63 19.23 21.07
CA GLU I 212 7.42 19.87 22.11
C GLU I 212 6.60 19.97 23.40
N LYS I 213 7.29 19.88 24.54
CA LYS I 213 6.69 20.04 25.86
C LYS I 213 6.47 21.52 26.16
N GLN I 214 5.42 21.81 26.94
CA GLN I 214 5.16 23.15 27.44
C GLN I 214 6.06 23.41 28.65
N PRO I 215 6.34 24.69 29.00
CA PRO I 215 7.03 25.01 30.26
C PRO I 215 6.18 24.65 31.47
N GLY I 216 6.80 24.07 32.50
CA GLY I 216 6.10 23.68 33.71
C GLY I 216 6.98 22.90 34.69
N ASP I 217 6.52 22.85 35.94
CA ASP I 217 7.19 22.14 37.01
C ASP I 217 6.69 20.70 37.09
N PHE I 218 7.26 19.93 38.02
CA PHE I 218 6.78 18.61 38.38
C PHE I 218 6.26 18.65 39.82
N SER I 219 5.49 17.61 40.20
CA SER I 219 4.96 17.51 41.55
C SER I 219 4.85 16.05 41.98
N GLU I 220 4.90 15.84 43.31
CA GLU I 220 4.82 14.50 43.90
C GLU I 220 3.56 14.40 44.76
N GLY I 221 3.25 13.19 45.20
CA GLY I 221 2.08 12.90 46.00
C GLY I 221 1.37 11.64 45.55
N ALA I 222 0.03 11.63 45.68
CA ALA I 222 -0.78 10.47 45.32
C ALA I 222 -2.24 10.88 45.16
N ALA I 223 -3.03 9.97 44.58
CA ALA I 223 -4.48 10.14 44.42
C ALA I 223 -5.13 8.77 44.19
N PHE I 224 -6.26 8.53 44.87
CA PHE I 224 -6.93 7.23 44.82
C PHE I 224 -8.45 7.40 44.80
N LEU I 225 -9.12 6.56 43.99
CA LEU I 225 -10.56 6.50 43.90
C LEU I 225 -11.05 5.18 44.50
N VAL I 226 -12.24 5.21 45.11
CA VAL I 226 -12.95 4.00 45.50
C VAL I 226 -14.01 3.73 44.43
N LEU I 227 -13.68 2.84 43.49
CA LEU I 227 -14.63 2.36 42.51
C LEU I 227 -15.36 1.15 43.10
N GLU I 228 -16.68 1.10 42.91
CA GLU I 228 -17.46 -0.06 43.32
C GLU I 228 -18.68 -0.24 42.40
N GLU I 229 -19.28 -1.43 42.47
CA GLU I 229 -20.42 -1.80 41.64
C GLU I 229 -21.64 -1.00 42.08
N ARG I 230 -22.49 -0.65 41.11
CA ARG I 230 -23.58 0.31 41.29
C ARG I 230 -24.60 -0.21 42.30
N GLN I 231 -25.01 -1.48 42.14
CA GLN I 231 -26.02 -2.08 43.00
C GLN I 231 -25.49 -2.25 44.43
N HIS I 232 -24.18 -2.51 44.55
CA HIS I 232 -23.53 -2.62 45.86
C HIS I 232 -23.57 -1.28 46.59
N ALA I 233 -23.43 -0.19 45.84
CA ALA I 233 -23.42 1.16 46.38
C ALA I 233 -24.82 1.58 46.83
N LEU I 234 -25.82 1.30 46.00
CA LEU I 234 -27.19 1.72 46.24
C LEU I 234 -27.80 0.97 47.42
N GLU I 235 -27.41 -0.31 47.58
CA GLU I 235 -27.95 -1.18 48.62
C GLU I 235 -27.50 -0.71 50.00
N ARG I 236 -26.27 -0.19 50.09
CA ARG I 236 -25.68 0.18 51.37
C ARG I 236 -25.96 1.66 51.69
N GLY I 237 -26.69 2.34 50.79
CA GLY I 237 -27.08 3.73 50.98
C GLY I 237 -25.90 4.69 50.81
N ALA I 238 -25.05 4.40 49.81
CA ALA I 238 -23.83 5.16 49.58
C ALA I 238 -24.14 6.44 48.81
N SER I 239 -23.40 7.51 49.13
CA SER I 239 -23.49 8.76 48.42
C SER I 239 -22.54 8.71 47.23
N ILE I 240 -23.12 8.49 46.04
CA ILE I 240 -22.36 8.32 44.80
C ILE I 240 -21.94 9.70 44.29
N LEU I 241 -20.69 9.80 43.85
CA LEU I 241 -20.12 11.03 43.31
C LEU I 241 -20.41 11.11 41.82
N CYS I 242 -20.06 10.05 41.09
CA CYS I 242 -20.23 9.98 39.64
C CYS I 242 -20.18 8.53 39.17
N GLU I 243 -20.60 8.31 37.90
CA GLU I 243 -20.58 7.01 37.26
C GLU I 243 -19.44 6.98 36.25
N LEU I 244 -18.55 5.98 36.36
CA LEU I 244 -17.49 5.77 35.37
C LEU I 244 -18.11 5.12 34.14
N THR I 245 -18.31 5.93 33.10
CA THR I 245 -19.12 5.52 31.95
C THR I 245 -18.26 4.88 30.86
N GLY I 246 -16.96 5.17 30.83
CA GLY I 246 -16.11 4.63 29.77
C GLY I 246 -14.63 4.87 29.97
N PHE I 247 -13.82 4.00 29.36
CA PHE I 247 -12.37 4.07 29.36
C PHE I 247 -11.85 3.86 27.95
N VAL I 248 -10.82 4.63 27.58
CA VAL I 248 -10.17 4.55 26.27
C VAL I 248 -8.70 4.22 26.48
N ASP I 249 -8.17 3.30 25.63
CA ASP I 249 -6.78 2.88 25.72
C ASP I 249 -6.26 2.53 24.33
N TYR I 250 -5.56 3.49 23.71
CA TYR I 250 -5.00 3.31 22.38
C TYR I 250 -3.54 3.77 22.36
N PHE I 251 -2.87 3.48 21.24
CA PHE I 251 -1.48 3.87 21.01
C PHE I 251 -1.35 4.47 19.62
N ALA I 252 -0.33 5.34 19.46
CA ALA I 252 -0.09 6.01 18.19
C ALA I 252 1.37 5.80 17.77
N PRO I 253 1.65 4.82 16.88
CA PRO I 253 3.01 4.60 16.40
C PRO I 253 3.54 5.68 15.44
N ASP I 254 2.64 6.53 14.92
CA ASP I 254 3.01 7.61 14.02
C ASP I 254 1.93 8.69 14.00
N LYS I 255 2.23 9.82 13.33
CA LYS I 255 1.38 11.00 13.34
C LYS I 255 0.11 10.77 12.53
N ASN I 256 0.16 9.82 11.58
CA ASN I 256 -0.98 9.51 10.73
C ASN I 256 -2.10 8.89 11.57
N THR I 257 -1.72 8.00 12.49
CA THR I 257 -2.66 7.30 13.35
C THR I 257 -3.15 8.22 14.47
N ARG I 258 -2.30 9.18 14.86
CA ARG I 258 -2.55 10.07 15.99
C ARG I 258 -3.91 10.76 15.85
N ASN I 259 -4.21 11.26 14.65
CA ASN I 259 -5.44 11.98 14.38
C ASN I 259 -6.63 11.03 14.41
N ASN I 260 -6.41 9.79 13.96
CA ASN I 260 -7.45 8.76 13.97
C ASN I 260 -7.70 8.28 15.39
N THR I 261 -6.64 8.29 16.21
CA THR I 261 -6.71 7.84 17.60
C THR I 261 -7.60 8.77 18.42
N LEU I 262 -7.47 10.08 18.17
CA LEU I 262 -8.21 11.10 18.91
C LEU I 262 -9.68 11.10 18.51
N GLU I 263 -9.98 10.57 17.32
CA GLU I 263 -11.35 10.49 16.83
C GLU I 263 -12.11 9.37 17.54
N TYR I 264 -11.37 8.44 18.17
CA TYR I 264 -11.99 7.36 18.94
C TYR I 264 -12.33 7.87 20.34
N THR I 265 -11.50 8.78 20.86
CA THR I 265 -11.74 9.44 22.13
C THR I 265 -12.99 10.31 22.01
N ALA I 266 -13.25 10.79 20.79
CA ALA I 266 -14.40 11.63 20.49
C ALA I 266 -15.71 10.87 20.68
N GLU I 267 -15.69 9.56 20.40
CA GLU I 267 -16.87 8.71 20.48
C GLU I 267 -17.29 8.50 21.93
N LEU I 268 -16.39 8.78 22.88
CA LEU I 268 -16.64 8.61 24.31
C LEU I 268 -17.62 9.66 24.82
N PHE I 269 -17.80 10.76 24.06
CA PHE I 269 -18.70 11.84 24.43
C PHE I 269 -20.17 11.39 24.31
N ASN I 270 -20.45 10.59 23.28
CA ASN I 270 -21.81 10.16 22.94
C ASN I 270 -22.64 11.36 22.50
N HIS I 271 -22.03 12.27 21.74
CA HIS I 271 -22.69 13.43 21.13
C HIS I 271 -23.30 14.34 22.20
N ASN I 272 -22.58 14.53 23.31
CA ASN I 272 -23.05 15.34 24.43
C ASN I 272 -22.49 16.76 24.31
N GLU I 273 -23.38 17.75 24.26
CA GLU I 273 -23.01 19.15 24.13
C GLU I 273 -22.50 19.68 25.48
N ASN I 274 -23.30 19.46 26.53
CA ASN I 274 -22.95 19.87 27.89
C ASN I 274 -21.87 18.94 28.44
N ALA I 275 -20.61 19.21 28.08
CA ALA I 275 -19.48 18.38 28.49
C ALA I 275 -18.21 19.22 28.59
N VAL I 276 -17.33 18.82 29.52
CA VAL I 276 -16.06 19.49 29.76
C VAL I 276 -14.93 18.50 29.48
N PHE I 277 -13.89 18.99 28.80
CA PHE I 277 -12.76 18.15 28.39
C PHE I 277 -11.49 18.60 29.12
N ILE I 278 -11.08 17.81 30.13
CA ILE I 278 -9.81 18.05 30.82
C ILE I 278 -8.69 17.43 29.98
N MET I 279 -7.78 18.29 29.50
CA MET I 279 -6.73 17.87 28.58
C MET I 279 -5.43 17.56 29.33
N ASP I 280 -4.52 16.88 28.63
CA ASP I 280 -3.26 16.37 29.16
C ASP I 280 -2.38 17.52 29.68
N GLY I 281 -2.12 18.51 28.80
CA GLY I 281 -1.49 19.75 29.19
C GLY I 281 0.04 19.73 29.16
N ILE I 282 0.61 18.61 28.68
CA ILE I 282 2.07 18.45 28.64
C ILE I 282 2.63 19.14 27.39
N TYR I 283 1.94 18.97 26.25
CA TYR I 283 2.47 19.36 24.96
C TYR I 283 1.73 20.57 24.40
N ASP I 284 2.35 21.25 23.44
CA ASP I 284 1.88 22.53 22.92
C ASP I 284 0.76 22.31 21.89
N ASP I 285 0.94 21.31 21.02
CA ASP I 285 0.10 21.15 19.83
C ASP I 285 -1.22 20.46 20.16
N GLU I 286 -1.40 20.04 21.42
CA GLU I 286 -2.54 19.24 21.86
C GLU I 286 -3.87 19.87 21.42
N LYS I 287 -4.11 21.13 21.82
CA LYS I 287 -5.39 21.79 21.60
C LYS I 287 -5.71 21.91 20.11
N GLU I 288 -4.67 22.12 19.29
CA GLU I 288 -4.82 22.25 17.85
C GLU I 288 -5.25 20.91 17.25
N ILE I 289 -4.54 19.84 17.58
CA ILE I 289 -4.74 18.53 16.98
C ILE I 289 -6.03 17.90 17.51
N THR I 290 -6.36 18.15 18.78
CA THR I 290 -7.55 17.60 19.41
C THR I 290 -8.80 18.26 18.84
N SER I 291 -8.75 19.59 18.68
CA SER I 291 -9.87 20.36 18.16
C SER I 291 -10.22 19.97 16.72
N LYS I 292 -9.19 19.64 15.93
CA LYS I 292 -9.36 19.27 14.54
C LYS I 292 -10.01 17.89 14.44
N ALA I 293 -9.62 16.98 15.34
CA ALA I 293 -10.16 15.63 15.39
C ALA I 293 -11.58 15.66 15.97
N PHE I 294 -11.82 16.57 16.90
CA PHE I 294 -13.13 16.71 17.55
C PHE I 294 -14.12 17.38 16.60
N SER I 295 -13.60 18.24 15.71
CA SER I 295 -14.40 18.91 14.68
C SER I 295 -14.92 17.92 13.64
N ASN I 296 -14.17 16.84 13.41
CA ASN I 296 -14.53 15.79 12.47
C ASN I 296 -15.73 15.01 12.97
N LYS I 297 -15.88 14.94 14.31
CA LYS I 297 -16.94 14.17 14.95
C LYS I 297 -18.08 15.07 15.43
N GLU I 298 -18.03 16.37 15.08
CA GLU I 298 -19.08 17.34 15.36
C GLU I 298 -19.33 17.46 16.87
N ILE I 299 -18.26 17.76 17.62
CA ILE I 299 -18.34 17.89 19.06
C ILE I 299 -18.12 19.34 19.47
N LYS I 300 -19.00 19.84 20.36
CA LYS I 300 -18.87 21.16 20.96
C LYS I 300 -18.66 20.98 22.46
N THR I 301 -17.45 21.30 22.94
CA THR I 301 -17.06 21.07 24.33
C THR I 301 -16.16 22.19 24.83
N SER I 302 -16.03 22.28 26.16
CA SER I 302 -15.20 23.27 26.82
C SER I 302 -13.87 22.64 27.25
N PHE I 303 -12.77 23.16 26.68
CA PHE I 303 -11.43 22.68 26.98
C PHE I 303 -10.92 23.36 28.25
N ILE I 304 -10.37 22.56 29.17
CA ILE I 304 -9.76 23.06 30.40
C ILE I 304 -8.42 22.38 30.59
N ASN I 305 -7.42 23.18 30.99
CA ASN I 305 -6.06 22.71 31.21
C ASN I 305 -5.68 22.97 32.68
N LEU I 306 -5.60 21.89 33.47
CA LEU I 306 -5.29 21.98 34.88
C LEU I 306 -3.80 21.71 35.13
N ARG I 307 -3.06 21.41 34.08
CA ARG I 307 -1.68 20.94 34.18
C ARG I 307 -0.74 22.05 34.67
N PRO I 308 -0.91 23.33 34.25
CA PRO I 308 -0.11 24.42 34.80
C PRO I 308 -0.18 24.60 36.32
N TYR I 309 -1.29 24.14 36.93
CA TYR I 309 -1.53 24.32 38.35
C TYR I 309 -1.12 23.07 39.12
N LEU I 310 -1.51 21.90 38.60
CA LEU I 310 -1.32 20.63 39.28
C LEU I 310 0.04 20.01 38.93
N ASP I 311 0.62 20.43 37.80
CA ASP I 311 1.98 20.05 37.39
C ASP I 311 2.01 18.61 36.87
N ASN I 312 3.16 18.25 36.25
CA ASN I 312 3.39 16.93 35.69
C ASN I 312 3.76 15.95 36.81
N GLN I 313 2.85 15.00 37.09
CA GLN I 313 3.04 14.04 38.18
C GLN I 313 3.15 12.62 37.63
N PHE I 314 3.33 12.47 36.31
CA PHE I 314 3.48 11.18 35.64
C PHE I 314 2.23 10.33 35.81
N SER I 315 2.29 9.32 36.68
CA SER I 315 1.18 8.38 36.86
C SER I 315 -0.01 9.01 37.58
N VAL I 316 0.26 10.03 38.41
CA VAL I 316 -0.75 10.68 39.22
C VAL I 316 -1.53 11.70 38.38
N SER I 317 -0.87 12.24 37.34
CA SER I 317 -1.44 13.30 36.51
C SER I 317 -2.80 12.99 35.90
N GLY I 318 -3.00 11.73 35.51
CA GLY I 318 -4.29 11.25 35.04
C GLY I 318 -5.30 11.10 36.16
N VAL I 319 -4.82 10.63 37.32
CA VAL I 319 -5.67 10.24 38.44
C VAL I 319 -6.14 11.49 39.20
N ILE I 320 -5.24 12.46 39.40
CA ILE I 320 -5.53 13.67 40.17
C ILE I 320 -6.65 14.47 39.53
N ASP I 321 -6.76 14.39 38.19
CA ASP I 321 -7.82 15.05 37.46
C ASP I 321 -9.16 14.35 37.74
N SER I 322 -9.11 13.02 37.85
CA SER I 322 -10.29 12.20 38.08
C SER I 322 -10.92 12.38 39.46
N VAL I 323 -10.09 12.63 40.48
CA VAL I 323 -10.58 12.83 41.84
C VAL I 323 -11.26 14.19 41.94
N LEU I 324 -10.73 15.18 41.21
CA LEU I 324 -11.31 16.51 41.17
C LEU I 324 -12.57 16.49 40.30
N ALA I 325 -12.52 15.73 39.20
CA ALA I 325 -13.64 15.60 38.28
C ALA I 325 -14.84 14.97 39.01
N SER I 326 -14.55 14.03 39.91
CA SER I 326 -15.58 13.34 40.69
C SER I 326 -16.22 14.28 41.72
N SER I 327 -15.43 15.23 42.24
CA SER I 327 -15.88 16.18 43.23
C SER I 327 -16.82 17.23 42.64
N PHE I 328 -16.57 17.61 41.38
CA PHE I 328 -17.39 18.59 40.68
C PHE I 328 -18.75 17.98 40.31
N LEU I 329 -18.72 16.71 39.85
CA LEU I 329 -19.93 16.03 39.38
C LEU I 329 -20.87 15.74 40.55
N SER I 330 -20.31 15.57 41.76
CA SER I 330 -21.10 15.27 42.95
C SER I 330 -21.95 16.45 43.42
N GLU I 331 -21.52 17.67 43.08
CA GLU I 331 -22.23 18.88 43.43
C GLU I 331 -23.50 19.00 42.57
N ASN I 344 -14.78 28.57 38.46
CA ASN I 344 -16.05 27.80 38.50
C ASN I 344 -16.44 27.40 37.08
N GLU I 345 -15.60 26.57 36.44
CA GLU I 345 -15.75 26.18 35.05
C GLU I 345 -16.58 24.90 34.93
N PHE I 346 -16.76 24.18 36.04
CA PHE I 346 -17.43 22.89 36.05
C PHE I 346 -18.79 23.01 36.73
N SER I 347 -19.48 24.13 36.51
CA SER I 347 -20.69 24.47 37.26
C SER I 347 -21.92 23.64 36.90
N ASN I 348 -22.20 23.50 35.59
CA ASN I 348 -23.42 22.88 35.11
C ASN I 348 -23.10 21.93 33.96
N THR I 349 -22.36 20.86 34.27
CA THR I 349 -21.97 19.84 33.30
C THR I 349 -22.25 18.45 33.89
N ASN I 350 -22.81 17.57 33.06
CA ASN I 350 -23.23 16.25 33.51
C ASN I 350 -22.18 15.19 33.15
N GLN I 351 -21.11 15.61 32.43
CA GLN I 351 -20.07 14.69 32.01
C GLN I 351 -18.73 15.43 31.94
N ILE I 352 -17.69 14.81 32.52
CA ILE I 352 -16.31 15.30 32.42
C ILE I 352 -15.44 14.18 31.85
N ILE I 353 -14.76 14.49 30.73
CA ILE I 353 -13.83 13.56 30.10
C ILE I 353 -12.41 14.05 30.34
N ILE I 354 -11.52 13.12 30.71
CA ILE I 354 -10.12 13.41 31.01
C ILE I 354 -9.24 12.63 30.02
N GLN I 355 -8.22 13.30 29.49
CA GLN I 355 -7.29 12.67 28.55
C GLN I 355 -5.88 12.66 29.14
N ARG I 356 -5.09 11.67 28.69
CA ARG I 356 -3.70 11.52 29.10
C ARG I 356 -2.90 10.90 27.95
N PHE I 357 -1.80 11.56 27.58
CA PHE I 357 -0.87 11.06 26.58
C PHE I 357 0.40 10.55 27.26
N SER I 358 1.21 9.82 26.49
CA SER I 358 2.56 9.49 26.88
C SER I 358 3.53 10.11 25.86
N ASN I 359 4.82 10.05 26.19
CA ASN I 359 5.88 10.52 25.32
C ASN I 359 5.97 9.63 24.08
N GLN I 360 5.85 8.31 24.29
CA GLN I 360 6.04 7.32 23.24
C GLN I 360 4.81 7.21 22.34
N GLY I 361 3.65 7.72 22.80
CA GLY I 361 2.52 7.91 21.92
C GLY I 361 1.21 7.22 22.35
N HIS I 362 0.99 7.11 23.67
CA HIS I 362 -0.27 6.59 24.19
C HIS I 362 -1.38 7.62 24.01
N VAL I 363 -2.62 7.12 23.93
CA VAL I 363 -3.82 7.95 23.96
C VAL I 363 -4.83 7.28 24.89
N CYS I 364 -4.80 7.69 26.16
CA CYS I 364 -5.69 7.15 27.17
C CYS I 364 -6.69 8.24 27.61
N ALA I 365 -7.89 7.82 28.01
CA ALA I 365 -8.94 8.74 28.45
C ALA I 365 -9.99 8.02 29.29
N LEU I 366 -10.58 8.76 30.24
CA LEU I 366 -11.66 8.30 31.09
C LEU I 366 -12.86 9.24 30.95
N SER I 367 -14.06 8.70 31.19
CA SER I 367 -15.30 9.46 31.16
C SER I 367 -16.12 9.22 32.42
N PHE I 368 -16.40 10.31 33.15
CA PHE I 368 -17.19 10.27 34.36
C PHE I 368 -18.48 11.07 34.14
N SER I 369 -19.63 10.45 34.42
CA SER I 369 -20.93 11.09 34.26
C SER I 369 -21.60 11.33 35.61
N ALA I 370 -22.50 12.31 35.67
CA ALA I 370 -23.18 12.73 36.88
C ALA I 370 -24.23 11.70 37.29
N ILE I 371 -24.78 11.89 38.51
CA ILE I 371 -25.73 10.99 39.15
C ILE I 371 -25.04 9.68 39.51
N PRO J 20 29.93 76.23 9.86
CA PRO J 20 29.13 75.19 9.20
C PRO J 20 29.91 74.43 8.13
N GLU J 21 30.74 75.15 7.36
CA GLU J 21 31.48 74.59 6.25
C GLU J 21 32.56 73.61 6.73
N VAL J 22 33.09 73.85 7.94
CA VAL J 22 34.16 73.05 8.50
C VAL J 22 33.65 71.63 8.77
N LYS J 23 32.41 71.53 9.26
CA LYS J 23 31.76 70.24 9.49
C LYS J 23 31.42 69.59 8.15
N ILE J 24 30.74 70.35 7.27
CA ILE J 24 30.18 69.83 6.04
C ILE J 24 31.29 69.30 5.12
N LYS J 25 32.42 70.02 5.09
CA LYS J 25 33.56 69.62 4.28
C LYS J 25 34.13 68.29 4.79
N THR J 26 34.10 68.10 6.11
CA THR J 26 34.65 66.91 6.74
C THR J 26 33.75 65.70 6.49
N ILE J 27 32.43 65.90 6.58
CA ILE J 27 31.47 64.81 6.42
C ILE J 27 31.50 64.30 4.98
N LEU J 28 31.46 65.23 4.01
CA LEU J 28 31.46 64.89 2.60
C LEU J 28 32.79 64.25 2.19
N SER J 29 33.88 64.66 2.85
CA SER J 29 35.21 64.11 2.59
C SER J 29 35.33 62.66 3.07
N LEU J 30 34.88 62.42 4.31
CA LEU J 30 34.97 61.10 4.93
C LEU J 30 33.97 60.13 4.30
N PHE J 31 32.83 60.68 3.83
CA PHE J 31 31.78 59.86 3.25
C PHE J 31 32.19 59.36 1.87
N LEU J 32 32.75 60.25 1.04
CA LEU J 32 33.14 59.94 -0.32
C LEU J 32 34.51 59.26 -0.37
N ASN J 33 35.23 59.26 0.76
CA ASN J 33 36.56 58.66 0.88
C ASN J 33 37.58 59.46 0.06
N ILE J 34 37.56 60.78 0.23
CA ILE J 34 38.45 61.71 -0.45
C ILE J 34 39.25 62.45 0.62
N ASN J 35 40.43 62.96 0.22
CA ASN J 35 41.25 63.79 1.10
C ASN J 35 40.59 65.15 1.27
N ILE J 36 40.60 65.68 2.50
CA ILE J 36 39.91 66.92 2.84
C ILE J 36 40.56 68.10 2.12
N ASP J 37 41.88 68.04 1.92
CA ASP J 37 42.63 69.09 1.24
C ASP J 37 42.32 69.04 -0.26
N ASP J 38 42.19 67.83 -0.80
CA ASP J 38 41.98 67.61 -2.22
C ASP J 38 40.53 67.88 -2.61
N PHE J 39 39.60 67.63 -1.66
CA PHE J 39 38.18 67.78 -1.91
C PHE J 39 37.84 69.26 -2.13
N ASN J 40 37.36 69.58 -3.34
CA ASN J 40 36.90 70.92 -3.67
C ASN J 40 35.42 71.03 -3.30
N MET J 41 35.05 72.18 -2.73
CA MET J 41 33.69 72.42 -2.25
C MET J 41 32.75 72.64 -3.43
N ASP J 42 33.23 73.34 -4.47
CA ASP J 42 32.42 73.72 -5.62
C ASP J 42 32.26 72.56 -6.61
N ALA J 43 32.96 71.45 -6.38
CA ALA J 43 32.94 70.32 -7.30
C ALA J 43 31.58 69.62 -7.28
N ASN J 44 31.14 69.15 -8.45
CA ASN J 44 29.88 68.42 -8.61
C ASN J 44 30.06 67.02 -8.05
N LEU J 45 29.07 66.56 -7.26
CA LEU J 45 29.20 65.32 -6.49
C LEU J 45 29.05 64.10 -7.40
N ALA J 46 28.15 64.19 -8.39
CA ALA J 46 27.84 63.07 -9.27
C ALA J 46 28.95 62.87 -10.30
N ASP J 47 29.42 63.98 -10.90
CA ASP J 47 30.35 63.94 -12.03
C ASP J 47 31.76 63.63 -11.55
N ALA J 48 32.23 64.37 -10.53
CA ALA J 48 33.61 64.32 -10.09
C ALA J 48 33.87 63.07 -9.25
N TYR J 49 33.05 62.87 -8.21
CA TYR J 49 33.34 61.90 -7.17
C TYR J 49 32.51 60.62 -7.31
N ASP J 50 31.77 60.51 -8.43
CA ASP J 50 31.04 59.30 -8.79
C ASP J 50 29.97 58.96 -7.75
N MET J 51 29.40 60.01 -7.14
CA MET J 51 28.35 59.89 -6.11
C MET J 51 27.09 59.40 -6.77
N ASP J 52 26.32 58.55 -6.08
CA ASP J 52 25.05 58.03 -6.62
C ASP J 52 23.89 58.53 -5.78
N SER J 53 22.65 58.27 -6.22
CA SER J 53 21.46 58.70 -5.52
C SER J 53 21.30 58.09 -4.17
N THR J 54 21.73 56.83 -4.05
CA THR J 54 21.68 56.11 -2.76
C THR J 54 22.62 56.78 -1.76
N GLU J 55 23.81 57.15 -2.24
CA GLU J 55 24.88 57.77 -1.41
C GLU J 55 24.39 59.15 -0.96
N LEU J 56 23.63 59.83 -1.80
CA LEU J 56 23.08 61.16 -1.46
C LEU J 56 22.09 61.03 -0.31
N ALA J 57 21.20 60.04 -0.36
CA ALA J 57 20.20 59.83 0.70
C ALA J 57 20.90 59.46 2.00
N ASP J 58 21.93 58.64 1.90
CA ASP J 58 22.69 58.20 3.10
C ASP J 58 23.43 59.41 3.63
N LEU J 59 23.66 60.41 2.79
CA LEU J 59 24.32 61.63 3.22
C LEU J 59 23.28 62.56 3.87
N ALA J 60 22.08 62.61 3.28
CA ALA J 60 20.99 63.45 3.76
C ALA J 60 20.58 63.05 5.18
N LYS J 61 20.64 61.75 5.47
CA LYS J 61 20.31 61.21 6.79
C LYS J 61 21.33 61.69 7.82
N GLU J 62 22.59 61.82 7.41
CA GLU J 62 23.67 62.25 8.28
C GLU J 62 23.52 63.73 8.62
N ILE J 63 22.96 64.50 7.69
CA ILE J 63 22.71 65.92 7.89
C ILE J 63 21.56 66.09 8.88
N GLU J 64 20.55 65.20 8.79
CA GLU J 64 19.40 65.22 9.68
C GLU J 64 19.84 64.88 11.10
N LYS J 65 20.84 64.01 11.22
CA LYS J 65 21.31 63.48 12.50
C LYS J 65 22.06 64.57 13.27
N GLU J 66 23.10 65.14 12.64
CA GLU J 66 24.07 65.97 13.32
C GLU J 66 23.51 67.37 13.58
N PHE J 67 22.96 68.01 12.53
CA PHE J 67 22.51 69.38 12.60
C PHE J 67 21.18 69.49 13.34
N GLY J 68 20.32 68.48 13.18
CA GLY J 68 19.04 68.43 13.85
C GLY J 68 17.94 69.12 13.05
N ILE J 69 17.68 68.59 11.85
CA ILE J 69 16.68 69.13 10.93
C ILE J 69 16.03 67.98 10.16
N SER J 70 14.98 68.30 9.39
CA SER J 70 14.29 67.35 8.55
C SER J 70 14.42 67.75 7.08
N VAL J 71 14.68 66.76 6.21
CA VAL J 71 14.92 67.00 4.79
C VAL J 71 14.02 66.07 3.97
N THR J 72 13.23 66.65 3.06
CA THR J 72 12.35 65.92 2.17
C THR J 72 13.16 65.38 0.98
N LYS J 73 12.57 64.41 0.26
CA LYS J 73 13.19 63.78 -0.89
C LYS J 73 13.52 64.83 -1.96
N SER J 74 12.60 65.77 -2.16
CA SER J 74 12.75 66.81 -3.17
C SER J 74 13.83 67.82 -2.79
N GLN J 75 14.08 67.98 -1.49
CA GLN J 75 15.04 68.96 -0.99
C GLN J 75 16.47 68.49 -1.24
N PHE J 76 16.78 67.22 -0.88
CA PHE J 76 18.14 66.73 -0.99
C PHE J 76 18.44 66.22 -2.40
N SER J 77 17.41 66.14 -3.26
CA SER J 77 17.62 65.74 -4.65
C SER J 77 18.34 66.83 -5.44
N HIS J 78 18.14 68.10 -5.04
CA HIS J 78 18.74 69.24 -5.72
C HIS J 78 20.06 69.66 -5.07
N TRP J 79 20.58 68.83 -4.17
CA TRP J 79 21.91 69.04 -3.61
C TRP J 79 22.96 68.64 -4.64
N GLU J 80 23.21 69.55 -5.61
CA GLU J 80 24.10 69.31 -6.72
C GLU J 80 25.56 69.37 -6.24
N THR J 81 25.90 70.49 -5.61
CA THR J 81 27.24 70.80 -5.14
C THR J 81 27.34 70.53 -3.65
N GLY J 82 28.57 70.46 -3.14
CA GLY J 82 28.83 70.35 -1.70
C GLY J 82 28.40 71.61 -0.96
N ARG J 83 28.52 72.77 -1.63
CA ARG J 83 28.11 74.06 -1.10
C ARG J 83 26.58 74.14 -1.06
N ALA J 84 25.92 73.51 -2.03
CA ALA J 84 24.46 73.53 -2.13
C ALA J 84 23.83 72.85 -0.92
N VAL J 85 24.57 71.91 -0.32
CA VAL J 85 24.19 71.26 0.92
C VAL J 85 24.27 72.30 2.06
N LEU J 86 25.33 73.12 2.01
CA LEU J 86 25.61 74.11 3.06
C LEU J 86 24.60 75.26 3.01
N ASP J 87 24.08 75.56 1.81
CA ASP J 87 23.12 76.63 1.64
C ASP J 87 21.79 76.25 2.28
N PHE J 88 21.53 74.95 2.36
CA PHE J 88 20.28 74.42 2.92
C PHE J 88 20.26 74.59 4.44
N VAL J 89 21.40 74.30 5.09
CA VAL J 89 21.48 74.28 6.56
C VAL J 89 21.34 75.69 7.13
N SER J 90 21.68 76.71 6.33
CA SER J 90 21.49 78.10 6.70
C SER J 90 20.00 78.42 6.81
N SER J 91 19.25 77.98 5.80
CA SER J 91 17.80 78.14 5.76
C SER J 91 17.14 77.04 6.56
N ILE K 17 22.44 -2.97 -26.05
CA ILE K 17 21.16 -3.51 -25.50
C ILE K 17 20.30 -4.01 -26.66
N ILE K 18 20.03 -5.33 -26.65
CA ILE K 18 19.19 -5.96 -27.66
C ILE K 18 17.73 -5.85 -27.24
N ASN K 19 17.47 -6.08 -25.95
CA ASN K 19 16.15 -6.41 -25.45
C ASN K 19 15.48 -5.16 -24.87
N ASN K 20 14.38 -4.73 -25.50
CA ASN K 20 13.51 -3.66 -25.03
C ASN K 20 14.31 -2.38 -24.73
N ARG K 21 15.08 -1.92 -25.72
CA ARG K 21 15.92 -0.73 -25.57
C ARG K 21 15.06 0.52 -25.63
N ASN K 22 15.41 1.53 -24.82
CA ASN K 22 14.71 2.80 -24.79
C ASN K 22 15.60 3.89 -24.19
N GLN K 25 18.95 11.49 -23.05
CA GLN K 25 18.92 12.69 -23.94
C GLN K 25 18.08 13.77 -23.27
N PRO K 26 18.41 15.08 -23.47
CA PRO K 26 17.61 16.18 -22.91
C PRO K 26 16.10 16.08 -23.15
N ARG K 27 15.33 16.09 -22.06
CA ARG K 27 13.88 15.95 -22.06
C ARG K 27 13.24 17.34 -22.06
N ARG K 28 12.00 17.42 -22.54
CA ARG K 28 11.25 18.66 -22.57
C ARG K 28 10.44 18.82 -21.29
N VAL K 29 10.43 20.04 -20.74
CA VAL K 29 9.71 20.36 -19.51
C VAL K 29 8.38 21.01 -19.86
N VAL K 30 7.32 20.65 -19.12
CA VAL K 30 5.98 21.16 -19.35
C VAL K 30 5.31 21.50 -18.01
N VAL K 31 4.36 22.44 -18.05
CA VAL K 31 3.60 22.88 -16.89
C VAL K 31 2.25 22.16 -16.89
N THR K 32 2.02 21.33 -15.86
CA THR K 32 0.81 20.52 -15.77
C THR K 32 -0.16 21.06 -14.72
N GLY K 33 0.35 21.83 -13.77
CA GLY K 33 -0.47 22.37 -12.69
C GLY K 33 -0.04 23.77 -12.26
N LEU K 34 -1.04 24.57 -11.85
CA LEU K 34 -0.81 25.95 -11.43
C LEU K 34 -1.49 26.21 -10.10
N GLY K 35 -0.83 27.00 -9.24
CA GLY K 35 -1.37 27.45 -7.97
C GLY K 35 -0.85 28.84 -7.63
N VAL K 36 -1.77 29.74 -7.22
CA VAL K 36 -1.44 31.15 -7.05
C VAL K 36 -2.23 31.72 -5.87
N VAL K 37 -1.56 32.59 -5.10
CA VAL K 37 -2.18 33.43 -4.09
C VAL K 37 -1.68 34.85 -4.31
N ALA K 38 -2.59 35.77 -4.64
CA ALA K 38 -2.22 37.12 -5.03
C ALA K 38 -3.35 38.11 -4.71
N PRO K 39 -3.06 39.43 -4.64
CA PRO K 39 -4.08 40.46 -4.43
C PRO K 39 -5.17 40.49 -5.52
N THR K 40 -4.78 40.14 -6.75
CA THR K 40 -5.72 40.08 -7.87
C THR K 40 -6.69 38.93 -7.70
N GLY K 41 -6.23 37.82 -7.10
CA GLY K 41 -7.10 36.69 -6.83
C GLY K 41 -6.38 35.51 -6.17
N VAL K 42 -7.11 34.82 -5.29
CA VAL K 42 -6.67 33.56 -4.70
C VAL K 42 -7.27 32.42 -5.51
N GLY K 43 -6.43 31.46 -5.89
CA GLY K 43 -6.82 30.38 -6.79
C GLY K 43 -6.71 30.82 -8.25
N VAL K 44 -6.93 29.86 -9.17
CA VAL K 44 -6.69 30.07 -10.59
C VAL K 44 -7.78 30.96 -11.18
N ASN K 45 -9.05 30.65 -10.85
CA ASN K 45 -10.21 31.24 -11.52
C ASN K 45 -10.38 32.71 -11.16
N GLU K 46 -10.21 33.04 -9.87
CA GLU K 46 -10.36 34.40 -9.39
C GLU K 46 -9.19 35.26 -9.87
N PHE K 47 -8.01 34.64 -9.95
CA PHE K 47 -6.80 35.31 -10.40
C PHE K 47 -6.95 35.72 -11.86
N TRP K 48 -7.45 34.80 -12.68
CA TRP K 48 -7.60 35.03 -14.12
C TRP K 48 -8.68 36.06 -14.40
N ASN K 49 -9.84 35.91 -13.73
CA ASN K 49 -11.04 36.68 -14.02
C ASN K 49 -10.77 38.18 -13.83
N ASN K 50 -9.94 38.52 -12.84
CA ASN K 50 -9.65 39.90 -12.49
C ASN K 50 -8.67 40.50 -13.50
N ILE K 51 -7.63 39.73 -13.87
CA ILE K 51 -6.58 40.23 -14.74
C ILE K 51 -7.05 40.22 -16.20
N HIS K 52 -8.05 39.38 -16.50
CA HIS K 52 -8.71 39.38 -17.80
C HIS K 52 -9.41 40.72 -18.01
N ASN K 53 -10.18 41.14 -17.00
CA ASN K 53 -10.96 42.37 -17.03
C ASN K 53 -10.05 43.58 -16.85
N GLY K 54 -9.00 43.40 -16.04
CA GLY K 54 -8.04 44.46 -15.75
C GLY K 54 -8.37 45.19 -14.45
N LYS K 55 -8.71 44.43 -13.41
CA LYS K 55 -9.05 44.96 -12.10
C LYS K 55 -7.79 45.04 -11.24
N SER K 56 -7.63 46.18 -10.56
CA SER K 56 -6.49 46.41 -9.68
C SER K 56 -6.67 45.68 -8.36
N GLY K 57 -5.60 45.02 -7.89
CA GLY K 57 -5.58 44.32 -6.63
C GLY K 57 -4.98 45.14 -5.50
N VAL K 58 -4.56 46.37 -5.82
CA VAL K 58 -3.91 47.27 -4.86
C VAL K 58 -4.97 47.86 -3.94
N SER K 59 -4.59 48.05 -2.67
CA SER K 59 -5.48 48.61 -1.65
C SER K 59 -4.79 49.74 -0.88
N LYS K 60 -5.59 50.70 -0.42
CA LYS K 60 -5.10 51.84 0.33
C LYS K 60 -4.89 51.42 1.79
N TYR K 61 -3.79 51.91 2.39
CA TYR K 61 -3.43 51.55 3.76
C TYR K 61 -2.96 52.77 4.54
N GLU K 62 -3.24 52.80 5.85
CA GLU K 62 -3.06 53.98 6.68
C GLU K 62 -1.92 53.82 7.69
N TRP K 63 -1.72 52.60 8.17
CA TRP K 63 -0.73 52.36 9.25
C TRP K 63 0.64 52.90 8.88
N GLY K 64 1.07 52.68 7.65
CA GLY K 64 2.39 53.09 7.20
C GLY K 64 2.58 54.60 7.29
N ARG K 65 1.49 55.34 7.02
CA ARG K 65 1.51 56.80 7.01
C ARG K 65 1.55 57.33 8.44
N GLU K 66 0.72 56.76 9.33
CA GLU K 66 0.47 57.33 10.64
C GLU K 66 1.58 56.96 11.62
N ARG K 67 1.89 55.65 11.72
CA ARG K 67 2.76 55.14 12.76
C ARG K 67 4.22 55.48 12.47
N PHE K 68 4.73 55.01 11.32
CA PHE K 68 6.18 55.13 10.98
C PHE K 68 6.51 56.38 10.16
N GLY K 69 5.50 57.00 9.57
CA GLY K 69 5.72 58.23 8.82
C GLY K 69 6.26 57.96 7.42
N PHE K 70 5.70 56.94 6.77
CA PHE K 70 6.10 56.59 5.39
C PHE K 70 5.32 57.50 4.44
N LYS K 71 5.88 57.72 3.25
CA LYS K 71 5.24 58.49 2.18
C LYS K 71 4.40 57.56 1.30
N SER K 72 4.60 56.25 1.44
CA SER K 72 3.88 55.25 0.66
C SER K 72 2.45 55.12 1.15
N GLY K 73 1.50 55.08 0.20
CA GLY K 73 0.08 55.10 0.52
C GLY K 73 -0.67 53.85 0.06
N ALA K 74 -0.01 52.96 -0.69
CA ALA K 74 -0.68 51.81 -1.28
C ALA K 74 0.15 50.53 -1.10
N ILE K 75 -0.54 49.39 -0.98
CA ILE K 75 0.06 48.06 -0.91
C ILE K 75 -0.84 47.05 -1.60
N GLY K 76 -0.23 45.94 -2.05
CA GLY K 76 -0.95 44.81 -2.61
C GLY K 76 -1.09 43.68 -1.59
N GLN K 77 -2.21 43.68 -0.86
CA GLN K 77 -2.48 42.71 0.19
C GLN K 77 -3.52 41.71 -0.30
N VAL K 78 -3.36 40.44 0.11
CA VAL K 78 -4.20 39.35 -0.39
C VAL K 78 -5.56 39.35 0.31
N TYR K 79 -5.56 39.59 1.63
CA TYR K 79 -6.78 39.62 2.43
C TYR K 79 -6.91 40.98 3.12
N ARG K 94 2.28 33.22 10.27
CA ARG K 94 3.31 33.11 9.20
C ARG K 94 2.62 33.08 7.84
N LYS K 95 2.60 34.24 7.16
CA LYS K 95 1.98 34.35 5.86
C LYS K 95 2.88 33.71 4.80
N TYR K 96 4.20 33.88 4.97
CA TYR K 96 5.19 33.35 4.04
C TYR K 96 5.04 31.83 3.89
N LEU K 97 4.88 31.14 5.02
CA LEU K 97 4.77 29.69 5.02
C LEU K 97 3.41 29.25 4.49
N GLN K 98 2.33 29.91 4.94
CA GLN K 98 0.97 29.48 4.61
C GLN K 98 0.62 29.79 3.16
N PHE K 99 1.21 30.85 2.58
CA PHE K 99 0.98 31.18 1.17
C PHE K 99 1.50 30.06 0.27
N ALA K 100 2.66 29.49 0.66
CA ALA K 100 3.29 28.41 -0.08
C ALA K 100 2.47 27.13 0.04
N LEU K 101 1.94 26.85 1.25
CA LEU K 101 1.15 25.67 1.51
C LEU K 101 -0.17 25.73 0.77
N ASP K 102 -0.80 26.92 0.76
CA ASP K 102 -2.07 27.14 0.09
C ASP K 102 -1.88 27.00 -1.42
N ALA K 103 -0.78 27.55 -1.93
CA ALA K 103 -0.49 27.55 -3.36
C ALA K 103 -0.12 26.14 -3.84
N ALA K 104 0.61 25.39 -3.00
CA ALA K 104 1.04 24.05 -3.32
C ALA K 104 -0.15 23.10 -3.39
N GLU K 105 -1.16 23.35 -2.54
CA GLU K 105 -2.37 22.55 -2.49
C GLU K 105 -3.18 22.75 -3.76
N MET K 106 -3.21 24.01 -4.24
CA MET K 106 -3.94 24.37 -5.45
C MET K 106 -3.24 23.77 -6.67
N ALA K 107 -1.91 23.78 -6.65
CA ALA K 107 -1.09 23.35 -7.78
C ALA K 107 -1.17 21.84 -7.95
N MET K 108 -1.14 21.11 -6.82
CA MET K 108 -1.14 19.65 -6.85
C MET K 108 -2.53 19.13 -7.21
N GLN K 109 -3.58 19.86 -6.82
CA GLN K 109 -4.96 19.52 -7.16
C GLN K 109 -5.20 19.77 -8.65
N ASP K 110 -4.61 20.85 -9.17
CA ASP K 110 -4.73 21.21 -10.58
C ASP K 110 -3.96 20.21 -11.44
N ALA K 111 -2.78 19.81 -10.95
CA ALA K 111 -1.95 18.82 -11.61
C ALA K 111 -2.57 17.43 -11.49
N ASN K 112 -3.40 17.24 -10.46
CA ASN K 112 -4.10 15.98 -10.18
C ASN K 112 -3.10 14.94 -9.67
N LEU K 113 -2.22 15.39 -8.77
CA LEU K 113 -1.17 14.55 -8.20
C LEU K 113 -1.33 14.48 -6.69
N ARG K 114 -0.74 13.43 -6.10
CA ARG K 114 -0.77 13.19 -4.67
C ARG K 114 0.40 12.27 -4.29
N PRO K 115 0.78 12.19 -2.99
CA PRO K 115 1.89 11.32 -2.55
C PRO K 115 1.94 9.92 -3.17
N SER K 116 0.76 9.33 -3.42
CA SER K 116 0.66 8.00 -4.00
C SER K 116 1.18 7.91 -5.43
N ASP K 117 0.87 8.93 -6.24
CA ASP K 117 1.05 8.88 -7.68
C ASP K 117 2.48 9.24 -8.11
N ILE K 118 3.37 9.53 -7.14
CA ILE K 118 4.68 10.08 -7.45
C ILE K 118 5.78 9.19 -6.86
N ASP K 119 6.89 9.07 -7.59
CA ASP K 119 8.12 8.45 -7.09
C ASP K 119 8.91 9.51 -6.31
N GLY K 120 9.33 9.14 -5.10
CA GLY K 120 10.03 10.05 -4.19
C GLY K 120 11.36 10.52 -4.74
N ARG K 121 12.10 9.61 -5.39
CA ARG K 121 13.42 9.89 -5.95
C ARG K 121 13.32 10.92 -7.07
N ARG K 122 12.17 10.96 -7.76
CA ARG K 122 12.02 11.73 -8.99
C ARG K 122 11.14 12.96 -8.76
N PHE K 123 11.03 13.41 -7.50
CA PHE K 123 10.18 14.54 -7.15
C PHE K 123 10.88 15.45 -6.15
N GLY K 124 11.18 16.68 -6.58
CA GLY K 124 11.87 17.66 -5.76
C GLY K 124 11.08 18.95 -5.57
N VAL K 125 11.63 19.86 -4.75
CA VAL K 125 11.00 21.14 -4.44
C VAL K 125 12.01 22.25 -4.65
N ALA K 126 11.54 23.40 -5.15
CA ALA K 126 12.35 24.59 -5.33
C ALA K 126 11.48 25.84 -5.17
N ILE K 127 11.24 26.23 -3.91
CA ILE K 127 10.47 27.42 -3.59
C ILE K 127 11.44 28.52 -3.14
N ALA K 128 11.43 29.63 -3.87
CA ALA K 128 12.35 30.75 -3.65
C ALA K 128 11.67 31.84 -2.83
N THR K 129 12.48 32.80 -2.34
CA THR K 129 11.99 33.94 -1.59
C THR K 129 13.11 34.99 -1.43
N ALA K 130 12.70 36.23 -1.23
CA ALA K 130 13.63 37.35 -1.00
C ALA K 130 13.91 37.54 0.49
N ILE K 131 12.89 37.90 1.29
CA ILE K 131 13.12 38.18 2.73
C ILE K 131 12.75 37.00 3.62
N ALA K 132 11.94 36.06 3.13
CA ALA K 132 11.64 34.83 3.89
C ALA K 132 11.17 35.08 5.32
N ASP K 133 9.99 35.69 5.50
CA ASP K 133 9.40 35.96 6.85
C ASP K 133 10.27 36.84 7.72
N ALA K 134 10.66 38.00 7.22
CA ALA K 134 11.40 39.03 7.99
C ALA K 134 10.47 39.55 9.09
N ALA K 135 9.18 39.70 8.77
CA ALA K 135 8.16 40.19 9.72
C ALA K 135 8.25 39.43 11.04
N GLY K 136 8.27 38.10 10.96
CA GLY K 136 8.43 37.21 12.10
C GLY K 136 9.74 37.48 12.85
N MET K 137 10.81 37.73 12.09
CA MET K 137 12.12 38.04 12.63
C MET K 137 12.11 39.44 13.25
N GLU K 138 11.29 40.32 12.71
CA GLU K 138 11.14 41.70 13.23
C GLU K 138 10.38 41.64 14.55
N GLU K 139 9.27 40.90 14.55
CA GLU K 139 8.40 40.81 15.70
C GLU K 139 9.18 40.27 16.91
N CYS K 140 10.10 39.34 16.64
CA CYS K 140 10.95 38.75 17.66
C CYS K 140 11.88 39.80 18.26
N LEU K 141 12.55 40.58 17.40
CA LEU K 141 13.56 41.54 17.80
C LEU K 141 12.95 42.63 18.68
N LEU K 142 11.73 43.07 18.33
CA LEU K 142 11.07 44.17 19.03
C LEU K 142 10.53 43.70 20.39
N ARG K 143 10.00 42.46 20.42
CA ARG K 143 9.41 41.87 21.61
C ARG K 143 10.46 41.72 22.71
N ILE K 144 11.64 41.20 22.35
CA ILE K 144 12.69 40.87 23.30
C ILE K 144 13.39 42.14 23.80
N THR K 145 13.24 43.25 23.07
CA THR K 145 13.88 44.51 23.43
C THR K 145 12.87 45.50 24.01
N LYS K 146 11.62 45.05 24.17
CA LYS K 146 10.52 45.87 24.69
C LYS K 146 10.30 47.09 23.79
N GLY K 147 9.93 46.82 22.52
CA GLY K 147 9.56 47.85 21.57
C GLY K 147 10.76 48.65 21.07
N GLY K 148 11.96 48.06 21.15
CA GLY K 148 13.19 48.68 20.69
C GLY K 148 13.62 49.83 21.58
N LYS K 149 13.46 49.66 22.90
CA LYS K 149 13.84 50.66 23.89
C LYS K 149 15.17 50.28 24.54
N GLU K 150 15.19 49.09 25.17
CA GLU K 150 16.33 48.62 25.95
C GLU K 150 17.08 47.54 25.17
N ASN K 151 18.09 46.95 25.82
CA ASN K 151 18.89 45.86 25.26
C ASN K 151 18.05 44.58 25.21
N ILE K 152 18.59 43.55 24.53
CA ILE K 152 17.90 42.28 24.32
C ILE K 152 17.88 41.49 25.62
N HIS K 153 16.72 40.89 25.91
CA HIS K 153 16.53 39.98 27.03
C HIS K 153 16.53 38.55 26.53
N PRO K 154 17.53 37.70 26.91
CA PRO K 154 17.52 36.28 26.57
C PRO K 154 16.32 35.47 27.06
N ASP K 155 15.63 35.98 28.10
CA ASP K 155 14.52 35.28 28.71
C ASP K 155 13.29 35.28 27.79
N LEU K 156 13.11 36.35 27.02
CA LEU K 156 11.91 36.56 26.23
C LEU K 156 11.94 35.80 24.90
N ILE K 157 13.11 35.23 24.53
CA ILE K 157 13.22 34.49 23.28
C ILE K 157 12.53 33.14 23.42
N LYS K 158 11.42 32.95 22.71
CA LYS K 158 10.67 31.71 22.73
C LYS K 158 11.30 30.72 21.77
N SER K 159 10.88 29.44 21.87
CA SER K 159 11.36 28.37 21.02
C SER K 159 10.84 28.47 19.59
N GLU K 160 9.69 29.15 19.41
CA GLU K 160 9.06 29.28 18.10
C GLU K 160 9.74 30.35 17.25
N ASP K 161 10.59 31.19 17.87
CA ASP K 161 11.21 32.32 17.21
C ASP K 161 12.17 31.88 16.10
N TYR K 162 12.87 30.75 16.31
CA TYR K 162 13.90 30.28 15.41
C TYR K 162 13.32 29.97 14.02
N ASP K 163 12.06 29.52 13.98
CA ASP K 163 11.40 29.08 12.76
C ASP K 163 11.26 30.23 11.77
N SER K 164 11.23 31.47 12.27
CA SER K 164 11.15 32.66 11.44
C SER K 164 12.47 32.92 10.72
N PHE K 165 13.58 32.52 11.36
CA PHE K 165 14.92 32.75 10.83
C PHE K 165 15.28 31.70 9.77
N ASP K 166 14.51 30.61 9.72
CA ASP K 166 14.65 29.58 8.69
C ASP K 166 14.19 30.15 7.35
N PHE K 167 15.11 30.23 6.38
CA PHE K 167 14.81 30.75 5.06
C PHE K 167 14.04 29.73 4.23
N SER K 168 14.40 28.44 4.36
CA SER K 168 13.76 27.38 3.62
C SER K 168 12.70 26.68 4.48
N SER K 169 11.72 27.46 4.93
CA SER K 169 10.59 26.94 5.69
C SER K 169 9.55 26.40 4.73
N ALA K 170 9.25 27.17 3.67
CA ALA K 170 8.24 26.86 2.69
C ALA K 170 8.65 25.63 1.86
N ALA K 171 9.95 25.56 1.53
CA ALA K 171 10.48 24.50 0.68
C ALA K 171 10.44 23.15 1.40
N THR K 172 10.84 23.15 2.68
CA THR K 172 10.95 21.93 3.47
C THR K 172 9.57 21.42 3.88
N SER K 173 8.67 22.36 4.20
CA SER K 173 7.32 22.03 4.64
C SER K 173 6.51 21.39 3.51
N VAL K 174 6.68 21.93 2.29
CA VAL K 174 6.01 21.41 1.10
C VAL K 174 6.59 20.05 0.74
N ALA K 175 7.90 19.88 0.96
CA ALA K 175 8.60 18.64 0.66
C ALA K 175 8.11 17.50 1.55
N LYS K 176 7.93 17.79 2.85
CA LYS K 176 7.52 16.80 3.83
C LYS K 176 6.05 16.43 3.65
N LYS K 177 5.25 17.38 3.15
CA LYS K 177 3.81 17.21 3.01
C LYS K 177 3.50 16.21 1.90
N TYR K 178 4.21 16.34 0.77
CA TYR K 178 3.91 15.56 -0.43
C TYR K 178 4.96 14.48 -0.68
N GLY K 179 5.94 14.37 0.22
CA GLY K 179 6.91 13.28 0.20
C GLY K 179 7.95 13.43 -0.91
N ALA K 180 8.52 14.63 -1.04
CA ALA K 180 9.58 14.91 -1.99
C ALA K 180 10.92 14.43 -1.42
N SER K 181 11.65 13.63 -2.19
CA SER K 181 12.94 13.09 -1.77
C SER K 181 14.08 13.36 -2.74
N MET K 182 13.85 14.30 -3.67
CA MET K 182 14.87 14.83 -4.55
C MET K 182 15.29 16.20 -4.03
N SER K 183 16.39 16.75 -4.56
CA SER K 183 16.91 18.04 -4.17
C SER K 183 15.85 19.08 -3.78
N VAL K 184 15.77 19.36 -2.47
CA VAL K 184 14.99 20.46 -1.95
C VAL K 184 15.92 21.66 -1.79
N SER K 185 15.52 22.80 -2.37
CA SER K 185 16.36 23.99 -2.41
C SER K 185 15.59 25.28 -2.21
N ASN K 186 16.32 26.32 -1.78
CA ASN K 186 15.78 27.66 -1.58
C ASN K 186 16.77 28.69 -2.12
N ILE K 187 16.57 29.09 -3.38
CA ILE K 187 17.34 30.17 -3.99
C ILE K 187 16.73 31.50 -3.52
N SER K 188 17.59 32.45 -3.18
CA SER K 188 17.08 33.70 -2.66
C SER K 188 17.81 34.87 -3.20
N THR K 189 17.87 34.94 -4.52
CA THR K 189 18.57 36.05 -5.19
C THR K 189 17.63 37.22 -5.45
N GLY K 190 17.10 37.85 -4.41
CA GLY K 190 16.26 39.05 -4.56
C GLY K 190 15.01 38.84 -5.38
N CYS K 191 14.72 39.75 -6.30
CA CYS K 191 13.52 39.68 -7.11
C CYS K 191 13.57 38.84 -8.33
N ALA K 192 14.72 38.23 -8.57
CA ALA K 192 14.87 37.33 -9.73
C ALA K 192 14.79 35.88 -9.24
N ALA K 193 14.51 35.70 -7.97
CA ALA K 193 14.53 34.37 -7.31
C ALA K 193 13.50 33.41 -7.90
N GLY K 194 12.30 33.88 -8.22
CA GLY K 194 11.25 32.99 -8.73
C GLY K 194 11.64 32.29 -10.00
N LEU K 195 12.26 33.00 -10.93
CA LEU K 195 12.66 32.46 -12.21
C LEU K 195 13.86 31.52 -12.03
N ASP K 196 14.74 31.84 -11.09
CA ASP K 196 15.92 31.04 -10.80
C ASP K 196 15.50 29.70 -10.20
N ALA K 197 14.41 29.72 -9.43
CA ALA K 197 13.82 28.52 -8.87
C ALA K 197 13.21 27.65 -9.97
N LEU K 198 12.60 28.31 -10.96
CA LEU K 198 12.02 27.62 -12.11
C LEU K 198 13.14 27.10 -13.01
N GLY K 199 14.25 27.86 -13.06
CA GLY K 199 15.40 27.52 -13.89
C GLY K 199 16.11 26.26 -13.41
N ILE K 200 16.37 26.19 -12.10
CA ILE K 200 17.04 25.04 -11.50
C ILE K 200 16.09 23.83 -11.52
N ALA K 201 14.79 24.10 -11.44
CA ALA K 201 13.77 23.06 -11.52
C ALA K 201 13.69 22.49 -12.93
N MET K 202 13.89 23.36 -13.93
CA MET K 202 13.82 22.98 -15.34
C MET K 202 14.99 22.05 -15.68
N GLU K 203 16.17 22.35 -15.12
CA GLU K 203 17.39 21.60 -15.38
C GLU K 203 17.29 20.20 -14.79
N HIS K 204 16.62 20.08 -13.63
CA HIS K 204 16.44 18.79 -12.98
C HIS K 204 15.62 17.84 -13.85
N ILE K 205 14.57 18.38 -14.49
CA ILE K 205 13.67 17.58 -15.31
C ILE K 205 14.37 17.20 -16.63
N ARG K 206 15.11 18.15 -17.21
CA ARG K 206 15.70 17.98 -18.53
C ARG K 206 16.81 16.94 -18.52
N TYR K 207 17.68 16.98 -17.50
CA TYR K 207 18.91 16.19 -17.47
C TYR K 207 18.73 14.90 -16.65
N GLY K 208 17.53 14.32 -16.69
CA GLY K 208 17.28 12.95 -16.23
C GLY K 208 17.27 12.78 -14.71
N ARG K 209 17.16 13.89 -13.95
CA ARG K 209 17.28 13.84 -12.50
C ARG K 209 15.90 13.75 -11.83
N ALA K 210 14.87 14.32 -12.48
CA ALA K 210 13.54 14.36 -11.91
C ALA K 210 12.47 14.15 -12.98
N ASP K 211 11.31 13.64 -12.56
CA ASP K 211 10.14 13.48 -13.41
C ASP K 211 9.16 14.62 -13.15
N ILE K 212 8.83 14.82 -11.87
CA ILE K 212 8.00 15.93 -11.41
C ILE K 212 8.89 16.87 -10.59
N MET K 213 8.52 18.16 -10.57
CA MET K 213 9.24 19.17 -9.82
C MET K 213 8.29 20.31 -9.44
N LEU K 214 8.11 20.53 -8.12
CA LEU K 214 7.30 21.63 -7.62
C LEU K 214 8.18 22.86 -7.46
N ALA K 215 7.92 23.89 -8.28
CA ALA K 215 8.74 25.08 -8.32
C ALA K 215 7.88 26.34 -8.23
N GLY K 216 8.49 27.43 -7.75
CA GLY K 216 7.82 28.72 -7.60
C GLY K 216 8.53 29.62 -6.58
N ALA K 217 7.75 30.52 -5.97
CA ALA K 217 8.26 31.46 -4.97
C ALA K 217 7.11 32.04 -4.14
N SER K 218 7.39 32.26 -2.84
CA SER K 218 6.44 32.83 -1.91
C SER K 218 7.03 34.06 -1.22
N GLU K 219 6.18 35.03 -0.85
CA GLU K 219 6.62 36.27 -0.25
C GLU K 219 5.55 36.86 0.65
N ALA K 220 6.00 37.52 1.73
CA ALA K 220 5.11 38.25 2.64
C ALA K 220 5.86 39.44 3.24
N PRO K 221 6.16 40.50 2.45
CA PRO K 221 6.94 41.63 2.94
C PRO K 221 6.14 42.84 3.41
N LEU K 222 4.83 42.67 3.60
CA LEU K 222 4.02 43.83 4.02
C LEU K 222 4.20 44.02 5.54
N CYS K 223 5.40 44.42 5.92
CA CYS K 223 5.73 44.70 7.34
C CYS K 223 6.60 45.95 7.39
N PRO K 224 6.84 46.56 8.56
CA PRO K 224 7.62 47.78 8.62
C PRO K 224 9.09 47.61 8.19
N LEU K 225 9.75 46.52 8.56
CA LEU K 225 11.18 46.39 8.19
C LEU K 225 11.34 46.37 6.66
N SER K 226 10.54 45.57 5.96
CA SER K 226 10.67 45.49 4.49
C SER K 226 10.23 46.80 3.86
N ILE K 227 9.09 47.34 4.29
CA ILE K 227 8.63 48.60 3.67
C ILE K 227 9.61 49.71 4.02
N GLY K 228 10.13 49.72 5.23
CA GLY K 228 11.07 50.77 5.64
C GLY K 228 12.31 50.77 4.79
N SER K 229 12.84 49.59 4.47
CA SER K 229 14.07 49.55 3.70
C SER K 229 13.90 50.06 2.33
N PHE K 230 12.85 49.65 1.64
CA PHE K 230 12.65 50.10 0.25
C PHE K 230 12.36 51.58 0.25
N GLU K 231 11.54 52.02 1.18
CA GLU K 231 11.16 53.44 1.25
C GLU K 231 12.41 54.28 1.52
N ALA K 232 13.28 53.81 2.42
CA ALA K 232 14.52 54.55 2.77
C ALA K 232 15.40 54.67 1.54
N LEU K 233 15.49 53.59 0.77
CA LEU K 233 16.31 53.49 -0.48
C LEU K 233 15.76 54.45 -1.55
N GLY K 234 14.45 54.59 -1.63
CA GLY K 234 13.81 55.45 -2.64
C GLY K 234 13.18 54.65 -3.73
N ALA K 235 13.26 53.33 -3.63
CA ALA K 235 12.71 52.39 -4.61
C ALA K 235 11.18 52.43 -4.66
N LEU K 236 10.51 52.76 -3.56
CA LEU K 236 9.03 52.73 -3.50
C LEU K 236 8.39 54.02 -4.04
N SER K 237 7.11 53.93 -4.40
CA SER K 237 6.31 55.05 -4.89
C SER K 237 6.03 56.04 -3.76
N SER K 238 6.12 57.34 -4.07
CA SER K 238 6.05 58.40 -3.07
C SER K 238 5.08 59.55 -3.31
N ARG K 239 4.74 59.81 -4.58
CA ARG K 239 3.98 61.00 -4.98
C ARG K 239 2.56 60.95 -4.42
N GLU K 240 1.94 62.14 -4.28
CA GLU K 240 0.62 62.30 -3.70
C GLU K 240 -0.45 61.92 -4.71
N LEU K 241 -1.44 61.13 -4.27
CA LEU K 241 -2.54 60.67 -5.11
C LEU K 241 -3.82 60.54 -4.29
N GLU K 242 -4.97 60.59 -4.99
CA GLU K 242 -6.27 60.30 -4.42
C GLU K 242 -6.66 58.87 -4.76
N ASN K 243 -6.65 58.55 -6.06
CA ASN K 243 -6.80 57.19 -6.54
C ASN K 243 -5.46 56.48 -6.36
N GLN K 244 -5.34 55.72 -5.26
CA GLN K 244 -4.06 55.17 -4.83
C GLN K 244 -3.77 53.86 -5.56
N GLN K 245 -4.75 53.33 -6.29
CA GLN K 245 -4.58 52.11 -7.06
C GLN K 245 -3.65 52.36 -8.24
N ALA K 246 -3.56 53.62 -8.68
CA ALA K 246 -2.76 53.99 -9.85
C ALA K 246 -1.41 54.58 -9.42
N ALA K 247 -0.92 54.16 -8.25
CA ALA K 247 0.42 54.50 -7.81
C ALA K 247 1.44 53.75 -8.65
N THR K 248 1.09 52.49 -8.96
CA THR K 248 1.86 51.61 -9.88
C THR K 248 1.34 51.84 -11.29
N CYS K 249 2.21 52.26 -12.18
CA CYS K 249 1.84 52.50 -13.58
C CYS K 249 3.09 52.31 -14.41
N PRO K 250 3.53 51.07 -14.70
CA PRO K 250 4.73 50.85 -15.49
C PRO K 250 4.62 51.45 -16.89
N PHE K 251 5.75 51.98 -17.42
CA PHE K 251 5.92 52.54 -18.75
C PHE K 251 5.16 53.85 -18.92
N SER K 252 5.03 54.62 -17.82
CA SER K 252 4.37 55.93 -17.85
C SER K 252 5.25 56.97 -17.17
N LEU K 253 5.05 58.25 -17.55
CA LEU K 253 5.89 59.35 -17.07
C LEU K 253 5.65 59.62 -15.58
N GLU K 254 4.46 59.26 -15.08
CA GLU K 254 4.06 59.61 -13.72
C GLU K 254 4.74 58.71 -12.69
N ARG K 255 5.27 57.59 -13.18
CA ARG K 255 5.89 56.53 -12.36
C ARG K 255 7.08 57.05 -11.58
N ASP K 256 7.02 56.93 -10.25
CA ASP K 256 8.10 57.38 -9.34
C ASP K 256 8.49 56.26 -8.39
N GLY K 257 8.26 55.01 -8.76
CA GLY K 257 8.67 53.91 -7.87
C GLY K 257 7.70 52.75 -7.93
N PHE K 258 7.93 51.71 -7.13
CA PHE K 258 7.07 50.51 -7.18
C PHE K 258 6.12 50.40 -5.98
N VAL K 259 5.05 49.61 -6.17
CA VAL K 259 4.04 49.34 -5.12
C VAL K 259 4.34 47.96 -4.55
N ILE K 260 4.74 47.88 -3.29
CA ILE K 260 5.07 46.59 -2.68
C ILE K 260 3.80 45.77 -2.48
N ALA K 261 3.95 44.44 -2.58
CA ALA K 261 2.84 43.51 -2.44
C ALA K 261 3.34 42.20 -1.82
N GLU K 262 2.39 41.29 -1.55
CA GLU K 262 2.71 39.96 -1.07
C GLU K 262 1.98 38.91 -1.92
N GLY K 263 2.35 37.65 -1.73
CA GLY K 263 1.69 36.55 -2.41
C GLY K 263 2.65 35.38 -2.70
N CYS K 264 2.14 34.41 -3.48
CA CYS K 264 2.90 33.24 -3.87
C CYS K 264 2.40 32.72 -5.21
N GLY K 265 3.30 32.04 -5.94
CA GLY K 265 2.97 31.31 -7.14
C GLY K 265 3.72 29.98 -7.17
N ILE K 266 3.02 28.92 -7.58
CA ILE K 266 3.59 27.57 -7.64
C ILE K 266 3.22 26.95 -8.99
N LEU K 267 4.24 26.44 -9.70
CA LEU K 267 4.06 25.71 -10.94
C LEU K 267 4.47 24.25 -10.71
N ILE K 268 3.66 23.32 -11.23
CA ILE K 268 4.02 21.91 -11.26
C ILE K 268 4.69 21.61 -12.61
N LEU K 269 6.02 21.65 -12.61
CA LEU K 269 6.80 21.30 -13.79
C LEU K 269 7.00 19.79 -13.81
N GLU K 270 6.89 19.19 -15.00
CA GLU K 270 7.20 17.78 -15.18
C GLU K 270 7.60 17.49 -16.63
N SER K 271 8.12 16.28 -16.86
CA SER K 271 8.56 15.84 -18.16
C SER K 271 7.38 15.68 -19.12
N TYR K 272 7.65 15.89 -20.42
CA TYR K 272 6.66 15.72 -21.47
C TYR K 272 6.27 14.25 -21.59
N GLU K 273 7.27 13.36 -21.42
CA GLU K 273 7.05 11.93 -21.50
C GLU K 273 6.20 11.46 -20.32
N HIS K 274 6.49 11.98 -19.13
CA HIS K 274 5.79 11.61 -17.91
C HIS K 274 4.35 12.11 -17.93
N ALA K 275 4.15 13.31 -18.48
CA ALA K 275 2.86 13.99 -18.47
C ALA K 275 1.88 13.29 -19.42
N LYS K 276 2.39 12.83 -20.57
CA LYS K 276 1.56 12.29 -21.64
C LYS K 276 1.08 10.88 -21.29
N GLN K 277 1.86 10.16 -20.47
CA GLN K 277 1.55 8.78 -20.12
C GLN K 277 0.35 8.73 -19.18
N ARG K 278 0.25 9.71 -18.27
CA ARG K 278 -0.81 9.72 -17.27
C ARG K 278 -1.99 10.58 -17.74
N GLY K 279 -1.88 11.12 -18.96
CA GLY K 279 -2.96 11.85 -19.61
C GLY K 279 -3.20 13.23 -19.02
N ALA K 280 -2.12 13.90 -18.60
CA ALA K 280 -2.20 15.18 -17.92
C ALA K 280 -2.42 16.31 -18.92
N HIS K 281 -3.10 17.38 -18.46
CA HIS K 281 -3.32 18.58 -19.25
C HIS K 281 -2.10 19.48 -19.16
N ILE K 282 -1.51 19.81 -20.32
CA ILE K 282 -0.33 20.64 -20.39
C ILE K 282 -0.74 22.08 -20.69
N TYR K 283 -0.27 23.01 -19.86
CA TYR K 283 -0.53 24.43 -20.04
C TYR K 283 0.42 24.99 -21.10
N ALA K 284 1.73 24.80 -20.88
CA ALA K 284 2.77 25.30 -21.76
C ALA K 284 4.08 24.55 -21.52
N GLU K 285 4.97 24.61 -22.52
CA GLU K 285 6.30 24.04 -22.44
C GLU K 285 7.26 25.10 -21.89
N LEU K 286 8.05 24.72 -20.89
CA LEU K 286 9.11 25.56 -20.34
C LEU K 286 10.40 25.25 -21.10
N ALA K 287 10.66 26.06 -22.15
CA ALA K 287 11.59 25.69 -23.21
C ALA K 287 13.05 25.93 -22.82
N GLY K 288 13.34 27.12 -22.27
CA GLY K 288 14.72 27.51 -21.98
C GLY K 288 14.84 28.44 -20.77
N TYR K 289 16.10 28.61 -20.31
CA TYR K 289 16.42 29.46 -19.16
C TYR K 289 17.83 30.02 -19.31
N ALA K 290 18.03 31.26 -18.84
CA ALA K 290 19.33 31.91 -18.79
C ALA K 290 19.34 32.98 -17.71
N SER K 291 20.54 33.24 -17.15
CA SER K 291 20.73 34.27 -16.14
C SER K 291 22.12 34.89 -16.21
N VAL K 292 22.21 36.20 -15.94
CA VAL K 292 23.46 36.95 -15.99
C VAL K 292 23.48 37.99 -14.87
N ASN K 293 24.67 38.56 -14.64
CA ASN K 293 24.85 39.74 -13.80
C ASN K 293 25.26 40.91 -14.70
N ASN K 294 24.66 42.08 -14.47
CA ASN K 294 24.97 43.26 -15.26
C ASN K 294 26.30 43.87 -14.80
N ALA K 295 26.65 43.65 -13.53
CA ALA K 295 27.86 44.15 -12.89
C ALA K 295 27.91 45.68 -12.92
N TYR K 296 26.74 46.31 -12.79
CA TYR K 296 26.59 47.75 -12.94
C TYR K 296 26.48 48.41 -11.55
N HIS K 297 25.45 48.05 -10.81
CA HIS K 297 25.14 48.61 -9.48
C HIS K 297 24.31 47.61 -8.71
N MET K 298 24.23 47.74 -7.39
CA MET K 298 23.45 46.79 -6.56
C MET K 298 21.97 47.06 -6.74
N THR K 299 21.56 48.31 -6.89
CA THR K 299 20.12 48.62 -7.06
C THR K 299 19.83 49.47 -8.30
N ASP K 300 20.84 49.85 -9.08
CA ASP K 300 20.56 50.71 -10.26
C ASP K 300 20.58 49.86 -11.53
N LEU K 301 19.80 50.27 -12.53
CA LEU K 301 19.71 49.50 -13.79
C LEU K 301 20.11 50.39 -14.97
N PRO K 302 21.13 49.99 -15.77
CA PRO K 302 21.59 50.80 -16.89
C PRO K 302 20.57 51.03 -18.01
N ALA K 303 20.60 52.20 -18.64
CA ALA K 303 19.66 52.51 -19.71
C ALA K 303 19.93 51.67 -20.95
N ASP K 304 21.19 51.25 -21.13
CA ASP K 304 21.62 50.53 -22.33
C ASP K 304 20.87 49.22 -22.47
N GLY K 305 20.73 48.49 -21.36
CA GLY K 305 20.05 47.20 -21.33
C GLY K 305 20.80 46.10 -22.06
N MET K 306 22.14 46.12 -21.95
CA MET K 306 23.01 45.18 -22.65
C MET K 306 22.93 43.80 -21.99
N ALA K 307 22.94 43.78 -20.65
CA ALA K 307 22.98 42.55 -19.88
C ALA K 307 21.69 41.76 -20.06
N MET K 308 20.55 42.46 -19.94
CA MET K 308 19.23 41.85 -20.13
C MET K 308 19.09 41.34 -21.55
N ALA K 309 19.63 42.10 -22.52
CA ALA K 309 19.59 41.76 -23.93
C ALA K 309 20.38 40.48 -24.21
N ARG K 310 21.56 40.38 -23.58
CA ARG K 310 22.44 39.23 -23.72
C ARG K 310 21.79 37.99 -23.10
N CYS K 311 21.05 38.22 -22.00
CA CYS K 311 20.39 37.16 -21.24
C CYS K 311 19.25 36.56 -22.06
N ILE K 312 18.59 37.39 -22.88
CA ILE K 312 17.51 36.95 -23.74
C ILE K 312 18.06 36.06 -24.86
N ASP K 313 19.25 36.43 -25.36
CA ASP K 313 19.92 35.68 -26.42
C ASP K 313 20.36 34.31 -25.91
N MET K 314 20.76 34.25 -24.63
CA MET K 314 21.23 33.01 -24.03
C MET K 314 20.04 32.08 -23.77
N ALA K 315 18.90 32.66 -23.39
CA ALA K 315 17.69 31.90 -23.10
C ALA K 315 17.14 31.28 -24.38
N LEU K 316 17.24 32.02 -25.49
CA LEU K 316 16.76 31.56 -26.78
C LEU K 316 17.71 30.50 -27.36
N LYS K 317 19.02 30.66 -27.09
CA LYS K 317 20.02 29.69 -27.50
C LYS K 317 19.89 28.41 -26.67
N ASP K 318 19.44 28.56 -25.42
CA ASP K 318 19.20 27.43 -24.52
C ASP K 318 18.00 26.62 -25.00
N ALA K 319 16.94 27.34 -25.40
CA ALA K 319 15.70 26.74 -25.87
C ALA K 319 15.84 26.19 -27.29
N GLN K 320 16.85 26.70 -28.03
CA GLN K 320 17.10 26.35 -29.42
C GLN K 320 15.92 26.85 -30.28
N ILE K 321 15.56 28.11 -30.06
CA ILE K 321 14.45 28.77 -30.75
C ILE K 321 14.96 30.11 -31.28
N SER K 322 14.50 30.50 -32.47
CA SER K 322 14.89 31.74 -33.11
C SER K 322 14.19 32.93 -32.46
N PRO K 323 14.84 34.13 -32.39
CA PRO K 323 14.18 35.34 -31.89
C PRO K 323 12.96 35.83 -32.68
N SER K 324 12.87 35.42 -33.96
CA SER K 324 11.77 35.79 -34.82
C SER K 324 10.40 35.27 -34.34
N THR K 325 10.43 34.14 -33.62
CA THR K 325 9.22 33.46 -33.19
C THR K 325 8.60 34.16 -31.97
N VAL K 326 9.41 34.96 -31.26
CA VAL K 326 8.96 35.63 -30.04
C VAL K 326 7.73 36.48 -30.36
N ASN K 327 6.58 36.06 -29.85
CA ASN K 327 5.29 36.62 -30.23
C ASN K 327 4.77 37.57 -29.15
N TYR K 328 5.30 37.44 -27.92
CA TYR K 328 4.82 38.17 -26.76
C TYR K 328 5.84 38.13 -25.63
N ILE K 329 5.96 39.26 -24.89
CA ILE K 329 6.89 39.37 -23.78
C ILE K 329 6.13 39.77 -22.51
N SER K 330 6.44 39.10 -21.41
CA SER K 330 5.95 39.46 -20.09
C SER K 330 7.11 40.04 -19.29
N ALA K 331 7.23 41.38 -19.31
CA ALA K 331 8.36 42.08 -18.68
C ALA K 331 8.24 42.18 -17.16
N HIS K 332 9.34 42.50 -16.50
CA HIS K 332 9.34 42.69 -15.02
C HIS K 332 8.42 43.88 -14.74
N GLY K 333 8.62 44.97 -15.46
CA GLY K 333 7.80 46.19 -15.34
C GLY K 333 7.61 46.60 -13.91
N SER K 334 8.71 46.95 -13.26
CA SER K 334 8.76 47.30 -11.82
C SER K 334 7.92 48.53 -11.52
N SER K 335 7.88 49.49 -12.44
CA SER K 335 7.23 50.83 -12.38
C SER K 335 8.18 51.86 -11.78
N THR K 336 9.45 51.47 -11.61
CA THR K 336 10.53 52.40 -11.21
C THR K 336 10.98 53.17 -12.45
N ALA K 337 11.63 54.31 -12.28
CA ALA K 337 12.03 55.08 -13.47
C ALA K 337 13.02 54.29 -14.34
N GLN K 338 14.07 53.78 -13.71
CA GLN K 338 15.19 53.10 -14.37
C GLN K 338 14.87 51.74 -14.98
N ASN K 339 14.13 50.89 -14.28
CA ASN K 339 13.87 49.52 -14.79
C ASN K 339 13.07 49.51 -16.08
N ASP K 340 12.08 50.38 -16.21
CA ASP K 340 11.24 50.36 -17.42
C ASP K 340 12.02 50.74 -18.67
N ILE K 341 13.01 51.64 -18.55
CA ILE K 341 13.87 52.07 -19.64
C ILE K 341 14.83 50.93 -19.99
N ASN K 342 15.35 50.27 -18.95
CA ASN K 342 16.30 49.17 -19.09
C ASN K 342 15.70 48.07 -19.96
N GLU K 343 14.45 47.69 -19.67
CA GLU K 343 13.78 46.58 -20.34
C GLU K 343 13.38 46.97 -21.76
N SER K 344 12.96 48.22 -21.95
CA SER K 344 12.53 48.73 -23.24
C SER K 344 13.68 48.71 -24.23
N ASN K 345 14.86 49.17 -23.78
CA ASN K 345 16.05 49.26 -24.61
C ASN K 345 16.62 47.86 -24.84
N ALA K 346 16.43 46.96 -23.87
CA ALA K 346 16.88 45.58 -23.97
C ALA K 346 16.08 44.86 -25.05
N ILE K 347 14.76 45.05 -25.04
CA ILE K 347 13.85 44.42 -26.00
C ILE K 347 14.16 44.96 -27.40
N LYS K 348 14.48 46.26 -27.48
CA LYS K 348 14.85 46.90 -28.74
C LYS K 348 16.18 46.35 -29.25
N PHE K 349 17.14 46.14 -28.34
CA PHE K 349 18.49 45.77 -28.71
C PHE K 349 18.55 44.35 -29.29
N VAL K 350 17.75 43.43 -28.73
CA VAL K 350 17.75 42.04 -29.15
C VAL K 350 16.99 41.90 -30.47
N LEU K 351 15.78 42.44 -30.52
CA LEU K 351 14.83 42.14 -31.57
C LEU K 351 14.85 43.19 -32.68
N GLY K 352 15.37 44.39 -32.38
CA GLY K 352 15.48 45.45 -33.37
C GLY K 352 14.13 46.09 -33.68
N GLU K 353 13.72 46.03 -34.96
CA GLU K 353 12.49 46.65 -35.42
C GLU K 353 11.27 45.82 -35.04
N SER K 354 11.48 44.51 -34.79
CA SER K 354 10.40 43.62 -34.43
C SER K 354 9.81 43.93 -33.04
N ALA K 355 10.59 44.66 -32.23
CA ALA K 355 10.26 44.98 -30.85
C ALA K 355 8.96 45.79 -30.78
N PHE K 356 8.76 46.68 -31.76
CA PHE K 356 7.62 47.57 -31.78
C PHE K 356 6.34 46.81 -32.10
N GLY K 357 6.44 45.79 -32.96
CA GLY K 357 5.31 45.00 -33.39
C GLY K 357 4.82 44.05 -32.30
N ILE K 358 5.73 43.58 -31.46
CA ILE K 358 5.43 42.59 -30.44
C ILE K 358 4.78 43.27 -29.24
N PRO K 359 3.63 42.75 -28.74
CA PRO K 359 3.01 43.26 -27.52
C PRO K 359 3.74 42.86 -26.23
N ILE K 360 3.85 43.82 -25.30
CA ILE K 360 4.49 43.63 -24.00
C ILE K 360 3.45 43.95 -22.91
N ASN K 361 3.67 43.46 -21.69
CA ASN K 361 2.82 43.81 -20.56
C ASN K 361 3.56 43.67 -19.22
N SER K 362 2.95 44.27 -18.19
CA SER K 362 3.40 44.16 -16.82
C SER K 362 2.19 43.85 -15.92
N LEU K 363 2.31 42.79 -15.13
CA LEU K 363 1.26 42.38 -14.19
C LEU K 363 1.29 43.28 -12.95
N LYS K 364 2.44 43.93 -12.72
CA LYS K 364 2.67 44.70 -11.50
C LYS K 364 1.80 45.95 -11.46
N SER K 365 1.21 46.32 -12.61
CA SER K 365 0.23 47.38 -12.68
C SER K 365 -1.01 47.03 -11.86
N MET K 366 -1.32 45.72 -11.80
CA MET K 366 -2.48 45.21 -11.09
C MET K 366 -2.05 44.62 -9.74
N THR K 367 -1.13 43.65 -9.78
CA THR K 367 -0.78 42.84 -8.61
C THR K 367 0.16 43.57 -7.66
N GLY K 368 1.04 44.39 -8.21
CA GLY K 368 2.05 45.11 -7.40
C GLY K 368 3.35 44.33 -7.36
N HIS K 369 4.38 44.86 -6.72
CA HIS K 369 5.65 44.12 -6.73
C HIS K 369 5.73 43.24 -5.48
N ALA K 370 5.79 41.93 -5.67
CA ALA K 370 5.80 40.98 -4.53
C ALA K 370 7.17 40.36 -4.36
N LEU K 371 8.22 41.05 -4.81
CA LEU K 371 9.63 40.59 -4.75
C LEU K 371 9.76 39.31 -5.55
N ALA K 372 10.30 38.24 -4.97
CA ALA K 372 10.49 36.94 -5.65
C ALA K 372 9.16 36.31 -6.09
N ALA K 373 8.06 36.57 -5.40
CA ALA K 373 6.72 36.03 -5.70
C ALA K 373 6.22 36.49 -7.06
N ALA K 374 6.59 37.71 -7.45
CA ALA K 374 6.14 38.32 -8.71
C ALA K 374 6.58 37.45 -9.90
N ASN K 375 7.78 36.90 -9.88
CA ASN K 375 8.24 36.07 -11.00
C ASN K 375 7.34 34.83 -11.13
N ALA K 376 6.99 34.24 -10.00
CA ALA K 376 6.15 33.03 -9.93
C ALA K 376 4.69 33.37 -10.26
N ILE K 377 4.17 34.43 -9.68
CA ILE K 377 2.79 34.83 -9.94
C ILE K 377 2.61 35.12 -11.43
N GLU K 378 3.59 35.82 -12.02
CA GLU K 378 3.54 36.18 -13.43
C GLU K 378 3.79 34.96 -14.32
N SER K 379 4.51 33.96 -13.78
CA SER K 379 4.76 32.72 -14.49
C SER K 379 3.48 31.87 -14.59
N VAL K 380 2.64 31.96 -13.54
CA VAL K 380 1.33 31.33 -13.53
C VAL K 380 0.43 32.07 -14.51
N ALA K 381 0.52 33.40 -14.50
CA ALA K 381 -0.26 34.26 -15.39
C ALA K 381 0.11 33.98 -16.85
N LEU K 382 1.41 33.73 -17.09
CA LEU K 382 1.93 33.47 -18.42
C LEU K 382 1.37 32.15 -18.97
N CYS K 383 1.19 31.17 -18.08
CA CYS K 383 0.64 29.87 -18.46
C CYS K 383 -0.83 29.99 -18.83
N LEU K 384 -1.56 30.86 -18.12
CA LEU K 384 -2.98 31.09 -18.38
C LEU K 384 -3.18 31.83 -19.69
N GLU K 385 -2.25 32.75 -20.01
CA GLU K 385 -2.31 33.55 -21.21
C GLU K 385 -2.09 32.68 -22.46
N ILE K 386 -1.13 31.74 -22.36
CA ILE K 386 -0.77 30.89 -23.49
C ILE K 386 -1.90 29.90 -23.78
N GLU K 387 -2.50 29.34 -22.71
CA GLU K 387 -3.54 28.33 -22.85
C GLU K 387 -4.80 28.94 -23.47
N LYS K 388 -5.25 30.08 -22.91
CA LYS K 388 -6.53 30.68 -23.28
C LYS K 388 -6.38 31.64 -24.47
N GLN K 389 -5.14 31.88 -24.91
CA GLN K 389 -4.84 32.72 -26.07
C GLN K 389 -5.38 34.14 -25.86
N TYR K 390 -5.12 34.70 -24.68
CA TYR K 390 -5.51 36.04 -24.31
C TYR K 390 -4.34 36.72 -23.58
N VAL K 391 -4.24 38.05 -23.69
CA VAL K 391 -3.15 38.80 -23.08
C VAL K 391 -3.74 39.90 -22.21
N HIS K 392 -3.33 39.92 -20.93
CA HIS K 392 -3.80 40.93 -19.98
C HIS K 392 -3.12 42.27 -20.27
N PRO K 393 -3.75 43.40 -19.90
CA PRO K 393 -3.19 44.73 -20.17
C PRO K 393 -2.30 45.26 -19.05
N THR K 394 -1.60 46.37 -19.36
CA THR K 394 -0.90 47.16 -18.36
C THR K 394 -1.80 48.33 -17.97
N ILE K 395 -2.45 48.22 -16.80
CA ILE K 395 -3.44 49.20 -16.37
C ILE K 395 -2.73 50.44 -15.82
N ASN K 396 -3.51 51.52 -15.62
CA ASN K 396 -3.06 52.77 -15.04
C ASN K 396 -2.08 53.49 -15.97
N TYR K 397 -2.25 53.30 -17.28
CA TYR K 397 -1.40 53.94 -18.28
C TYR K 397 -1.95 55.33 -18.57
N GLN K 398 -1.19 56.37 -18.18
CA GLN K 398 -1.67 57.74 -18.18
C GLN K 398 -1.05 58.54 -19.32
N THR K 399 0.28 58.76 -19.25
CA THR K 399 1.00 59.57 -20.20
C THR K 399 2.13 58.75 -20.82
N PRO K 400 2.23 58.66 -22.16
CA PRO K 400 3.36 57.98 -22.81
C PRO K 400 4.72 58.57 -22.49
N ASP K 401 5.71 57.68 -22.30
CA ASP K 401 7.09 58.06 -22.06
C ASP K 401 7.83 58.09 -23.40
N PRO K 402 8.69 59.11 -23.67
CA PRO K 402 9.55 59.10 -24.85
C PRO K 402 10.47 57.89 -24.96
N ASP K 403 11.03 57.44 -23.83
CA ASP K 403 11.98 56.34 -23.79
C ASP K 403 11.23 55.02 -23.94
N CYS K 404 10.24 54.79 -23.08
CA CYS K 404 9.39 53.63 -23.14
C CYS K 404 8.30 53.84 -24.20
N ASP K 405 8.60 53.44 -25.44
CA ASP K 405 7.73 53.72 -26.58
C ASP K 405 7.38 52.43 -27.35
N LEU K 406 7.34 51.30 -26.65
CA LEU K 406 6.94 50.03 -27.23
C LEU K 406 5.44 49.82 -26.98
N ASP K 407 4.90 48.71 -27.51
CA ASP K 407 3.49 48.37 -27.34
C ASP K 407 3.30 47.66 -26.00
N TYR K 408 2.59 48.32 -25.07
CA TYR K 408 2.47 47.84 -23.70
C TYR K 408 1.06 47.36 -23.36
N ILE K 409 0.15 47.38 -24.34
CA ILE K 409 -1.24 46.96 -24.16
C ILE K 409 -1.87 47.80 -23.05
N PRO K 410 -2.17 49.10 -23.29
CA PRO K 410 -2.67 49.97 -22.23
C PRO K 410 -4.16 49.72 -21.91
N ASN K 411 -4.44 49.52 -20.61
CA ASN K 411 -5.78 49.57 -20.03
C ASN K 411 -6.62 48.32 -20.36
N GLN K 412 -6.90 48.10 -21.66
CA GLN K 412 -7.76 47.00 -22.09
C GLN K 412 -6.92 45.93 -22.79
N GLY K 413 -7.16 44.66 -22.43
CA GLY K 413 -6.52 43.52 -23.06
C GLY K 413 -7.27 43.04 -24.30
N CYS K 414 -6.80 41.95 -24.91
CA CYS K 414 -7.37 41.43 -26.14
C CYS K 414 -6.92 39.99 -26.41
N SER K 415 -7.67 39.30 -27.29
CA SER K 415 -7.37 37.94 -27.71
C SER K 415 -6.18 37.96 -28.65
N TYR K 416 -5.27 36.99 -28.49
CA TYR K 416 -3.99 36.99 -29.17
C TYR K 416 -3.41 35.58 -29.24
N PRO K 417 -2.96 35.12 -30.43
CA PRO K 417 -2.29 33.81 -30.55
C PRO K 417 -0.82 33.88 -30.16
N ILE K 418 -0.49 33.31 -29.00
CA ILE K 418 0.87 33.30 -28.48
C ILE K 418 1.57 32.01 -28.93
N LYS K 419 2.65 32.18 -29.70
CA LYS K 419 3.44 31.05 -30.20
C LYS K 419 4.62 30.80 -29.26
N THR K 420 5.48 31.81 -29.11
CA THR K 420 6.64 31.74 -28.23
C THR K 420 6.68 32.99 -27.35
N ALA K 421 6.86 32.79 -26.04
CA ALA K 421 6.78 33.88 -25.07
C ALA K 421 8.06 33.98 -24.25
N LEU K 422 8.40 35.21 -23.86
CA LEU K 422 9.55 35.50 -23.00
C LEU K 422 9.05 36.10 -21.69
N LYS K 423 9.67 35.67 -20.59
CA LYS K 423 9.41 36.26 -19.28
C LYS K 423 10.72 36.79 -18.70
N LEU K 424 10.79 38.10 -18.56
CA LEU K 424 11.98 38.83 -18.08
C LEU K 424 11.86 39.12 -16.59
N SER K 425 12.98 39.09 -15.87
CA SER K 425 13.01 39.39 -14.43
C SER K 425 14.31 40.05 -14.11
N SER K 426 14.27 41.07 -13.26
CA SER K 426 15.47 41.79 -12.83
C SER K 426 15.39 41.93 -11.34
N GLY K 427 16.53 42.14 -10.71
CA GLY K 427 16.47 42.29 -9.26
C GLY K 427 17.66 43.03 -8.69
N PHE K 428 17.80 42.99 -7.37
CA PHE K 428 18.98 43.57 -6.70
C PHE K 428 20.15 42.61 -6.91
N SER K 429 21.36 43.16 -6.82
CA SER K 429 22.68 42.52 -7.07
C SER K 429 22.92 42.39 -8.57
N GLY K 430 22.20 43.20 -9.33
CA GLY K 430 22.28 43.26 -10.81
C GLY K 430 21.96 41.95 -11.47
N ILE K 431 20.95 41.24 -10.99
CA ILE K 431 20.65 39.92 -11.59
C ILE K 431 19.56 40.06 -12.65
N HIS K 432 19.85 39.61 -13.86
CA HIS K 432 18.82 39.50 -14.90
C HIS K 432 18.57 38.02 -15.19
N SER K 433 17.28 37.64 -15.21
CA SER K 433 16.89 36.26 -15.46
C SER K 433 15.73 36.19 -16.46
N VAL K 434 15.79 35.21 -17.37
CA VAL K 434 14.82 35.06 -18.44
C VAL K 434 14.44 33.58 -18.57
N ILE K 435 13.16 33.33 -18.90
CA ILE K 435 12.69 32.01 -19.32
C ILE K 435 11.91 32.14 -20.62
N VAL K 436 12.08 31.15 -21.50
CA VAL K 436 11.34 31.06 -22.75
C VAL K 436 10.23 30.02 -22.56
N MET K 437 8.98 30.47 -22.66
CA MET K 437 7.83 29.57 -22.64
C MET K 437 7.29 29.40 -24.06
N ARG K 438 6.45 28.37 -24.26
CA ARG K 438 6.06 27.92 -25.59
C ARG K 438 4.75 27.16 -25.51
N ALA K 439 3.90 27.34 -26.52
CA ALA K 439 2.61 26.64 -26.62
C ALA K 439 2.86 25.19 -27.03
N VAL K 440 2.22 24.25 -26.31
CA VAL K 440 2.41 22.83 -26.52
C VAL K 440 1.72 22.39 -27.82
N ASP K 441 2.31 21.39 -28.47
CA ASP K 441 1.84 20.89 -29.77
C ASP K 441 0.54 20.10 -29.57
N ARG L 2 28.80 16.74 -21.17
CA ARG L 2 29.29 17.12 -19.81
C ARG L 2 30.79 17.42 -19.87
N LYS L 3 31.29 18.09 -18.83
CA LYS L 3 32.69 18.47 -18.73
C LYS L 3 33.17 18.33 -17.28
N ARG L 4 34.48 18.10 -17.11
CA ARG L 4 35.07 17.78 -15.82
C ARG L 4 35.45 19.05 -15.07
N VAL L 5 35.17 19.05 -13.76
CA VAL L 5 35.38 20.21 -12.88
C VAL L 5 36.56 19.92 -11.95
N VAL L 6 37.37 20.96 -11.68
CA VAL L 6 38.55 20.84 -10.82
C VAL L 6 38.64 22.06 -9.89
N VAL L 7 39.31 21.86 -8.74
CA VAL L 7 39.57 22.91 -7.78
C VAL L 7 41.00 23.40 -7.99
N THR L 8 41.15 24.68 -8.35
CA THR L 8 42.44 25.27 -8.64
C THR L 8 42.93 26.14 -7.48
N GLY L 9 42.00 26.64 -6.66
CA GLY L 9 42.34 27.50 -5.54
C GLY L 9 41.27 27.51 -4.45
N VAL L 10 41.69 27.74 -3.20
CA VAL L 10 40.82 27.72 -2.04
C VAL L 10 41.20 28.85 -1.09
N GLY L 11 40.24 29.29 -0.27
CA GLY L 11 40.46 30.34 0.72
C GLY L 11 39.35 30.42 1.75
N ALA L 12 39.71 30.77 3.00
CA ALA L 12 38.77 30.78 4.12
C ALA L 12 39.32 31.58 5.30
N ILE L 13 38.43 31.92 6.24
CA ILE L 13 38.77 32.58 7.51
C ILE L 13 37.93 31.97 8.64
N HIS L 14 38.54 31.88 9.83
CA HIS L 14 38.00 31.10 10.94
C HIS L 14 38.68 31.54 12.25
N PRO L 15 38.03 31.36 13.44
CA PRO L 15 38.72 31.59 14.71
C PRO L 15 40.04 30.85 14.93
N ASP L 16 40.19 29.68 14.30
CA ASP L 16 41.41 28.88 14.39
C ASP L 16 42.54 29.56 13.61
N GLY L 17 42.20 30.23 12.50
CA GLY L 17 43.18 30.94 11.69
C GLY L 17 42.54 31.75 10.56
N ASN L 18 43.24 32.81 10.14
CA ASN L 18 42.76 33.74 9.14
C ASN L 18 43.25 33.36 7.73
N ASP L 19 43.70 32.11 7.56
CA ASP L 19 44.13 31.59 6.26
C ASP L 19 44.01 30.07 6.24
N VAL L 20 43.90 29.50 5.03
CA VAL L 20 43.63 28.09 4.83
C VAL L 20 44.74 27.23 5.44
N THR L 21 45.99 27.68 5.35
CA THR L 21 47.13 26.93 5.86
C THR L 21 47.15 26.98 7.39
N ALA L 22 46.69 28.10 7.97
CA ALA L 22 46.67 28.28 9.41
C ALA L 22 45.56 27.45 10.05
N ILE L 23 44.43 27.31 9.34
CA ILE L 23 43.30 26.53 9.82
C ILE L 23 43.66 25.04 9.77
N LYS L 24 44.30 24.61 8.68
CA LYS L 24 44.60 23.21 8.43
C LYS L 24 45.56 22.67 9.49
N SER L 25 46.48 23.53 9.97
CA SER L 25 47.46 23.15 10.97
C SER L 25 46.83 22.93 12.34
N LYS L 26 45.92 23.84 12.74
CA LYS L 26 45.28 23.81 14.04
C LYS L 26 44.28 22.65 14.12
N VAL L 27 43.66 22.30 13.00
CA VAL L 27 42.74 21.18 12.92
C VAL L 27 43.50 19.89 13.19
N ILE L 28 44.72 19.78 12.62
CA ILE L 28 45.54 18.58 12.75
C ILE L 28 46.01 18.43 14.20
N GLN L 29 46.25 19.56 14.88
CA GLN L 29 46.68 19.56 16.27
C GLN L 29 45.60 18.94 17.15
N LYS L 30 44.34 19.35 16.92
CA LYS L 30 43.22 18.92 17.75
C LYS L 30 42.79 17.50 17.34
N LEU L 31 42.97 17.16 16.05
CA LEU L 31 42.62 15.85 15.54
C LEU L 31 43.59 14.80 16.07
N LEU L 32 44.90 15.12 16.02
CA LEU L 32 45.94 14.22 16.49
C LEU L 32 45.95 14.21 18.02
N GLY L 33 46.04 15.40 18.63
CA GLY L 33 46.05 15.55 20.07
C GLY L 33 44.64 15.58 20.63
N SER L 43 26.23 25.36 28.05
CA SER L 43 25.80 26.56 27.30
C SER L 43 26.75 26.79 26.13
N SER L 44 26.17 26.88 24.93
CA SER L 44 26.93 27.09 23.71
C SER L 44 27.35 28.55 23.55
N ILE L 45 28.44 28.77 22.80
CA ILE L 45 28.98 30.10 22.54
C ILE L 45 29.27 30.25 21.04
N ILE L 46 29.53 31.50 20.64
CA ILE L 46 29.83 31.85 19.25
C ILE L 46 31.23 32.44 19.19
N ARG L 47 32.16 31.69 18.56
CA ARG L 47 33.56 32.08 18.46
C ARG L 47 33.72 33.13 17.36
N THR L 48 34.46 34.21 17.68
CA THR L 48 34.73 35.29 16.74
C THR L 48 36.13 35.12 16.15
N LEU L 49 36.42 35.89 15.09
CA LEU L 49 37.72 35.87 14.44
C LEU L 49 38.75 36.61 15.30
N SER L 50 39.93 36.00 15.46
CA SER L 50 41.01 36.58 16.23
C SER L 50 41.91 37.42 15.32
N ASP L 51 42.11 38.69 15.70
CA ASP L 51 43.04 39.60 15.07
C ASP L 51 42.64 39.88 13.62
N PHE L 52 41.34 40.01 13.36
CA PHE L 52 40.83 40.29 12.02
C PHE L 52 40.52 41.79 11.88
N ASP L 53 40.88 42.35 10.72
CA ASP L 53 40.62 43.74 10.40
C ASP L 53 40.21 43.85 8.93
N GLY L 54 38.97 44.30 8.69
CA GLY L 54 38.40 44.40 7.36
C GLY L 54 38.96 45.55 6.54
N ALA L 55 39.58 46.53 7.22
CA ALA L 55 40.21 47.67 6.56
C ALA L 55 41.45 47.20 5.79
N LYS L 56 42.02 46.07 6.24
CA LYS L 56 43.19 45.44 5.65
C LYS L 56 42.89 44.99 4.21
N TYR L 57 41.60 44.86 3.86
CA TYR L 57 41.20 44.32 2.57
C TYR L 57 40.30 45.30 1.82
N ILE L 58 39.22 45.77 2.45
CA ILE L 58 38.13 46.44 1.76
C ILE L 58 38.26 47.96 1.87
N ASN L 59 37.76 48.65 0.84
CA ASN L 59 37.74 50.11 0.72
C ASN L 59 36.74 50.70 1.70
N ASN L 60 37.01 51.93 2.18
CA ASN L 60 36.25 52.57 3.25
C ASN L 60 34.86 52.98 2.78
N ARG L 61 34.74 53.44 1.53
CA ARG L 61 33.47 53.89 0.96
C ARG L 61 32.52 52.69 0.81
N LEU L 62 33.09 51.51 0.56
CA LEU L 62 32.32 50.30 0.32
C LEU L 62 31.90 49.64 1.64
N ARG L 63 32.80 49.63 2.63
CA ARG L 63 32.56 48.92 3.89
C ARG L 63 31.41 49.56 4.66
N ARG L 64 31.16 50.85 4.41
CA ARG L 64 30.07 51.58 5.03
C ARG L 64 28.73 50.99 4.58
N LYS L 65 28.72 50.36 3.40
CA LYS L 65 27.49 49.95 2.74
C LYS L 65 27.08 48.53 3.10
N ILE L 66 28.01 47.73 3.65
CA ILE L 66 27.83 46.28 3.70
C ILE L 66 27.99 45.73 5.12
N ASP L 67 27.41 44.55 5.34
CA ASP L 67 27.50 43.78 6.57
C ASP L 67 28.78 42.94 6.56
N GLU L 68 29.14 42.40 7.72
CA GLU L 68 30.36 41.65 7.95
C GLU L 68 30.38 40.34 7.15
N PHE L 69 29.21 39.77 6.82
CA PHE L 69 29.16 38.51 6.10
C PHE L 69 29.58 38.72 4.64
N SER L 70 29.29 39.91 4.10
CA SER L 70 29.75 40.30 2.78
C SER L 70 31.26 40.57 2.82
N VAL L 71 31.73 41.11 3.95
CA VAL L 71 33.13 41.41 4.18
C VAL L 71 33.91 40.10 4.21
N TYR L 72 33.40 39.10 4.95
CA TYR L 72 34.05 37.81 5.12
C TYR L 72 34.12 37.07 3.79
N GLY L 73 33.11 37.29 2.93
CA GLY L 73 33.05 36.66 1.62
C GLY L 73 34.08 37.22 0.65
N ILE L 74 34.25 38.56 0.67
CA ILE L 74 35.13 39.26 -0.24
C ILE L 74 36.60 38.90 0.04
N VAL L 75 36.96 38.80 1.32
CA VAL L 75 38.32 38.47 1.72
C VAL L 75 38.63 37.01 1.40
N ALA L 76 37.60 36.16 1.47
CA ALA L 76 37.74 34.72 1.25
C ALA L 76 38.04 34.42 -0.21
N VAL L 77 37.31 35.08 -1.13
CA VAL L 77 37.49 34.88 -2.56
C VAL L 77 38.84 35.43 -3.01
N GLU L 78 39.32 36.48 -2.32
CA GLU L 78 40.57 37.14 -2.64
C GLU L 78 41.74 36.18 -2.41
N MET L 79 41.66 35.39 -1.33
CA MET L 79 42.67 34.41 -1.00
C MET L 79 42.62 33.26 -2.01
N ALA L 80 41.40 32.87 -2.40
CA ALA L 80 41.16 31.74 -3.28
C ALA L 80 41.62 32.07 -4.70
N LEU L 81 41.34 33.30 -5.15
CA LEU L 81 41.72 33.74 -6.48
C LEU L 81 43.25 33.90 -6.58
N LYS L 82 43.87 34.31 -5.48
CA LYS L 82 45.31 34.52 -5.43
C LYS L 82 46.03 33.17 -5.45
N ALA L 83 45.41 32.16 -4.82
CA ALA L 83 45.97 30.82 -4.74
C ALA L 83 45.93 30.15 -6.13
N SER L 84 44.85 30.40 -6.86
CA SER L 84 44.65 29.82 -8.19
C SER L 84 45.58 30.42 -9.26
N ARG L 85 46.06 31.65 -9.01
CA ARG L 85 46.97 32.38 -9.88
C ARG L 85 46.30 32.73 -11.20
N LEU L 86 44.99 33.02 -11.15
CA LEU L 86 44.24 33.48 -12.32
C LEU L 86 44.54 34.95 -12.56
N ASP L 87 44.85 35.29 -13.82
CA ASP L 87 44.98 36.67 -14.23
C ASP L 87 43.57 37.21 -14.52
N VAL L 88 43.06 38.04 -13.61
CA VAL L 88 41.67 38.51 -13.65
C VAL L 88 41.43 39.37 -14.89
N ASP L 89 42.48 40.05 -15.37
CA ASP L 89 42.41 40.90 -16.55
C ASP L 89 42.14 40.06 -17.79
N LYS L 90 42.75 38.86 -17.84
CA LYS L 90 42.70 38.00 -19.01
C LYS L 90 41.39 37.21 -19.07
N LEU L 91 40.72 37.06 -17.92
CA LEU L 91 39.49 36.28 -17.84
C LEU L 91 38.31 37.07 -18.43
N ASP L 92 37.56 36.40 -19.30
CA ASP L 92 36.33 36.94 -19.87
C ASP L 92 35.24 36.94 -18.81
N PRO L 93 34.70 38.12 -18.41
CA PRO L 93 33.69 38.19 -17.35
C PRO L 93 32.39 37.42 -17.63
N ASN L 94 32.10 37.18 -18.92
CA ASN L 94 30.92 36.45 -19.34
C ASN L 94 31.04 34.97 -19.00
N ARG L 95 32.28 34.51 -18.80
CA ARG L 95 32.56 33.09 -18.58
C ARG L 95 32.98 32.82 -17.13
N VAL L 96 32.58 33.71 -16.21
CA VAL L 96 32.88 33.54 -14.79
C VAL L 96 31.63 33.86 -13.97
N GLY L 97 31.27 32.96 -13.05
CA GLY L 97 30.10 33.12 -12.20
C GLY L 97 30.42 33.01 -10.72
N ILE L 98 29.41 33.28 -9.87
CA ILE L 98 29.55 33.32 -8.43
C ILE L 98 28.39 32.56 -7.79
N TYR L 99 28.72 31.57 -6.95
CA TYR L 99 27.73 30.82 -6.19
C TYR L 99 27.97 30.99 -4.69
N VAL L 100 26.91 31.26 -3.93
CA VAL L 100 27.01 31.65 -2.53
C VAL L 100 26.01 30.87 -1.69
N GLY L 101 26.44 30.49 -0.47
CA GLY L 101 25.56 29.95 0.54
C GLY L 101 25.51 30.86 1.77
N ASN L 102 24.29 31.19 2.23
CA ASN L 102 24.10 32.11 3.35
C ASN L 102 22.67 32.01 3.87
N CYS L 103 22.54 31.74 5.18
CA CYS L 103 21.24 31.49 5.80
C CYS L 103 20.75 32.71 6.58
N PHE L 104 21.60 33.27 7.44
CA PHE L 104 21.16 34.22 8.46
C PHE L 104 21.16 35.66 7.96
N GLY L 105 21.84 35.93 6.84
CA GLY L 105 21.89 37.28 6.28
C GLY L 105 22.85 38.18 7.06
N GLY L 106 22.57 39.49 7.04
CA GLY L 106 23.43 40.48 7.66
C GLY L 106 22.70 41.34 8.69
N TRP L 107 22.63 40.85 9.92
CA TRP L 107 21.87 41.49 10.99
C TRP L 107 22.67 42.60 11.68
N GLN L 108 24.00 42.46 11.72
CA GLN L 108 24.87 43.38 12.44
C GLN L 108 24.74 44.79 11.88
N HIS L 109 24.37 44.90 10.62
CA HIS L 109 24.28 46.21 9.93
C HIS L 109 22.92 46.86 10.08
N ILE L 110 21.86 46.08 10.28
CA ILE L 110 20.51 46.71 10.28
C ILE L 110 19.88 46.73 11.67
N GLU L 111 20.37 45.90 12.60
CA GLU L 111 19.79 45.75 13.96
C GLU L 111 19.44 47.08 14.66
N ASP L 112 20.34 48.06 14.65
CA ASP L 112 20.13 49.33 15.33
C ASP L 112 19.08 50.16 14.59
N GLU L 113 19.04 50.04 13.26
CA GLU L 113 18.13 50.80 12.41
C GLU L 113 16.72 50.20 12.48
N VAL L 114 16.62 48.91 12.81
CA VAL L 114 15.32 48.25 12.97
C VAL L 114 14.68 48.70 14.28
N LYS L 115 15.50 48.78 15.33
CA LYS L 115 15.03 49.19 16.65
C LYS L 115 14.75 50.69 16.65
N ALA L 116 15.53 51.44 15.88
CA ALA L 116 15.38 52.89 15.78
C ALA L 116 14.13 53.27 14.99
N LEU L 117 13.72 52.40 14.08
CA LEU L 117 12.58 52.74 13.20
C LEU L 117 11.27 52.80 13.98
N HIS L 118 11.15 51.99 15.03
CA HIS L 118 9.88 51.90 15.79
C HIS L 118 9.68 53.06 16.77
N ILE L 119 10.77 53.52 17.39
CA ILE L 119 10.75 54.56 18.39
C ILE L 119 10.72 55.94 17.72
N GLU L 120 11.41 56.08 16.58
CA GLU L 120 11.51 57.35 15.88
C GLU L 120 10.50 57.42 14.74
N GLY L 121 10.70 56.53 13.74
CA GLY L 121 9.98 56.58 12.48
C GLY L 121 10.91 56.24 11.32
N ILE L 122 10.60 56.76 10.12
CA ILE L 122 11.38 56.50 8.93
C ILE L 122 12.80 57.07 9.06
N LYS L 123 12.93 58.16 9.84
CA LYS L 123 14.19 58.90 9.96
C LYS L 123 15.29 58.05 10.58
N GLY L 124 14.90 57.00 11.31
CA GLY L 124 15.85 56.11 11.96
C GLY L 124 16.60 55.21 10.97
N MET L 125 15.88 54.77 9.93
CA MET L 125 16.44 53.87 8.93
C MET L 125 17.19 54.66 7.86
N GLY L 126 18.13 53.97 7.20
CA GLY L 126 18.89 54.52 6.09
C GLY L 126 18.69 53.71 4.81
N PRO L 127 19.30 54.13 3.67
CA PRO L 127 19.10 53.45 2.38
C PRO L 127 19.63 52.02 2.29
N TYR L 128 20.78 51.77 2.89
CA TYR L 128 21.45 50.47 2.72
C TYR L 128 20.80 49.36 3.53
N VAL L 129 19.64 49.62 4.13
CA VAL L 129 19.00 48.51 4.89
C VAL L 129 18.58 47.43 3.90
N ALA L 130 18.04 47.82 2.76
CA ALA L 130 17.59 46.82 1.77
C ALA L 130 18.77 46.01 1.23
N THR L 131 19.83 46.71 0.83
CA THR L 131 21.04 46.11 0.20
C THR L 131 21.92 45.31 1.14
N ALA L 132 22.14 45.77 2.37
CA ALA L 132 23.08 45.08 3.28
C ALA L 132 22.58 43.74 3.83
N TRP L 133 21.31 43.71 4.22
CA TRP L 133 20.73 42.54 4.92
C TRP L 133 20.57 41.26 4.10
N PHE L 134 20.07 41.36 2.87
CA PHE L 134 19.74 40.11 2.13
C PHE L 134 20.97 39.27 1.84
N PRO L 135 20.83 37.94 1.78
CA PRO L 135 21.94 37.02 1.53
C PRO L 135 22.58 37.12 0.15
N ALA L 136 21.84 37.66 -0.81
CA ALA L 136 22.27 37.81 -2.21
C ALA L 136 23.08 39.09 -2.32
N ALA L 137 23.47 39.66 -1.20
CA ALA L 137 24.25 40.92 -1.22
C ALA L 137 25.71 40.60 -1.53
N LEU L 138 26.22 39.51 -1.00
CA LEU L 138 27.60 39.09 -1.25
C LEU L 138 27.78 38.80 -2.73
N GLN L 139 26.81 38.14 -3.34
CA GLN L 139 26.96 37.74 -4.75
C GLN L 139 26.88 38.97 -5.66
N GLY L 140 26.38 40.09 -5.16
CA GLY L 140 26.28 41.28 -6.01
C GLY L 140 27.42 42.22 -5.81
N GLN L 141 27.92 42.27 -4.59
CA GLN L 141 29.10 43.08 -4.33
C GLN L 141 30.33 42.47 -5.00
N LEU L 142 30.35 41.15 -5.14
CA LEU L 142 31.46 40.44 -5.77
C LEU L 142 31.47 40.70 -7.28
N SER L 143 30.29 40.84 -7.86
CA SER L 143 30.17 41.07 -9.31
C SER L 143 30.56 42.49 -9.65
N LEU L 144 30.51 43.40 -8.69
CA LEU L 144 30.92 44.78 -8.89
C LEU L 144 32.44 44.92 -8.82
N LEU L 145 33.06 44.23 -7.83
CA LEU L 145 34.50 44.33 -7.61
C LEU L 145 35.28 43.71 -8.77
N TYR L 146 34.82 42.53 -9.24
CA TYR L 146 35.58 41.72 -10.19
C TYR L 146 34.99 41.79 -11.60
N GLY L 147 33.71 42.18 -11.71
CA GLY L 147 33.06 42.37 -13.00
C GLY L 147 32.45 41.09 -13.60
N PHE L 148 32.37 40.02 -12.79
CA PHE L 148 31.94 38.72 -13.28
C PHE L 148 30.45 38.73 -13.62
N SER L 149 30.11 38.21 -14.81
CA SER L 149 28.80 38.37 -15.40
C SER L 149 28.04 37.11 -15.83
N ALA L 150 28.59 35.93 -15.50
CA ALA L 150 27.92 34.68 -15.82
C ALA L 150 26.84 34.38 -14.78
N GLN L 151 26.10 33.29 -15.00
CA GLN L 151 25.04 32.85 -14.12
C GLN L 151 25.56 32.75 -12.68
N SER L 152 24.91 33.48 -11.77
CA SER L 152 25.32 33.55 -10.38
C SER L 152 24.11 33.50 -9.46
N LYS L 153 24.08 32.51 -8.56
CA LYS L 153 22.95 32.31 -7.67
C LYS L 153 23.40 32.36 -6.20
N THR L 154 22.42 32.39 -5.30
CA THR L 154 22.64 32.36 -3.86
C THR L 154 21.61 31.42 -3.23
N PHE L 155 22.09 30.49 -2.39
CA PHE L 155 21.23 29.52 -1.73
C PHE L 155 21.14 29.85 -0.25
N SER L 156 19.92 29.79 0.29
CA SER L 156 19.67 30.04 1.70
C SER L 156 18.93 28.87 2.34
N THR L 157 19.18 27.66 1.82
CA THR L 157 18.61 26.43 2.37
C THR L 157 19.30 26.13 3.69
N SER L 158 18.52 26.04 4.78
CA SER L 158 19.06 25.88 6.12
C SER L 158 20.08 24.74 6.19
N ASP L 159 21.28 25.08 6.70
CA ASP L 159 22.37 24.13 6.96
C ASP L 159 23.14 23.79 5.68
N VAL L 160 22.44 23.37 4.62
CA VAL L 160 23.08 22.78 3.46
C VAL L 160 23.29 23.80 2.34
N ALA L 161 23.08 25.08 2.64
CA ALA L 161 23.11 26.16 1.64
C ALA L 161 24.42 26.16 0.86
N GLY L 162 25.54 26.16 1.58
CA GLY L 162 26.87 26.21 0.98
C GLY L 162 27.21 24.93 0.22
N MET L 163 26.66 23.81 0.70
CA MET L 163 26.87 22.51 0.06
C MET L 163 26.20 22.49 -1.31
N GLN L 164 25.02 23.10 -1.41
CA GLN L 164 24.27 23.20 -2.65
C GLN L 164 24.93 24.20 -3.60
N ALA L 165 25.53 25.25 -3.02
CA ALA L 165 26.19 26.30 -3.79
C ALA L 165 27.36 25.75 -4.60
N ILE L 166 28.13 24.83 -4.00
CA ILE L 166 29.27 24.21 -4.65
C ILE L 166 28.78 23.25 -5.73
N GLY L 167 27.78 22.43 -5.37
CA GLY L 167 27.27 21.37 -6.23
C GLY L 167 26.71 21.87 -7.55
N TYR L 168 25.92 22.96 -7.49
CA TYR L 168 25.25 23.51 -8.67
C TYR L 168 26.18 24.42 -9.46
N ALA L 169 27.28 24.85 -8.83
CA ALA L 169 28.33 25.58 -9.53
C ALA L 169 29.12 24.62 -10.42
N ALA L 170 29.36 23.41 -9.90
CA ALA L 170 30.02 22.35 -10.64
C ALA L 170 29.14 21.90 -11.81
N GLU L 171 27.82 21.90 -11.61
CA GLU L 171 26.84 21.56 -12.63
C GLU L 171 26.89 22.57 -13.76
N ALA L 172 27.09 23.85 -13.41
CA ALA L 172 27.15 24.93 -14.36
C ALA L 172 28.38 24.80 -15.26
N ILE L 173 29.52 24.40 -14.67
CA ILE L 173 30.76 24.20 -15.41
C ILE L 173 30.64 22.95 -16.27
N SER L 174 29.94 21.93 -15.76
CA SER L 174 29.74 20.68 -16.47
C SER L 174 28.98 20.88 -17.78
N ASN L 175 27.90 21.67 -17.72
CA ASN L 175 27.02 21.91 -18.87
C ASN L 175 27.57 23.03 -19.75
N GLY L 176 28.60 23.75 -19.28
CA GLY L 176 29.27 24.76 -20.08
C GLY L 176 28.61 26.13 -20.00
N VAL L 177 28.11 26.47 -18.81
CA VAL L 177 27.53 27.79 -18.55
C VAL L 177 28.66 28.79 -18.33
N ALA L 178 29.74 28.33 -17.66
CA ALA L 178 30.92 29.14 -17.43
C ALA L 178 32.17 28.25 -17.30
N GLU L 179 33.34 28.85 -17.56
CA GLU L 179 34.61 28.14 -17.47
C GLU L 179 35.13 28.18 -16.03
N VAL L 180 34.82 29.26 -15.29
CA VAL L 180 35.26 29.43 -13.91
C VAL L 180 34.04 29.75 -13.04
N MET L 181 34.08 29.30 -11.78
CA MET L 181 33.03 29.58 -10.81
C MET L 181 33.65 29.81 -9.42
N LEU L 182 33.18 30.87 -8.75
CA LEU L 182 33.52 31.14 -7.36
C LEU L 182 32.39 30.67 -6.47
N CYS L 183 32.47 29.42 -6.00
CA CYS L 183 31.47 28.85 -5.12
C CYS L 183 31.97 28.85 -3.69
N GLY L 184 31.06 29.10 -2.73
CA GLY L 184 31.42 29.10 -1.33
C GLY L 184 30.28 29.56 -0.43
N ALA L 185 30.64 30.00 0.78
CA ALA L 185 29.67 30.42 1.79
C ALA L 185 30.32 31.37 2.81
N SER L 186 29.48 32.17 3.47
CA SER L 186 29.91 33.13 4.48
C SER L 186 28.77 33.41 5.46
N GLU L 187 29.11 33.54 6.75
CA GLU L 187 28.15 33.77 7.81
C GLU L 187 28.71 34.73 8.86
N HIS L 188 27.80 35.45 9.54
CA HIS L 188 28.12 36.32 10.67
C HIS L 188 27.08 36.11 11.77
N LEU L 189 27.54 35.69 12.96
CA LEU L 189 26.63 35.27 14.02
C LEU L 189 26.87 36.04 15.32
N SER L 190 27.66 37.12 15.26
CA SER L 190 28.04 37.85 16.46
C SER L 190 27.13 39.02 16.82
N SER L 191 26.14 39.30 15.95
CA SER L 191 25.19 40.37 16.19
C SER L 191 24.24 40.00 17.32
N PRO L 192 23.84 40.98 18.18
CA PRO L 192 23.00 40.72 19.35
C PRO L 192 21.78 39.81 19.19
N LEU L 193 21.11 39.89 18.03
CA LEU L 193 19.86 39.17 17.80
C LEU L 193 20.13 37.68 17.62
N VAL L 194 21.00 37.33 16.66
CA VAL L 194 21.30 35.95 16.35
C VAL L 194 22.16 35.32 17.44
N LYS L 195 22.89 36.17 18.20
CA LYS L 195 23.76 35.70 19.27
C LYS L 195 22.91 35.09 20.39
N ASN L 196 21.91 35.85 20.85
CA ASN L 196 21.04 35.45 21.94
C ASN L 196 20.08 34.37 21.48
N LEU L 197 19.81 34.32 20.17
CA LEU L 197 18.93 33.31 19.58
C LEU L 197 19.63 31.96 19.61
N LEU L 198 20.87 31.90 19.10
CA LEU L 198 21.63 30.67 18.99
C LEU L 198 22.04 30.15 20.37
N GLU L 199 22.27 31.07 21.31
CA GLU L 199 22.70 30.71 22.65
C GLU L 199 21.57 30.00 23.40
N LYS L 200 20.32 30.38 23.10
CA LYS L 200 19.17 29.81 23.78
C LYS L 200 18.58 28.65 22.98
N THR L 201 18.07 28.95 21.78
CA THR L 201 17.16 28.06 21.07
C THR L 201 17.88 26.89 20.41
N SER L 202 19.01 27.18 19.75
CA SER L 202 19.70 26.22 18.90
C SER L 202 20.26 24.99 19.63
N SER L 203 20.62 25.18 20.91
CA SER L 203 21.17 24.10 21.73
C SER L 203 20.08 23.11 22.13
N GLN L 204 18.89 23.63 22.42
CA GLN L 204 17.78 22.84 22.95
C GLN L 204 17.09 22.03 21.85
N LYS L 205 16.98 22.61 20.64
CA LYS L 205 16.18 22.02 19.57
C LYS L 205 16.89 20.82 18.95
N HIS L 206 16.16 20.10 18.07
CA HIS L 206 16.57 18.81 17.55
C HIS L 206 16.00 18.59 16.15
N SER L 207 16.36 17.46 15.54
CA SER L 207 15.83 17.04 14.25
C SER L 207 14.88 15.86 14.44
N GLU L 208 13.77 15.88 13.68
CA GLU L 208 12.78 14.81 13.70
C GLU L 208 13.31 13.59 12.96
N VAL L 209 14.19 13.83 11.98
CA VAL L 209 14.73 12.79 11.12
C VAL L 209 15.98 12.17 11.76
N PHE L 210 16.92 13.02 12.19
CA PHE L 210 18.25 12.59 12.58
C PHE L 210 18.40 12.47 14.10
N GLY L 211 17.51 13.12 14.86
CA GLY L 211 17.52 12.99 16.31
C GLY L 211 18.15 14.20 17.02
N GLU L 212 18.71 13.94 18.20
CA GLU L 212 19.24 14.97 19.08
C GLU L 212 20.62 15.42 18.60
N LYS L 213 20.94 16.70 18.86
CA LYS L 213 22.24 17.27 18.52
C LYS L 213 23.27 16.89 19.58
N GLN L 214 24.53 16.87 19.17
CA GLN L 214 25.66 16.70 20.09
C GLN L 214 25.98 18.05 20.71
N PRO L 215 26.66 18.09 21.89
CA PRO L 215 27.15 19.35 22.45
C PRO L 215 28.24 19.96 21.58
N GLY L 216 28.24 21.30 21.47
CA GLY L 216 29.22 22.01 20.68
C GLY L 216 28.94 23.51 20.57
N ASP L 217 29.98 24.27 20.22
CA ASP L 217 29.90 25.71 20.06
C ASP L 217 29.56 26.04 18.61
N PHE L 218 29.40 27.34 18.32
CA PHE L 218 29.19 27.84 16.98
C PHE L 218 30.41 28.66 16.55
N SER L 219 30.43 29.05 15.27
CA SER L 219 31.49 29.87 14.73
C SER L 219 31.01 30.69 13.54
N GLU L 220 31.78 31.75 13.20
CA GLU L 220 31.49 32.61 12.07
C GLU L 220 32.72 32.71 11.17
N GLY L 221 32.52 33.21 9.95
CA GLY L 221 33.58 33.35 8.98
C GLY L 221 33.09 33.06 7.56
N ALA L 222 33.98 32.51 6.73
CA ALA L 222 33.67 32.22 5.34
C ALA L 222 34.65 31.18 4.78
N ALA L 223 34.28 30.60 3.63
CA ALA L 223 35.11 29.67 2.88
C ALA L 223 34.66 29.64 1.41
N PHE L 224 35.63 29.65 0.49
CA PHE L 224 35.36 29.71 -0.93
C PHE L 224 36.34 28.82 -1.72
N LEU L 225 35.84 28.28 -2.84
CA LEU L 225 36.63 27.50 -3.77
C LEU L 225 36.62 28.20 -5.13
N VAL L 226 37.72 28.03 -5.88
CA VAL L 226 37.76 28.38 -7.30
C VAL L 226 37.59 27.10 -8.10
N LEU L 227 36.33 26.79 -8.43
CA LEU L 227 36.03 25.70 -9.35
C LEU L 227 36.20 26.20 -10.78
N GLU L 228 36.76 25.36 -11.65
CA GLU L 228 36.88 25.69 -13.06
C GLU L 228 36.92 24.44 -13.93
N GLU L 229 36.77 24.65 -15.24
CA GLU L 229 36.77 23.59 -16.24
C GLU L 229 38.19 23.01 -16.35
N ARG L 230 38.27 21.69 -16.59
CA ARG L 230 39.51 20.94 -16.48
C ARG L 230 40.50 21.35 -17.56
N GLN L 231 40.03 21.43 -18.81
CA GLN L 231 40.87 21.76 -19.94
C GLN L 231 41.36 23.20 -19.85
N HIS L 232 40.55 24.08 -19.24
CA HIS L 232 40.94 25.47 -19.01
C HIS L 232 42.09 25.54 -18.02
N ALA L 233 42.05 24.68 -17.00
CA ALA L 233 43.05 24.63 -15.95
C ALA L 233 44.38 24.08 -16.48
N LEU L 234 44.30 23.04 -17.32
CA LEU L 234 45.48 22.37 -17.83
C LEU L 234 46.18 23.23 -18.88
N GLU L 235 45.39 23.98 -19.67
CA GLU L 235 45.92 24.79 -20.76
C GLU L 235 46.76 25.94 -20.21
N ARG L 236 46.28 26.58 -19.14
CA ARG L 236 46.96 27.74 -18.57
C ARG L 236 48.12 27.28 -17.67
N GLY L 237 48.12 26.00 -17.30
CA GLY L 237 49.18 25.41 -16.50
C GLY L 237 48.96 25.62 -15.01
N ALA L 238 47.72 25.33 -14.56
CA ALA L 238 47.31 25.57 -13.19
C ALA L 238 47.70 24.41 -12.30
N SER L 239 48.03 24.73 -11.04
CA SER L 239 48.33 23.72 -10.02
C SER L 239 47.00 23.25 -9.44
N ILE L 240 46.49 22.14 -10.00
CA ILE L 240 45.18 21.62 -9.63
C ILE L 240 45.28 20.88 -8.30
N LEU L 241 44.42 21.26 -7.35
CA LEU L 241 44.39 20.66 -6.03
C LEU L 241 43.72 19.29 -6.09
N CYS L 242 42.49 19.25 -6.63
CA CYS L 242 41.71 18.04 -6.73
C CYS L 242 40.64 18.17 -7.81
N GLU L 243 39.93 17.06 -8.08
CA GLU L 243 38.85 17.01 -9.04
C GLU L 243 37.54 16.74 -8.32
N LEU L 244 36.55 17.62 -8.53
CA LEU L 244 35.20 17.41 -8.00
C LEU L 244 34.49 16.39 -8.89
N THR L 245 34.33 15.17 -8.37
CA THR L 245 33.89 14.03 -9.16
C THR L 245 32.37 13.88 -9.15
N GLY L 246 31.73 14.24 -8.01
CA GLY L 246 30.30 14.02 -7.88
C GLY L 246 29.66 14.85 -6.77
N PHE L 247 28.36 15.13 -6.95
CA PHE L 247 27.54 15.84 -5.98
C PHE L 247 26.22 15.09 -5.79
N VAL L 248 25.76 15.03 -4.53
CA VAL L 248 24.53 14.36 -4.15
C VAL L 248 23.62 15.38 -3.47
N ASP L 249 22.31 15.31 -3.77
CA ASP L 249 21.34 16.26 -3.24
C ASP L 249 19.97 15.59 -3.12
N TYR L 250 19.70 15.02 -1.94
CA TYR L 250 18.44 14.36 -1.66
C TYR L 250 17.79 14.93 -0.40
N PHE L 251 16.55 14.51 -0.14
CA PHE L 251 15.80 14.92 1.03
C PHE L 251 15.14 13.69 1.66
N ALA L 252 14.93 13.75 2.98
CA ALA L 252 14.36 12.65 3.74
C ALA L 252 13.16 13.14 4.55
N PRO L 253 11.92 12.98 4.03
CA PRO L 253 10.72 13.42 4.74
C PRO L 253 10.40 12.64 6.02
N ASP L 254 10.93 11.42 6.12
CA ASP L 254 10.69 10.56 7.28
C ASP L 254 11.87 9.60 7.48
N LYS L 255 11.84 8.85 8.59
CA LYS L 255 12.93 7.97 9.01
C LYS L 255 13.03 6.75 8.10
N ASN L 256 11.92 6.40 7.44
CA ASN L 256 11.88 5.26 6.53
C ASN L 256 12.79 5.51 5.32
N THR L 257 12.71 6.73 4.77
CA THR L 257 13.46 7.09 3.58
C THR L 257 14.86 7.56 3.93
N ARG L 258 15.11 7.84 5.22
CA ARG L 258 16.40 8.34 5.70
C ARG L 258 17.50 7.32 5.39
N ASN L 259 17.23 6.04 5.71
CA ASN L 259 18.17 4.96 5.52
C ASN L 259 18.34 4.65 4.04
N ASN L 260 17.27 4.89 3.26
CA ASN L 260 17.31 4.71 1.82
C ASN L 260 18.16 5.80 1.18
N THR L 261 18.06 7.04 1.71
CA THR L 261 18.74 8.20 1.17
C THR L 261 20.26 8.04 1.29
N LEU L 262 20.71 7.49 2.43
CA LEU L 262 22.13 7.36 2.73
C LEU L 262 22.81 6.35 1.81
N GLU L 263 22.02 5.42 1.25
CA GLU L 263 22.54 4.36 0.39
C GLU L 263 22.93 4.91 -0.98
N TYR L 264 22.47 6.13 -1.31
CA TYR L 264 22.83 6.78 -2.57
C TYR L 264 24.13 7.55 -2.39
N THR L 265 24.40 7.99 -1.15
CA THR L 265 25.67 8.60 -0.79
C THR L 265 26.76 7.53 -0.85
N ALA L 266 26.36 6.28 -0.61
CA ALA L 266 27.25 5.13 -0.64
C ALA L 266 27.70 4.86 -2.08
N GLU L 267 26.82 5.13 -3.06
CA GLU L 267 27.10 4.89 -4.47
C GLU L 267 28.12 5.90 -5.00
N LEU L 268 28.30 7.01 -4.27
CA LEU L 268 29.23 8.07 -4.66
C LEU L 268 30.68 7.62 -4.50
N PHE L 269 30.90 6.55 -3.72
CA PHE L 269 32.24 6.03 -3.48
C PHE L 269 32.79 5.34 -4.73
N ASN L 270 31.92 4.64 -5.46
CA ASN L 270 32.27 3.84 -6.62
C ASN L 270 33.14 2.65 -6.19
N HIS L 271 32.83 2.07 -5.02
CA HIS L 271 33.48 0.89 -4.48
C HIS L 271 34.97 1.14 -4.20
N ASN L 272 35.29 2.34 -3.70
CA ASN L 272 36.66 2.75 -3.43
C ASN L 272 37.04 2.40 -1.99
N GLU L 273 38.07 1.56 -1.82
CA GLU L 273 38.55 1.14 -0.52
C GLU L 273 39.31 2.27 0.15
N ASN L 274 40.32 2.80 -0.54
CA ASN L 274 41.10 3.94 -0.06
C ASN L 274 40.23 5.20 -0.17
N ALA L 275 39.42 5.44 0.87
CA ALA L 275 38.49 6.56 0.88
C ALA L 275 38.21 7.01 2.30
N VAL L 276 38.26 8.34 2.50
CA VAL L 276 37.96 8.96 3.79
C VAL L 276 36.58 9.61 3.71
N PHE L 277 35.83 9.51 4.80
CA PHE L 277 34.48 10.07 4.88
C PHE L 277 34.42 11.12 6.00
N ILE L 278 34.39 12.39 5.61
CA ILE L 278 34.19 13.48 6.56
C ILE L 278 32.69 13.60 6.83
N MET L 279 32.30 13.40 8.10
CA MET L 279 30.88 13.34 8.47
C MET L 279 30.40 14.69 9.00
N ASP L 280 29.06 14.86 9.01
CA ASP L 280 28.39 16.10 9.35
C ASP L 280 28.68 16.51 10.80
N GLY L 281 28.52 15.56 11.74
CA GLY L 281 29.00 15.71 13.11
C GLY L 281 28.08 16.53 14.01
N ILE L 282 26.86 16.86 13.54
CA ILE L 282 25.92 17.65 14.32
C ILE L 282 25.14 16.74 15.27
N TYR L 283 24.67 15.60 14.74
CA TYR L 283 23.74 14.72 15.45
C TYR L 283 24.46 13.46 15.92
N ASP L 284 23.90 12.82 16.95
CA ASP L 284 24.52 11.70 17.64
C ASP L 284 24.43 10.42 16.80
N ASP L 285 23.27 10.21 16.17
CA ASP L 285 22.93 8.92 15.57
C ASP L 285 23.59 8.72 14.20
N GLU L 286 24.26 9.76 13.69
CA GLU L 286 24.86 9.76 12.35
C GLU L 286 25.77 8.56 12.15
N LYS L 287 26.61 8.25 13.14
CA LYS L 287 27.62 7.20 13.04
C LYS L 287 26.96 5.84 12.84
N GLU L 288 25.86 5.60 13.57
CA GLU L 288 25.15 4.34 13.55
C GLU L 288 24.40 4.17 12.22
N ILE L 289 23.64 5.19 11.83
CA ILE L 289 22.72 5.11 10.71
C ILE L 289 23.49 5.07 9.38
N THR L 290 24.61 5.80 9.32
CA THR L 290 25.41 5.88 8.10
C THR L 290 26.18 4.57 7.89
N SER L 291 26.74 4.04 8.99
CA SER L 291 27.51 2.81 8.95
C SER L 291 26.66 1.60 8.55
N LYS L 292 25.38 1.61 8.99
CA LYS L 292 24.45 0.54 8.69
C LYS L 292 24.07 0.59 7.21
N ALA L 293 23.90 1.81 6.68
CA ALA L 293 23.56 2.02 5.28
C ALA L 293 24.75 1.70 4.39
N PHE L 294 25.96 2.02 4.87
CA PHE L 294 27.19 1.83 4.13
C PHE L 294 27.55 0.35 4.08
N SER L 295 27.14 -0.41 5.12
CA SER L 295 27.40 -1.83 5.22
C SER L 295 26.61 -2.63 4.18
N ASN L 296 25.44 -2.10 3.79
CA ASN L 296 24.55 -2.75 2.83
C ASN L 296 25.13 -2.65 1.42
N LYS L 297 26.03 -1.69 1.19
CA LYS L 297 26.61 -1.44 -0.12
C LYS L 297 28.06 -1.93 -0.19
N GLU L 298 28.52 -2.65 0.83
CA GLU L 298 29.85 -3.24 0.90
C GLU L 298 30.94 -2.16 0.82
N ILE L 299 30.97 -1.29 1.83
CA ILE L 299 31.92 -0.18 1.88
C ILE L 299 32.69 -0.23 3.20
N LYS L 300 34.01 0.00 3.10
CA LYS L 300 34.91 0.08 4.25
C LYS L 300 35.67 1.41 4.18
N THR L 301 35.26 2.37 5.01
CA THR L 301 35.78 3.72 4.97
C THR L 301 36.02 4.26 6.38
N SER L 302 36.97 5.20 6.49
CA SER L 302 37.32 5.83 7.75
C SER L 302 36.46 7.05 8.01
N PHE L 303 35.75 7.06 9.15
CA PHE L 303 34.89 8.15 9.56
C PHE L 303 35.71 9.18 10.34
N ILE L 304 35.59 10.45 9.94
CA ILE L 304 36.29 11.55 10.60
C ILE L 304 35.30 12.69 10.86
N ASN L 305 35.22 13.11 12.13
CA ASN L 305 34.37 14.21 12.56
C ASN L 305 35.25 15.42 12.87
N LEU L 306 34.92 16.58 12.26
CA LEU L 306 35.72 17.79 12.42
C LEU L 306 34.92 18.89 13.12
N ARG L 307 33.69 18.59 13.56
CA ARG L 307 32.80 19.59 14.13
C ARG L 307 33.31 20.11 15.48
N PRO L 308 33.76 19.25 16.42
CA PRO L 308 34.27 19.75 17.71
C PRO L 308 35.40 20.77 17.58
N TYR L 309 36.05 20.79 16.41
CA TYR L 309 37.19 21.66 16.16
C TYR L 309 36.76 22.88 15.36
N LEU L 310 35.94 22.66 14.31
CA LEU L 310 35.58 23.69 13.36
C LEU L 310 34.24 24.34 13.72
N ASP L 311 33.40 23.64 14.50
CA ASP L 311 32.16 24.17 15.07
C ASP L 311 31.06 24.28 14.02
N ASN L 312 29.84 24.59 14.48
CA ASN L 312 28.66 24.72 13.63
C ASN L 312 28.64 26.12 13.01
N GLN L 313 28.79 26.18 11.68
CA GLN L 313 28.86 27.44 10.95
C GLN L 313 27.71 27.55 9.93
N PHE L 314 26.78 26.58 9.96
CA PHE L 314 25.62 26.53 9.07
C PHE L 314 26.06 26.31 7.63
N SER L 315 25.99 27.36 6.79
CA SER L 315 26.29 27.24 5.37
C SER L 315 27.78 27.00 5.10
N VAL L 316 28.65 27.50 5.98
CA VAL L 316 30.09 27.41 5.82
C VAL L 316 30.57 26.01 6.22
N SER L 317 29.82 25.35 7.11
CA SER L 317 30.22 24.06 7.67
C SER L 317 30.49 22.98 6.61
N GLY L 318 29.66 22.97 5.56
CA GLY L 318 29.87 22.07 4.44
C GLY L 318 31.07 22.48 3.59
N VAL L 319 31.31 23.79 3.48
CA VAL L 319 32.31 24.35 2.58
C VAL L 319 33.69 24.26 3.23
N ILE L 320 33.78 24.54 4.54
CA ILE L 320 35.05 24.60 5.25
C ILE L 320 35.73 23.23 5.25
N ASP L 321 34.91 22.16 5.18
CA ASP L 321 35.43 20.80 5.09
C ASP L 321 36.02 20.57 3.70
N SER L 322 35.35 21.11 2.68
CA SER L 322 35.75 20.95 1.29
C SER L 322 37.06 21.65 0.93
N VAL L 323 37.30 22.83 1.54
CA VAL L 323 38.52 23.58 1.27
C VAL L 323 39.72 22.88 1.91
N LEU L 324 39.50 22.27 3.09
CA LEU L 324 40.54 21.52 3.77
C LEU L 324 40.78 20.19 3.06
N ALA L 325 39.70 19.58 2.56
CA ALA L 325 39.75 18.32 1.84
C ALA L 325 40.58 18.46 0.57
N SER L 326 40.43 19.61 -0.10
CA SER L 326 41.17 19.91 -1.33
C SER L 326 42.66 20.07 -1.07
N SER L 327 43.01 20.55 0.13
CA SER L 327 44.39 20.74 0.53
C SER L 327 45.10 19.41 0.82
N PHE L 328 44.36 18.44 1.36
CA PHE L 328 44.91 17.14 1.70
C PHE L 328 45.15 16.32 0.44
N LEU L 329 44.22 16.43 -0.54
CA LEU L 329 44.30 15.68 -1.78
C LEU L 329 45.42 16.22 -2.67
N SER L 330 45.73 17.52 -2.54
CA SER L 330 46.74 18.16 -3.35
C SER L 330 48.16 17.72 -3.03
N GLU L 331 48.37 17.23 -1.79
CA GLU L 331 49.65 16.72 -1.35
C GLU L 331 49.91 15.36 -2.01
N ASN L 344 46.98 13.20 11.34
CA ASN L 344 46.99 13.25 9.85
C ASN L 344 46.47 11.92 9.30
N GLU L 345 45.14 11.83 9.14
CA GLU L 345 44.50 10.60 8.69
C GLU L 345 43.99 10.75 7.25
N PHE L 346 44.51 11.76 6.53
CA PHE L 346 44.20 11.96 5.13
C PHE L 346 45.46 11.72 4.30
N SER L 347 46.33 10.83 4.79
CA SER L 347 47.66 10.64 4.25
C SER L 347 47.68 9.83 2.95
N ASN L 348 47.08 8.64 3.01
CA ASN L 348 47.17 7.67 1.93
C ASN L 348 45.77 7.38 1.38
N THR L 349 45.13 8.44 0.85
CA THR L 349 43.80 8.34 0.26
C THR L 349 43.70 9.18 -1.00
N ASN L 350 42.83 8.75 -1.93
CA ASN L 350 42.65 9.41 -3.21
C ASN L 350 41.21 9.86 -3.39
N GLN L 351 40.44 9.93 -2.30
CA GLN L 351 39.06 10.37 -2.34
C GLN L 351 38.58 10.75 -0.94
N ILE L 352 38.17 12.02 -0.79
CA ILE L 352 37.54 12.51 0.43
C ILE L 352 36.09 12.87 0.10
N ILE L 353 35.14 12.13 0.68
CA ILE L 353 33.72 12.41 0.54
C ILE L 353 33.24 13.13 1.80
N ILE L 354 32.42 14.16 1.60
CA ILE L 354 31.91 15.00 2.68
C ILE L 354 30.38 14.96 2.66
N GLN L 355 29.77 14.96 3.84
CA GLN L 355 28.33 14.91 3.98
C GLN L 355 27.82 16.08 4.83
N ARG L 356 26.56 16.49 4.58
CA ARG L 356 25.93 17.59 5.28
C ARG L 356 24.42 17.34 5.38
N PHE L 357 23.92 17.28 6.62
CA PHE L 357 22.50 17.16 6.89
C PHE L 357 21.92 18.52 7.27
N SER L 358 20.57 18.59 7.29
CA SER L 358 19.85 19.74 7.81
C SER L 358 18.86 19.26 8.88
N ASN L 359 18.20 20.23 9.53
CA ASN L 359 17.26 19.97 10.60
C ASN L 359 15.99 19.31 10.04
N GLN L 360 15.53 19.80 8.88
CA GLN L 360 14.27 19.38 8.29
C GLN L 360 14.43 18.07 7.51
N GLY L 361 15.67 17.70 7.17
CA GLY L 361 15.95 16.37 6.64
C GLY L 361 16.59 16.36 5.26
N HIS L 362 17.57 17.26 5.02
CA HIS L 362 18.36 17.23 3.81
C HIS L 362 19.47 16.18 3.94
N VAL L 363 19.90 15.64 2.80
CA VAL L 363 21.08 14.79 2.70
C VAL L 363 21.86 15.19 1.46
N CYS L 364 22.86 16.06 1.66
CA CYS L 364 23.74 16.50 0.60
C CYS L 364 25.13 15.92 0.82
N ALA L 365 25.90 15.78 -0.26
CA ALA L 365 27.26 15.24 -0.18
C ALA L 365 28.08 15.62 -1.42
N LEU L 366 29.36 15.91 -1.20
CA LEU L 366 30.33 16.18 -2.26
C LEU L 366 31.41 15.12 -2.25
N SER L 367 32.02 14.88 -3.41
CA SER L 367 33.10 13.91 -3.55
C SER L 367 34.26 14.50 -4.36
N PHE L 368 35.35 14.82 -3.65
CA PHE L 368 36.58 15.29 -4.26
C PHE L 368 37.56 14.13 -4.38
N SER L 369 38.29 14.07 -5.49
CA SER L 369 39.25 12.99 -5.73
C SER L 369 40.63 13.54 -6.12
N ALA L 370 41.66 12.77 -5.78
CA ALA L 370 43.04 13.13 -6.07
C ALA L 370 43.29 13.04 -7.58
N ILE L 371 44.20 13.88 -8.07
CA ILE L 371 44.47 13.99 -9.50
C ILE L 371 45.98 14.16 -9.73
C4 LLE M . -33.48 -2.14 -26.69
C5 LLE M . -34.01 -1.98 -25.32
C6 LLE M . -33.87 -0.82 -24.75
C7 LLE M . -34.42 -0.68 -23.41
C8 LLE M . -33.89 0.28 -22.75
C10 LLE M . -33.78 4.23 -20.54
C13 LLE M . -31.76 -4.02 -26.65
C28 LLE M . -43.58 9.70 -25.23
O25 LLE M . -45.50 12.09 -25.82
P24 LLE M . -45.29 10.92 -26.65
O26 LLE M . -45.09 11.38 -28.02
O27 LLE M . -43.97 10.16 -26.47
C29 LLE M . -42.15 10.09 -24.97
C30 LLE M . -41.28 8.92 -25.31
C31 LLE M . -41.70 11.29 -25.76
C32 LLE M . -42.13 10.35 -23.51
O33 LLE M . -42.42 9.10 -22.94
C34 LLE M . -40.86 10.93 -23.00
O35 LLE M . -40.46 11.96 -23.46
N36 LLE M . -40.26 10.29 -22.03
C37 LLE M . -39.02 10.75 -21.44
C38 LLE M . -38.10 9.62 -21.06
C39 LLE M . -36.92 10.15 -20.29
O40 LLE M . -36.57 11.29 -20.46
N41 LLE M . -36.31 9.33 -19.45
C42 LLE M . -34.87 9.11 -19.44
C12 LLE M . -34.27 8.01 -20.32
S44 LLE M . -34.95 6.46 -19.89
C11 LLE M . -33.99 5.06 -19.35
O19 LLE M . -34.76 4.42 -18.33
C3 LLE M . -34.17 2.82 -20.30
O23 LLE M . -34.65 2.42 -19.29
C2 LLE M . -33.97 2.02 -21.43
C9 LLE M . -34.21 0.76 -21.43
O20 LLE M . -34.63 0.11 -20.39
O21 LLE M . -35.33 -1.50 -22.93
O22 LLE M . -34.62 -2.96 -24.69
C43 LLE M . -33.17 -3.60 -26.79
O24 LLE M . -34.10 -4.34 -26.95
C4 LLE N . 3.23 -37.09 -20.55
C5 LLE N . 4.59 -36.48 -20.70
C6 LLE N . 5.38 -36.46 -19.64
C7 LLE N . 6.76 -35.93 -19.56
C8 LLE N . 7.03 -34.93 -18.76
C10 LLE N . 10.66 -35.38 -15.70
C13 LLE N . 1.15 -35.77 -21.34
C28 LLE N . 16.13 -45.48 -17.32
O25 LLE N . 18.54 -47.17 -16.98
P24 LLE N . 17.24 -47.72 -17.26
O26 LLE N . 17.03 -48.88 -16.40
O27 LLE N . 16.06 -46.81 -16.93
C29 LLE N . 15.50 -44.60 -16.27
C30 LLE N . 14.33 -43.90 -16.91
C31 LLE N . 15.01 -45.32 -15.04
C32 LLE N . 16.61 -43.64 -15.96
O33 LLE N . 16.79 -42.93 -17.17
C34 LLE N . 16.31 -42.73 -14.84
O35 LLE N . 16.03 -43.16 -13.77
N36 LLE N . 16.39 -41.45 -15.04
C37 LLE N . 16.51 -40.52 -13.97
C38 LLE N . 15.42 -39.48 -14.12
C39 LLE N . 15.64 -38.43 -13.09
O40 LLE N . 15.73 -38.72 -11.92
N41 LLE N . 15.73 -37.20 -13.52
C42 LLE N . 14.96 -36.18 -12.88
C12 LLE N . 14.28 -35.33 -13.90
S44 LLE N . 12.57 -35.71 -13.89
C11 LLE N . 11.73 -34.59 -15.00
O19 LLE N . 12.63 -34.11 -15.98
C3 LLE N . 10.28 -34.72 -16.97
O23 LLE N . 11.05 -34.01 -17.53
C2 LLE N . 8.96 -34.96 -17.48
C9 LLE N . 8.40 -34.44 -18.56
O20 LLE N . 9.03 -33.59 -19.32
O21 LLE N . 7.75 -36.45 -20.23
O22 LLE N . 4.97 -35.96 -21.85
C43 LLE N . 2.40 -36.49 -21.63
O24 LLE N . 2.82 -36.59 -22.74
C4 LLE O . 16.37 -4.88 42.85
C5 LLE O . 14.97 -5.24 43.15
C6 LLE O . 14.53 -6.40 42.76
C7 LLE O . 13.16 -6.85 43.02
C8 LLE O . 12.57 -7.59 42.10
C10 LLE O . 10.90 -11.78 42.98
C13 LLE O . 16.79 -2.80 41.34
C28 LLE O . 12.72 -14.47 54.21
O25 LLE O . 12.12 -16.69 56.34
P24 LLE O . 13.19 -15.71 56.46
O26 LLE O . 14.40 -16.41 56.85
O27 LLE O . 13.61 -15.09 55.09
C29 LLE O . 12.85 -15.06 52.83
C30 LLE O . 13.16 -13.91 51.92
C31 LLE O . 13.90 -16.13 52.69
C32 LLE O . 11.47 -15.60 52.56
O33 LLE O . 10.67 -14.44 52.57
C34 LLE O . 11.39 -16.31 51.26
O35 LLE O . 12.08 -17.26 51.04
N36 LLE O . 10.53 -15.88 50.36
C37 LLE O . 10.67 -16.28 48.99
C38 LLE O . 9.34 -16.34 48.26
C39 LLE O . 9.44 -17.04 46.95
O40 LLE O . 10.15 -17.98 46.77
N41 LLE O . 8.69 -16.57 45.97
C42 LLE O . 9.28 -16.38 44.69
C12 LLE O . 8.85 -15.08 44.09
S44 LLE O . 10.27 -14.21 43.62
C11 LLE O . 9.82 -12.77 42.70
O19 LLE O . 8.60 -12.27 43.22
C3 LLE O . 10.38 -10.41 42.75
O23 LLE O . 9.23 -10.09 42.86
C2 LLE O . 11.42 -9.47 42.47
C9 LLE O . 11.26 -8.18 42.33
O20 LLE O . 10.09 -7.62 42.40
O21 LLE O . 12.50 -6.56 44.11
O22 LLE O . 14.16 -4.38 43.76
C43 LLE O . 16.34 -3.41 42.62
O24 LLE O . 15.90 -2.76 43.52
C4 LLE P . 14.29 44.49 4.87
C5 LLE P . 14.98 44.05 3.62
C6 LLE P . 14.40 44.09 2.43
C7 LLE P . 15.18 43.63 1.27
C8 LLE P . 14.51 43.38 0.17
C10 LLE P . 14.01 43.78 -4.59
C13 LLE P . 14.93 42.75 6.70
C28 LLE P . 17.97 54.64 -6.81
O25 LLE P . 18.82 56.98 -8.84
P24 LLE P . 18.56 57.12 -7.42
O26 LLE P . 17.78 58.33 -7.26
O27 LLE P . 17.64 56.00 -6.83
C29 LLE P . 16.74 53.80 -7.11
C30 LLE P . 16.48 52.92 -5.93
C31 LLE P . 15.49 54.59 -7.36
C32 LLE P . 17.13 52.98 -8.29
O33 LLE P . 18.22 52.21 -7.81
C34 LLE P . 16.04 52.08 -8.75
O35 LLE P . 14.98 52.55 -9.06
N36 LLE P . 16.28 50.78 -8.84
C37 LLE P . 15.39 49.97 -9.66
C38 LLE P . 15.41 48.49 -9.31
C39 LLE P . 14.19 47.79 -9.86
O40 LLE P . 13.42 48.42 -10.56
N41 LLE P . 14.02 46.50 -9.54
C42 LLE P . 12.81 46.00 -8.92
C12 LLE P . 12.82 45.63 -7.44
S44 LLE P . 14.14 44.51 -7.21
C11 LLE P . 14.05 43.23 -5.99
O19 LLE P . 15.30 42.55 -6.11
C3 LLE P . 14.78 42.98 -3.58
O23 LLE P . 15.62 42.18 -3.89
C2 LLE P . 14.47 43.25 -2.18
C9 LLE P . 15.12 42.91 -1.07
O20 LLE P . 16.21 42.22 -1.03
O21 LLE P . 16.48 43.43 1.33
O22 LLE P . 16.21 43.61 3.68
C43 LLE P . 15.13 44.08 6.04
O24 LLE P . 15.99 44.81 6.42
#